data_8HKV
#
_entry.id   8HKV
#
_cell.length_a   1.00
_cell.length_b   1.00
_cell.length_c   1.00
_cell.angle_alpha   90.00
_cell.angle_beta   90.00
_cell.angle_gamma   90.00
#
_symmetry.space_group_name_H-M   'P 1'
#
loop_
_entity.id
_entity.type
_entity.pdbx_description
1 polymer '23s rRNA (2996-MER)'
2 polymer '5s rRNA (122-MER)'
3 polymer '50S ribosomal protein L2'
4 polymer '50S ribosomal protein L3'
5 polymer '50S ribosomal protein L4'
6 polymer '50S ribosomal protein L5'
7 polymer '50S ribosomal protein L6'
8 polymer '50S ribosomal protein L18Ae'
9 polymer '50S ribosomal protein L10e'
10 polymer '50S ribosomal protein L13'
11 polymer '50S ribosomal protein L14e'
12 polymer '50S ribosomal protein L14'
13 polymer '50S ribosomal protein L15e'
14 polymer '50S ribosomal protein L18e'
15 polymer '50S ribosomal protein L18'
16 polymer '50S ribosomal protein L19e'
17 polymer '50S ribosomal protein L22'
18 polymer '50S ribosomal protein L23'
19 polymer '50S ribosomal protein L24e'
20 polymer '50S ribosomal protein L24'
21 polymer '50S ribosomal protein L29'
22 polymer '50S ribosomal protein L30e'
23 polymer '50S ribosomal protein L30'
24 polymer '50S ribosomal protein L31e'
25 polymer '50S ribosomal protein L32e'
26 polymer '50S ribosomal protein L34e'
27 polymer '50S ribosomal protein L37Ae'
28 polymer '50S ribosomal protein L37e'
29 polymer '50S ribosomal protein L39e'
30 polymer '50S ribosomal protein L40E'
31 polymer '50S ribosomal protein L44e'
32 polymer '50S ribosomal protein L7Ae'
33 polymer '50S ribosomal protein L15'
34 polymer '50S ribosomal protein L21e'
35 polymer 'DUF2280 domain-containing protein'
36 polymer 'Conserved protein'
37 polymer '50S ribosomal protein L47A'
#
loop_
_entity_poly.entity_id
_entity_poly.type
_entity_poly.pdbx_seq_one_letter_code
_entity_poly.pdbx_strand_id
1 'polyribonucleotide'
;GCCGAAGCCUCCCGGUGGAUGGCUCGGCUCGGGCACCGAAGAAGGGCGCGGCAAGCAGCGAAAUGCUCGGGUGAGGCGCA
AGCAGCCGUUGACCCCGAGGUCCCCUAAUGGGAUAUCCUGCCGGGUUUCCGGCGCUCCCGGUUUAUAACUGGGAGUGGGA
ACCCCCCGAACGGAAACAUCUUAGUAGGGGGAGGAAAAGAAAUCAAUUGAGAUCCCCUGAGUAGGGGCGACCGAAAGGGG
GACAGCCCAAACUAAACCUGCCGAUGAUAAGUCGGUGGGGAUGUGGUGUUACGACCUCUAGCCUGAGGUUCGACCUCGGC
UUUCCUAACCUAUCUAGCCGAACUCCCCUGGAACGGGGGGCCAUAGAGGGUGAAAGCCCCGUAGGCUAAAGAUAGGUGGA
AAGUGGCUAGAGGUAGAGUACCAUCCCCUGGUUUGGGGGUGGGAAGUUAGGGGACACGUGCCUCUAAGGCUAAAUAUGUC
CCGAGACCGAUAGCAAACUAAGUACCGUGAGGGAAAGCUGAAAAGAACCCCGGAAGGGGGAGUGCAAAGAGCCUGAAACC
GGGUGGUUAUACAGGGUGUGGCUCGAAAGAAGUGAACCCUUCCGAAGGAAAGGGGCGCAAGCCCUUAGUACGAGGAAGGG
CGAUCGGGGUCACGCCUUUCGUCUUGAAACACGGGCCGGGGAGUUCACAUCAGUGGCGAGCUUAAGGAGAUUAUCUCCGA
AGGCAUAGGGAAACCAAGUGCCCGCAGCCUAGUUUCUAGGCGAGGGGCAGGGUCUGUCAGGGCCUGAAGCCACUGAUGUG
AGGCUAGAAACCGGGCGAUCUAGUCCGGGGCAGGCUGAAGGUGGGGGAAACCCCACUGGAGGGCCGAAUAGGGGUUCUGA
CGUGCAAUUCGUUCCCUUGACCUCGGACUAGGGGCAAAAGACCAAUCUAGCCCGGUGAUAGCUAGUUCCCCCCGAAAUGC
GUCCUAGCGCAGCCUCCCUAAAGGCAGCUCGCGGGGUAGAGUGACAGAUCGGGGGCUCCAGGCGAAAGCCUGGGGCUUCC
GGUCUAACUCCGAACCCACGAGCGCCGAAGAAGGGGGGAGUGGGUCACUCGGCGUAAGGUUGGGUGGCAAAAGGGGAACA
ACCCAGACCUGGGUUAAGGCCCCAAAGUCCCGGCUAAGUGCCAACGAAAAGGCGUCUCCAGCCUUAGACAGCGGGAAGGU
GGGCCCAGCAGCAGCCAUCCUCUAAGGAGUGCGUAACAGCUCACCCGCCGAGGCUGGAGGCCCUAAAGAUUGGUCGGGGC
UCAAGCCGGGCGCCGAGACCCAGGAGGGGGUCUCUACUAGAGAUCCUCUGGUAGGGGGGCGCUGUGAUGGGGUAGAAGGU
GGGUCGUGAGAUCCACUGGACCCGUCACAGGUGCAGAUCCCGGCGGUAGUAACAGCGAAGGGGGGUGAGAAUCCCCCUCG
CCGGAAGGGCAAGGGUUUCCCGGCAACGUUCGUCAGCCGGGAGUUAGCCGGUCCUAAGGUAGGGCCUAAUAGGUACCUAC
CGAAAGGGAAAGGGGUUAACAUUCCCCUGCCUCCCGGGUAGGUGCGGUAACGCAAGCCAGACUCCUGACGGAUUGGGGUA
GGGAGAGUAGGACCACCGUCCUACCCAAGCACUCAAGCCCUUGGAGAGCCGUAACGGUGAGAAGAGGGCGAAGGUGUGAU
GGGCCUUCCGUUAGGAGGGUUCUCCUGAUCCCUAGUCCCCAUGAAAAGGGAGUCUGGAACGAUCCCGGGAGACCGUACCU
AGAACCGACACUGGUGCCCCUGGGUGAGAAGCCCAAGGCGUCUGAGGGGUAACCCAGGCUAGGGAACUCGGCAAAUUAGC
CCCGUAACUUCGGGAGAAGGGGUGCCUAUCGUGGUUUAACAAAGCCACGAUAGGUCGCAGUGACCAGAGGGACCUGACUG
UUUAAUAAAAACAUAGGUCCCCGCUAGCCCGAAAGGGUGUGUACGGGGGCUAAAUCCUGGCCACUGGUGGUUGGUUAAAU
CCGGGUUCAACCGGGCGAAGCCCCACCGAAGGCCGGGGGUAACUCUGACCCUCUUAAGGUAGCCAAAUGCCUUGCCGGGU
AAGUUCCGGCGCGCAUGAAUGGAUCAACGCGGUCCCUACUGUCCCAGCCUGGGGCCUCGUGAACGCCCUGAGCCGGUGCA
CAGUCCGGCAUCUCCCUACACCGAGAGAAGACCCCGUGGAGCUUCACCGCAGCCUGGCGUUGUCCCUCGGGCGUUUAUGC
GUAGAGUAGGUGGGAGGGGUCGAACCUGUCCUUUCGGGGGCAGGGGACCCGAAAGUGAAACACCACCCAUGGACGCUCGA
GGGACUAACCUCUCGAAAGAGAGGAACAACGUCAGGUGGGCGGUUCGGCUGGGGCGGCACUCCCGCGAAAAGAUAACACG
GGAGCCCAAAGGUCGGCUCAGGCGGUACAGAACGCCGCCGUAGAGCGCAAGGGCAAAAGCCGGCCUGACGUGACCCUUCC
AAGUACGGGGUCACGACGCGAAAGCGGGGCCUAGCGAACGCUCGUGCCCCCACACGUGGGGGCCGGGCAUGACAGAAAAG
UUACCCCGGGGAUAACAGGGUCGUCGCGGGCGAGAGCUCACAUCGACCCCGCGGUUUGCUACAUCGAUGUCGGCUCUUCC
CACCCUGGAGGUGCAGCUGCCUCCAAGGGUAGGGCUGCCCGCCCGUUAAAGGGGAGCGUGAGCUGGGUUUAGACCGUCGC
GAGACAGGUCGGACUCUAAGGGUAGGGAGUGCGGACCGCUUGAGGGGAAGGAACCCCUAGUACGAGAGGAACAGGGUUCC
GGGGCCUCCAGUUUACCGGUUGUCCGGUAGGGCAAUGCCGGGCAGCCGCGCCCUGAGGGGUAACCGCUGAAAGCAUCUAA
GCGGGAACCCCUCCCCUAAAAGAGGCGGUCAGGCGUUAGCCGGGGCCUUCCCCUAGAAGAGGGGGUUGAUGGGGUGGGGA
UGUAAGCUCCAAGGUUGUAAGACCGAGGAGUUUAGUCCGCCACUCCCAAUCAGGCUCCCCCC
;
A23S
2 'polyribonucleotide'
;UGCCCACCCGGUCAUAGUGAGCGGGUAACACCCGGACUCGUUUCGAACCCGGAAGUUAAGCCGCUCACGUCAGAGGGGCC
GUGGGAUCCGAGAGGGCCCGCAGCCUCUCUGAGCUGGGAUGG
;
A5S
3 'polypeptide(L)'
;GKKLLQQRAGRGGINFRSPSWRRVGPARYPNIEGDHKGKIIDILHNPGVTAPVVKVKLDNGLQFYIPAVQGVAVGQEISI
GKNATISNGNIVEVGQLPEGTVICNVEKLKGDGGKFARAAGSYAVISGKAGNKVLIKLSSEKIVEVSQNARATVGIIAGG
GFVEKPLLKAGNNYWKYRVRAVKWPVVRGVAMNAVSHPHGGGLHQSVSRPSTVSRNAPPGRKVGHIASRRTGRR
;
AL2P
4 'polypeptide(L)'
;RKLSSPRRGSAGLRPRKRADEILPTPKNWPLVNLKEPKLLGFIGYKAGMTHVYMIDDKPTSPNYGKEVYTPVTIVESPPI
LGLALRAYHIDSKGELSVLVDYWANFEEGSLKYLKRKITSLKVDSSKMKEKLDLIQKNLNNITYMRLLVSTQPWLVPSLG
KKRPEIVEIQIGGGSIQDQLNYGLSLLGKQIPVRDVFREGQLTDIIGVTKGKGFQGVIKRYSVVEFPRWHKHRKGSRKIG
ARGPSISTPSYVPQPGQLGFHRRTEYNKRIIKIGDNVNEINPAGGIVNYGLVKNTYLVIEGSVLGSRKRPLFLRYPIRPS
WSPESAPKITYVNLASQQG
;
AL3P
5 'polypeptide(L)'
;KVSVLDLKGNQLEEIELPLFFSYPVRKDLIRRVFLSEFTKSLQPKGRDPLAGKRTSALSFGINLGIARVPRVKGSGEAAL
APNTVGGRLAFPPTTEKRLVEEVNLKEKKLGIISALAATADPNFVKARGHRFTSNNVPIILVDDFENISKAKEIMDILKS
IGVVDDIKRVKESKGVRAGKGKMRGRRYQIAKGPLIVVSNHKSPVVESASNIPGVNVVSANLVSVIHLAPGGHPGRLTIY
TKSSINILRQR
;
AL4P
6 'polypeptide(L)'
;KENVMRRVVLDKVTVNIGVGESGERLQKAYQLVQELTGVKPVYTKGRKSIREFGVRKGAPIGVKATLRRQAAVEFLKKVL
PAVNFRLKQSSFDNYGNVSFGIAEHVLIPGTRYDPEIGIFGMDVAITLVRPGYRTMKRKRKKASIPRRHRVTKEEAINFM
KENFNVTI
;
AL5P
7 'polypeptide(L)'
;LKAAYIREEIQIPDKVKVSLENNVLKVKGPKGEVIKDFSYAKGIRIQLNEGKIILETTFADRRKKALLYSIIAHIKNMIT
GTINGYRYYLKVISTHFPISVKVSGDEVQVSNLIGEKNIRRAKILPGVKVTVKGEDIVVEGSDIYNVAQTAANIESSTKI
VGYDRRIFSDGIYIYKKEVIG
;
AL6P
8 'polypeptide(L)' VKIFMVRGTAIFSASRFPTSQKFTKYVRALNEKQAIEYIYSQLGGKNKIKRYNIHIQEIKEVKEDEITDKTIRDLA ALX0
9 'polypeptide(L)'
;RPGRCYRKFSGPAYTRREYIPGIPMPKITKFVMGNVNGDYDYELRLITTEKGQIRHNALEAARVIALKYLSKKLASEQNF
ALVVTKYPHHVIRENKMMAFAGADRLQDGMRLSFGKPIGTAARLEKLGELVMYVRVKKEHLEAAKEALKIASSKLPIRTK
IEIS
;
L10E
10 'polypeptide(L)'
;VIVDATNQILGRMSTHIAKLLKSGKKVYVVNAEKAIISGPRSRVLEGYSLLFTVKTMQNPYRQGIRRPRNPINIVKRTVR
GMLPKNKLGKQIYRNLKAYIGIPKELEGKSMIRFDDADVSRLKGKYITVAELSRLLGGLK
;
L13P
11 'polypeptide(L)'
;AIEIGRICVKTRGREAGKKCVIVDIIDSNFVLVTGPKEINGVKRRRVNILHIEPTDKKVEINKGATDQEVKQAIEQSGLT
DFIKEA
;
L141,L142
12 'polypeptide(L)'
;MNVLGSRKGFTPALQHNSSVVVADNSGAKEAVIIGIYGYRGVLRRVPFANIADLVMVSVRKGSPDVRKQKFKAVIVRQRM
PFRRPDGTWISFEDNAVVIINPDGTPKGTEVRGPIAREAAERWPKIASVATMVI
;
L14P
13 'polypeptide(L)'
;SMYHYIEQTWQNKDWRRSILRKRLIEWRRQPAITRIDRPTRLNRARALGYKAKQGFVMVRVRVRRGGLNKPRPNSGRRPK
RMGVYGYGPSKGYRWIAEERAARKFPNLEVLGSYYVAEDGMYKYYEVIMVDYSHPVIRSDPELKWLQDSVNRKRVFRGLT
SAGQKSRGL
;
L15E
14 'polypeptide(L)'
;TNIMLRKLITSLKKQDKAIWVRVAEELEAPRRKRAYINIYKINRYSKANDIIVVPGKVLGVGNLDHPVTVVALSFSKPAK
EKILRSGGKVMSLYKAIQELNDFKGKTVRLMK
;
L18E
15 'polypeptide(L)'
;TQGPNYRIKFRRRREGKTDYYTRYTYVINNAIRFVPRLTNKYVIVSVSKFDQKGDIMIAYAHSIELVKKYGWKGDTNNTP
AAYLTGYLAGLRAVKSGVKAAVSDIGLFVPVKGGRIFAVIKGAIDAGLKVPVGDLGKLKDRVNGSHISAYAQKLKNENQE
LYNKLFSSYIQRGLDPVLLPQHFEEVLNKIKEN
;
L18P
16 'polypeptide(L)'
;PEFQLQRRLAADIAGVGLNNIKFNPERLEEVEEALTREDIKKLIKERAVIVNPKRGISSGRLKERKHKRRSKGEGRKHGS
RKGKSGARTGDKEIWINKIRKIRRYIRWLRDNNVIDKHTYRLLYKRAKGNYFKNLSDVKSYLRQ
;
L19E
17 'polypeptide(L)'
;YPILSIPEDKLAKAVIKNIDASVRDLYNVCKAIRGMNLKEAREFLNNVLEEKEALPFWRYSHGTSHRSNISRKWKVKSGR
YPKKAIKYVLKLLDNAENNANSKGLDIDNLKIVHIAAHKGLVLKRYMTRAFGRSTRKYKYLSHIEVILGE
;
L22P
18 'polypeptide(L)'
;IIKEFLATEKAVKLIESQNTLTIIVNRNTTKKDIKNEVEKLFSVKVEKINTLITPKGEKKAYVKLKQEYKASDVAHKLGM
L
;
L23P
19 'polypeptide(L)' RQCSFCGKDILPGTGLMYVRNDGSLLWFCSSKCRKSMLKLHRDPKKLKWTKSYL L24E
20 'polypeptide(L)'
;MISSKPSKQRKLVYNLPNHLRYKLLTARLSEDLEKQYGIKRISIRKGDSVKLMRGSQVGYEGKVVEVDRKRGRVAIEGLT
KKKADGTPVYVWVHASKVIITKLDTGDKERMDAIERKRKMRE
;
L24P
21 'polypeptide(L)' PLEVDELRKMDLKQLKERLNELEMQLLKLRVESRMGTLKNTASIKNTRKDIARILTVIGEKSK L29P
22 'polypeptide(L)'
;FEGELKTLLRSGKVILGTRKTLKLLKTGKVKGVVVSSTLRQDLKDDIMTFSKFSDIPIYLYKGSGYELGTLCGKPFMVSV
IGIVDEGESKILEF
;
L30E
23 'polypeptide(L)'
;MNELIGVIRIRGWAATPWYIQDTLSMLRLKNAFNAMIYPKDSSIQGMLNLVSSYVTWGELNDEGLRLLVSKLEISRGKKV
NEEYVKDKLNVDFQSFVESIKDGKLRLNKLDEIFSLPIRLHPPKGGFKGKVSRPFRAGGEFGYRGDKINELIRRM
;
L30P
24 'polypeptide(L)' KPEKENFEMVINFRRVIMGRKTTRTKRAIKYVRYMVKRHFGAEKVIIDPLLAKAITMNGRDKIVRRVRIAVKRIG L31E
25 'polypeptide(L)'
;KPAKKNMKSPGKAIKFLRFDWDKYYRIGRQERWRKPRGIDNAIRLELKGYQPKVKIGYRTDKQIRGLHPSGLRPILVKSV
KDLEAFAKGKQDVIIIISSTIGLRKRIELIKKAEELGLKIANR
;
L32E
26 'polypeptide(L)' SPQQRSGSFRKVFVKLPSGKSTIHYERRKDNIARCGMCKKPLNGVKNNYTYKYSKTEKRPERVYGGYLCHKCLESLI L34E
27 'polypeptide(L)' TGIAGRFGARYGSSTRKKWKEVMERRYMPHQCPYCKTTGKVVRIASGIWYCRKCETKWAGLAYTP L37A
28 'polypeptide(L)' MKGTPSFGKMNKTPTHVRCRRCGRNSFNARKGYCAACGFGRSKKIRRYSWQNKK L37E
29 'polypeptide(L)' KHKSLGKKLRLGKALKRNSPIPAWVIIKTQAEIRFNPLRRNWRRNNLKV L39E
30 'polypeptide(L)' MPLTDPVKLQIVQQRVFLKKICRDCGALNSIRATKCRRCHSSNLRAKKKELPAKK L40E
31 'polypeptide(L)'
;MKVPKVIKTYCPKCKTHTEHSVSLYKGGKRRSLAEGQRRYERKNVGYGSKRKPEQKRFAKTTKKQTLVLKCQKCSYTIVK
EGMRLKKLELVE
;
L44E
32 'polypeptide(L)'
;PSYVKFEVPQELADKVLEAVKKAKDSGKIKKGTNETTKAVERSQAKLVVIAEDVQPEEIVAHLPLLCEEKKIPYVYVPSK
KSLGEACGLQVAAASVALMDPGEAKDLVDEIVKRVNEIKGKSS
;
L7A1,L7A2
33 'polypeptide(L)'
;MVVRKEKKSRKYRGYRTHGWGTKGQHRDRGAQGGRQIGMHKEKWSWTVKFGEGWYGKHGFRNPTSKLVNAIGLRKLQEYI
DNDKIKIEEENGKKVVDLAKYGYDKLLGGGNLRLPLVIKVAKATEKAKERVKEIGGEIILTSSE
;
L15P
34 'polypeptide(L)'
;VARSKGYRSKTRKLLEKKVREKGAIPKLSLLMHDYSQGEYVVVKINPSIHKGMPHRRYHGKVGLVVGKRGKAYEVKVNIG
DKERVLIVRPEHLIPFN
;
L21E
35 'polypeptide(L)'
;MKVVKYVLTAKIDYDGKEIEIKRSFRHRKNIFEFLKNADSNLKGALSEYAKQNKVKSSDLPLNEFITCGEIEEEQGVMRT
ECKGKEKVSVKIEVQTQKIAK
;
L45A
36 'polypeptide(L)' MLKHQKYVYVDIGDQKKFLKVRFLKSRSENNNPEAYVILDKISIKLPRNAKVIKYEDLPAEVKDKLKLKL L46A
37 'polypeptide(L)' MKISNVESKYSMKVRGQELLIEEARNEKGEKIIIFQSLTSAKLLNNEEWKENTTDAKNVEKREDLPQDVRKITGKILSLI L47A
#
loop_
_chem_comp.id
_chem_comp.type
_chem_comp.name
_chem_comp.formula
A RNA linking ADENOSINE-5'-MONOPHOSPHATE 'C10 H14 N5 O7 P'
C RNA linking CYTIDINE-5'-MONOPHOSPHATE 'C9 H14 N3 O8 P'
G RNA linking GUANOSINE-5'-MONOPHOSPHATE 'C10 H14 N5 O8 P'
U RNA linking URIDINE-5'-MONOPHOSPHATE 'C9 H13 N2 O9 P'
#
# COMPACT_ATOMS: atom_id res chain seq x y z
N GLY C 1 14.79 -30.83 -6.65
CA GLY C 1 14.81 -29.99 -5.46
C GLY C 1 15.88 -30.43 -4.48
N LYS C 2 15.62 -30.24 -3.19
CA LYS C 2 16.56 -30.69 -2.19
C LYS C 2 16.71 -32.19 -2.28
N LYS C 3 17.93 -32.67 -2.06
CA LYS C 3 18.28 -34.03 -2.41
C LYS C 3 17.57 -35.04 -1.51
N LEU C 4 17.60 -36.30 -1.95
CA LEU C 4 16.78 -37.35 -1.36
C LEU C 4 17.27 -37.70 0.03
N LEU C 5 16.43 -38.46 0.76
CA LEU C 5 16.88 -38.99 2.04
C LEU C 5 18.03 -39.96 1.87
N GLN C 6 17.93 -40.85 0.87
CA GLN C 6 19.08 -41.68 0.52
C GLN C 6 20.27 -40.81 0.18
N GLN C 7 20.01 -39.68 -0.47
CA GLN C 7 21.08 -38.77 -0.84
C GLN C 7 21.81 -38.28 0.40
N ARG C 8 21.05 -38.01 1.47
CA ARG C 8 21.65 -37.42 2.68
C ARG C 8 22.69 -38.35 3.28
N ALA C 9 22.45 -39.65 3.25
CA ALA C 9 23.43 -40.59 3.78
C ALA C 9 24.73 -40.56 2.99
N GLY C 10 24.74 -39.98 1.80
CA GLY C 10 25.97 -39.92 1.03
C GLY C 10 26.98 -38.94 1.56
N ARG C 11 26.61 -38.10 2.51
CA ARG C 11 27.56 -37.14 3.05
C ARG C 11 28.54 -37.76 4.02
N GLY C 12 28.20 -38.88 4.63
CA GLY C 12 29.07 -39.45 5.65
C GLY C 12 29.16 -38.61 6.90
N GLY C 13 28.04 -38.04 7.31
CA GLY C 13 27.99 -37.26 8.54
C GLY C 13 27.84 -38.13 9.76
N ILE C 14 27.56 -37.47 10.89
CA ILE C 14 27.41 -38.19 12.15
C ILE C 14 26.23 -39.12 12.08
N ASN C 15 25.18 -38.70 11.42
CA ASN C 15 23.96 -39.47 11.43
C ASN C 15 24.07 -40.77 10.77
N PHE C 16 25.27 -41.19 10.36
CA PHE C 16 25.41 -42.42 9.62
C PHE C 16 26.66 -43.23 9.98
N ARG C 17 27.38 -42.86 11.03
CA ARG C 17 28.51 -43.65 11.46
C ARG C 17 28.14 -44.47 12.70
N SER C 18 28.92 -45.53 12.95
CA SER C 18 28.55 -46.36 14.08
C SER C 18 29.47 -46.11 15.27
N PRO C 19 28.93 -46.17 16.46
CA PRO C 19 29.74 -45.99 17.67
C PRO C 19 30.50 -47.27 18.04
N SER C 20 31.38 -47.71 17.14
CA SER C 20 31.99 -49.01 17.28
C SER C 20 32.88 -49.10 18.51
N TRP C 21 33.22 -47.98 19.12
CA TRP C 21 33.87 -48.04 20.43
C TRP C 21 33.01 -48.79 21.43
N ARG C 22 31.69 -48.70 21.31
CA ARG C 22 30.83 -49.55 22.11
C ARG C 22 30.88 -51.00 21.67
N ARG C 23 31.55 -51.29 20.57
CA ARG C 23 31.66 -52.65 20.06
C ARG C 23 32.98 -53.27 20.48
N VAL C 24 33.00 -54.60 20.54
CA VAL C 24 34.14 -55.31 21.09
C VAL C 24 35.39 -55.12 20.24
N GLY C 25 35.25 -55.22 18.92
CA GLY C 25 36.40 -55.14 18.06
C GLY C 25 36.14 -55.65 16.66
N PRO C 26 37.15 -55.60 15.81
CA PRO C 26 37.01 -56.11 14.45
C PRO C 26 37.20 -57.62 14.44
N ALA C 27 36.10 -58.35 14.26
CA ALA C 27 36.14 -59.81 14.34
C ALA C 27 36.33 -60.39 12.94
N ARG C 28 37.60 -60.50 12.55
CA ARG C 28 38.00 -61.24 11.37
C ARG C 28 39.15 -62.17 11.74
N TYR C 29 39.35 -63.20 10.94
CA TYR C 29 40.36 -64.21 11.24
C TYR C 29 41.73 -63.56 11.31
N PRO C 30 42.45 -63.70 12.41
CA PRO C 30 43.83 -63.23 12.45
C PRO C 30 44.71 -64.09 11.55
N ASN C 31 45.77 -63.50 11.04
CA ASN C 31 46.60 -64.16 10.05
C ASN C 31 47.52 -65.16 10.73
N ILE C 32 47.45 -66.41 10.29
CA ILE C 32 48.35 -67.47 10.76
C ILE C 32 48.93 -68.14 9.53
N GLU C 33 50.09 -68.76 9.70
CA GLU C 33 50.80 -69.38 8.61
C GLU C 33 50.85 -70.90 8.66
N GLY C 34 50.65 -71.50 9.83
CA GLY C 34 50.77 -72.94 9.94
C GLY C 34 49.60 -73.59 10.65
N ASP C 35 49.89 -74.34 11.71
CA ASP C 35 48.87 -75.01 12.50
C ASP C 35 49.07 -74.63 13.96
N HIS C 36 48.00 -74.20 14.63
CA HIS C 36 48.09 -73.81 16.02
C HIS C 36 46.79 -74.13 16.74
N LYS C 37 46.89 -74.18 18.06
CA LYS C 37 45.82 -74.62 18.93
C LYS C 37 45.48 -73.51 19.91
N GLY C 38 44.18 -73.22 20.04
CA GLY C 38 43.73 -72.14 20.90
C GLY C 38 42.59 -72.58 21.79
N LYS C 39 42.42 -71.84 22.89
CA LYS C 39 41.39 -72.12 23.87
C LYS C 39 40.53 -70.88 24.06
N ILE C 40 39.22 -71.12 24.19
CA ILE C 40 38.26 -70.04 24.39
C ILE C 40 38.34 -69.56 25.83
N ILE C 41 38.35 -68.24 26.02
CA ILE C 41 38.41 -67.65 27.35
C ILE C 41 37.19 -66.82 27.70
N ASP C 42 36.46 -66.29 26.72
CA ASP C 42 35.31 -65.45 27.06
C ASP C 42 34.38 -65.35 25.86
N ILE C 43 33.13 -65.03 26.16
CA ILE C 43 32.12 -64.70 25.16
C ILE C 43 31.48 -63.39 25.56
N LEU C 44 31.41 -62.46 24.63
CA LEU C 44 30.80 -61.16 24.90
C LEU C 44 29.77 -60.85 23.82
N HIS C 45 28.86 -59.95 24.15
CA HIS C 45 27.87 -59.50 23.21
C HIS C 45 28.38 -58.28 22.48
N ASN C 46 28.06 -58.19 21.19
CA ASN C 46 28.49 -57.08 20.38
C ASN C 46 27.25 -56.42 19.79
N PRO C 47 27.01 -55.14 20.06
CA PRO C 47 25.68 -54.56 19.80
C PRO C 47 25.18 -54.67 18.38
N GLY C 48 25.89 -54.09 17.43
CA GLY C 48 25.36 -54.02 16.09
C GLY C 48 25.66 -55.25 15.26
N VAL C 49 25.56 -56.43 15.86
CA VAL C 49 26.08 -57.64 15.21
C VAL C 49 25.00 -58.69 15.03
N THR C 50 24.00 -58.70 15.92
CA THR C 50 22.97 -59.73 15.97
C THR C 50 23.54 -61.13 16.04
N ALA C 51 24.74 -61.27 16.62
CA ALA C 51 25.34 -62.59 16.77
C ALA C 51 26.43 -62.49 17.81
N PRO C 52 26.52 -63.44 18.74
CA PRO C 52 27.56 -63.39 19.76
C PRO C 52 28.91 -63.67 19.14
N VAL C 53 29.95 -63.28 19.90
CA VAL C 53 31.34 -63.41 19.47
C VAL C 53 32.11 -64.14 20.57
N VAL C 54 33.39 -64.40 20.30
CA VAL C 54 34.25 -65.09 21.25
C VAL C 54 35.59 -64.40 21.32
N LYS C 55 36.13 -64.33 22.53
CA LYS C 55 37.53 -63.96 22.78
C LYS C 55 38.32 -65.25 22.98
N VAL C 56 39.35 -65.44 22.18
CA VAL C 56 40.14 -66.66 22.23
C VAL C 56 41.62 -66.30 22.33
N LYS C 57 42.31 -66.93 23.26
CA LYS C 57 43.74 -66.75 23.45
C LYS C 57 44.46 -67.70 22.50
N LEU C 58 45.58 -67.24 21.95
CA LEU C 58 46.38 -68.07 21.06
C LEU C 58 47.55 -68.69 21.80
N ASP C 59 47.90 -69.92 21.42
CA ASP C 59 48.99 -70.62 22.08
C ASP C 59 50.30 -69.86 21.98
N ASN C 60 50.43 -68.97 21.00
CA ASN C 60 51.61 -68.12 20.90
C ASN C 60 51.40 -66.77 21.57
N GLY C 61 50.24 -66.53 22.18
CA GLY C 61 50.01 -65.28 22.86
C GLY C 61 49.44 -64.17 22.00
N LEU C 62 48.26 -64.39 21.43
CA LEU C 62 47.59 -63.39 20.61
C LEU C 62 46.13 -63.28 21.01
N GLN C 63 45.57 -62.08 20.84
CA GLN C 63 44.17 -61.80 21.13
C GLN C 63 43.44 -61.52 19.84
N PHE C 64 42.26 -62.12 19.68
CA PHE C 64 41.49 -61.97 18.45
C PHE C 64 40.05 -62.33 18.73
N TYR C 65 39.19 -62.05 17.74
CA TYR C 65 37.76 -62.26 17.89
C TYR C 65 37.16 -62.80 16.60
N ILE C 66 36.29 -63.79 16.75
CA ILE C 66 35.59 -64.46 15.65
C ILE C 66 34.13 -64.57 16.03
N PRO C 67 33.20 -64.58 15.07
CA PRO C 67 31.81 -64.87 15.42
C PRO C 67 31.71 -66.19 16.16
N ALA C 68 30.87 -66.19 17.20
CA ALA C 68 30.71 -67.38 18.02
C ALA C 68 29.98 -68.47 17.25
N VAL C 69 30.42 -69.71 17.45
CA VAL C 69 29.86 -70.85 16.75
C VAL C 69 29.09 -71.70 17.74
N GLN C 70 28.04 -72.36 17.24
CA GLN C 70 27.11 -73.07 18.10
C GLN C 70 27.80 -74.20 18.84
N GLY C 71 27.37 -74.42 20.08
CA GLY C 71 27.86 -75.52 20.88
C GLY C 71 29.33 -75.45 21.22
N VAL C 72 29.83 -74.28 21.58
CA VAL C 72 31.21 -74.11 22.01
C VAL C 72 31.23 -73.28 23.28
N ALA C 73 32.18 -73.58 24.15
CA ALA C 73 32.17 -73.05 25.50
C ALA C 73 33.54 -72.51 25.88
N VAL C 74 33.54 -71.73 26.96
CA VAL C 74 34.77 -71.28 27.57
C VAL C 74 35.59 -72.50 27.97
N GLY C 75 36.90 -72.39 27.78
CA GLY C 75 37.81 -73.43 28.22
C GLY C 75 37.99 -74.57 27.25
N GLN C 76 37.07 -74.75 26.32
CA GLN C 76 37.29 -75.72 25.26
C GLN C 76 38.43 -75.25 24.37
N GLU C 77 39.10 -76.20 23.74
CA GLU C 77 40.27 -75.90 22.92
C GLU C 77 39.93 -76.03 21.44
N ILE C 78 40.39 -75.07 20.66
CA ILE C 78 40.25 -75.07 19.20
C ILE C 78 41.61 -75.05 18.55
N SER C 79 41.81 -75.99 17.63
CA SER C 79 42.99 -76.03 16.79
C SER C 79 42.68 -75.36 15.46
N ILE C 80 43.67 -74.65 14.92
CA ILE C 80 43.49 -73.93 13.67
C ILE C 80 44.67 -74.26 12.76
N GLY C 81 44.39 -74.60 11.52
CA GLY C 81 45.41 -74.83 10.52
C GLY C 81 45.05 -76.03 9.67
N LYS C 82 46.07 -76.54 8.97
CA LYS C 82 45.85 -77.66 8.06
C LYS C 82 45.55 -78.95 8.81
N ASN C 83 46.32 -79.24 9.86
CA ASN C 83 46.22 -80.52 10.53
C ASN C 83 44.92 -80.70 11.30
N ALA C 84 44.21 -79.61 11.60
CA ALA C 84 43.03 -79.73 12.45
C ALA C 84 41.97 -80.57 11.77
N THR C 85 41.23 -81.32 12.59
CA THR C 85 40.23 -82.25 12.09
C THR C 85 38.93 -81.51 11.80
N ILE C 86 37.87 -82.26 11.55
CA ILE C 86 36.54 -81.70 11.33
C ILE C 86 35.82 -81.80 12.67
N SER C 87 35.97 -80.77 13.49
CA SER C 87 35.31 -80.69 14.78
C SER C 87 34.61 -79.35 14.88
N ASN C 88 33.55 -79.31 15.66
CA ASN C 88 32.81 -78.06 15.83
C ASN C 88 33.73 -76.98 16.36
N GLY C 89 33.74 -75.85 15.66
CA GLY C 89 34.47 -74.69 16.10
C GLY C 89 35.91 -74.63 15.64
N ASN C 90 36.48 -75.75 15.23
CA ASN C 90 37.84 -75.70 14.70
C ASN C 90 37.85 -74.95 13.38
N ILE C 91 38.94 -74.22 13.15
CA ILE C 91 39.09 -73.42 11.95
C ILE C 91 40.06 -74.12 11.01
N VAL C 92 39.56 -74.52 9.85
CA VAL C 92 40.33 -75.28 8.87
C VAL C 92 40.22 -74.63 7.51
N GLU C 93 40.76 -75.29 6.50
CA GLU C 93 40.75 -74.81 5.13
C GLU C 93 39.86 -75.69 4.29
N VAL C 94 39.37 -75.14 3.18
CA VAL C 94 38.46 -75.88 2.32
C VAL C 94 39.14 -77.07 1.64
N GLY C 95 40.46 -77.06 1.54
CA GLY C 95 41.15 -78.12 0.84
C GLY C 95 40.92 -79.49 1.45
N GLN C 96 40.64 -79.53 2.74
CA GLN C 96 40.40 -80.79 3.43
C GLN C 96 38.92 -81.06 3.64
N LEU C 97 38.06 -80.36 2.98
CA LEU C 97 36.71 -80.66 3.40
C LEU C 97 36.07 -81.68 2.48
N PRO C 98 35.22 -82.54 3.03
CA PRO C 98 34.43 -83.44 2.21
C PRO C 98 33.14 -82.75 1.75
N GLU C 99 32.41 -83.44 0.89
CA GLU C 99 31.17 -82.90 0.35
C GLU C 99 30.10 -82.79 1.44
N GLY C 100 29.22 -81.81 1.28
CA GLY C 100 28.11 -81.66 2.19
C GLY C 100 28.49 -81.27 3.60
N THR C 101 29.66 -80.68 3.77
CA THR C 101 30.13 -80.31 5.10
C THR C 101 29.46 -79.02 5.56
N VAL C 102 29.15 -78.95 6.84
CA VAL C 102 28.54 -77.76 7.42
C VAL C 102 29.64 -76.91 8.05
N ILE C 103 29.82 -75.70 7.53
CA ILE C 103 30.80 -74.76 8.04
C ILE C 103 30.20 -73.36 8.03
N CYS C 104 30.92 -72.41 8.63
CA CYS C 104 30.51 -71.02 8.67
C CYS C 104 31.74 -70.14 8.70
N ASN C 105 31.52 -68.86 8.39
CA ASN C 105 32.58 -67.86 8.34
C ASN C 105 33.71 -68.31 7.42
N VAL C 106 33.35 -68.52 6.16
CA VAL C 106 34.30 -68.99 5.16
C VAL C 106 35.14 -67.83 4.68
N GLU C 107 36.44 -68.06 4.53
CA GLU C 107 37.35 -67.06 4.02
C GLU C 107 37.39 -67.08 2.51
N LYS C 108 37.44 -65.88 1.91
CA LYS C 108 37.46 -65.79 0.45
C LYS C 108 38.87 -66.03 -0.10
N LEU C 109 39.82 -65.22 0.32
CA LEU C 109 41.22 -65.39 -0.06
C LEU C 109 42.07 -65.48 1.20
N LYS C 110 43.18 -66.19 1.09
CA LYS C 110 44.02 -66.52 2.23
C LYS C 110 44.41 -65.26 2.98
N GLY C 111 44.08 -65.21 4.26
CA GLY C 111 44.51 -64.10 5.09
C GLY C 111 43.59 -62.90 5.04
N ASP C 112 42.33 -63.08 4.64
CA ASP C 112 41.41 -61.95 4.57
C ASP C 112 40.53 -61.82 5.80
N GLY C 113 40.16 -62.92 6.44
CA GLY C 113 39.37 -62.89 7.64
C GLY C 113 37.96 -63.43 7.51
N GLY C 114 37.56 -63.86 6.32
CA GLY C 114 36.23 -64.40 6.14
C GLY C 114 35.21 -63.31 5.84
N LYS C 115 34.45 -63.48 4.77
CA LYS C 115 33.46 -62.50 4.37
C LYS C 115 32.06 -63.06 4.19
N PHE C 116 31.89 -64.37 4.28
CA PHE C 116 30.61 -65.01 4.03
C PHE C 116 30.18 -65.84 5.22
N ALA C 117 28.87 -65.99 5.38
CA ALA C 117 28.27 -66.81 6.43
C ALA C 117 28.81 -66.42 7.80
N ARG C 118 28.70 -65.12 8.10
CA ARG C 118 29.16 -64.60 9.37
C ARG C 118 28.04 -64.03 10.23
N ALA C 119 26.80 -64.05 9.77
CA ALA C 119 25.68 -63.58 10.57
C ALA C 119 25.13 -64.72 11.42
N ALA C 120 24.01 -64.47 12.09
CA ALA C 120 23.41 -65.47 12.96
C ALA C 120 22.44 -66.36 12.20
N GLY C 121 22.47 -67.65 12.52
CA GLY C 121 21.50 -68.58 12.01
C GLY C 121 21.86 -69.21 10.68
N SER C 122 22.83 -68.68 9.95
CA SER C 122 23.15 -69.21 8.64
C SER C 122 24.19 -70.32 8.74
N TYR C 123 24.47 -70.93 7.60
CA TYR C 123 25.49 -71.96 7.51
C TYR C 123 25.96 -72.03 6.07
N ALA C 124 27.11 -72.67 5.88
CA ALA C 124 27.70 -72.83 4.57
C ALA C 124 27.69 -74.31 4.18
N VAL C 125 27.37 -74.58 2.92
CA VAL C 125 27.30 -75.94 2.40
C VAL C 125 28.18 -76.04 1.16
N ILE C 126 28.64 -77.24 0.88
CA ILE C 126 29.57 -77.51 -0.20
C ILE C 126 28.82 -78.23 -1.31
N SER C 127 28.84 -77.66 -2.51
CA SER C 127 28.10 -78.19 -3.64
C SER C 127 29.01 -78.82 -4.70
N GLY C 128 30.31 -78.85 -4.48
CA GLY C 128 31.21 -79.47 -5.42
C GLY C 128 32.63 -78.97 -5.24
N LYS C 129 33.48 -79.38 -6.17
CA LYS C 129 34.89 -79.01 -6.17
C LYS C 129 35.28 -78.57 -7.57
N ALA C 130 35.86 -77.38 -7.67
CA ALA C 130 36.25 -76.85 -8.96
C ALA C 130 37.68 -77.26 -9.30
N GLY C 131 38.16 -76.80 -10.45
CA GLY C 131 39.51 -77.14 -10.86
C GLY C 131 40.57 -76.59 -9.90
N ASN C 132 40.40 -75.34 -9.48
CA ASN C 132 41.33 -74.71 -8.57
C ASN C 132 40.73 -74.28 -7.26
N LYS C 133 39.41 -74.33 -7.11
CA LYS C 133 38.76 -73.78 -5.93
C LYS C 133 37.61 -74.71 -5.55
N VAL C 134 36.74 -74.24 -4.66
CA VAL C 134 35.70 -75.07 -4.07
C VAL C 134 34.34 -74.43 -4.27
N LEU C 135 33.33 -75.29 -4.40
CA LEU C 135 31.97 -74.85 -4.64
C LEU C 135 31.25 -74.67 -3.30
N ILE C 136 30.77 -73.45 -3.04
CA ILE C 136 30.16 -73.11 -1.76
C ILE C 136 28.85 -72.40 -2.02
N LYS C 137 27.81 -72.80 -1.27
CA LYS C 137 26.50 -72.18 -1.35
C LYS C 137 26.19 -71.48 -0.04
N LEU C 138 25.75 -70.23 -0.14
CA LEU C 138 25.29 -69.48 1.02
C LEU C 138 23.78 -69.68 1.15
N SER C 139 23.21 -69.05 2.18
CA SER C 139 21.79 -69.25 2.44
C SER C 139 20.93 -68.75 1.28
N SER C 140 21.44 -67.81 0.49
CA SER C 140 20.69 -67.29 -0.64
C SER C 140 20.66 -68.24 -1.82
N GLU C 141 21.10 -69.47 -1.64
CA GLU C 141 21.07 -70.50 -2.68
C GLU C 141 21.92 -70.14 -3.89
N LYS C 142 22.83 -69.20 -3.73
CA LYS C 142 23.78 -68.88 -4.78
C LYS C 142 25.09 -69.61 -4.51
N ILE C 143 26.08 -69.40 -5.38
CA ILE C 143 27.34 -70.12 -5.32
C ILE C 143 28.48 -69.12 -5.42
N VAL C 144 29.51 -69.32 -4.60
CA VAL C 144 30.70 -68.50 -4.64
C VAL C 144 31.92 -69.41 -4.65
N GLU C 145 33.06 -68.84 -5.05
CA GLU C 145 34.29 -69.59 -5.23
C GLU C 145 35.40 -68.93 -4.41
N VAL C 146 36.11 -69.74 -3.61
CA VAL C 146 37.18 -69.25 -2.77
C VAL C 146 38.40 -70.16 -2.91
N SER C 147 39.55 -69.65 -2.49
CA SER C 147 40.82 -70.28 -2.76
C SER C 147 40.97 -71.58 -1.99
N GLN C 148 41.99 -72.37 -2.38
CA GLN C 148 42.24 -73.64 -1.72
C GLN C 148 42.62 -73.45 -0.26
N ASN C 149 43.60 -72.60 0.01
CA ASN C 149 44.03 -72.38 1.37
C ASN C 149 43.11 -71.45 2.13
N ALA C 150 42.00 -71.05 1.52
CA ALA C 150 41.04 -70.21 2.21
C ALA C 150 40.51 -70.91 3.45
N ARG C 151 40.40 -70.17 4.54
CA ARG C 151 40.03 -70.73 5.83
C ARG C 151 38.51 -70.79 6.00
N ALA C 152 38.09 -71.59 6.98
CA ALA C 152 36.68 -71.68 7.35
C ALA C 152 36.59 -72.35 8.71
N THR C 153 35.41 -72.29 9.30
CA THR C 153 35.16 -72.86 10.61
C THR C 153 33.98 -73.83 10.54
N VAL C 154 34.16 -75.02 11.07
CA VAL C 154 33.12 -76.04 11.05
C VAL C 154 32.14 -75.77 12.18
N GLY C 155 30.87 -75.75 11.85
CA GLY C 155 29.82 -75.51 12.82
C GLY C 155 28.81 -74.54 12.27
N ILE C 156 28.02 -73.95 13.16
CA ILE C 156 27.03 -72.96 12.80
C ILE C 156 27.11 -71.79 13.78
N ILE C 157 27.05 -70.57 13.25
CA ILE C 157 27.12 -69.38 14.08
C ILE C 157 25.82 -69.25 14.89
N ALA C 158 25.97 -68.89 16.16
CA ALA C 158 24.84 -68.85 17.08
C ALA C 158 23.83 -67.78 16.67
N GLY C 159 22.59 -67.98 17.10
CA GLY C 159 21.52 -67.04 16.83
C GLY C 159 20.33 -67.63 16.12
N GLY C 160 20.14 -68.95 16.25
CA GLY C 160 19.04 -69.59 15.57
C GLY C 160 17.69 -69.16 16.12
N GLY C 161 16.67 -69.21 15.25
CA GLY C 161 15.33 -68.77 15.64
C GLY C 161 15.28 -67.30 16.00
N PHE C 162 16.11 -66.49 15.35
CA PHE C 162 16.37 -65.13 15.81
C PHE C 162 15.13 -64.26 15.72
N VAL C 163 14.38 -64.35 14.63
CA VAL C 163 13.30 -63.41 14.36
C VAL C 163 11.95 -63.98 14.72
N GLU C 164 11.90 -65.20 15.27
CA GLU C 164 10.63 -65.79 15.65
C GLU C 164 9.91 -64.91 16.67
N LYS C 165 10.63 -64.42 17.68
CA LYS C 165 10.01 -63.57 18.68
C LYS C 165 9.60 -62.24 18.05
N PRO C 166 8.32 -61.90 18.08
CA PRO C 166 7.90 -60.64 17.47
C PRO C 166 8.48 -59.44 18.19
N LEU C 167 8.72 -58.38 17.42
CA LEU C 167 9.14 -57.12 18.01
C LEU C 167 8.04 -56.56 18.91
N LEU C 168 6.79 -56.63 18.45
CA LEU C 168 5.61 -56.30 19.25
C LEU C 168 5.55 -54.82 19.61
N LYS C 169 6.59 -54.07 19.30
CA LYS C 169 6.69 -52.71 19.84
C LYS C 169 7.72 -51.90 19.07
N ALA C 170 7.32 -50.72 18.59
CA ALA C 170 8.28 -49.87 17.91
C ALA C 170 9.44 -49.49 18.82
N GLY C 171 9.21 -49.52 20.14
CA GLY C 171 10.31 -49.31 21.05
C GLY C 171 11.43 -50.31 20.85
N ASN C 172 11.08 -51.60 20.72
CA ASN C 172 12.07 -52.60 20.38
C ASN C 172 12.78 -52.24 19.09
N ASN C 173 12.00 -51.90 18.06
CA ASN C 173 12.59 -51.51 16.79
C ASN C 173 13.49 -50.30 16.97
N TYR C 174 13.15 -49.41 17.90
CA TYR C 174 13.96 -48.22 18.10
C TYR C 174 15.30 -48.58 18.71
N TRP C 175 15.30 -49.43 19.73
CA TRP C 175 16.52 -49.96 20.33
C TRP C 175 17.13 -51.14 19.61
N LYS C 176 16.54 -51.62 18.52
CA LYS C 176 17.27 -52.60 17.72
C LYS C 176 18.36 -51.90 16.92
N TYR C 177 18.08 -50.72 16.39
CA TYR C 177 19.03 -49.99 15.58
C TYR C 177 19.63 -48.82 16.30
N ARG C 178 19.56 -48.78 17.64
CA ARG C 178 20.04 -47.61 18.34
C ARG C 178 21.49 -47.34 18.03
N VAL C 179 22.25 -48.38 17.69
CA VAL C 179 23.67 -48.21 17.38
C VAL C 179 23.97 -48.36 15.90
N ARG C 180 23.18 -49.13 15.15
CA ARG C 180 23.43 -49.33 13.74
C ARG C 180 22.99 -48.11 12.95
N ALA C 181 23.73 -47.81 11.91
CA ALA C 181 23.51 -46.56 11.21
C ALA C 181 22.26 -46.55 10.39
N VAL C 182 21.36 -47.52 10.53
CA VAL C 182 20.08 -47.46 9.83
C VAL C 182 19.31 -46.24 10.32
N LYS C 183 18.77 -45.47 9.38
CA LYS C 183 17.99 -44.28 9.74
C LYS C 183 16.62 -44.72 10.23
N TRP C 184 16.30 -44.38 11.47
CA TRP C 184 15.07 -44.92 12.04
C TRP C 184 14.25 -43.86 12.73
N PRO C 185 12.92 -43.89 12.56
CA PRO C 185 12.25 -44.86 11.69
C PRO C 185 12.26 -44.47 10.23
N VAL C 186 12.25 -45.47 9.36
CA VAL C 186 12.19 -45.23 7.93
C VAL C 186 10.93 -44.45 7.60
N VAL C 187 11.05 -43.47 6.72
CA VAL C 187 9.94 -42.63 6.31
C VAL C 187 9.67 -42.87 4.82
N ARG C 188 8.43 -43.18 4.50
CA ARG C 188 8.08 -43.34 3.10
C ARG C 188 8.12 -41.99 2.40
N GLY C 189 8.11 -42.02 1.08
CA GLY C 189 8.27 -40.79 0.32
C GLY C 189 7.00 -40.34 -0.38
N VAL C 190 6.10 -41.28 -0.66
CA VAL C 190 4.92 -40.97 -1.47
C VAL C 190 4.05 -39.94 -0.78
N ALA C 191 4.10 -39.85 0.55
CA ALA C 191 3.39 -38.81 1.26
C ALA C 191 4.21 -37.54 1.43
N MET C 192 5.50 -37.58 1.10
CA MET C 192 6.33 -36.41 1.26
C MET C 192 6.01 -35.36 0.21
N ASN C 193 6.47 -34.15 0.45
CA ASN C 193 6.36 -33.11 -0.55
C ASN C 193 7.21 -33.47 -1.77
N ALA C 194 6.74 -33.07 -2.94
CA ALA C 194 7.46 -33.37 -4.17
C ALA C 194 8.83 -32.67 -4.22
N VAL C 195 9.04 -31.68 -3.35
CA VAL C 195 10.28 -30.93 -3.38
C VAL C 195 11.48 -31.80 -3.03
N SER C 196 11.25 -32.98 -2.44
CA SER C 196 12.35 -33.82 -1.99
C SER C 196 12.11 -35.31 -2.25
N HIS C 197 11.24 -35.67 -3.18
CA HIS C 197 11.03 -37.07 -3.51
C HIS C 197 10.51 -37.20 -4.94
N PRO C 198 11.01 -38.18 -5.70
CA PRO C 198 10.55 -38.32 -7.09
C PRO C 198 9.06 -38.59 -7.21
N HIS C 199 8.48 -39.30 -6.24
CA HIS C 199 7.05 -39.60 -6.26
C HIS C 199 6.27 -38.75 -5.27
N GLY C 200 6.86 -37.67 -4.77
CA GLY C 200 6.16 -36.79 -3.86
C GLY C 200 5.10 -35.96 -4.56
N GLY C 201 4.28 -35.32 -3.73
CA GLY C 201 3.24 -34.44 -4.24
C GLY C 201 1.97 -35.17 -4.63
N GLY C 202 0.92 -34.39 -4.86
CA GLY C 202 -0.36 -34.94 -5.27
C GLY C 202 -1.33 -35.14 -4.12
N LEU C 203 -2.56 -34.63 -4.28
CA LEU C 203 -3.57 -34.82 -3.24
C LEU C 203 -4.01 -36.28 -3.16
N HIS C 204 -4.34 -36.89 -4.30
CA HIS C 204 -4.67 -38.30 -4.36
C HIS C 204 -3.37 -39.09 -4.40
N GLN C 205 -3.07 -39.79 -3.30
CA GLN C 205 -1.82 -40.53 -3.18
C GLN C 205 -1.81 -41.68 -4.19
N SER C 206 -0.99 -41.53 -5.22
CA SER C 206 -0.97 -42.48 -6.32
C SER C 206 0.45 -42.63 -6.83
N VAL C 207 0.69 -43.73 -7.54
CA VAL C 207 1.99 -43.97 -8.15
C VAL C 207 2.09 -43.11 -9.40
N SER C 208 3.08 -42.20 -9.43
CA SER C 208 3.14 -41.20 -10.49
C SER C 208 3.51 -41.83 -11.83
N ARG C 209 4.52 -42.70 -11.83
CA ARG C 209 5.04 -43.34 -13.03
C ARG C 209 5.20 -44.82 -12.75
N PRO C 210 5.19 -45.66 -13.80
CA PRO C 210 5.58 -47.06 -13.60
C PRO C 210 6.95 -47.15 -12.93
N SER C 211 6.99 -47.77 -11.74
CA SER C 211 8.19 -47.71 -10.91
C SER C 211 9.38 -48.35 -11.59
N THR C 212 9.16 -49.36 -12.42
CA THR C 212 10.25 -50.00 -13.14
C THR C 212 10.86 -49.04 -14.15
N VAL C 213 12.19 -48.97 -14.18
CA VAL C 213 12.92 -48.07 -15.07
C VAL C 213 14.02 -48.86 -15.75
N SER C 214 14.55 -48.27 -16.83
CA SER C 214 15.62 -48.90 -17.58
C SER C 214 16.91 -48.93 -16.77
N ARG C 215 17.82 -49.82 -17.18
CA ARG C 215 19.07 -50.02 -16.46
C ARG C 215 19.96 -48.77 -16.50
N ASN C 216 19.90 -47.99 -17.57
CA ASN C 216 20.70 -46.78 -17.69
C ASN C 216 20.14 -45.62 -16.88
N ALA C 217 19.21 -45.88 -15.96
CA ALA C 217 18.57 -44.80 -15.23
C ALA C 217 19.58 -44.05 -14.36
N PRO C 218 19.51 -42.72 -14.32
CA PRO C 218 20.46 -41.93 -13.55
C PRO C 218 20.28 -42.12 -12.05
N PRO C 219 21.33 -41.92 -11.27
CA PRO C 219 21.19 -42.04 -9.80
C PRO C 219 20.27 -40.97 -9.24
N GLY C 220 19.63 -41.30 -8.12
CA GLY C 220 18.68 -40.43 -7.48
C GLY C 220 17.27 -40.51 -8.05
N ARG C 221 17.09 -41.25 -9.14
CA ARG C 221 15.80 -41.45 -9.77
C ARG C 221 15.33 -42.89 -9.71
N LYS C 222 16.25 -43.85 -9.63
CA LYS C 222 15.90 -45.26 -9.49
C LYS C 222 15.21 -45.48 -8.15
N VAL C 223 13.90 -45.74 -8.18
CA VAL C 223 13.10 -45.90 -6.98
C VAL C 223 12.15 -47.09 -7.15
N GLY C 224 11.66 -47.59 -6.01
CA GLY C 224 10.64 -48.62 -6.04
C GLY C 224 11.17 -49.95 -6.56
N HIS C 225 10.39 -50.57 -7.44
CA HIS C 225 10.75 -51.85 -8.03
C HIS C 225 11.95 -51.65 -8.94
N ILE C 226 13.13 -52.08 -8.49
CA ILE C 226 14.39 -51.87 -9.20
C ILE C 226 14.83 -53.22 -9.77
N ALA C 227 14.87 -53.30 -11.11
CA ALA C 227 15.35 -54.48 -11.83
C ALA C 227 14.61 -55.75 -11.38
N SER C 228 13.30 -55.63 -11.21
CA SER C 228 12.50 -56.75 -10.73
C SER C 228 12.37 -57.81 -11.82
N ARG C 229 12.60 -59.07 -11.43
CA ARG C 229 12.35 -60.17 -12.37
C ARG C 229 10.86 -60.40 -12.55
N ARG C 230 10.08 -60.39 -11.47
CA ARG C 230 8.64 -60.56 -11.54
C ARG C 230 8.01 -59.99 -10.27
N THR C 231 6.73 -59.68 -10.37
CA THR C 231 5.94 -59.15 -9.26
C THR C 231 4.81 -60.11 -8.93
N GLY C 232 3.93 -59.67 -8.02
CA GLY C 232 2.82 -60.48 -7.58
C GLY C 232 3.17 -61.33 -6.37
N ARG C 233 2.12 -61.69 -5.62
CA ARG C 233 2.33 -62.51 -4.42
C ARG C 233 2.83 -63.90 -4.78
N ARG C 234 2.26 -64.51 -5.82
CA ARG C 234 2.64 -65.87 -6.22
C ARG C 234 3.99 -65.88 -6.92
N ARG D 1 -36.03 -12.75 10.54
CA ARG D 1 -35.81 -11.67 9.61
C ARG D 1 -36.59 -10.42 10.01
N LYS D 2 -35.98 -9.58 10.85
CA LYS D 2 -36.59 -8.33 11.30
C LYS D 2 -38.00 -8.56 11.83
N LEU D 3 -38.10 -9.37 12.87
CA LEU D 3 -39.41 -9.66 13.43
C LEU D 3 -40.01 -8.42 14.07
N SER D 4 -41.31 -8.47 14.33
CA SER D 4 -41.99 -7.35 14.95
C SER D 4 -41.42 -7.07 16.33
N SER D 5 -41.32 -5.80 16.68
CA SER D 5 -40.84 -5.44 18.00
C SER D 5 -41.28 -4.02 18.34
N PRO D 6 -41.94 -3.81 19.47
CA PRO D 6 -42.23 -2.45 19.89
C PRO D 6 -40.95 -1.70 20.20
N ARG D 7 -40.93 -0.42 19.82
CA ARG D 7 -39.78 0.41 20.13
C ARG D 7 -39.59 0.49 21.64
N ARG D 8 -38.42 0.07 22.10
CA ARG D 8 -38.15 -0.07 23.52
C ARG D 8 -37.53 1.22 24.07
N GLY D 9 -37.67 1.40 25.37
CA GLY D 9 -37.61 2.72 25.95
C GLY D 9 -38.91 3.44 25.67
N SER D 10 -39.04 4.63 26.25
CA SER D 10 -40.27 5.41 26.09
C SER D 10 -39.92 6.72 25.41
N ALA D 11 -40.24 6.80 24.12
CA ALA D 11 -40.01 8.02 23.38
C ALA D 11 -40.95 9.15 23.82
N GLY D 12 -41.98 8.86 24.60
CA GLY D 12 -43.01 9.85 24.85
C GLY D 12 -42.55 11.02 25.68
N LEU D 13 -41.54 10.85 26.53
CA LEU D 13 -41.18 11.89 27.50
C LEU D 13 -39.89 12.60 27.18
N ARG D 14 -39.30 12.38 26.00
CA ARG D 14 -38.11 13.14 25.67
C ARG D 14 -38.45 14.63 25.61
N PRO D 15 -37.61 15.49 26.18
CA PRO D 15 -36.36 15.19 26.88
C PRO D 15 -36.56 14.77 28.32
N ARG D 16 -35.63 13.95 28.82
CA ARG D 16 -35.63 13.50 30.20
C ARG D 16 -34.61 14.31 30.99
N LYS D 17 -35.09 15.33 31.70
CA LYS D 17 -34.22 16.15 32.52
C LYS D 17 -34.81 16.32 33.91
N ARG D 18 -33.98 16.81 34.83
CA ARG D 18 -34.37 16.93 36.21
C ARG D 18 -35.02 18.27 36.48
N ALA D 19 -36.08 18.26 37.30
CA ALA D 19 -36.87 19.46 37.51
C ALA D 19 -36.02 20.53 38.18
N ASP D 20 -36.48 21.77 38.08
CA ASP D 20 -35.76 22.90 38.63
C ASP D 20 -36.40 23.47 39.89
N GLU D 21 -37.50 22.90 40.35
CA GLU D 21 -38.13 23.33 41.58
C GLU D 21 -38.67 22.09 42.26
N ILE D 22 -38.29 21.88 43.53
CA ILE D 22 -38.61 20.60 44.17
C ILE D 22 -40.11 20.37 44.23
N LEU D 23 -40.89 21.43 44.23
CA LEU D 23 -42.33 21.25 44.34
C LEU D 23 -42.95 21.65 43.01
N PRO D 24 -43.45 20.72 42.23
CA PRO D 24 -43.95 21.06 40.89
C PRO D 24 -45.24 21.85 40.93
N THR D 25 -45.83 22.10 39.76
CA THR D 25 -47.08 22.83 39.67
C THR D 25 -47.88 22.26 38.51
N PRO D 26 -49.20 22.18 38.63
CA PRO D 26 -50.02 21.76 37.49
C PRO D 26 -50.04 22.82 36.41
N LYS D 27 -50.20 22.36 35.18
CA LYS D 27 -50.27 23.24 34.03
C LYS D 27 -51.66 23.35 33.43
N ASN D 28 -52.61 22.55 33.91
CA ASN D 28 -54.00 22.70 33.53
C ASN D 28 -54.86 22.46 34.77
N TRP D 29 -56.16 22.59 34.60
CA TRP D 29 -57.07 22.33 35.68
C TRP D 29 -58.33 21.68 35.14
N PRO D 30 -58.83 20.65 35.79
CA PRO D 30 -60.11 20.08 35.39
C PRO D 30 -61.22 21.09 35.60
N LEU D 31 -62.25 20.98 34.77
CA LEU D 31 -63.33 21.95 34.81
C LEU D 31 -64.02 21.93 36.17
N VAL D 32 -64.66 23.05 36.49
CA VAL D 32 -65.28 23.21 37.80
C VAL D 32 -66.44 22.25 37.96
N ASN D 33 -67.18 21.99 36.88
CA ASN D 33 -68.28 21.03 36.87
C ASN D 33 -69.44 21.48 37.75
N LEU D 34 -69.94 22.69 37.47
CA LEU D 34 -71.28 23.11 37.86
C LEU D 34 -71.46 23.11 39.37
N LYS D 35 -70.76 24.03 40.04
CA LYS D 35 -70.77 24.01 41.50
C LYS D 35 -70.40 25.38 42.04
N GLU D 36 -70.10 25.41 43.32
CA GLU D 36 -69.89 26.60 44.13
C GLU D 36 -68.41 26.80 44.40
N PRO D 37 -68.01 27.96 44.94
CA PRO D 37 -66.59 28.23 45.14
C PRO D 37 -65.93 27.28 46.14
N LYS D 38 -64.90 26.59 45.67
CA LYS D 38 -63.99 25.85 46.52
C LYS D 38 -62.73 25.54 45.71
N LEU D 39 -61.69 25.11 46.40
CA LEU D 39 -60.40 24.82 45.77
C LEU D 39 -60.46 23.46 45.07
N LEU D 40 -59.41 23.18 44.29
CA LEU D 40 -59.41 22.00 43.43
C LEU D 40 -58.19 21.11 43.62
N GLY D 41 -57.50 21.20 44.74
CA GLY D 41 -56.33 20.39 44.99
C GLY D 41 -55.83 20.60 46.40
N PHE D 42 -54.69 20.00 46.72
CA PHE D 42 -54.12 20.23 48.04
C PHE D 42 -52.65 19.87 48.06
N ILE D 43 -51.98 20.31 49.11
CA ILE D 43 -50.56 20.06 49.31
C ILE D 43 -50.41 19.07 50.45
N GLY D 44 -49.26 18.40 50.49
CA GLY D 44 -49.01 17.44 51.55
C GLY D 44 -47.60 16.91 51.63
N TYR D 45 -47.45 15.70 52.17
CA TYR D 45 -46.14 15.09 52.28
C TYR D 45 -46.28 13.58 52.19
N LYS D 46 -45.25 12.95 51.63
CA LYS D 46 -45.18 11.49 51.50
C LYS D 46 -44.56 10.92 52.76
N ALA D 47 -45.38 10.33 53.62
CA ALA D 47 -44.94 9.81 54.91
C ALA D 47 -44.59 8.33 54.85
N GLY D 48 -45.44 7.53 54.24
CA GLY D 48 -45.20 6.10 54.18
C GLY D 48 -46.37 5.40 53.55
N MET D 49 -46.44 4.09 53.75
CA MET D 49 -47.51 3.33 53.14
C MET D 49 -47.69 2.01 53.89
N THR D 50 -48.86 1.41 53.67
CA THR D 50 -49.24 0.16 54.31
C THR D 50 -50.34 -0.46 53.46
N HIS D 51 -51.02 -1.46 54.02
CA HIS D 51 -52.09 -2.16 53.31
C HIS D 51 -53.32 -2.17 54.19
N VAL D 52 -54.49 -2.11 53.56
CA VAL D 52 -55.74 -1.87 54.28
C VAL D 52 -56.81 -2.82 53.77
N TYR D 53 -57.86 -2.96 54.58
CA TYR D 53 -58.94 -3.91 54.36
C TYR D 53 -60.24 -3.13 54.22
N MET D 54 -61.01 -3.38 53.17
CA MET D 54 -62.20 -2.58 52.91
C MET D 54 -63.27 -3.40 52.22
N ILE D 55 -64.48 -2.90 52.29
CA ILE D 55 -65.56 -3.37 51.42
C ILE D 55 -65.50 -2.57 50.13
N ASP D 56 -65.60 -3.26 49.00
CA ASP D 56 -65.50 -2.59 47.71
C ASP D 56 -66.69 -1.66 47.50
N ASP D 57 -66.39 -0.44 47.04
CA ASP D 57 -67.42 0.55 46.77
C ASP D 57 -67.81 0.61 45.29
N LYS D 58 -66.89 0.26 44.40
CA LYS D 58 -67.18 0.19 42.97
C LYS D 58 -68.43 -0.63 42.72
N PRO D 59 -69.52 0.00 42.30
CA PRO D 59 -70.75 -0.75 42.04
C PRO D 59 -70.55 -1.82 40.98
N THR D 60 -69.66 -1.60 40.03
CA THR D 60 -69.38 -2.58 38.99
C THR D 60 -68.15 -3.42 39.32
N SER D 61 -67.66 -3.36 40.54
CA SER D 61 -66.50 -4.16 40.88
C SER D 61 -66.82 -5.64 40.76
N PRO D 62 -65.90 -6.44 40.22
CA PRO D 62 -66.02 -7.89 40.41
C PRO D 62 -65.86 -8.31 41.85
N ASN D 63 -65.33 -7.43 42.70
CA ASN D 63 -65.13 -7.70 44.11
C ASN D 63 -66.11 -6.93 44.98
N TYR D 64 -67.23 -6.50 44.40
CA TYR D 64 -68.15 -5.62 45.10
C TYR D 64 -68.64 -6.26 46.39
N GLY D 65 -68.75 -5.44 47.43
CA GLY D 65 -69.31 -5.90 48.69
C GLY D 65 -68.52 -7.01 49.33
N LYS D 66 -67.20 -6.87 49.40
CA LYS D 66 -66.39 -7.89 50.03
C LYS D 66 -65.11 -7.24 50.57
N GLU D 67 -64.46 -7.96 51.47
CA GLU D 67 -63.19 -7.51 52.01
C GLU D 67 -62.05 -8.06 51.15
N VAL D 68 -61.30 -7.15 50.53
CA VAL D 68 -60.11 -7.51 49.75
C VAL D 68 -58.98 -6.64 50.28
N TYR D 69 -57.75 -7.00 49.91
CA TYR D 69 -56.59 -6.40 50.52
C TYR D 69 -55.92 -5.50 49.51
N THR D 70 -55.43 -4.34 49.96
CA THR D 70 -54.86 -3.41 49.03
C THR D 70 -53.81 -2.54 49.68
N PRO D 71 -52.65 -2.37 49.06
CA PRO D 71 -51.67 -1.44 49.60
C PRO D 71 -52.21 -0.01 49.60
N VAL D 72 -51.80 0.76 50.59
CA VAL D 72 -52.31 2.11 50.79
C VAL D 72 -51.19 3.00 51.30
N THR D 73 -51.15 4.23 50.80
CA THR D 73 -50.12 5.19 51.13
C THR D 73 -50.69 6.26 52.06
N ILE D 74 -49.86 6.72 52.98
CA ILE D 74 -50.26 7.71 53.97
C ILE D 74 -49.66 9.05 53.59
N VAL D 75 -50.44 10.11 53.75
CA VAL D 75 -50.03 11.46 53.41
C VAL D 75 -50.41 12.37 54.57
N GLU D 76 -49.42 12.81 55.34
CA GLU D 76 -49.69 13.75 56.40
C GLU D 76 -50.10 15.09 55.80
N SER D 77 -51.13 15.70 56.38
CA SER D 77 -51.78 16.86 55.79
C SER D 77 -51.70 18.02 56.77
N PRO D 78 -50.56 18.68 56.84
CA PRO D 78 -50.42 19.82 57.71
C PRO D 78 -51.29 20.95 57.21
N PRO D 79 -51.68 21.87 58.08
CA PRO D 79 -52.53 22.98 57.64
C PRO D 79 -51.80 23.87 56.65
N ILE D 80 -52.58 24.54 55.82
CA ILE D 80 -52.06 25.43 54.78
C ILE D 80 -52.32 26.88 55.19
N LEU D 81 -51.32 27.72 54.99
CA LEU D 81 -51.39 29.13 55.34
C LEU D 81 -51.32 29.94 54.04
N GLY D 82 -52.43 30.57 53.69
CA GLY D 82 -52.48 31.34 52.46
C GLY D 82 -51.66 32.61 52.54
N LEU D 83 -51.31 33.13 51.37
CA LEU D 83 -50.51 34.34 51.30
C LEU D 83 -51.20 35.49 50.62
N ALA D 84 -51.73 35.30 49.41
CA ALA D 84 -52.13 36.44 48.61
C ALA D 84 -53.07 35.98 47.51
N LEU D 85 -53.61 36.95 46.77
CA LEU D 85 -54.47 36.69 45.64
C LEU D 85 -53.86 37.28 44.38
N ARG D 86 -53.87 36.50 43.30
CA ARG D 86 -53.21 36.87 42.06
C ARG D 86 -54.24 37.09 40.96
N ALA D 87 -54.04 38.15 40.18
CA ALA D 87 -54.99 38.56 39.15
C ALA D 87 -54.46 38.20 37.77
N TYR D 88 -55.21 37.37 37.06
CA TYR D 88 -54.88 36.99 35.68
C TYR D 88 -55.98 37.49 34.76
N HIS D 89 -55.57 38.10 33.65
CA HIS D 89 -56.51 38.68 32.71
C HIS D 89 -55.92 38.66 31.31
N ILE D 90 -56.79 38.83 30.33
CA ILE D 90 -56.33 38.97 28.97
C ILE D 90 -55.71 40.34 28.83
N ASP D 91 -54.37 40.40 28.88
CA ASP D 91 -53.66 41.66 28.84
C ASP D 91 -53.41 42.09 27.40
N SER D 92 -52.55 43.08 27.22
CA SER D 92 -52.09 43.43 25.89
C SER D 92 -51.45 42.21 25.23
N LYS D 93 -51.57 42.14 23.91
CA LYS D 93 -51.15 41.00 23.11
C LYS D 93 -52.04 39.79 23.33
N GLY D 94 -53.13 39.95 24.07
CA GLY D 94 -54.06 38.86 24.27
C GLY D 94 -53.52 37.66 25.01
N GLU D 95 -52.72 37.88 26.04
CA GLU D 95 -52.14 36.82 26.85
C GLU D 95 -52.72 36.87 28.26
N LEU D 96 -52.27 35.95 29.10
CA LEU D 96 -52.88 35.73 30.41
C LEU D 96 -51.89 35.92 31.54
N SER D 97 -51.06 36.96 31.45
CA SER D 97 -50.06 37.21 32.47
C SER D 97 -50.73 37.57 33.79
N VAL D 98 -49.89 37.82 34.80
CA VAL D 98 -50.39 38.30 36.07
C VAL D 98 -50.79 39.75 35.91
N LEU D 99 -52.07 40.05 36.14
CA LEU D 99 -52.45 41.45 36.24
C LEU D 99 -51.84 42.07 37.48
N VAL D 100 -52.17 41.55 38.65
CA VAL D 100 -51.66 42.11 39.90
C VAL D 100 -51.74 41.03 40.98
N ASP D 101 -51.03 41.24 42.07
CA ASP D 101 -51.11 40.40 43.26
C ASP D 101 -51.87 41.15 44.34
N TYR D 102 -52.24 40.43 45.41
CA TYR D 102 -52.94 41.02 46.55
C TYR D 102 -52.45 40.35 47.83
N TRP D 103 -51.41 40.94 48.44
CA TRP D 103 -50.79 40.35 49.62
C TRP D 103 -51.32 41.00 50.88
N ALA D 104 -51.49 40.20 51.94
CA ALA D 104 -51.87 40.77 53.23
C ALA D 104 -51.50 39.76 54.33
N ASN D 105 -50.39 40.03 55.03
CA ASN D 105 -50.11 39.43 56.32
C ASN D 105 -49.72 40.45 57.37
N PHE D 106 -49.76 41.74 57.03
CA PHE D 106 -49.55 42.76 58.05
C PHE D 106 -50.76 42.89 58.96
N GLU D 107 -51.94 42.55 58.46
CA GLU D 107 -53.14 42.56 59.29
C GLU D 107 -53.20 41.36 60.21
N GLU D 108 -52.49 40.28 59.87
CA GLU D 108 -52.43 39.05 60.64
C GLU D 108 -51.34 38.17 60.05
N GLY D 109 -50.58 37.51 60.91
CA GLY D 109 -49.49 36.72 60.40
C GLY D 109 -48.12 37.15 60.90
N SER D 110 -48.03 37.55 62.18
CA SER D 110 -46.72 37.94 62.69
C SER D 110 -45.86 36.69 62.80
N LEU D 111 -45.55 36.11 61.64
CA LEU D 111 -44.86 34.84 61.52
C LEU D 111 -43.60 35.07 60.69
N LYS D 112 -42.45 34.79 61.27
CA LYS D 112 -41.21 34.93 60.53
C LYS D 112 -40.88 33.71 59.70
N TYR D 113 -41.73 32.67 59.73
CA TYR D 113 -41.51 31.51 58.88
C TYR D 113 -41.37 31.93 57.42
N LEU D 114 -42.32 32.75 56.95
CA LEU D 114 -42.19 33.29 55.61
C LEU D 114 -40.91 34.09 55.47
N LYS D 115 -40.56 34.86 56.51
CA LYS D 115 -39.37 35.68 56.45
C LYS D 115 -38.11 34.86 56.25
N ARG D 116 -38.11 33.59 56.64
CA ARG D 116 -36.94 32.75 56.44
C ARG D 116 -36.57 32.64 54.97
N LYS D 117 -37.53 32.75 54.08
CA LYS D 117 -37.26 32.51 52.68
C LYS D 117 -37.49 33.72 51.79
N ILE D 118 -38.41 34.62 52.17
CA ILE D 118 -38.64 35.84 51.42
C ILE D 118 -38.48 37.02 52.37
N THR D 119 -37.76 38.05 51.93
CA THR D 119 -37.71 39.30 52.66
C THR D 119 -38.96 40.10 52.24
N SER D 120 -40.09 39.69 52.79
CA SER D 120 -41.40 40.13 52.29
C SER D 120 -41.72 41.54 52.78
N LEU D 121 -42.97 41.94 52.61
CA LEU D 121 -43.35 43.34 52.72
C LEU D 121 -43.16 43.88 54.12
N LYS D 122 -42.93 45.17 54.20
CA LYS D 122 -42.98 45.89 55.46
C LYS D 122 -44.28 46.67 55.56
N VAL D 123 -44.54 47.23 56.74
CA VAL D 123 -45.78 47.93 56.99
C VAL D 123 -45.78 49.32 56.36
N ASP D 124 -44.64 49.75 55.80
CA ASP D 124 -44.50 51.12 55.32
C ASP D 124 -45.53 51.46 54.25
N SER D 125 -45.73 50.57 53.29
CA SER D 125 -46.66 50.81 52.19
C SER D 125 -47.65 49.65 52.04
N SER D 126 -48.24 49.21 53.15
CA SER D 126 -49.21 48.12 53.07
C SER D 126 -50.52 48.68 52.53
N LYS D 127 -50.43 49.41 51.43
CA LYS D 127 -51.56 50.11 50.85
C LYS D 127 -52.14 49.31 49.69
N MET D 128 -52.52 48.07 49.97
CA MET D 128 -53.14 47.26 48.92
C MET D 128 -54.49 47.80 48.49
N LYS D 129 -54.95 48.90 49.09
CA LYS D 129 -56.26 49.43 48.75
C LYS D 129 -56.35 49.73 47.26
N GLU D 130 -55.39 50.50 46.74
CA GLU D 130 -55.39 50.78 45.32
C GLU D 130 -55.10 49.53 44.49
N LYS D 131 -54.43 48.54 45.07
CA LYS D 131 -54.28 47.28 44.36
C LYS D 131 -55.60 46.51 44.35
N LEU D 132 -56.27 46.42 45.49
CA LEU D 132 -57.44 45.55 45.57
C LEU D 132 -58.56 46.05 44.68
N ASP D 133 -58.87 47.35 44.75
CA ASP D 133 -59.96 47.87 43.93
C ASP D 133 -59.61 47.82 42.46
N LEU D 134 -58.32 47.74 42.14
CA LEU D 134 -57.93 47.52 40.75
C LEU D 134 -58.59 46.25 40.23
N ILE D 135 -58.61 45.20 41.04
CA ILE D 135 -59.39 44.02 40.69
C ILE D 135 -60.85 44.40 40.52
N GLN D 136 -61.37 45.17 41.46
CA GLN D 136 -62.77 45.60 41.37
C GLN D 136 -63.00 46.44 40.13
N LYS D 137 -62.09 47.37 39.84
CA LYS D 137 -62.17 48.10 38.59
C LYS D 137 -62.04 47.16 37.40
N ASN D 138 -61.13 46.19 37.49
CA ASN D 138 -60.94 45.21 36.43
C ASN D 138 -61.85 44.01 36.59
N LEU D 139 -62.94 44.16 37.32
CA LEU D 139 -63.88 43.06 37.43
C LEU D 139 -64.57 42.83 36.09
N ASN D 140 -65.09 41.61 35.92
CA ASN D 140 -65.83 41.13 34.76
C ASN D 140 -64.89 40.90 33.57
N ASN D 141 -63.66 41.40 33.61
CA ASN D 141 -62.70 41.17 32.55
C ASN D 141 -61.56 40.28 33.02
N ILE D 142 -61.82 39.40 33.97
CA ILE D 142 -60.84 38.49 34.52
C ILE D 142 -61.23 37.08 34.12
N THR D 143 -60.23 36.23 33.87
CA THR D 143 -60.50 34.85 33.47
C THR D 143 -60.22 33.84 34.58
N TYR D 144 -59.03 33.88 35.17
CA TYR D 144 -58.64 32.89 36.15
C TYR D 144 -58.27 33.56 37.47
N MET D 145 -58.41 32.80 38.55
CA MET D 145 -58.21 33.29 39.90
C MET D 145 -57.59 32.16 40.72
N ARG D 146 -56.28 32.22 40.92
CA ARG D 146 -55.54 31.23 41.67
C ARG D 146 -55.49 31.64 43.15
N LEU D 147 -54.55 31.05 43.90
CA LEU D 147 -54.36 31.44 45.29
C LEU D 147 -52.93 31.20 45.75
N LEU D 148 -52.38 32.16 46.49
CA LEU D 148 -51.06 32.02 47.11
C LEU D 148 -51.22 31.43 48.50
N VAL D 149 -50.65 30.24 48.69
CA VAL D 149 -50.66 29.55 49.96
C VAL D 149 -49.25 29.02 50.23
N SER D 150 -48.96 28.79 51.51
CA SER D 150 -47.69 28.20 51.91
C SER D 150 -47.94 26.98 52.79
N THR D 151 -46.97 26.08 52.78
CA THR D 151 -46.98 24.97 53.71
C THR D 151 -46.46 25.41 55.06
N GLN D 152 -46.70 24.59 56.07
CA GLN D 152 -46.31 24.87 57.44
C GLN D 152 -45.55 23.69 58.01
N PRO D 153 -44.43 23.30 57.38
CA PRO D 153 -43.75 22.07 57.80
C PRO D 153 -43.22 22.15 59.20
N TRP D 154 -43.05 23.36 59.74
CA TRP D 154 -42.62 23.49 61.12
C TRP D 154 -43.59 22.83 62.08
N LEU D 155 -44.83 22.62 61.67
CA LEU D 155 -45.75 21.80 62.43
C LEU D 155 -45.59 20.33 62.14
N VAL D 156 -44.50 19.94 61.50
CA VAL D 156 -44.21 18.52 61.26
C VAL D 156 -42.73 18.30 61.54
N PRO D 157 -42.35 17.77 62.70
CA PRO D 157 -40.93 17.55 62.97
C PRO D 157 -40.32 16.53 62.05
N SER D 158 -41.13 15.71 61.39
CA SER D 158 -40.58 14.68 60.52
C SER D 158 -39.66 15.28 59.47
N LEU D 159 -40.08 16.38 58.85
CA LEU D 159 -39.25 17.06 57.88
C LEU D 159 -38.53 18.19 58.61
N GLY D 160 -37.24 17.98 58.85
CA GLY D 160 -36.47 18.97 59.59
C GLY D 160 -36.19 20.19 58.75
N LYS D 161 -37.22 21.00 58.49
CA LYS D 161 -37.02 22.21 57.71
C LYS D 161 -37.95 23.29 58.26
N LYS D 162 -37.53 24.53 58.07
CA LYS D 162 -38.27 25.66 58.62
C LYS D 162 -38.53 26.78 57.63
N ARG D 163 -37.83 26.84 56.52
CA ARG D 163 -38.25 27.78 55.49
C ARG D 163 -39.20 27.08 54.53
N PRO D 164 -40.40 27.57 54.35
CA PRO D 164 -41.41 26.81 53.62
C PRO D 164 -41.52 27.16 52.16
N GLU D 165 -42.37 26.42 51.45
CA GLU D 165 -42.66 26.69 50.05
C GLU D 165 -43.97 27.46 49.97
N ILE D 166 -44.01 28.46 49.09
CA ILE D 166 -45.25 29.13 48.74
C ILE D 166 -45.60 28.75 47.31
N VAL D 167 -46.81 28.23 47.11
CA VAL D 167 -47.20 27.70 45.82
C VAL D 167 -48.63 28.11 45.50
N GLU D 168 -49.17 27.59 44.40
CA GLU D 168 -50.38 28.13 43.80
C GLU D 168 -51.45 27.07 43.65
N ILE D 169 -52.69 27.53 43.58
CA ILE D 169 -53.84 26.70 43.24
C ILE D 169 -54.92 27.60 42.65
N GLN D 170 -55.46 27.18 41.52
CA GLN D 170 -56.55 27.90 40.86
C GLN D 170 -57.88 27.43 41.43
N ILE D 171 -58.81 28.38 41.60
CA ILE D 171 -60.09 28.12 42.25
C ILE D 171 -61.21 28.28 41.23
N GLY D 172 -62.08 27.29 41.16
CA GLY D 172 -63.28 27.43 40.36
C GLY D 172 -64.52 27.36 41.21
N GLY D 173 -65.65 27.80 40.68
CA GLY D 173 -66.89 27.76 41.45
C GLY D 173 -68.07 28.38 40.74
N GLY D 174 -68.82 29.22 41.45
CA GLY D 174 -69.95 29.89 40.86
C GLY D 174 -69.55 31.12 40.08
N SER D 175 -70.21 32.25 40.32
CA SER D 175 -69.87 33.45 39.60
C SER D 175 -68.50 33.96 40.03
N ILE D 176 -67.90 34.76 39.14
CA ILE D 176 -66.57 35.30 39.40
C ILE D 176 -66.59 36.17 40.65
N GLN D 177 -67.58 37.06 40.75
CA GLN D 177 -67.68 37.92 41.92
C GLN D 177 -67.72 37.10 43.20
N ASP D 178 -68.43 35.98 43.18
CA ASP D 178 -68.46 35.11 44.34
C ASP D 178 -67.06 34.61 44.67
N GLN D 179 -66.34 34.17 43.64
CA GLN D 179 -65.08 33.47 43.86
C GLN D 179 -64.07 34.39 44.55
N LEU D 180 -63.99 35.64 44.11
CA LEU D 180 -63.06 36.57 44.74
C LEU D 180 -63.40 36.76 46.20
N ASN D 181 -64.68 36.89 46.52
CA ASN D 181 -65.09 37.01 47.91
C ASN D 181 -64.77 35.74 48.67
N TYR D 182 -65.02 34.58 48.05
CA TYR D 182 -64.67 33.32 48.68
C TYR D 182 -63.19 33.28 49.02
N GLY D 183 -62.34 33.62 48.06
CA GLY D 183 -60.92 33.69 48.34
C GLY D 183 -60.59 34.73 49.39
N LEU D 184 -61.22 35.90 49.30
CA LEU D 184 -60.92 36.98 50.24
C LEU D 184 -61.03 36.50 51.67
N SER D 185 -62.05 35.69 51.95
CA SER D 185 -62.22 35.15 53.29
C SER D 185 -61.04 34.27 53.68
N LEU D 186 -60.57 33.44 52.75
CA LEU D 186 -59.56 32.44 53.08
C LEU D 186 -58.23 33.05 53.46
N LEU D 187 -58.00 34.32 53.12
CA LEU D 187 -56.73 34.95 53.43
C LEU D 187 -56.54 35.10 54.93
N GLY D 188 -55.28 35.03 55.37
CA GLY D 188 -54.91 35.38 56.72
C GLY D 188 -55.27 34.36 57.76
N LYS D 189 -55.76 33.19 57.36
CA LYS D 189 -56.20 32.17 58.30
C LYS D 189 -55.57 30.82 57.97
N GLN D 190 -56.05 29.76 58.60
CA GLN D 190 -55.59 28.42 58.31
C GLN D 190 -56.73 27.59 57.74
N ILE D 191 -56.37 26.63 56.88
CA ILE D 191 -57.33 25.88 56.10
C ILE D 191 -57.00 24.39 56.17
N PRO D 192 -57.87 23.56 56.72
CA PRO D 192 -57.64 22.12 56.69
C PRO D 192 -57.96 21.50 55.33
N VAL D 193 -57.44 20.29 55.13
CA VAL D 193 -57.77 19.54 53.92
C VAL D 193 -59.26 19.27 53.88
N ARG D 194 -59.90 19.11 55.03
CA ARG D 194 -61.34 18.92 55.04
C ARG D 194 -62.06 20.15 54.50
N ASP D 195 -61.42 21.31 54.55
CA ASP D 195 -62.01 22.50 53.94
C ASP D 195 -62.03 22.42 52.43
N VAL D 196 -61.23 21.54 51.83
CA VAL D 196 -61.23 21.36 50.38
C VAL D 196 -61.70 19.96 49.99
N PHE D 197 -61.37 18.96 50.79
CA PHE D 197 -61.61 17.59 50.38
C PHE D 197 -62.61 16.91 51.30
N ARG D 198 -63.10 15.77 50.83
CA ARG D 198 -63.91 14.87 51.62
C ARG D 198 -63.56 13.45 51.21
N GLU D 199 -63.86 12.51 52.08
CA GLU D 199 -63.51 11.12 51.79
C GLU D 199 -64.31 10.62 50.60
N GLY D 200 -63.74 9.65 49.89
CA GLY D 200 -64.39 9.09 48.72
C GLY D 200 -64.24 9.90 47.46
N GLN D 201 -63.39 10.91 47.44
CA GLN D 201 -63.16 11.68 46.23
C GLN D 201 -62.07 11.03 45.39
N LEU D 202 -62.00 11.45 44.13
CA LEU D 202 -60.83 11.19 43.31
C LEU D 202 -59.85 12.34 43.45
N THR D 203 -58.58 12.07 43.15
CA THR D 203 -57.57 13.11 43.29
C THR D 203 -56.43 12.80 42.34
N ASP D 204 -55.79 13.87 41.85
CA ASP D 204 -54.70 13.75 40.90
C ASP D 204 -53.38 14.16 41.55
N ILE D 205 -52.30 13.61 41.00
CA ILE D 205 -50.98 13.73 41.61
C ILE D 205 -49.99 14.19 40.56
N ILE D 206 -49.33 15.31 40.84
CA ILE D 206 -48.17 15.77 40.10
C ILE D 206 -47.06 16.01 41.09
N GLY D 207 -45.90 15.39 40.85
CA GLY D 207 -44.82 15.51 41.80
C GLY D 207 -43.52 14.98 41.22
N VAL D 208 -42.53 14.87 42.09
CA VAL D 208 -41.18 14.52 41.69
C VAL D 208 -40.90 13.10 42.15
N THR D 209 -40.53 12.24 41.21
CA THR D 209 -40.36 10.83 41.48
C THR D 209 -39.05 10.58 42.21
N LYS D 210 -38.92 9.37 42.74
CA LYS D 210 -37.72 9.01 43.49
C LYS D 210 -36.49 9.11 42.60
N GLY D 211 -35.58 10.00 42.97
CA GLY D 211 -34.33 10.13 42.23
C GLY D 211 -33.49 8.88 42.34
N LYS D 212 -32.62 8.66 41.36
CA LYS D 212 -31.80 7.48 41.35
C LYS D 212 -30.34 7.72 41.00
N GLY D 213 -29.99 8.90 40.52
CA GLY D 213 -28.63 9.14 40.09
C GLY D 213 -28.46 8.83 38.62
N PHE D 214 -27.24 8.98 38.15
CA PHE D 214 -26.97 8.56 36.78
C PHE D 214 -27.22 7.07 36.70
N GLN D 215 -27.83 6.64 35.61
CA GLN D 215 -28.26 5.26 35.51
C GLN D 215 -27.62 4.56 34.33
N GLY D 216 -27.89 3.27 34.24
CA GLY D 216 -27.48 2.48 33.10
C GLY D 216 -28.63 2.23 32.16
N VAL D 217 -28.28 2.04 30.89
CA VAL D 217 -29.30 1.86 29.87
C VAL D 217 -30.11 0.62 30.15
N ILE D 218 -29.48 -0.42 30.69
CA ILE D 218 -30.23 -1.60 31.09
C ILE D 218 -31.39 -1.22 31.99
N LYS D 219 -31.13 -0.35 32.96
CA LYS D 219 -32.15 0.08 33.89
C LYS D 219 -33.00 1.23 33.37
N ARG D 220 -32.40 2.17 32.64
CA ARG D 220 -33.13 3.38 32.26
C ARG D 220 -34.32 3.06 31.38
N TYR D 221 -34.10 2.31 30.31
CA TYR D 221 -35.15 2.06 29.32
C TYR D 221 -35.46 0.58 29.20
N SER D 222 -35.05 -0.22 30.19
CA SER D 222 -35.32 -1.65 30.21
C SER D 222 -34.82 -2.34 28.94
N VAL D 223 -33.63 -1.95 28.49
CA VAL D 223 -33.07 -2.61 27.32
C VAL D 223 -32.55 -3.99 27.70
N VAL D 224 -32.41 -4.84 26.70
CA VAL D 224 -32.25 -6.27 26.95
C VAL D 224 -30.78 -6.63 27.01
N GLU D 225 -30.43 -7.46 27.99
CA GLU D 225 -29.13 -8.11 28.01
C GLU D 225 -28.93 -8.95 26.75
N PHE D 226 -27.78 -8.80 26.11
CA PHE D 226 -27.50 -9.63 24.94
C PHE D 226 -27.47 -11.10 25.35
N PRO D 227 -27.92 -12.00 24.48
CA PRO D 227 -28.07 -13.40 24.86
C PRO D 227 -26.73 -14.07 25.17
N ARG D 228 -26.81 -15.05 26.07
CA ARG D 228 -25.71 -15.92 26.52
C ARG D 228 -24.31 -15.37 26.30
N TRP D 229 -23.76 -15.61 25.13
CA TRP D 229 -22.34 -15.45 24.84
C TRP D 229 -21.80 -14.08 25.23
N HIS D 230 -22.62 -13.04 25.05
CA HIS D 230 -22.20 -11.73 25.50
C HIS D 230 -22.05 -11.63 27.00
N LYS D 231 -22.74 -12.50 27.77
CA LYS D 231 -22.40 -12.64 29.19
C LYS D 231 -20.97 -13.13 29.38
N HIS D 232 -20.24 -13.32 28.28
CA HIS D 232 -18.84 -13.71 28.32
C HIS D 232 -17.96 -12.90 27.37
N ARG D 233 -18.54 -12.07 26.48
CA ARG D 233 -17.80 -11.56 25.33
C ARG D 233 -18.02 -10.08 25.10
N LYS D 234 -16.94 -9.31 25.15
CA LYS D 234 -16.77 -7.96 24.62
C LYS D 234 -17.58 -6.88 25.32
N GLY D 235 -18.47 -7.25 26.24
CA GLY D 235 -19.37 -6.29 26.84
C GLY D 235 -20.82 -6.71 26.71
N SER D 236 -21.64 -6.35 27.68
CA SER D 236 -23.00 -6.87 27.75
C SER D 236 -24.06 -5.79 27.94
N ARG D 237 -23.73 -4.72 28.64
CA ARG D 237 -24.72 -3.73 29.06
C ARG D 237 -24.70 -2.51 28.14
N LYS D 238 -25.05 -2.72 26.88
CA LYS D 238 -25.11 -1.62 25.93
C LYS D 238 -25.91 -2.06 24.71
N ILE D 239 -26.39 -1.07 23.97
CA ILE D 239 -27.05 -1.34 22.70
C ILE D 239 -25.99 -1.59 21.63
N GLY D 240 -26.29 -2.49 20.70
CA GLY D 240 -25.34 -2.76 19.65
C GLY D 240 -25.16 -1.60 18.70
N ALA D 241 -26.15 -1.36 17.84
CA ALA D 241 -26.08 -0.29 16.87
C ALA D 241 -26.74 0.96 17.44
N ARG D 242 -26.43 2.10 16.85
CA ARG D 242 -26.93 3.38 17.31
C ARG D 242 -27.50 4.18 16.16
N GLY D 243 -28.22 3.50 15.27
CA GLY D 243 -28.87 4.16 14.16
C GLY D 243 -28.40 3.63 12.82
N PRO D 244 -29.25 3.72 11.79
CA PRO D 244 -28.84 3.26 10.47
C PRO D 244 -27.69 4.05 9.90
N SER D 245 -27.60 5.32 10.24
CA SER D 245 -26.54 6.21 9.79
C SER D 245 -26.67 7.51 10.56
N ILE D 246 -25.83 8.48 10.22
CA ILE D 246 -25.86 9.77 10.90
C ILE D 246 -27.13 10.49 10.47
N SER D 247 -27.93 9.83 9.65
CA SER D 247 -29.27 10.34 9.40
C SER D 247 -30.06 10.20 10.68
N THR D 248 -29.94 11.21 11.56
CA THR D 248 -30.54 11.28 12.88
C THR D 248 -30.09 10.12 13.76
N PRO D 249 -28.84 10.13 14.30
CA PRO D 249 -28.61 9.33 15.51
C PRO D 249 -29.69 9.74 16.47
N SER D 250 -30.66 8.85 16.66
CA SER D 250 -32.01 9.27 16.90
C SER D 250 -32.36 9.22 18.38
N TYR D 251 -33.65 9.30 18.67
CA TYR D 251 -34.18 8.91 19.98
C TYR D 251 -34.02 7.40 20.09
N VAL D 252 -32.95 7.02 20.77
CA VAL D 252 -32.55 5.63 20.96
C VAL D 252 -32.17 5.54 22.43
N PRO D 253 -32.19 4.38 23.06
CA PRO D 253 -31.76 4.32 24.46
C PRO D 253 -30.31 4.74 24.61
N GLN D 254 -30.10 5.83 25.34
CA GLN D 254 -28.77 6.27 25.73
C GLN D 254 -28.77 6.60 27.22
N PRO D 255 -27.62 6.50 27.86
CA PRO D 255 -27.58 6.66 29.32
C PRO D 255 -27.99 8.05 29.75
N GLY D 256 -28.11 8.25 31.04
CA GLY D 256 -28.46 9.55 31.57
C GLY D 256 -29.21 9.43 32.88
N GLN D 257 -29.62 10.57 33.38
CA GLN D 257 -30.31 10.62 34.66
C GLN D 257 -31.68 9.97 34.56
N LEU D 258 -32.05 9.23 35.59
CA LEU D 258 -33.39 8.70 35.71
C LEU D 258 -33.86 8.91 37.14
N GLY D 259 -35.12 9.33 37.28
CA GLY D 259 -35.67 9.68 38.57
C GLY D 259 -35.78 11.19 38.71
N PHE D 260 -36.29 11.60 39.87
CA PHE D 260 -36.40 13.01 40.21
C PHE D 260 -37.14 13.81 39.15
N HIS D 261 -37.97 13.14 38.35
CA HIS D 261 -38.67 13.79 37.25
C HIS D 261 -40.00 14.37 37.67
N ARG D 262 -40.40 15.39 36.92
CA ARG D 262 -41.79 15.82 36.92
C ARG D 262 -42.60 14.79 36.15
N ARG D 263 -43.56 14.16 36.82
CA ARG D 263 -44.34 13.09 36.22
C ARG D 263 -45.82 13.32 36.49
N THR D 264 -46.62 12.28 36.30
CA THR D 264 -48.07 12.41 36.31
C THR D 264 -48.68 11.20 37.00
N GLU D 265 -49.92 11.36 37.45
CA GLU D 265 -50.69 10.24 37.95
C GLU D 265 -52.18 10.51 37.80
N TYR D 266 -52.93 9.47 37.45
CA TYR D 266 -54.35 9.55 37.18
C TYR D 266 -55.12 8.60 38.09
N ASN D 267 -56.39 8.94 38.34
CA ASN D 267 -57.36 8.02 38.95
C ASN D 267 -56.89 7.54 40.33
N LYS D 268 -56.85 8.48 41.27
CA LYS D 268 -56.51 8.13 42.64
C LYS D 268 -57.66 8.56 43.56
N ARG D 269 -58.22 7.59 44.27
CA ARG D 269 -59.39 7.80 45.12
C ARG D 269 -58.99 7.66 46.58
N ILE D 270 -59.35 8.65 47.39
CA ILE D 270 -58.90 8.66 48.77
C ILE D 270 -59.67 7.61 49.56
N ILE D 271 -59.14 7.23 50.71
CA ILE D 271 -59.77 6.26 51.59
C ILE D 271 -60.25 6.90 52.88
N LYS D 272 -59.33 7.43 53.68
CA LYS D 272 -59.70 7.95 54.98
C LYS D 272 -59.01 9.27 55.25
N ILE D 273 -59.74 10.18 55.90
CA ILE D 273 -59.13 11.35 56.51
C ILE D 273 -59.37 11.30 58.01
N GLY D 274 -58.45 10.67 58.73
CA GLY D 274 -58.59 10.52 60.16
C GLY D 274 -57.88 11.63 60.92
N ASP D 275 -58.01 11.58 62.23
CA ASP D 275 -57.36 12.57 63.07
C ASP D 275 -56.74 11.99 64.32
N ASN D 276 -56.85 10.69 64.56
CA ASN D 276 -56.16 10.05 65.66
C ASN D 276 -54.88 9.45 65.14
N VAL D 277 -53.74 9.98 65.58
CA VAL D 277 -52.46 9.48 65.11
C VAL D 277 -52.29 8.03 65.50
N ASN D 278 -52.90 7.61 66.61
CA ASN D 278 -52.73 6.24 67.06
C ASN D 278 -53.41 5.25 66.15
N GLU D 279 -54.35 5.70 65.32
CA GLU D 279 -55.03 4.77 64.43
C GLU D 279 -54.16 4.31 63.27
N ILE D 280 -53.10 5.03 62.95
CA ILE D 280 -52.35 4.78 61.72
C ILE D 280 -50.87 4.54 61.99
N ASN D 281 -50.36 5.06 63.09
CA ASN D 281 -48.93 4.96 63.32
C ASN D 281 -48.52 3.50 63.48
N PRO D 282 -47.54 3.04 62.73
CA PRO D 282 -47.13 1.63 62.80
C PRO D 282 -46.22 1.42 63.99
N ALA D 283 -45.66 0.22 64.07
CA ALA D 283 -44.82 -0.12 65.21
C ALA D 283 -43.49 0.60 65.13
N GLY D 284 -43.02 1.04 66.30
CA GLY D 284 -41.64 1.48 66.45
C GLY D 284 -41.26 2.73 65.71
N GLY D 285 -42.22 3.54 65.32
CA GLY D 285 -41.89 4.69 64.52
C GLY D 285 -41.83 4.32 63.05
N ILE D 286 -42.61 5.01 62.23
CA ILE D 286 -42.66 4.70 60.81
C ILE D 286 -41.28 4.82 60.20
N VAL D 287 -41.00 3.98 59.22
CA VAL D 287 -39.63 3.84 58.72
C VAL D 287 -39.19 5.13 58.06
N ASN D 288 -38.01 5.60 58.45
CA ASN D 288 -37.33 6.72 57.81
C ASN D 288 -38.11 8.02 57.87
N TYR D 289 -39.24 8.04 58.56
CA TYR D 289 -40.11 9.21 58.56
C TYR D 289 -40.33 9.81 59.94
N GLY D 290 -40.72 9.00 60.92
CA GLY D 290 -40.93 9.51 62.26
C GLY D 290 -42.22 9.08 62.91
N LEU D 291 -43.05 10.04 63.30
CA LEU D 291 -44.31 9.76 63.96
C LEU D 291 -45.31 10.82 63.53
N VAL D 292 -46.28 10.45 62.71
CA VAL D 292 -47.21 11.44 62.17
C VAL D 292 -48.01 12.07 63.29
N LYS D 293 -48.07 13.41 63.30
CA LYS D 293 -48.78 14.08 64.38
C LYS D 293 -49.70 15.20 63.89
N ASN D 294 -50.22 15.10 62.67
CA ASN D 294 -51.30 15.95 62.21
C ASN D 294 -52.27 15.09 61.41
N THR D 295 -53.26 15.74 60.78
CA THR D 295 -54.21 15.00 59.98
C THR D 295 -53.54 14.40 58.75
N TYR D 296 -54.01 13.23 58.33
CA TYR D 296 -53.33 12.44 57.33
C TYR D 296 -54.30 11.96 56.27
N LEU D 297 -53.76 11.69 55.08
CA LEU D 297 -54.55 11.27 53.93
C LEU D 297 -54.22 9.83 53.59
N VAL D 298 -55.25 9.01 53.51
CA VAL D 298 -55.11 7.57 53.38
C VAL D 298 -55.39 7.21 51.92
N ILE D 299 -54.34 7.09 51.12
CA ILE D 299 -54.48 6.92 49.68
C ILE D 299 -53.91 5.56 49.28
N GLU D 300 -54.69 4.81 48.52
CA GLU D 300 -54.31 3.45 48.16
C GLU D 300 -53.33 3.48 46.99
N GLY D 301 -53.10 2.31 46.38
CA GLY D 301 -52.24 2.23 45.22
C GLY D 301 -50.82 2.64 45.56
N SER D 302 -50.14 3.20 44.57
CA SER D 302 -48.80 3.73 44.77
C SER D 302 -48.77 5.20 44.41
N VAL D 303 -47.94 5.95 45.11
CA VAL D 303 -47.74 7.38 44.86
C VAL D 303 -46.29 7.61 44.53
N LEU D 304 -46.04 8.28 43.41
CA LEU D 304 -44.67 8.48 42.94
C LEU D 304 -43.90 9.34 43.92
N GLY D 305 -42.58 9.20 43.90
CA GLY D 305 -41.73 10.09 44.64
C GLY D 305 -41.12 9.43 45.87
N SER D 306 -40.02 10.02 46.32
CA SER D 306 -39.32 9.52 47.49
C SER D 306 -40.01 9.99 48.76
N ARG D 307 -39.70 9.32 49.86
CA ARG D 307 -40.17 9.76 51.16
C ARG D 307 -39.63 11.14 51.49
N LYS D 308 -40.44 11.91 52.19
CA LYS D 308 -40.08 13.27 52.57
C LYS D 308 -39.93 14.17 51.34
N ARG D 309 -40.97 14.18 50.51
CA ARG D 309 -41.11 15.14 49.43
C ARG D 309 -42.47 15.81 49.59
N PRO D 310 -42.55 17.13 49.47
CA PRO D 310 -43.86 17.76 49.35
C PRO D 310 -44.58 17.26 48.11
N LEU D 311 -45.91 17.15 48.21
CA LEU D 311 -46.75 16.68 47.11
C LEU D 311 -47.96 17.59 46.95
N PHE D 312 -48.26 17.97 45.72
CA PHE D 312 -49.37 18.86 45.42
C PHE D 312 -50.45 18.08 44.69
N LEU D 313 -51.69 18.20 45.15
CA LEU D 313 -52.76 17.32 44.72
C LEU D 313 -53.76 18.10 43.89
N ARG D 314 -54.74 17.40 43.32
CA ARG D 314 -55.60 18.03 42.34
C ARG D 314 -56.82 17.16 42.05
N TYR D 315 -57.93 17.83 41.71
CA TYR D 315 -59.13 17.12 41.30
C TYR D 315 -58.90 16.31 40.03
N PRO D 316 -59.77 15.33 39.76
CA PRO D 316 -59.56 14.45 38.62
C PRO D 316 -59.66 15.19 37.29
N ILE D 317 -58.67 15.00 36.44
CA ILE D 317 -58.69 15.58 35.11
C ILE D 317 -59.55 14.77 34.16
N ARG D 318 -59.41 13.44 34.15
CA ARG D 318 -60.27 12.57 33.35
C ARG D 318 -60.70 11.40 34.23
N PRO D 319 -61.53 11.66 35.23
CA PRO D 319 -61.92 10.60 36.16
C PRO D 319 -62.57 9.44 35.42
N SER D 320 -62.21 8.23 35.83
CA SER D 320 -62.81 7.05 35.24
C SER D 320 -64.24 6.83 35.72
N TRP D 321 -64.48 7.00 37.01
CA TRP D 321 -65.80 6.80 37.58
C TRP D 321 -66.04 7.82 38.67
N SER D 322 -67.30 8.19 38.84
CA SER D 322 -67.68 9.11 39.89
C SER D 322 -67.77 8.34 41.20
N PRO D 323 -66.97 8.70 42.19
CA PRO D 323 -66.97 7.94 43.43
C PRO D 323 -67.91 8.53 44.46
N GLU D 324 -68.45 7.62 45.28
CA GLU D 324 -69.17 8.02 46.48
C GLU D 324 -68.19 8.09 47.64
N SER D 325 -68.67 8.61 48.77
CA SER D 325 -67.77 8.79 49.89
C SER D 325 -67.60 7.51 50.69
N ALA D 326 -66.58 7.50 51.52
CA ALA D 326 -66.41 6.54 52.61
C ALA D 326 -66.40 5.09 52.16
N PRO D 327 -65.33 4.64 51.53
CA PRO D 327 -65.14 3.19 51.41
C PRO D 327 -64.67 2.60 52.73
N LYS D 328 -65.61 2.23 53.60
CA LYS D 328 -65.28 1.91 54.97
C LYS D 328 -64.27 0.77 55.06
N ILE D 329 -63.54 0.75 56.17
CA ILE D 329 -62.38 -0.10 56.33
C ILE D 329 -62.67 -1.17 57.36
N THR D 330 -61.76 -2.13 57.49
CA THR D 330 -61.85 -3.14 58.53
C THR D 330 -60.53 -3.44 59.22
N TYR D 331 -59.39 -3.03 58.68
CA TYR D 331 -58.14 -3.30 59.37
C TYR D 331 -57.06 -2.31 58.94
N VAL D 332 -56.21 -1.94 59.89
CA VAL D 332 -55.04 -1.10 59.64
C VAL D 332 -53.84 -1.82 60.24
N ASN D 333 -52.75 -1.88 59.47
CA ASN D 333 -51.56 -2.62 59.89
C ASN D 333 -50.65 -1.72 60.70
N LEU D 334 -50.58 -1.95 62.00
CA LEU D 334 -49.64 -1.23 62.85
C LEU D 334 -48.34 -1.98 63.02
N ALA D 335 -48.17 -3.10 62.35
CA ALA D 335 -46.95 -3.88 62.49
C ALA D 335 -45.75 -3.07 62.00
N SER D 336 -44.58 -3.39 62.52
CA SER D 336 -43.39 -2.66 62.13
C SER D 336 -43.12 -2.84 60.65
N GLN D 337 -42.78 -1.74 59.98
CA GLN D 337 -42.28 -1.85 58.63
C GLN D 337 -40.99 -2.64 58.59
N GLN D 338 -40.22 -2.60 59.67
CA GLN D 338 -39.12 -3.52 59.84
C GLN D 338 -39.65 -4.89 60.24
N GLY D 339 -38.82 -5.91 60.03
CA GLY D 339 -39.14 -7.26 60.46
C GLY D 339 -39.81 -8.15 59.43
N LYS E 1 50.70 58.20 -37.78
CA LYS E 1 51.78 59.16 -37.55
C LYS E 1 51.92 59.43 -36.07
N VAL E 2 53.09 59.13 -35.51
CA VAL E 2 53.32 59.25 -34.07
C VAL E 2 54.69 59.84 -33.82
N SER E 3 54.80 60.57 -32.72
CA SER E 3 56.06 61.16 -32.31
C SER E 3 56.90 60.13 -31.56
N VAL E 4 58.14 60.50 -31.28
CA VAL E 4 59.09 59.64 -30.59
C VAL E 4 59.57 60.35 -29.33
N LEU E 5 59.64 59.62 -28.23
CA LEU E 5 60.00 60.21 -26.94
C LEU E 5 61.23 59.55 -26.35
N ASP E 6 61.98 60.34 -25.59
CA ASP E 6 63.26 59.99 -25.03
C ASP E 6 63.11 59.54 -23.58
N LEU E 7 64.24 59.44 -22.88
CA LEU E 7 64.27 59.24 -21.45
C LEU E 7 63.94 60.50 -20.66
N LYS E 8 63.77 61.65 -21.32
CA LYS E 8 63.49 62.88 -20.61
C LYS E 8 62.09 63.43 -20.86
N GLY E 9 61.55 63.26 -22.04
CA GLY E 9 60.22 63.74 -22.35
C GLY E 9 60.10 64.80 -23.42
N ASN E 10 60.95 64.77 -24.45
CA ASN E 10 60.88 65.73 -25.53
C ASN E 10 60.73 65.00 -26.86
N GLN E 11 59.78 65.45 -27.67
CA GLN E 11 59.57 64.85 -28.98
C GLN E 11 60.79 65.07 -29.86
N LEU E 12 61.27 64.01 -30.50
CA LEU E 12 62.47 64.16 -31.31
C LEU E 12 62.46 63.39 -32.64
N GLU E 13 61.55 62.45 -32.89
CA GLU E 13 61.34 61.96 -34.24
C GLU E 13 59.86 61.72 -34.46
N GLU E 14 59.54 61.20 -35.65
CA GLU E 14 58.14 61.04 -36.06
C GLU E 14 58.08 60.03 -37.19
N ILE E 15 57.38 58.93 -36.99
CA ILE E 15 57.13 57.96 -38.05
C ILE E 15 55.66 57.55 -38.01
N GLU E 16 55.16 57.14 -39.17
CA GLU E 16 53.86 56.49 -39.26
C GLU E 16 54.05 55.01 -38.96
N LEU E 17 53.26 54.49 -38.04
CA LEU E 17 53.41 53.12 -37.60
C LEU E 17 53.00 52.16 -38.71
N PRO E 18 53.47 50.91 -38.64
CA PRO E 18 53.05 49.92 -39.63
C PRO E 18 51.54 49.75 -39.62
N LEU E 19 51.01 49.41 -40.80
CA LEU E 19 49.58 49.46 -41.05
C LEU E 19 48.74 48.66 -40.08
N PHE E 20 49.35 47.86 -39.21
CA PHE E 20 48.56 47.14 -38.21
C PHE E 20 47.79 48.10 -37.32
N PHE E 21 48.47 49.14 -36.83
CA PHE E 21 47.90 49.98 -35.79
C PHE E 21 46.61 50.66 -36.21
N SER E 22 46.32 50.73 -37.49
CA SER E 22 45.09 51.34 -37.95
C SER E 22 43.93 50.37 -37.98
N TYR E 23 44.13 49.12 -37.58
CA TYR E 23 43.11 48.11 -37.82
C TYR E 23 41.84 48.43 -37.04
N PRO E 24 40.69 48.02 -37.55
CA PRO E 24 39.45 48.14 -36.78
C PRO E 24 39.53 47.36 -35.48
N VAL E 25 38.92 47.92 -34.44
CA VAL E 25 39.00 47.33 -33.10
C VAL E 25 37.84 46.35 -32.99
N ARG E 26 38.02 45.18 -33.59
CA ARG E 26 36.97 44.18 -33.66
C ARG E 26 36.78 43.54 -32.29
N LYS E 27 35.88 44.11 -31.50
CA LYS E 27 35.69 43.66 -30.13
C LYS E 27 35.36 42.17 -30.08
N ASP E 28 34.42 41.74 -30.90
CA ASP E 28 33.83 40.41 -30.74
C ASP E 28 34.90 39.33 -30.80
N LEU E 29 35.75 39.37 -31.82
CA LEU E 29 36.77 38.35 -31.95
C LEU E 29 37.72 38.37 -30.78
N ILE E 30 38.00 39.55 -30.25
CA ILE E 30 38.96 39.66 -29.15
C ILE E 30 38.50 38.83 -27.96
N ARG E 31 37.25 39.02 -27.55
CA ARG E 31 36.72 38.23 -26.44
C ARG E 31 36.75 36.76 -26.79
N ARG E 32 36.34 36.41 -28.01
CA ARG E 32 36.39 35.02 -28.43
C ARG E 32 37.81 34.49 -28.47
N VAL E 33 38.80 35.36 -28.32
CA VAL E 33 40.18 34.97 -28.11
C VAL E 33 40.59 35.15 -26.66
N PHE E 34 40.33 36.34 -26.11
CA PHE E 34 40.68 36.60 -24.72
C PHE E 34 40.10 35.54 -23.81
N LEU E 35 38.90 35.05 -24.14
CA LEU E 35 38.36 33.90 -23.45
C LEU E 35 39.15 32.64 -23.78
N SER E 36 39.42 32.41 -25.06
CA SER E 36 39.87 31.10 -25.51
C SER E 36 41.15 30.68 -24.79
N GLU E 37 42.17 31.52 -24.83
CA GLU E 37 43.40 31.17 -24.13
C GLU E 37 43.16 31.10 -22.63
N PHE E 38 42.28 31.94 -22.11
CA PHE E 38 42.03 31.92 -20.67
C PHE E 38 41.47 30.59 -20.22
N THR E 39 40.82 29.86 -21.13
CA THR E 39 40.35 28.53 -20.81
C THR E 39 41.48 27.60 -20.41
N LYS E 40 42.68 27.84 -20.94
CA LYS E 40 43.77 26.91 -20.73
C LYS E 40 44.13 26.78 -19.26
N SER E 41 44.09 27.87 -18.52
CA SER E 41 44.58 27.88 -17.14
C SER E 41 43.54 27.40 -16.14
N LEU E 42 42.48 26.72 -16.55
CA LEU E 42 41.53 26.15 -15.60
C LEU E 42 41.96 24.73 -15.25
N GLN E 43 42.67 24.61 -14.13
CA GLN E 43 43.08 23.28 -13.70
C GLN E 43 41.85 22.44 -13.40
N PRO E 44 41.64 21.35 -14.12
CA PRO E 44 40.34 20.67 -14.10
C PRO E 44 39.90 20.34 -12.69
N LYS E 45 38.78 20.94 -12.29
CA LYS E 45 38.21 20.64 -11.01
C LYS E 45 37.34 19.39 -11.09
N GLY E 46 36.92 18.91 -9.93
CA GLY E 46 36.05 17.76 -9.91
C GLY E 46 35.77 17.21 -8.53
N ARG E 47 34.51 16.93 -8.25
CA ARG E 47 34.12 16.29 -7.00
C ARG E 47 34.60 14.85 -6.97
N ASP E 48 34.75 14.30 -5.77
CA ASP E 48 35.24 12.93 -5.66
C ASP E 48 34.28 11.93 -6.28
N PRO E 49 34.75 11.01 -7.10
CA PRO E 49 33.87 10.04 -7.72
C PRO E 49 33.18 9.14 -6.72
N LEU E 50 33.83 8.87 -5.58
CA LEU E 50 33.31 7.92 -4.61
C LEU E 50 32.74 8.63 -3.39
N ALA E 51 32.26 9.86 -3.55
CA ALA E 51 31.72 10.59 -2.41
C ALA E 51 30.41 9.97 -1.96
N GLY E 52 30.31 9.73 -0.66
CA GLY E 52 29.06 9.26 -0.08
C GLY E 52 28.66 7.86 -0.49
N LYS E 53 29.27 7.35 -1.56
CA LYS E 53 28.89 6.04 -2.05
C LYS E 53 29.36 4.92 -1.14
N ARG E 54 30.14 5.22 -0.10
CA ARG E 54 30.66 4.17 0.77
C ARG E 54 29.57 3.64 1.69
N THR E 55 28.48 3.15 1.12
CA THR E 55 27.38 2.65 1.93
C THR E 55 26.75 1.45 1.26
N SER E 56 26.07 0.65 2.07
CA SER E 56 25.27 -0.46 1.56
C SER E 56 23.80 -0.15 1.65
N ALA E 57 23.46 1.12 1.82
CA ALA E 57 22.09 1.51 2.09
C ALA E 57 21.14 0.96 1.03
N LEU E 58 19.88 0.84 1.41
CA LEU E 58 18.91 0.18 0.56
C LEU E 58 17.52 0.65 0.97
N SER E 59 16.57 0.49 0.07
CA SER E 59 15.18 0.67 0.43
C SER E 59 14.75 -0.45 1.37
N PHE E 60 13.81 -0.14 2.25
CA PHE E 60 13.15 -1.15 3.05
C PHE E 60 12.06 -1.85 2.29
N GLY E 61 12.06 -1.73 0.97
CA GLY E 61 10.97 -2.35 0.26
C GLY E 61 9.70 -1.54 0.43
N ILE E 62 8.59 -2.20 0.15
CA ILE E 62 7.28 -1.58 0.09
C ILE E 62 6.38 -2.32 1.07
N ASN E 63 5.21 -1.72 1.34
CA ASN E 63 4.16 -2.32 2.14
C ASN E 63 4.55 -2.25 3.61
N LEU E 64 5.79 -1.84 3.88
CA LEU E 64 6.15 -1.54 5.26
C LEU E 64 5.32 -0.38 5.78
N GLY E 65 5.10 0.63 4.96
CA GLY E 65 4.36 1.79 5.42
C GLY E 65 5.22 2.58 6.38
N ILE E 66 5.68 1.91 7.45
CA ILE E 66 6.65 2.53 8.35
C ILE E 66 7.85 3.01 7.55
N ALA E 67 8.30 2.19 6.60
CA ALA E 67 9.14 2.74 5.55
C ALA E 67 8.22 3.57 4.69
N ARG E 68 8.10 4.85 5.04
CA ARG E 68 7.13 5.70 4.37
C ARG E 68 7.34 5.71 2.88
N VAL E 69 8.60 5.77 2.45
CA VAL E 69 8.91 5.99 1.04
C VAL E 69 10.05 5.08 0.61
N PRO E 70 10.21 4.86 -0.68
CA PRO E 70 11.30 4.02 -1.16
C PRO E 70 12.66 4.69 -1.04
N ARG E 71 12.73 5.77 -0.26
CA ARG E 71 14.02 6.25 0.23
C ARG E 71 14.86 5.06 0.67
N VAL E 72 16.16 5.15 0.45
CA VAL E 72 17.05 4.05 0.80
C VAL E 72 17.70 4.36 2.14
N LYS E 73 17.71 3.36 3.02
CA LYS E 73 18.26 3.51 4.36
C LYS E 73 19.20 2.35 4.66
N GLY E 74 20.24 2.62 5.44
CA GLY E 74 21.14 1.58 5.85
C GLY E 74 20.84 1.02 7.22
N SER E 75 20.08 -0.07 7.27
CA SER E 75 19.83 -0.83 8.50
C SER E 75 19.45 0.06 9.68
N GLY E 76 18.72 1.15 9.40
CA GLY E 76 18.25 2.01 10.46
C GLY E 76 18.23 3.50 10.17
N GLU E 77 19.09 3.96 9.26
CA GLU E 77 19.16 5.38 8.90
C GLU E 77 19.28 5.54 7.39
N ALA E 78 18.73 6.63 6.89
CA ALA E 78 18.63 6.91 5.46
C ALA E 78 19.85 7.65 4.96
N ALA E 79 20.30 7.29 3.75
CA ALA E 79 21.44 7.94 3.11
C ALA E 79 21.39 7.60 1.62
N LEU E 80 22.48 7.91 0.92
CA LEU E 80 22.72 7.46 -0.45
C LEU E 80 21.79 8.11 -1.47
N ALA E 81 20.75 8.75 -1.00
CA ALA E 81 19.85 9.30 -1.99
C ALA E 81 20.38 10.64 -2.49
N PRO E 82 20.17 10.95 -3.76
CA PRO E 82 20.62 12.24 -4.27
C PRO E 82 20.01 13.40 -3.51
N ASN E 83 18.80 13.25 -3.00
CA ASN E 83 18.07 14.38 -2.47
C ASN E 83 18.33 14.64 -1.00
N THR E 84 18.88 13.68 -0.27
CA THR E 84 18.98 13.80 1.17
C THR E 84 20.42 14.09 1.62
N VAL E 85 20.63 13.96 2.92
CA VAL E 85 21.84 14.46 3.56
C VAL E 85 23.06 13.66 3.12
N GLY E 86 24.14 14.37 2.83
CA GLY E 86 25.46 13.80 2.77
C GLY E 86 25.75 12.90 1.60
N GLY E 87 24.73 12.32 0.98
CA GLY E 87 24.95 11.41 -0.12
C GLY E 87 25.63 12.08 -1.30
N ARG E 88 25.89 11.29 -2.32
CA ARG E 88 26.57 11.81 -3.49
C ARG E 88 25.70 12.83 -4.21
N LEU E 89 26.35 13.77 -4.88
CA LEU E 89 25.68 14.89 -5.51
C LEU E 89 24.76 14.41 -6.63
N ALA E 90 23.90 15.32 -7.08
CA ALA E 90 23.04 15.02 -8.21
C ALA E 90 23.86 14.77 -9.47
N PHE E 91 24.77 15.68 -9.78
CA PHE E 91 25.57 15.59 -11.00
C PHE E 91 26.91 16.23 -10.71
N PRO E 92 27.80 15.50 -10.03
CA PRO E 92 29.01 16.10 -9.49
C PRO E 92 29.96 16.48 -10.60
N PRO E 93 30.51 17.70 -10.56
CA PRO E 93 31.53 18.08 -11.54
C PRO E 93 32.75 17.18 -11.43
N THR E 94 33.34 16.87 -12.58
CA THR E 94 34.51 16.02 -12.68
C THR E 94 35.51 16.62 -13.65
N THR E 95 36.77 16.23 -13.49
CA THR E 95 37.82 16.73 -14.36
C THR E 95 37.64 16.29 -15.80
N GLU E 96 36.81 15.29 -16.04
CA GLU E 96 36.59 14.84 -17.41
C GLU E 96 35.88 15.89 -18.26
N LYS E 97 35.25 16.88 -17.64
CA LYS E 97 34.56 17.92 -18.39
C LYS E 97 35.54 18.73 -19.22
N ARG E 98 35.08 19.18 -20.38
CA ARG E 98 35.92 20.01 -21.25
C ARG E 98 36.20 21.35 -20.59
N LEU E 99 37.35 21.93 -20.92
CA LEU E 99 37.65 23.26 -20.40
C LEU E 99 38.06 24.26 -21.47
N VAL E 100 38.79 23.85 -22.47
CA VAL E 100 39.41 24.80 -23.37
C VAL E 100 38.50 25.11 -24.55
N GLU E 101 38.68 26.31 -25.11
CA GLU E 101 37.95 26.76 -26.30
C GLU E 101 38.97 26.99 -27.40
N GLU E 102 39.12 26.00 -28.27
CA GLU E 102 40.17 26.02 -29.26
C GLU E 102 39.90 27.06 -30.34
N VAL E 103 40.97 27.68 -30.81
CA VAL E 103 40.92 28.65 -31.90
C VAL E 103 41.99 28.25 -32.90
N ASN E 104 41.70 28.42 -34.19
CA ASN E 104 42.74 28.14 -35.16
C ASN E 104 43.88 29.13 -35.01
N LEU E 105 45.09 28.68 -35.34
CA LEU E 105 46.27 29.53 -35.23
C LEU E 105 46.06 30.83 -35.99
N LYS E 106 45.67 30.74 -37.25
CA LYS E 106 45.40 31.93 -38.03
C LYS E 106 44.32 32.76 -37.36
N GLU E 107 43.25 32.10 -36.92
CA GLU E 107 42.14 32.80 -36.29
C GLU E 107 42.60 33.56 -35.07
N LYS E 108 43.44 32.94 -34.25
CA LYS E 108 44.01 33.63 -33.11
C LYS E 108 44.84 34.82 -33.57
N LYS E 109 45.69 34.61 -34.58
CA LYS E 109 46.68 35.60 -34.95
C LYS E 109 46.02 36.90 -35.42
N LEU E 110 45.13 36.80 -36.42
CA LEU E 110 44.54 38.00 -36.99
C LEU E 110 43.75 38.77 -35.93
N GLY E 111 43.19 38.06 -34.96
CA GLY E 111 42.54 38.76 -33.86
C GLY E 111 43.52 39.57 -33.04
N ILE E 112 44.72 39.02 -32.81
CA ILE E 112 45.67 39.65 -31.90
C ILE E 112 45.96 41.06 -32.33
N ILE E 113 46.00 41.30 -33.65
CA ILE E 113 46.31 42.61 -34.15
C ILE E 113 45.34 43.64 -33.59
N SER E 114 44.06 43.29 -33.52
CA SER E 114 43.05 44.26 -33.14
C SER E 114 43.42 44.95 -31.85
N ALA E 115 43.74 44.15 -30.83
CA ALA E 115 44.14 44.73 -29.56
C ALA E 115 45.38 45.59 -29.73
N LEU E 116 46.35 45.10 -30.50
CA LEU E 116 47.54 45.90 -30.75
C LEU E 116 47.14 47.26 -31.32
N ALA E 117 46.30 47.25 -32.34
CA ALA E 117 45.81 48.51 -32.88
C ALA E 117 44.95 49.24 -31.87
N ALA E 118 44.22 48.50 -31.02
CA ALA E 118 43.38 49.15 -30.04
C ALA E 118 44.17 50.11 -29.19
N THR E 119 45.46 49.84 -29.01
CA THR E 119 46.28 50.74 -28.23
C THR E 119 46.54 52.05 -28.92
N ALA E 120 46.04 52.26 -30.13
CA ALA E 120 46.34 53.49 -30.83
C ALA E 120 45.30 54.58 -30.61
N ASP E 121 44.03 54.24 -30.68
CA ASP E 121 42.98 55.25 -30.65
C ASP E 121 42.93 55.92 -29.28
N PRO E 122 43.10 57.24 -29.20
CA PRO E 122 42.87 57.93 -27.93
C PRO E 122 41.45 57.79 -27.43
N ASN E 123 40.48 57.53 -28.32
CA ASN E 123 39.14 57.26 -27.84
C ASN E 123 39.08 55.97 -27.05
N PHE E 124 39.62 54.89 -27.62
CA PHE E 124 39.47 53.60 -26.97
C PHE E 124 40.24 53.52 -25.68
N VAL E 125 41.43 54.12 -25.61
CA VAL E 125 42.22 54.04 -24.39
C VAL E 125 41.47 54.67 -23.23
N LYS E 126 40.81 55.80 -23.50
CA LYS E 126 39.98 56.37 -22.46
C LYS E 126 38.68 55.60 -22.28
N ALA E 127 38.28 54.82 -23.28
CA ALA E 127 37.07 54.00 -23.12
C ALA E 127 37.26 52.99 -22.00
N ARG E 128 38.44 52.40 -21.90
CA ARG E 128 38.74 51.63 -20.71
C ARG E 128 38.97 52.53 -19.50
N GLY E 129 39.00 53.84 -19.69
CA GLY E 129 39.10 54.75 -18.58
C GLY E 129 40.49 54.94 -18.03
N HIS E 130 41.51 54.38 -18.67
CA HIS E 130 42.87 54.67 -18.27
C HIS E 130 43.11 56.16 -18.29
N ARG E 131 43.71 56.67 -17.23
CA ARG E 131 43.99 58.10 -17.14
C ARG E 131 45.45 58.34 -17.45
N PHE E 132 45.72 59.40 -18.21
CA PHE E 132 47.05 59.66 -18.74
C PHE E 132 47.09 61.09 -19.26
N THR E 133 48.17 61.80 -18.94
CA THR E 133 48.30 63.18 -19.36
C THR E 133 49.03 63.34 -20.68
N SER E 134 49.47 62.25 -21.30
CA SER E 134 50.17 62.36 -22.58
C SER E 134 49.23 62.85 -23.66
N ASN E 135 49.66 63.85 -24.41
CA ASN E 135 48.86 64.34 -25.52
C ASN E 135 48.73 63.30 -26.62
N ASN E 136 49.73 62.45 -26.80
CA ASN E 136 49.76 61.47 -27.87
C ASN E 136 49.75 60.07 -27.29
N VAL E 137 48.87 59.23 -27.83
CA VAL E 137 48.83 57.81 -27.46
C VAL E 137 48.73 56.98 -28.73
N PRO E 138 49.46 55.87 -28.84
CA PRO E 138 50.42 55.35 -27.86
C PRO E 138 51.69 56.17 -27.78
N ILE E 139 52.69 55.64 -27.08
CA ILE E 139 53.92 56.35 -26.79
C ILE E 139 55.10 55.44 -27.09
N ILE E 140 56.11 55.99 -27.76
CA ILE E 140 57.29 55.25 -28.21
C ILE E 140 58.51 55.79 -27.49
N LEU E 141 59.29 54.89 -26.89
CA LEU E 141 60.49 55.26 -26.18
C LEU E 141 61.72 54.84 -26.99
N VAL E 142 62.69 55.75 -27.08
CA VAL E 142 63.93 55.44 -27.80
C VAL E 142 64.57 54.20 -27.19
N ASP E 143 65.08 53.34 -28.05
CA ASP E 143 65.42 52.00 -27.62
C ASP E 143 66.58 51.93 -26.68
N ASP E 144 67.12 53.03 -26.16
CA ASP E 144 68.04 52.91 -25.04
C ASP E 144 67.32 52.50 -23.75
N PHE E 145 65.98 52.45 -23.79
CA PHE E 145 65.20 52.09 -22.62
C PHE E 145 65.66 50.77 -22.02
N GLU E 146 66.08 49.84 -22.87
CA GLU E 146 66.38 48.48 -22.46
C GLU E 146 67.53 48.36 -21.47
N ASN E 147 68.12 49.48 -21.06
CA ASN E 147 69.33 49.43 -20.26
C ASN E 147 69.18 50.10 -18.91
N ILE E 148 68.11 49.80 -18.18
CA ILE E 148 67.92 50.28 -16.83
C ILE E 148 67.78 49.09 -15.90
N SER E 149 68.46 49.14 -14.76
CA SER E 149 68.35 48.11 -13.75
C SER E 149 67.69 48.61 -12.48
N LYS E 150 68.19 49.71 -11.91
CA LYS E 150 67.58 50.27 -10.72
C LYS E 150 66.12 50.58 -10.99
N ALA E 151 65.25 50.15 -10.08
CA ALA E 151 63.81 50.24 -10.35
C ALA E 151 63.31 51.68 -10.25
N LYS E 152 63.91 52.48 -9.37
CA LYS E 152 63.33 53.78 -9.07
C LYS E 152 63.32 54.70 -10.29
N GLU E 153 64.39 54.66 -11.09
CA GLU E 153 64.45 55.52 -12.26
C GLU E 153 63.33 55.24 -13.24
N ILE E 154 62.72 54.05 -13.17
CA ILE E 154 61.58 53.76 -14.01
C ILE E 154 60.47 54.76 -13.75
N MET E 155 60.29 55.13 -12.49
CA MET E 155 59.16 55.98 -12.11
C MET E 155 59.22 57.31 -12.84
N ASP E 156 60.38 57.95 -12.86
CA ASP E 156 60.50 59.27 -13.49
C ASP E 156 60.13 59.20 -14.96
N ILE E 157 60.40 58.08 -15.60
CA ILE E 157 59.99 57.91 -17.00
C ILE E 157 58.48 57.97 -17.11
N LEU E 158 57.79 57.21 -16.24
CA LEU E 158 56.34 57.30 -16.21
C LEU E 158 55.89 58.66 -15.70
N LYS E 159 56.75 59.37 -14.96
CA LYS E 159 56.51 60.76 -14.64
C LYS E 159 56.84 61.68 -15.81
N SER E 160 57.86 61.33 -16.59
CA SER E 160 58.29 62.14 -17.70
C SER E 160 57.16 62.42 -18.67
N ILE E 161 56.66 61.38 -19.32
CA ILE E 161 55.61 61.55 -20.31
C ILE E 161 54.28 61.71 -19.60
N GLY E 162 54.32 61.75 -18.27
CA GLY E 162 53.13 62.04 -17.51
C GLY E 162 52.14 60.89 -17.48
N VAL E 163 52.49 59.80 -16.80
CA VAL E 163 51.61 58.67 -16.64
C VAL E 163 51.32 58.36 -15.18
N VAL E 164 51.85 59.17 -14.25
CA VAL E 164 51.77 58.86 -12.83
C VAL E 164 50.33 58.68 -12.36
N ASP E 165 49.37 59.30 -13.05
CA ASP E 165 47.99 59.25 -12.58
C ASP E 165 47.47 57.82 -12.61
N ASP E 166 47.63 57.12 -13.75
CA ASP E 166 47.17 55.74 -13.81
C ASP E 166 47.97 54.86 -12.88
N ILE E 167 49.21 55.25 -12.58
CA ILE E 167 49.96 54.58 -11.53
C ILE E 167 49.22 54.70 -10.21
N LYS E 168 48.85 55.93 -9.84
CA LYS E 168 48.03 56.11 -8.65
C LYS E 168 46.66 55.48 -8.82
N ARG E 169 46.13 55.48 -10.04
CA ARG E 169 44.81 54.90 -10.24
C ARG E 169 44.84 53.41 -9.96
N VAL E 170 45.91 52.73 -10.36
CA VAL E 170 46.10 51.36 -9.90
C VAL E 170 46.33 51.35 -8.41
N LYS E 171 47.01 52.37 -7.88
CA LYS E 171 47.31 52.39 -6.46
C LYS E 171 46.05 52.34 -5.60
N GLU E 172 44.90 52.70 -6.17
CA GLU E 172 43.63 52.50 -5.47
C GLU E 172 43.18 51.04 -5.59
N SER E 173 44.03 50.17 -5.04
CA SER E 173 43.67 48.77 -4.85
C SER E 173 42.35 48.68 -4.12
N LYS E 174 41.37 48.06 -4.77
CA LYS E 174 40.01 48.13 -4.26
C LYS E 174 39.88 47.27 -3.01
N GLY E 175 40.64 47.63 -1.97
CA GLY E 175 40.55 47.00 -0.67
C GLY E 175 40.50 45.50 -0.78
N VAL E 176 39.39 44.91 -0.33
CA VAL E 176 39.20 43.48 -0.36
C VAL E 176 38.00 43.15 -1.23
N ARG E 177 38.21 42.27 -2.20
CA ARG E 177 37.09 41.79 -3.01
C ARG E 177 36.14 41.00 -2.14
N ALA E 178 34.85 41.11 -2.45
CA ALA E 178 33.87 40.37 -1.67
C ALA E 178 33.96 38.88 -2.00
N GLY E 179 33.32 38.08 -1.16
CA GLY E 179 33.24 36.66 -1.39
C GLY E 179 34.36 35.88 -0.74
N LYS E 180 34.32 34.56 -0.95
CA LYS E 180 35.22 33.65 -0.27
C LYS E 180 36.64 33.74 -0.78
N GLY E 181 36.85 34.34 -1.95
CA GLY E 181 38.18 34.33 -2.53
C GLY E 181 39.22 34.95 -1.63
N LYS E 182 38.78 35.82 -0.72
CA LYS E 182 39.72 36.39 0.24
C LYS E 182 40.42 35.29 1.01
N MET E 183 39.76 34.18 1.26
CA MET E 183 40.44 33.06 1.87
C MET E 183 40.83 32.01 0.85
N ARG E 184 40.73 32.32 -0.43
CA ARG E 184 41.25 31.42 -1.45
C ARG E 184 42.27 32.16 -2.31
N GLY E 185 43.21 32.85 -1.66
CA GLY E 185 44.33 33.45 -2.34
C GLY E 185 44.02 34.77 -2.99
N ARG E 186 42.91 34.86 -3.71
CA ARG E 186 42.58 36.07 -4.43
C ARG E 186 42.03 37.11 -3.47
N ARG E 187 42.79 37.44 -2.43
CA ARG E 187 42.26 38.29 -1.37
C ARG E 187 42.05 39.72 -1.82
N TYR E 188 42.53 40.12 -2.99
CA TYR E 188 42.35 41.49 -3.42
C TYR E 188 41.95 41.54 -4.89
N GLN E 189 41.70 42.76 -5.37
CA GLN E 189 41.48 43.03 -6.78
C GLN E 189 42.14 44.36 -7.09
N ILE E 190 42.89 44.42 -8.19
CA ILE E 190 43.70 45.58 -8.51
C ILE E 190 43.43 45.98 -9.96
N ALA E 191 43.26 47.28 -10.18
CA ALA E 191 43.12 47.78 -11.53
C ALA E 191 44.40 47.52 -12.32
N LYS E 192 44.25 47.06 -13.56
CA LYS E 192 45.42 46.82 -14.37
C LYS E 192 46.12 48.12 -14.68
N GLY E 193 47.43 48.05 -14.87
CA GLY E 193 48.22 49.23 -15.07
C GLY E 193 48.94 49.25 -16.38
N PRO E 194 49.88 50.18 -16.53
CA PRO E 194 50.55 50.36 -17.81
C PRO E 194 51.27 49.10 -18.25
N LEU E 195 51.31 48.90 -19.57
CA LEU E 195 51.91 47.74 -20.19
C LEU E 195 53.16 48.16 -20.95
N ILE E 196 54.26 47.45 -20.73
CA ILE E 196 55.51 47.67 -21.44
C ILE E 196 55.87 46.43 -22.23
N VAL E 197 56.14 46.61 -23.52
CA VAL E 197 56.63 45.56 -24.40
C VAL E 197 58.01 45.97 -24.89
N VAL E 198 58.98 45.07 -24.76
CA VAL E 198 60.34 45.39 -25.14
C VAL E 198 60.79 44.40 -26.22
N SER E 199 61.79 44.83 -26.97
CA SER E 199 62.20 44.09 -28.16
C SER E 199 62.71 42.71 -27.79
N ASN E 200 63.66 42.63 -26.87
CA ASN E 200 64.22 41.37 -26.45
C ASN E 200 63.98 41.18 -24.96
N HIS E 201 63.87 39.93 -24.54
CA HIS E 201 63.81 39.65 -23.12
C HIS E 201 65.21 39.61 -22.56
N LYS E 202 65.32 39.29 -21.27
CA LYS E 202 66.60 39.21 -20.59
C LYS E 202 67.33 40.54 -20.59
N SER E 203 66.73 41.58 -21.15
CA SER E 203 67.29 42.91 -20.96
C SER E 203 67.13 43.29 -19.49
N PRO E 204 67.98 44.20 -18.99
CA PRO E 204 67.88 44.56 -17.57
C PRO E 204 66.50 45.00 -17.15
N VAL E 205 65.76 45.69 -18.02
CA VAL E 205 64.46 46.20 -17.62
C VAL E 205 63.38 45.14 -17.59
N VAL E 206 63.67 43.94 -18.10
CA VAL E 206 62.64 42.91 -18.19
C VAL E 206 62.06 42.62 -16.82
N GLU E 207 62.92 42.48 -15.83
CA GLU E 207 62.49 42.18 -14.48
C GLU E 207 62.46 43.44 -13.61
N SER E 208 63.08 44.52 -14.07
CA SER E 208 63.41 45.64 -13.19
C SER E 208 62.19 46.42 -12.72
N ALA E 209 61.01 46.16 -13.27
CA ALA E 209 59.85 46.97 -12.96
C ALA E 209 58.71 46.19 -12.34
N SER E 210 58.91 44.93 -12.01
CA SER E 210 57.79 44.16 -11.48
C SER E 210 57.37 44.60 -10.10
N ASN E 211 57.81 45.75 -9.61
CA ASN E 211 57.33 46.28 -8.34
C ASN E 211 56.16 47.24 -8.50
N ILE E 212 56.16 48.05 -9.54
CA ILE E 212 55.09 49.05 -9.69
C ILE E 212 53.77 48.34 -9.97
N PRO E 213 52.73 48.61 -9.20
CA PRO E 213 51.48 47.88 -9.37
C PRO E 213 50.91 48.10 -10.77
N GLY E 214 50.29 47.05 -11.28
CA GLY E 214 49.59 47.13 -12.54
C GLY E 214 50.44 46.92 -13.77
N VAL E 215 51.75 46.93 -13.66
CA VAL E 215 52.60 46.90 -14.83
C VAL E 215 53.17 45.50 -15.03
N ASN E 216 53.50 45.19 -16.28
CA ASN E 216 54.13 43.94 -16.63
C ASN E 216 55.11 44.19 -17.77
N VAL E 217 56.08 43.30 -17.91
CA VAL E 217 57.05 43.34 -19.00
C VAL E 217 56.95 42.02 -19.74
N VAL E 218 56.68 42.10 -21.04
CA VAL E 218 56.44 40.93 -21.87
C VAL E 218 57.03 41.17 -23.25
N SER E 219 57.67 40.14 -23.81
CA SER E 219 58.46 40.31 -25.02
C SER E 219 57.57 40.32 -26.26
N ALA E 220 57.91 41.21 -27.19
CA ALA E 220 57.04 41.48 -28.34
C ALA E 220 56.70 40.20 -29.09
N ASN E 221 57.70 39.37 -29.35
CA ASN E 221 57.48 38.13 -30.08
C ASN E 221 56.61 37.17 -29.28
N LEU E 222 56.17 37.60 -28.10
CA LEU E 222 55.35 36.77 -27.24
C LEU E 222 53.98 37.37 -26.90
N VAL E 223 53.84 38.69 -26.93
CA VAL E 223 52.70 39.32 -26.28
C VAL E 223 51.43 39.07 -27.07
N SER E 224 50.32 38.90 -26.36
CA SER E 224 49.03 38.66 -27.00
C SER E 224 47.95 39.35 -26.18
N VAL E 225 46.70 38.98 -26.48
CA VAL E 225 45.55 39.67 -25.93
C VAL E 225 45.55 39.59 -24.41
N ILE E 226 46.04 38.48 -23.85
CA ILE E 226 46.07 38.28 -22.41
C ILE E 226 46.84 39.37 -21.70
N HIS E 227 47.58 40.18 -22.45
CA HIS E 227 48.21 41.35 -21.87
C HIS E 227 47.61 42.65 -22.35
N LEU E 228 47.08 42.67 -23.57
CA LEU E 228 46.56 43.91 -24.10
C LEU E 228 45.11 44.15 -23.68
N ALA E 229 44.34 43.10 -23.45
CA ALA E 229 42.92 43.25 -23.14
C ALA E 229 42.57 42.54 -21.85
N PRO E 230 43.12 42.97 -20.74
CA PRO E 230 42.75 42.34 -19.48
C PRO E 230 41.31 42.69 -19.16
N GLY E 231 40.43 41.74 -19.40
CA GLY E 231 39.00 41.95 -19.20
C GLY E 231 38.19 42.08 -20.46
N GLY E 232 38.77 41.84 -21.63
CA GLY E 232 37.98 41.95 -22.84
C GLY E 232 37.41 43.32 -23.06
N HIS E 233 38.10 44.35 -22.61
CA HIS E 233 37.76 45.74 -22.90
C HIS E 233 39.01 46.41 -23.45
N PRO E 234 39.45 45.98 -24.63
CA PRO E 234 40.79 46.34 -25.08
C PRO E 234 40.95 47.84 -25.26
N GLY E 235 42.16 48.30 -25.00
CA GLY E 235 42.44 49.72 -25.02
C GLY E 235 43.33 50.12 -23.87
N ARG E 236 43.68 49.13 -23.04
CA ARG E 236 44.61 49.34 -21.95
C ARG E 236 45.85 50.10 -22.43
N LEU E 237 46.28 51.06 -21.62
CA LEU E 237 47.43 51.87 -21.99
C LEU E 237 48.67 51.01 -22.17
N THR E 238 49.46 51.32 -23.20
CA THR E 238 50.61 50.52 -23.57
C THR E 238 51.76 51.42 -23.98
N ILE E 239 52.98 50.87 -23.89
CA ILE E 239 54.21 51.57 -24.24
C ILE E 239 55.03 50.66 -25.14
N TYR E 240 55.73 51.26 -26.11
CA TYR E 240 56.54 50.50 -27.04
C TYR E 240 57.86 51.23 -27.30
N THR E 241 58.78 50.54 -27.96
CA THR E 241 60.05 51.10 -28.35
C THR E 241 60.29 50.86 -29.84
N LYS E 242 61.11 51.71 -30.43
CA LYS E 242 61.29 51.68 -31.88
C LYS E 242 61.72 50.30 -32.35
N SER E 243 62.75 49.75 -31.72
CA SER E 243 63.24 48.44 -32.13
C SER E 243 62.14 47.39 -32.04
N SER E 244 61.35 47.46 -30.98
CA SER E 244 60.26 46.51 -30.82
C SER E 244 59.31 46.57 -32.00
N ILE E 245 58.99 47.78 -32.46
CA ILE E 245 58.00 47.94 -33.51
C ILE E 245 58.41 47.17 -34.75
N ASN E 246 59.67 47.28 -35.15
CA ASN E 246 60.13 46.53 -36.31
C ASN E 246 59.93 45.04 -36.11
N ILE E 247 60.14 44.57 -34.88
CA ILE E 247 59.88 43.17 -34.60
C ILE E 247 58.41 42.85 -34.83
N LEU E 248 57.54 43.82 -34.60
CA LEU E 248 56.14 43.60 -34.90
C LEU E 248 55.87 43.63 -36.40
N ARG E 249 56.49 44.59 -37.10
CA ARG E 249 56.06 44.91 -38.45
C ARG E 249 56.16 43.73 -39.40
N GLN E 250 56.95 42.74 -39.04
CA GLN E 250 57.17 41.56 -39.86
C GLN E 250 55.92 40.67 -40.04
N ARG E 251 54.70 41.04 -39.68
CA ARG E 251 53.56 40.17 -39.94
C ARG E 251 52.52 40.81 -40.85
N LYS F 1 -48.40 -17.16 -114.80
CA LYS F 1 -49.15 -17.31 -113.56
C LYS F 1 -48.23 -17.23 -112.34
N GLU F 2 -48.58 -16.33 -111.41
CA GLU F 2 -47.84 -16.25 -110.16
C GLU F 2 -47.98 -17.51 -109.32
N ASN F 3 -49.03 -18.30 -109.53
CA ASN F 3 -49.22 -19.51 -108.76
C ASN F 3 -48.23 -20.61 -109.13
N VAL F 4 -47.54 -20.50 -110.27
CA VAL F 4 -46.64 -21.56 -110.69
C VAL F 4 -45.47 -21.71 -109.74
N MET F 5 -45.15 -20.67 -108.98
CA MET F 5 -44.08 -20.73 -108.00
C MET F 5 -44.58 -20.48 -106.58
N ARG F 6 -45.89 -20.33 -106.41
CA ARG F 6 -46.55 -20.57 -105.14
C ARG F 6 -46.86 -22.05 -104.94
N ARG F 7 -46.51 -22.87 -105.91
CA ARG F 7 -46.80 -24.30 -105.88
C ARG F 7 -46.08 -24.97 -104.73
N VAL F 8 -46.45 -26.23 -104.48
CA VAL F 8 -45.86 -27.05 -103.44
C VAL F 8 -45.07 -28.16 -104.13
N VAL F 9 -43.83 -28.36 -103.69
CA VAL F 9 -42.98 -29.40 -104.26
C VAL F 9 -42.43 -30.27 -103.13
N LEU F 10 -42.06 -31.49 -103.49
CA LEU F 10 -41.46 -32.42 -102.55
C LEU F 10 -39.97 -32.13 -102.43
N ASP F 11 -39.42 -32.29 -101.24
CA ASP F 11 -38.02 -32.00 -101.02
C ASP F 11 -37.52 -32.73 -99.78
N LYS F 12 -36.23 -33.05 -99.81
CA LYS F 12 -35.45 -33.55 -98.67
C LYS F 12 -36.20 -34.54 -97.79
N VAL F 13 -36.59 -35.69 -98.35
CA VAL F 13 -37.16 -36.75 -97.54
C VAL F 13 -36.14 -37.19 -96.50
N THR F 14 -36.61 -37.52 -95.31
CA THR F 14 -35.73 -37.92 -94.21
C THR F 14 -35.74 -39.42 -94.05
N VAL F 15 -34.57 -40.03 -94.10
CA VAL F 15 -34.41 -41.46 -93.92
C VAL F 15 -33.64 -41.69 -92.63
N ASN F 16 -34.35 -41.88 -91.52
CA ASN F 16 -33.76 -41.94 -90.19
C ASN F 16 -34.03 -43.29 -89.56
N ILE F 17 -32.98 -43.91 -89.04
CA ILE F 17 -33.08 -45.18 -88.31
C ILE F 17 -32.90 -44.87 -86.84
N GLY F 18 -33.88 -45.29 -86.03
CA GLY F 18 -33.81 -45.09 -84.61
C GLY F 18 -33.44 -46.36 -83.85
N VAL F 19 -32.21 -46.42 -83.36
CA VAL F 19 -31.77 -47.57 -82.60
C VAL F 19 -31.55 -47.24 -81.12
N GLY F 20 -31.08 -46.03 -80.80
CA GLY F 20 -30.97 -45.60 -79.43
C GLY F 20 -29.85 -46.24 -78.65
N GLU F 21 -28.92 -46.91 -79.31
CA GLU F 21 -27.78 -47.53 -78.65
C GLU F 21 -26.54 -47.26 -79.50
N SER F 22 -25.42 -47.85 -79.09
CA SER F 22 -24.17 -47.70 -79.83
C SER F 22 -23.45 -49.03 -79.86
N GLY F 23 -23.05 -49.47 -81.05
CA GLY F 23 -22.23 -50.65 -81.20
C GLY F 23 -22.97 -51.82 -81.80
N GLU F 24 -22.29 -52.53 -82.70
CA GLU F 24 -22.63 -53.87 -83.22
C GLU F 24 -24.00 -53.90 -83.89
N ARG F 25 -24.70 -52.78 -83.93
CA ARG F 25 -25.99 -52.72 -84.60
C ARG F 25 -26.03 -51.54 -85.56
N LEU F 26 -25.30 -50.49 -85.23
CA LEU F 26 -25.22 -49.34 -86.11
C LEU F 26 -24.60 -49.71 -87.44
N GLN F 27 -23.54 -50.53 -87.40
CA GLN F 27 -22.84 -50.90 -88.62
C GLN F 27 -23.76 -51.61 -89.60
N LYS F 28 -24.47 -52.64 -89.13
CA LYS F 28 -25.40 -53.33 -90.01
C LYS F 28 -26.53 -52.42 -90.44
N ALA F 29 -27.04 -51.59 -89.53
CA ALA F 29 -28.06 -50.63 -89.91
C ALA F 29 -27.52 -49.62 -90.91
N TYR F 30 -26.26 -49.23 -90.74
CA TYR F 30 -25.65 -48.28 -91.67
C TYR F 30 -25.62 -48.83 -93.08
N GLN F 31 -25.18 -50.08 -93.24
CA GLN F 31 -25.15 -50.68 -94.56
C GLN F 31 -26.53 -51.12 -95.02
N LEU F 32 -27.42 -51.47 -94.09
CA LEU F 32 -28.76 -51.91 -94.46
C LEU F 32 -29.49 -50.82 -95.23
N VAL F 33 -29.49 -49.60 -94.69
CA VAL F 33 -30.12 -48.49 -95.38
C VAL F 33 -29.30 -48.01 -96.56
N GLN F 34 -28.01 -48.40 -96.63
CA GLN F 34 -27.15 -47.93 -97.71
C GLN F 34 -27.70 -48.32 -99.08
N GLU F 35 -27.98 -49.61 -99.27
CA GLU F 35 -28.53 -50.04 -100.55
C GLU F 35 -29.99 -49.62 -100.70
N LEU F 36 -30.69 -49.37 -99.60
CA LEU F 36 -32.05 -48.84 -99.69
C LEU F 36 -32.04 -47.43 -100.27
N THR F 37 -31.07 -46.62 -99.87
CA THR F 37 -30.99 -45.23 -100.32
C THR F 37 -29.99 -45.02 -101.44
N GLY F 38 -28.98 -45.87 -101.56
CA GLY F 38 -27.96 -45.67 -102.57
C GLY F 38 -26.95 -44.60 -102.26
N VAL F 39 -26.99 -44.02 -101.07
CA VAL F 39 -26.06 -42.98 -100.66
C VAL F 39 -25.50 -43.33 -99.30
N LYS F 40 -24.35 -42.75 -98.99
CA LYS F 40 -23.70 -43.00 -97.72
C LYS F 40 -24.44 -42.28 -96.60
N PRO F 41 -24.94 -42.99 -95.60
CA PRO F 41 -25.69 -42.34 -94.52
C PRO F 41 -24.75 -41.65 -93.54
N VAL F 42 -25.33 -41.07 -92.50
CA VAL F 42 -24.58 -40.38 -91.46
C VAL F 42 -25.11 -40.82 -90.10
N TYR F 43 -24.19 -41.11 -89.18
CA TYR F 43 -24.57 -41.45 -87.82
C TYR F 43 -25.08 -40.20 -87.09
N THR F 44 -25.80 -40.44 -85.99
CA THR F 44 -26.36 -39.38 -85.18
C THR F 44 -25.69 -39.38 -83.81
N LYS F 45 -25.04 -38.28 -83.46
CA LYS F 45 -24.48 -38.14 -82.13
C LYS F 45 -25.59 -37.96 -81.10
N GLY F 46 -25.34 -38.46 -79.89
CA GLY F 46 -26.33 -38.41 -78.85
C GLY F 46 -26.47 -37.02 -78.25
N ARG F 47 -27.71 -36.69 -77.88
CA ARG F 47 -27.99 -35.46 -77.16
C ARG F 47 -27.64 -35.66 -75.68
N LYS F 48 -28.11 -34.76 -74.83
CA LYS F 48 -27.87 -34.82 -73.39
C LYS F 48 -28.14 -36.22 -72.85
N SER F 49 -27.18 -36.75 -72.11
CA SER F 49 -27.29 -38.10 -71.58
C SER F 49 -28.44 -38.20 -70.59
N ILE F 50 -29.13 -39.34 -70.61
CA ILE F 50 -30.28 -39.53 -69.75
C ILE F 50 -30.06 -40.64 -68.72
N ARG F 51 -29.06 -41.51 -68.91
CA ARG F 51 -28.66 -42.57 -67.99
C ARG F 51 -29.68 -43.70 -68.01
N GLU F 52 -30.82 -43.46 -68.63
CA GLU F 52 -31.80 -44.49 -68.91
C GLU F 52 -32.09 -44.47 -70.41
N PHE F 53 -32.56 -45.59 -70.92
CA PHE F 53 -32.65 -45.88 -72.35
C PHE F 53 -31.27 -45.99 -72.99
N GLY F 54 -30.21 -45.97 -72.19
CA GLY F 54 -28.87 -46.17 -72.71
C GLY F 54 -28.41 -45.11 -73.69
N VAL F 55 -28.61 -43.84 -73.36
CA VAL F 55 -28.29 -42.73 -74.26
C VAL F 55 -27.29 -41.81 -73.59
N ARG F 56 -26.25 -41.42 -74.32
CA ARG F 56 -25.19 -40.57 -73.80
C ARG F 56 -24.82 -39.51 -74.83
N LYS F 57 -24.26 -38.41 -74.35
CA LYS F 57 -23.84 -37.34 -75.24
C LYS F 57 -22.68 -37.78 -76.10
N GLY F 58 -22.73 -37.41 -77.39
CA GLY F 58 -21.67 -37.72 -78.31
C GLY F 58 -21.60 -39.15 -78.76
N ALA F 59 -22.46 -40.01 -78.23
CA ALA F 59 -22.48 -41.41 -78.62
C ALA F 59 -23.34 -41.59 -79.86
N PRO F 60 -22.82 -42.24 -80.91
CA PRO F 60 -23.66 -42.49 -82.09
C PRO F 60 -24.83 -43.39 -81.76
N ILE F 61 -26.04 -42.86 -81.84
CA ILE F 61 -27.24 -43.58 -81.44
C ILE F 61 -28.26 -43.74 -82.56
N GLY F 62 -27.88 -43.44 -83.80
CA GLY F 62 -28.84 -43.58 -84.89
C GLY F 62 -28.17 -43.40 -86.23
N VAL F 63 -28.93 -43.73 -87.27
CA VAL F 63 -28.48 -43.62 -88.65
C VAL F 63 -29.46 -42.73 -89.40
N LYS F 64 -28.94 -41.72 -90.08
CA LYS F 64 -29.75 -40.80 -90.86
C LYS F 64 -29.29 -40.80 -92.31
N ALA F 65 -30.25 -40.78 -93.21
CA ALA F 65 -29.98 -40.63 -94.63
C ALA F 65 -30.90 -39.56 -95.20
N THR F 66 -30.42 -38.85 -96.21
CA THR F 66 -31.15 -37.76 -96.81
C THR F 66 -31.05 -37.85 -98.32
N LEU F 67 -32.17 -37.65 -99.00
CA LEU F 67 -32.22 -37.71 -100.46
C LEU F 67 -32.81 -36.42 -101.00
N ARG F 68 -32.37 -36.05 -102.20
CA ARG F 68 -32.68 -34.77 -102.82
C ARG F 68 -33.45 -34.99 -104.13
N ARG F 69 -33.58 -33.91 -104.88
CA ARG F 69 -34.36 -33.91 -106.12
C ARG F 69 -33.97 -35.07 -107.02
N GLN F 70 -35.00 -35.69 -107.61
CA GLN F 70 -34.85 -36.80 -108.56
C GLN F 70 -34.34 -38.05 -107.86
N ALA F 71 -34.04 -37.95 -106.59
CA ALA F 71 -33.69 -39.10 -105.76
C ALA F 71 -34.64 -39.27 -104.59
N ALA F 72 -35.01 -38.17 -103.93
CA ALA F 72 -36.02 -38.24 -102.90
C ALA F 72 -37.36 -38.69 -103.47
N VAL F 73 -37.73 -38.16 -104.63
CA VAL F 73 -39.05 -38.46 -105.19
C VAL F 73 -39.14 -39.93 -105.59
N GLU F 74 -38.08 -40.49 -106.18
CA GLU F 74 -38.14 -41.90 -106.55
C GLU F 74 -38.05 -42.80 -105.33
N PHE F 75 -37.38 -42.35 -104.27
CA PHE F 75 -37.29 -43.14 -103.06
C PHE F 75 -38.66 -43.36 -102.45
N LEU F 76 -39.51 -42.34 -102.51
CA LEU F 76 -40.88 -42.49 -102.02
C LEU F 76 -41.66 -43.51 -102.85
N LYS F 77 -41.32 -43.64 -104.14
CA LYS F 77 -42.08 -44.52 -105.02
C LYS F 77 -41.98 -45.98 -104.60
N LYS F 78 -40.83 -46.40 -104.09
CA LYS F 78 -40.63 -47.81 -103.76
C LYS F 78 -41.07 -48.16 -102.34
N VAL F 79 -41.38 -47.18 -101.51
CA VAL F 79 -41.76 -47.44 -100.12
C VAL F 79 -43.26 -47.24 -99.96
N LEU F 80 -43.85 -46.45 -100.85
CA LEU F 80 -45.29 -46.19 -100.77
C LEU F 80 -46.13 -47.47 -100.88
N PRO F 81 -45.90 -48.37 -101.85
CA PRO F 81 -46.76 -49.56 -101.92
C PRO F 81 -46.75 -50.39 -100.65
N ALA F 82 -45.64 -50.39 -99.92
CA ALA F 82 -45.63 -51.07 -98.62
C ALA F 82 -46.63 -50.45 -97.68
N VAL F 83 -46.71 -49.12 -97.66
CA VAL F 83 -47.49 -48.42 -96.64
C VAL F 83 -48.45 -47.44 -97.28
N ASN F 84 -48.95 -47.74 -98.47
CA ASN F 84 -49.93 -46.87 -99.10
C ASN F 84 -51.15 -46.68 -98.22
N PHE F 85 -51.63 -47.75 -97.60
CA PHE F 85 -52.77 -47.65 -96.70
C PHE F 85 -52.39 -47.11 -95.33
N ARG F 86 -51.10 -47.10 -95.00
CA ARG F 86 -50.68 -46.64 -93.68
C ARG F 86 -50.84 -45.13 -93.52
N LEU F 87 -51.00 -44.39 -94.61
CA LEU F 87 -51.05 -42.94 -94.53
C LEU F 87 -52.31 -42.50 -93.79
N LYS F 88 -52.14 -41.61 -92.82
CA LYS F 88 -53.22 -41.03 -92.05
C LYS F 88 -53.11 -39.52 -92.11
N GLN F 89 -54.26 -38.86 -92.28
CA GLN F 89 -54.27 -37.40 -92.27
C GLN F 89 -53.85 -36.85 -90.92
N SER F 90 -53.97 -37.64 -89.86
CA SER F 90 -53.60 -37.19 -88.53
C SER F 90 -52.11 -36.89 -88.41
N SER F 91 -51.29 -37.47 -89.27
CA SER F 91 -49.84 -37.27 -89.21
C SER F 91 -49.39 -36.02 -89.93
N PHE F 92 -50.30 -35.26 -90.54
CA PHE F 92 -49.96 -34.04 -91.24
C PHE F 92 -50.10 -32.84 -90.32
N ASP F 93 -49.06 -32.04 -90.24
CA ASP F 93 -49.06 -30.85 -89.38
C ASP F 93 -49.68 -29.68 -90.12
N ASN F 94 -49.57 -28.49 -89.55
CA ASN F 94 -50.01 -27.27 -90.20
C ASN F 94 -48.94 -26.64 -91.07
N TYR F 95 -47.72 -27.16 -91.03
CA TYR F 95 -46.59 -26.55 -91.73
C TYR F 95 -46.11 -27.44 -92.88
N GLY F 96 -47.00 -28.25 -93.44
CA GLY F 96 -46.62 -29.09 -94.56
C GLY F 96 -45.56 -30.11 -94.21
N ASN F 97 -45.68 -30.76 -93.06
CA ASN F 97 -44.76 -31.80 -92.63
C ASN F 97 -45.54 -33.04 -92.21
N VAL F 98 -45.01 -34.20 -92.55
CA VAL F 98 -45.62 -35.47 -92.18
C VAL F 98 -44.52 -36.53 -92.16
N SER F 99 -44.59 -37.42 -91.18
CA SER F 99 -43.62 -38.50 -91.03
C SER F 99 -44.36 -39.82 -90.87
N PHE F 100 -43.75 -40.89 -91.40
CA PHE F 100 -44.36 -42.20 -91.33
C PHE F 100 -43.29 -43.26 -91.14
N GLY F 101 -43.52 -44.17 -90.19
CA GLY F 101 -42.58 -45.22 -89.89
C GLY F 101 -43.21 -46.59 -90.07
N ILE F 102 -42.39 -47.61 -89.89
CA ILE F 102 -42.83 -49.00 -89.99
C ILE F 102 -42.26 -49.79 -88.82
N ALA F 103 -43.06 -50.70 -88.28
CA ALA F 103 -42.59 -51.54 -87.19
C ALA F 103 -41.47 -52.46 -87.64
N GLU F 104 -41.60 -53.04 -88.83
CA GLU F 104 -40.56 -53.88 -89.41
C GLU F 104 -40.43 -53.55 -90.89
N HIS F 105 -39.21 -53.30 -91.34
CA HIS F 105 -38.96 -52.82 -92.69
C HIS F 105 -39.03 -53.91 -93.74
N VAL F 106 -39.54 -55.09 -93.41
CA VAL F 106 -39.71 -56.14 -94.41
C VAL F 106 -40.86 -55.79 -95.35
N LEU F 107 -41.77 -54.92 -94.92
CA LEU F 107 -42.95 -54.60 -95.71
C LEU F 107 -42.60 -53.99 -97.05
N ILE F 108 -41.41 -53.41 -97.19
CA ILE F 108 -41.06 -52.75 -98.45
C ILE F 108 -41.00 -53.79 -99.56
N PRO F 109 -41.59 -53.53 -100.73
CA PRO F 109 -41.47 -54.45 -101.86
C PRO F 109 -40.15 -54.30 -102.61
N GLY F 110 -39.05 -54.48 -101.88
CA GLY F 110 -37.74 -54.33 -102.47
C GLY F 110 -37.05 -55.65 -102.72
N THR F 111 -35.80 -55.60 -103.15
CA THR F 111 -35.02 -56.82 -103.41
C THR F 111 -34.34 -57.27 -102.13
N ARG F 112 -34.91 -56.90 -100.99
CA ARG F 112 -34.31 -57.24 -99.71
C ARG F 112 -34.38 -58.74 -99.44
N TYR F 113 -33.47 -59.21 -98.60
CA TYR F 113 -33.44 -60.57 -98.09
C TYR F 113 -33.45 -60.53 -96.56
N ASP F 114 -33.22 -61.68 -95.94
CA ASP F 114 -33.14 -61.79 -94.49
C ASP F 114 -31.80 -62.41 -94.12
N PRO F 115 -30.72 -61.63 -94.19
CA PRO F 115 -29.40 -62.17 -93.85
C PRO F 115 -29.21 -62.33 -92.36
N GLU F 116 -27.99 -62.68 -91.94
CA GLU F 116 -27.68 -62.83 -90.53
C GLU F 116 -27.73 -61.50 -89.77
N ILE F 117 -27.78 -60.37 -90.48
CA ILE F 117 -27.82 -59.07 -89.81
C ILE F 117 -29.09 -58.93 -88.99
N GLY F 118 -30.19 -59.49 -89.48
CA GLY F 118 -31.44 -59.44 -88.75
C GLY F 118 -32.51 -58.61 -89.45
N ILE F 119 -33.44 -58.08 -88.67
CA ILE F 119 -34.55 -57.29 -89.18
C ILE F 119 -34.66 -56.00 -88.38
N PHE F 120 -35.29 -55.00 -88.98
CA PHE F 120 -35.43 -53.69 -88.35
C PHE F 120 -36.71 -53.03 -88.81
N GLY F 121 -37.18 -52.08 -88.00
CA GLY F 121 -38.19 -51.15 -88.43
C GLY F 121 -37.56 -49.97 -89.15
N MET F 122 -38.39 -48.95 -89.39
CA MET F 122 -37.89 -47.78 -90.10
C MET F 122 -38.79 -46.59 -89.84
N ASP F 123 -38.20 -45.40 -89.86
CA ASP F 123 -38.92 -44.14 -89.75
C ASP F 123 -38.60 -43.28 -90.97
N VAL F 124 -39.63 -42.71 -91.58
CA VAL F 124 -39.48 -41.86 -92.76
C VAL F 124 -40.26 -40.57 -92.51
N ALA F 125 -39.64 -39.44 -92.85
CA ALA F 125 -40.26 -38.13 -92.70
C ALA F 125 -40.32 -37.44 -94.07
N ILE F 126 -41.46 -36.82 -94.35
CA ILE F 126 -41.72 -36.18 -95.64
C ILE F 126 -41.72 -34.67 -95.44
N THR F 127 -41.02 -33.95 -96.31
CA THR F 127 -40.92 -32.51 -96.24
C THR F 127 -41.51 -31.89 -97.51
N LEU F 128 -42.38 -30.91 -97.34
CA LEU F 128 -43.02 -30.22 -98.45
C LEU F 128 -42.51 -28.79 -98.53
N VAL F 129 -42.39 -28.27 -99.74
CA VAL F 129 -41.71 -27.00 -99.99
C VAL F 129 -42.50 -26.15 -100.97
N ARG F 130 -42.74 -24.89 -100.59
CA ARG F 130 -43.07 -23.77 -101.47
C ARG F 130 -41.80 -23.00 -101.80
N PRO F 131 -41.48 -22.78 -103.08
CA PRO F 131 -40.16 -22.26 -103.43
C PRO F 131 -39.85 -20.94 -102.73
N GLY F 132 -38.62 -20.80 -102.26
CA GLY F 132 -38.19 -19.57 -101.63
C GLY F 132 -37.69 -19.70 -100.20
N TYR F 133 -37.59 -20.93 -99.69
CA TYR F 133 -37.08 -21.11 -98.34
C TYR F 133 -35.60 -20.73 -98.21
N ARG F 134 -34.92 -20.51 -99.33
CA ARG F 134 -33.48 -20.24 -99.28
C ARG F 134 -33.16 -19.09 -98.34
N THR F 135 -34.01 -18.07 -98.31
CA THR F 135 -33.76 -16.92 -97.45
C THR F 135 -33.65 -17.33 -96.00
N MET F 136 -34.52 -18.23 -95.55
CA MET F 136 -34.45 -18.72 -94.19
C MET F 136 -33.18 -19.52 -93.96
N LYS F 137 -32.61 -20.09 -95.01
CA LYS F 137 -31.41 -20.92 -94.88
C LYS F 137 -30.16 -20.27 -95.44
N ARG F 138 -30.27 -19.21 -96.21
CA ARG F 138 -29.09 -18.60 -96.80
C ARG F 138 -28.29 -17.86 -95.73
N LYS F 139 -27.07 -17.50 -96.09
CA LYS F 139 -26.18 -16.79 -95.18
C LYS F 139 -26.59 -15.34 -94.99
N ARG F 140 -26.95 -14.66 -96.08
CA ARG F 140 -27.12 -13.22 -96.06
C ARG F 140 -28.59 -12.84 -95.87
N LYS F 141 -28.80 -11.76 -95.13
CA LYS F 141 -30.15 -11.24 -94.86
C LYS F 141 -31.05 -12.34 -94.34
N LYS F 142 -30.59 -12.99 -93.26
CA LYS F 142 -31.38 -14.03 -92.62
C LYS F 142 -32.70 -13.46 -92.17
N ALA F 143 -33.78 -14.20 -92.45
CA ALA F 143 -35.11 -13.75 -92.09
C ALA F 143 -36.03 -14.96 -92.00
N SER F 144 -37.29 -14.70 -91.68
CA SER F 144 -38.32 -15.72 -91.58
C SER F 144 -39.48 -15.36 -92.50
N ILE F 145 -40.11 -16.38 -93.06
CA ILE F 145 -41.24 -16.15 -93.96
C ILE F 145 -42.54 -16.24 -93.17
N PRO F 146 -43.54 -15.45 -93.50
CA PRO F 146 -44.80 -15.50 -92.76
C PRO F 146 -45.57 -16.78 -93.07
N ARG F 147 -46.61 -17.02 -92.26
CA ARG F 147 -47.42 -18.22 -92.42
C ARG F 147 -48.11 -18.26 -93.77
N ARG F 148 -48.34 -17.10 -94.39
CA ARG F 148 -49.00 -17.06 -95.68
C ARG F 148 -48.20 -17.80 -96.74
N HIS F 149 -46.88 -17.63 -96.74
CA HIS F 149 -46.02 -18.33 -97.68
C HIS F 149 -45.78 -19.77 -97.29
N ARG F 150 -46.22 -20.20 -96.11
CA ARG F 150 -45.98 -21.55 -95.66
C ARG F 150 -46.87 -22.54 -96.41
N VAL F 151 -46.50 -23.80 -96.33
CA VAL F 151 -47.30 -24.88 -96.90
C VAL F 151 -48.33 -25.33 -95.86
N THR F 152 -49.60 -25.30 -96.24
CA THR F 152 -50.67 -25.68 -95.34
C THR F 152 -50.96 -27.17 -95.43
N LYS F 153 -51.77 -27.65 -94.48
CA LYS F 153 -52.04 -29.08 -94.38
C LYS F 153 -52.84 -29.59 -95.56
N GLU F 154 -53.84 -28.82 -96.01
CA GLU F 154 -54.75 -29.31 -97.05
C GLU F 154 -54.01 -29.54 -98.35
N GLU F 155 -53.20 -28.58 -98.78
CA GLU F 155 -52.45 -28.73 -100.02
C GLU F 155 -51.42 -29.85 -99.89
N ALA F 156 -50.93 -30.10 -98.68
CA ALA F 156 -50.02 -31.22 -98.48
C ALA F 156 -50.70 -32.54 -98.80
N ILE F 157 -51.96 -32.68 -98.38
CA ILE F 157 -52.72 -33.88 -98.72
C ILE F 157 -52.89 -33.98 -100.22
N ASN F 158 -53.15 -32.85 -100.88
CA ASN F 158 -53.30 -32.85 -102.33
C ASN F 158 -52.03 -33.33 -103.01
N PHE F 159 -50.88 -32.82 -102.59
CA PHE F 159 -49.63 -33.22 -103.19
C PHE F 159 -49.26 -34.66 -102.86
N MET F 160 -49.93 -35.28 -101.89
CA MET F 160 -49.75 -36.70 -101.64
C MET F 160 -50.72 -37.54 -102.47
N LYS F 161 -51.99 -37.14 -102.49
CA LYS F 161 -52.95 -37.82 -103.36
C LYS F 161 -52.55 -37.67 -104.83
N GLU F 162 -52.13 -36.47 -105.22
CA GLU F 162 -51.59 -36.25 -106.55
C GLU F 162 -50.12 -36.62 -106.57
N ASN F 163 -49.65 -37.03 -107.75
CA ASN F 163 -48.24 -37.36 -108.01
C ASN F 163 -47.84 -38.65 -107.32
N PHE F 164 -48.70 -39.17 -106.44
CA PHE F 164 -48.39 -40.40 -105.72
C PHE F 164 -49.55 -41.35 -105.58
N ASN F 165 -50.78 -40.95 -105.92
CA ASN F 165 -51.98 -41.79 -105.86
C ASN F 165 -52.02 -42.64 -104.59
N VAL F 166 -51.73 -41.99 -103.48
CA VAL F 166 -51.67 -42.66 -102.19
C VAL F 166 -53.03 -42.58 -101.52
N THR F 167 -53.30 -43.55 -100.64
CA THR F 167 -54.57 -43.60 -99.94
C THR F 167 -54.73 -42.41 -99.00
N ILE F 168 -55.96 -41.91 -98.90
CA ILE F 168 -56.33 -40.79 -98.04
C ILE F 168 -55.68 -39.49 -98.53
N LEU G 1 -72.39 26.76 -26.80
CA LEU G 1 -73.12 28.01 -26.98
C LEU G 1 -72.68 29.04 -25.95
N LYS G 2 -73.32 30.21 -26.00
CA LYS G 2 -73.21 31.21 -24.94
C LYS G 2 -74.54 31.91 -24.83
N ALA G 3 -75.26 31.68 -23.73
CA ALA G 3 -76.52 32.38 -23.50
C ALA G 3 -76.25 33.87 -23.42
N ALA G 4 -76.85 34.64 -24.32
CA ALA G 4 -76.54 36.06 -24.43
C ALA G 4 -77.17 36.86 -23.30
N TYR G 5 -78.50 36.91 -23.29
CA TYR G 5 -79.25 37.72 -22.33
C TYR G 5 -80.49 36.94 -21.95
N ILE G 6 -80.43 36.24 -20.84
CA ILE G 6 -81.54 35.42 -20.37
C ILE G 6 -82.19 36.13 -19.18
N ARG G 7 -83.52 36.25 -19.24
CA ARG G 7 -84.28 36.96 -18.23
C ARG G 7 -85.46 36.09 -17.83
N GLU G 8 -85.72 36.02 -16.53
CA GLU G 8 -86.85 35.28 -16.01
C GLU G 8 -87.54 36.09 -14.93
N GLU G 9 -88.84 35.85 -14.77
CA GLU G 9 -89.67 36.61 -13.85
C GLU G 9 -90.46 35.66 -12.97
N ILE G 10 -90.74 36.10 -11.75
CA ILE G 10 -91.50 35.32 -10.79
C ILE G 10 -92.64 36.19 -10.28
N GLN G 11 -93.88 35.76 -10.54
CA GLN G 11 -95.05 36.51 -10.12
C GLN G 11 -95.31 36.23 -8.66
N ILE G 12 -95.07 37.23 -7.82
CA ILE G 12 -95.23 37.02 -6.38
C ILE G 12 -96.71 36.83 -6.05
N PRO G 13 -97.08 35.73 -5.40
CA PRO G 13 -98.49 35.52 -5.07
C PRO G 13 -98.95 36.50 -4.01
N ASP G 14 -100.27 36.73 -4.00
CA ASP G 14 -100.88 37.62 -3.05
C ASP G 14 -100.78 37.06 -1.62
N LYS G 15 -101.16 37.90 -0.66
CA LYS G 15 -100.98 37.63 0.78
C LYS G 15 -99.53 37.35 1.13
N VAL G 16 -98.60 37.97 0.42
CA VAL G 16 -97.17 37.80 0.69
C VAL G 16 -96.50 39.16 0.57
N LYS G 17 -95.66 39.49 1.55
CA LYS G 17 -94.75 40.63 1.43
C LYS G 17 -93.33 40.11 1.31
N VAL G 18 -92.53 40.79 0.50
CA VAL G 18 -91.16 40.36 0.19
C VAL G 18 -90.21 41.51 0.46
N SER G 19 -89.14 41.23 1.20
CA SER G 19 -88.11 42.21 1.49
C SER G 19 -86.77 41.71 0.96
N LEU G 20 -86.00 42.62 0.37
CA LEU G 20 -84.70 42.29 -0.18
C LEU G 20 -83.72 43.42 0.09
N GLU G 21 -82.54 43.07 0.57
CA GLU G 21 -81.49 44.05 0.79
C GLU G 21 -80.18 43.32 1.02
N ASN G 22 -79.08 43.99 0.67
CA ASN G 22 -77.73 43.49 0.91
C ASN G 22 -77.52 42.11 0.31
N ASN G 23 -78.20 41.84 -0.80
CA ASN G 23 -78.20 40.51 -1.43
C ASN G 23 -78.62 39.43 -0.43
N VAL G 24 -79.54 39.78 0.46
CA VAL G 24 -80.12 38.85 1.42
C VAL G 24 -81.62 38.91 1.26
N LEU G 25 -82.25 37.76 1.05
CA LEU G 25 -83.67 37.68 0.75
C LEU G 25 -84.42 37.12 1.95
N LYS G 26 -85.56 37.73 2.25
CA LYS G 26 -86.49 37.21 3.26
C LYS G 26 -87.90 37.29 2.72
N VAL G 27 -88.66 36.22 2.93
CA VAL G 27 -90.02 36.10 2.42
C VAL G 27 -90.95 35.81 3.58
N LYS G 28 -92.05 36.55 3.66
CA LYS G 28 -93.05 36.36 4.71
C LYS G 28 -94.34 35.83 4.12
N GLY G 29 -94.89 34.79 4.73
CA GLY G 29 -96.13 34.21 4.29
C GLY G 29 -96.99 33.74 5.44
N PRO G 30 -98.28 33.52 5.19
CA PRO G 30 -99.18 33.11 6.27
C PRO G 30 -98.75 31.85 6.98
N LYS G 31 -98.22 30.87 6.26
CA LYS G 31 -97.70 29.69 6.92
C LYS G 31 -96.48 30.03 7.78
N GLY G 32 -95.60 30.88 7.26
CA GLY G 32 -94.41 31.25 7.99
C GLY G 32 -93.51 32.12 7.15
N GLU G 33 -92.33 32.40 7.71
CA GLU G 33 -91.34 33.25 7.06
C GLU G 33 -89.94 32.74 7.39
N VAL G 34 -89.08 32.68 6.38
CA VAL G 34 -87.71 32.23 6.53
C VAL G 34 -86.80 33.17 5.75
N ILE G 35 -85.63 33.44 6.29
CA ILE G 35 -84.63 34.26 5.62
C ILE G 35 -83.65 33.33 4.93
N LYS G 36 -83.42 33.56 3.63
CA LYS G 36 -82.49 32.77 2.84
C LYS G 36 -81.48 33.71 2.19
N ASP G 37 -80.20 33.47 2.44
CA ASP G 37 -79.16 34.33 1.90
C ASP G 37 -78.82 33.91 0.48
N PHE G 38 -78.46 34.90 -0.34
CA PHE G 38 -78.05 34.66 -1.71
C PHE G 38 -76.87 35.54 -2.08
N SER G 39 -75.92 35.70 -1.15
CA SER G 39 -74.71 36.44 -1.46
C SER G 39 -73.80 35.69 -2.41
N TYR G 40 -74.05 34.42 -2.65
CA TYR G 40 -73.17 33.59 -3.47
C TYR G 40 -73.57 33.58 -4.92
N ALA G 41 -74.42 34.51 -5.35
CA ALA G 41 -74.84 34.57 -6.75
C ALA G 41 -73.99 35.57 -7.52
N LYS G 42 -72.69 35.29 -7.57
CA LYS G 42 -71.79 36.08 -8.39
C LYS G 42 -72.18 35.93 -9.86
N GLY G 43 -72.08 37.02 -10.60
CA GLY G 43 -72.48 37.00 -12.00
C GLY G 43 -73.98 37.01 -12.22
N ILE G 44 -74.77 37.24 -11.17
CA ILE G 44 -76.21 37.35 -11.30
C ILE G 44 -76.67 38.59 -10.55
N ARG G 45 -77.44 39.43 -11.23
CA ARG G 45 -78.05 40.60 -10.63
C ARG G 45 -79.50 40.31 -10.28
N ILE G 46 -79.93 40.75 -9.10
CA ILE G 46 -81.26 40.46 -8.59
C ILE G 46 -82.02 41.77 -8.49
N GLN G 47 -83.13 41.87 -9.20
CA GLN G 47 -84.00 43.04 -9.13
C GLN G 47 -85.32 42.65 -8.50
N LEU G 48 -85.68 43.32 -7.41
CA LEU G 48 -86.92 43.07 -6.69
C LEU G 48 -87.97 44.01 -7.24
N ASN G 49 -88.79 43.52 -8.16
CA ASN G 49 -89.88 44.32 -8.67
C ASN G 49 -90.96 44.47 -7.61
N GLU G 50 -91.72 45.56 -7.71
CA GLU G 50 -92.77 45.82 -6.73
C GLU G 50 -93.84 44.74 -6.78
N GLY G 51 -94.01 44.07 -7.92
CA GLY G 51 -95.07 43.10 -8.05
C GLY G 51 -94.60 41.77 -8.59
N LYS G 52 -93.28 41.59 -8.69
CA LYS G 52 -92.73 40.35 -9.22
C LYS G 52 -91.24 40.31 -8.89
N ILE G 53 -90.56 39.30 -9.42
CA ILE G 53 -89.14 39.10 -9.18
C ILE G 53 -88.43 39.16 -10.51
N ILE G 54 -87.53 40.13 -10.66
CA ILE G 54 -86.80 40.34 -11.90
C ILE G 54 -85.42 39.70 -11.77
N LEU G 55 -85.13 38.75 -12.65
CA LEU G 55 -83.83 38.07 -12.68
C LEU G 55 -83.24 38.22 -14.06
N GLU G 56 -82.05 38.81 -14.13
CA GLU G 56 -81.38 39.05 -15.40
C GLU G 56 -79.90 38.73 -15.27
N THR G 57 -79.29 38.39 -16.40
CA THR G 57 -77.85 38.23 -16.49
C THR G 57 -77.44 38.29 -17.96
N THR G 58 -76.18 38.64 -18.19
CA THR G 58 -75.64 38.81 -19.53
C THR G 58 -74.47 37.86 -19.73
N PHE G 59 -74.49 37.13 -20.84
CA PHE G 59 -73.42 36.22 -21.23
C PHE G 59 -73.04 35.27 -20.11
N ALA G 60 -73.99 34.40 -19.75
CA ALA G 60 -73.73 33.33 -18.83
C ALA G 60 -73.12 32.14 -19.57
N ASP G 61 -72.39 31.31 -18.83
CA ASP G 61 -71.82 30.10 -19.39
C ASP G 61 -72.79 28.93 -19.17
N ARG G 62 -72.34 27.73 -19.47
CA ARG G 62 -73.12 26.54 -19.14
C ARG G 62 -73.29 26.41 -17.63
N ARG G 63 -72.24 26.73 -16.87
CA ARG G 63 -72.34 26.67 -15.42
C ARG G 63 -73.39 27.64 -14.90
N LYS G 64 -73.30 28.91 -15.31
CA LYS G 64 -74.12 29.94 -14.70
C LYS G 64 -75.61 29.70 -14.96
N LYS G 65 -75.96 29.30 -16.18
CA LYS G 65 -77.39 29.17 -16.51
C LYS G 65 -78.04 28.08 -15.67
N ALA G 66 -77.31 26.99 -15.40
CA ALA G 66 -77.80 26.01 -14.44
C ALA G 66 -77.95 26.64 -13.07
N LEU G 67 -76.97 27.47 -12.67
CA LEU G 67 -77.05 28.16 -11.39
C LEU G 67 -78.27 29.06 -11.33
N LEU G 68 -78.52 29.82 -12.40
CA LEU G 68 -79.62 30.77 -12.37
C LEU G 68 -80.95 30.06 -12.17
N TYR G 69 -81.23 29.06 -13.00
CA TYR G 69 -82.44 28.27 -12.82
C TYR G 69 -82.45 27.60 -11.45
N SER G 70 -81.28 27.18 -10.98
CA SER G 70 -81.20 26.62 -9.63
C SER G 70 -81.63 27.63 -8.59
N ILE G 71 -81.19 28.88 -8.73
CA ILE G 71 -81.64 29.93 -7.82
C ILE G 71 -83.15 30.10 -7.94
N ILE G 72 -83.66 30.04 -9.17
CA ILE G 72 -85.08 30.29 -9.40
C ILE G 72 -85.93 29.30 -8.64
N ALA G 73 -85.57 28.01 -8.71
CA ALA G 73 -86.42 26.98 -8.12
C ALA G 73 -86.56 27.16 -6.61
N HIS G 74 -85.47 27.48 -5.93
CA HIS G 74 -85.53 27.63 -4.48
C HIS G 74 -86.46 28.77 -4.08
N ILE G 75 -86.38 29.89 -4.80
CA ILE G 75 -87.14 31.07 -4.42
C ILE G 75 -88.64 30.77 -4.45
N LYS G 76 -89.11 30.16 -5.53
CA LYS G 76 -90.51 29.77 -5.57
C LYS G 76 -90.80 28.71 -4.52
N ASN G 77 -89.86 27.79 -4.29
CA ASN G 77 -90.01 26.86 -3.18
C ASN G 77 -90.07 27.60 -1.86
N MET G 78 -89.23 28.62 -1.70
CA MET G 78 -89.39 29.52 -0.58
C MET G 78 -90.79 30.11 -0.54
N ILE G 79 -91.31 30.53 -1.69
CA ILE G 79 -92.68 31.04 -1.71
C ILE G 79 -93.67 29.93 -1.38
N THR G 80 -93.47 28.75 -1.94
CA THR G 80 -94.47 27.70 -1.82
C THR G 80 -94.71 27.32 -0.38
N GLY G 81 -93.65 27.20 0.41
CA GLY G 81 -93.81 26.84 1.80
C GLY G 81 -94.60 27.87 2.58
N THR G 82 -94.34 29.16 2.32
CA THR G 82 -95.01 30.22 3.04
C THR G 82 -96.52 30.25 2.81
N ILE G 83 -97.01 29.56 1.78
CA ILE G 83 -98.44 29.50 1.49
C ILE G 83 -99.00 28.11 1.76
N ASN G 84 -98.37 27.09 1.19
CA ASN G 84 -98.81 25.71 1.38
C ASN G 84 -97.80 24.95 2.23
N GLY G 85 -98.30 24.10 3.11
CA GLY G 85 -97.43 23.43 4.04
C GLY G 85 -96.69 22.26 3.42
N TYR G 86 -95.47 22.05 3.90
CA TYR G 86 -94.67 20.89 3.53
C TYR G 86 -94.93 19.79 4.54
N ARG G 87 -95.37 18.63 4.06
CA ARG G 87 -95.70 17.51 4.93
C ARG G 87 -95.04 16.25 4.38
N TYR G 88 -93.80 16.02 4.77
CA TYR G 88 -93.14 14.76 4.47
C TYR G 88 -93.81 13.64 5.25
N TYR G 89 -93.67 12.41 4.74
CA TYR G 89 -94.19 11.24 5.41
C TYR G 89 -93.10 10.20 5.58
N LEU G 90 -93.00 9.65 6.79
CA LEU G 90 -92.05 8.59 7.10
C LEU G 90 -92.83 7.39 7.61
N LYS G 91 -92.86 6.33 6.82
CA LYS G 91 -93.53 5.10 7.19
C LYS G 91 -92.51 4.12 7.77
N VAL G 92 -92.87 3.47 8.87
CA VAL G 92 -92.01 2.54 9.56
C VAL G 92 -92.54 1.14 9.36
N ILE G 93 -91.69 0.23 8.90
CA ILE G 93 -92.02 -1.18 8.84
C ILE G 93 -91.00 -1.94 9.67
N SER G 94 -91.49 -2.78 10.57
CA SER G 94 -90.66 -3.62 11.41
C SER G 94 -91.11 -5.06 11.31
N THR G 95 -90.16 -5.98 11.46
CA THR G 95 -90.45 -7.40 11.28
C THR G 95 -90.77 -8.09 12.60
N HIS G 96 -89.82 -8.10 13.53
CA HIS G 96 -89.94 -8.87 14.76
C HIS G 96 -90.24 -8.03 15.98
N PHE G 97 -89.69 -6.82 16.06
CA PHE G 97 -89.87 -5.97 17.23
C PHE G 97 -90.56 -4.68 16.81
N PRO G 98 -91.68 -4.32 17.43
CA PRO G 98 -92.32 -3.04 17.11
C PRO G 98 -91.41 -1.88 17.46
N ILE G 99 -91.55 -0.79 16.72
CA ILE G 99 -90.65 0.34 16.81
C ILE G 99 -91.34 1.48 17.55
N SER G 100 -90.61 2.13 18.45
CA SER G 100 -91.12 3.25 19.21
C SER G 100 -90.22 4.47 19.04
N VAL G 101 -90.84 5.64 18.91
CA VAL G 101 -90.13 6.89 18.74
C VAL G 101 -90.82 7.97 19.56
N LYS G 102 -90.02 8.82 20.20
CA LYS G 102 -90.52 9.94 20.98
C LYS G 102 -89.67 11.16 20.70
N VAL G 103 -90.26 12.33 20.94
CA VAL G 103 -89.62 13.61 20.66
C VAL G 103 -88.89 14.09 21.90
N SER G 104 -87.72 14.67 21.71
CA SER G 104 -86.94 15.27 22.79
C SER G 104 -86.50 16.66 22.34
N GLY G 105 -87.38 17.64 22.55
CA GLY G 105 -87.07 19.01 22.18
C GLY G 105 -86.73 19.17 20.71
N ASP G 106 -85.46 19.42 20.42
CA ASP G 106 -84.98 19.54 19.06
C ASP G 106 -84.32 18.26 18.56
N GLU G 107 -84.48 17.17 19.31
CA GLU G 107 -83.82 15.91 19.01
C GLU G 107 -84.86 14.79 18.99
N VAL G 108 -84.60 13.78 18.18
CA VAL G 108 -85.48 12.63 18.03
C VAL G 108 -84.76 11.39 18.53
N GLN G 109 -85.50 10.48 19.16
CA GLN G 109 -84.94 9.26 19.72
C GLN G 109 -85.77 8.07 19.30
N VAL G 110 -85.12 7.01 18.84
CA VAL G 110 -85.78 5.81 18.36
C VAL G 110 -85.09 4.61 18.99
N SER G 111 -85.88 3.63 19.43
CA SER G 111 -85.32 2.44 20.07
C SER G 111 -86.27 1.27 19.81
N ASN G 112 -86.07 0.19 20.57
CA ASN G 112 -86.82 -1.06 20.40
C ASN G 112 -86.70 -1.59 18.98
N LEU G 113 -85.49 -1.52 18.43
CA LEU G 113 -85.23 -2.04 17.10
C LEU G 113 -84.87 -3.52 17.19
N ILE G 114 -84.26 -4.06 16.14
CA ILE G 114 -84.26 -5.49 15.86
C ILE G 114 -83.61 -6.31 16.96
N GLY G 115 -83.19 -5.66 18.04
CA GLY G 115 -82.76 -6.38 19.22
C GLY G 115 -81.67 -5.69 19.98
N GLU G 116 -81.14 -4.61 19.39
CA GLU G 116 -80.10 -3.83 20.04
C GLU G 116 -80.70 -2.92 21.10
N LYS G 117 -80.02 -2.88 22.24
CA LYS G 117 -80.47 -2.12 23.40
C LYS G 117 -80.02 -0.66 23.35
N ASN G 118 -79.24 -0.28 22.35
CA ASN G 118 -78.69 1.07 22.32
C ASN G 118 -79.75 2.09 21.92
N ILE G 119 -79.40 3.35 22.05
CA ILE G 119 -80.24 4.47 21.66
C ILE G 119 -79.80 4.96 20.30
N ARG G 120 -80.75 5.48 19.52
CA ARG G 120 -80.47 6.11 18.25
C ARG G 120 -81.10 7.48 18.21
N ARG G 121 -80.39 8.44 17.63
CA ARG G 121 -80.81 9.83 17.66
C ARG G 121 -80.47 10.49 16.33
N ALA G 122 -81.25 11.52 16.00
CA ALA G 122 -81.02 12.34 14.83
C ALA G 122 -81.32 13.79 15.18
N LYS G 123 -80.75 14.70 14.40
CA LYS G 123 -80.86 16.12 14.69
C LYS G 123 -81.90 16.77 13.79
N ILE G 124 -82.66 17.69 14.36
CA ILE G 124 -83.72 18.42 13.67
C ILE G 124 -83.34 19.88 13.60
N LEU G 125 -83.44 20.46 12.41
CA LEU G 125 -83.06 21.85 12.22
C LEU G 125 -84.07 22.75 12.93
N PRO G 126 -83.63 23.89 13.45
CA PRO G 126 -84.53 24.76 14.22
C PRO G 126 -85.69 25.27 13.39
N GLY G 127 -86.80 25.54 14.07
CA GLY G 127 -87.97 26.07 13.42
C GLY G 127 -88.75 25.07 12.61
N VAL G 128 -88.51 23.77 12.82
CA VAL G 128 -89.13 22.72 12.04
C VAL G 128 -89.90 21.82 12.99
N LYS G 129 -91.15 21.54 12.65
CA LYS G 129 -92.00 20.70 13.49
C LYS G 129 -92.13 19.32 12.86
N VAL G 130 -91.98 18.29 13.68
CA VAL G 130 -92.16 16.91 13.25
C VAL G 130 -92.90 16.17 14.35
N THR G 131 -93.91 15.39 13.97
CA THR G 131 -94.70 14.65 14.94
C THR G 131 -94.94 13.25 14.42
N VAL G 132 -95.49 12.40 15.30
CA VAL G 132 -95.85 11.03 14.96
C VAL G 132 -97.31 10.81 15.33
N LYS G 133 -98.05 10.16 14.44
CA LYS G 133 -99.38 9.69 14.77
C LYS G 133 -99.37 8.19 15.07
N GLY G 134 -98.96 7.38 14.11
CA GLY G 134 -98.84 5.96 14.28
C GLY G 134 -98.47 5.31 12.98
N GLU G 135 -97.48 4.43 13.00
CA GLU G 135 -96.98 3.77 11.80
C GLU G 135 -96.46 4.79 10.79
N ASP G 136 -96.48 6.07 11.16
CA ASP G 136 -96.14 7.13 10.24
C ASP G 136 -95.67 8.34 11.05
N ILE G 137 -94.75 9.10 10.46
CA ILE G 137 -94.19 10.28 11.09
C ILE G 137 -94.45 11.48 10.18
N VAL G 138 -94.98 12.55 10.77
CA VAL G 138 -95.35 13.75 10.03
C VAL G 138 -94.31 14.82 10.30
N VAL G 139 -93.75 15.37 9.23
CA VAL G 139 -92.72 16.39 9.31
C VAL G 139 -93.28 17.66 8.72
N GLU G 140 -93.53 18.65 9.57
CA GLU G 140 -94.11 19.91 9.13
C GLU G 140 -93.05 20.98 9.00
N GLY G 141 -93.41 22.07 8.34
CA GLY G 141 -92.53 23.21 8.21
C GLY G 141 -92.74 23.91 6.89
N SER G 142 -92.16 25.11 6.80
CA SER G 142 -92.23 25.91 5.60
C SER G 142 -91.03 25.69 4.68
N ASP G 143 -89.82 25.75 5.22
CA ASP G 143 -88.62 25.52 4.43
C ASP G 143 -88.58 24.07 3.95
N ILE G 144 -88.49 23.91 2.63
CA ILE G 144 -88.45 22.56 2.06
C ILE G 144 -87.18 21.84 2.47
N TYR G 145 -86.05 22.53 2.46
CA TYR G 145 -84.79 21.87 2.79
C TYR G 145 -84.76 21.44 4.25
N ASN G 146 -85.33 22.26 5.11
CA ASN G 146 -85.23 22.01 6.55
C ASN G 146 -85.85 20.68 6.93
N VAL G 147 -87.01 20.36 6.36
CA VAL G 147 -87.65 19.10 6.71
C VAL G 147 -86.87 17.93 6.14
N ALA G 148 -86.46 18.02 4.88
CA ALA G 148 -85.84 16.88 4.22
C ALA G 148 -84.55 16.48 4.92
N GLN G 149 -83.68 17.46 5.18
CA GLN G 149 -82.46 17.16 5.93
C GLN G 149 -82.81 16.61 7.30
N THR G 150 -83.81 17.20 7.96
CA THR G 150 -84.31 16.63 9.20
C THR G 150 -84.85 15.22 8.97
N ALA G 151 -85.66 15.06 7.92
CA ALA G 151 -86.16 13.73 7.60
C ALA G 151 -85.02 12.77 7.31
N ALA G 152 -84.03 13.24 6.55
CA ALA G 152 -82.90 12.38 6.22
C ALA G 152 -82.14 11.98 7.48
N ASN G 153 -81.97 12.91 8.41
CA ASN G 153 -81.24 12.59 9.63
C ASN G 153 -81.84 11.39 10.34
N ILE G 154 -83.17 11.30 10.37
CA ILE G 154 -83.79 10.07 10.84
C ILE G 154 -83.37 8.90 9.98
N GLU G 155 -83.38 9.09 8.66
CA GLU G 155 -83.10 7.98 7.76
C GLU G 155 -81.70 7.42 7.99
N SER G 156 -80.73 8.30 8.22
CA SER G 156 -79.39 7.81 8.54
C SER G 156 -79.38 7.00 9.82
N SER G 157 -80.11 7.46 10.84
CA SER G 157 -80.09 6.78 12.13
C SER G 157 -80.62 5.37 12.01
N THR G 158 -81.65 5.16 11.21
CA THR G 158 -82.29 3.87 11.06
C THR G 158 -81.60 2.98 10.03
N LYS G 159 -80.56 3.48 9.38
CA LYS G 159 -79.87 2.71 8.35
C LYS G 159 -79.00 1.59 8.93
N ILE G 160 -78.64 1.68 10.21
CA ILE G 160 -77.65 0.82 10.86
C ILE G 160 -77.94 -0.66 10.61
N VAL G 161 -79.16 -0.98 10.20
CA VAL G 161 -79.51 -2.36 9.88
C VAL G 161 -78.55 -2.96 8.85
N GLY G 162 -77.87 -2.13 8.07
CA GLY G 162 -77.06 -2.63 6.98
C GLY G 162 -75.63 -3.02 7.28
N TYR G 163 -75.41 -4.07 8.06
CA TYR G 163 -74.07 -4.64 8.21
C TYR G 163 -74.15 -6.16 8.25
N ASP G 164 -73.61 -6.80 7.22
CA ASP G 164 -73.48 -8.25 7.10
C ASP G 164 -74.81 -8.98 7.18
N ARG G 165 -75.92 -8.25 7.12
CA ARG G 165 -77.23 -8.85 6.94
C ARG G 165 -77.79 -8.35 5.62
N ARG G 166 -78.32 -9.26 4.82
CA ARG G 166 -79.16 -8.81 3.72
C ARG G 166 -80.27 -7.96 4.29
N ILE G 167 -80.56 -6.85 3.61
CA ILE G 167 -81.42 -5.83 4.21
C ILE G 167 -82.79 -6.44 4.47
N PHE G 168 -83.31 -6.22 5.67
CA PHE G 168 -84.55 -6.82 6.13
C PHE G 168 -85.73 -5.85 6.00
N SER G 169 -85.53 -4.73 5.29
CA SER G 169 -86.58 -3.76 5.03
C SER G 169 -87.24 -3.30 6.33
N ASP G 170 -86.42 -3.12 7.35
CA ASP G 170 -86.88 -2.88 8.70
C ASP G 170 -86.27 -1.60 9.23
N GLY G 171 -87.12 -0.67 9.66
CA GLY G 171 -86.66 0.59 10.18
C GLY G 171 -87.60 1.70 9.78
N ILE G 172 -87.07 2.92 9.75
CA ILE G 172 -87.82 4.12 9.40
C ILE G 172 -87.48 4.48 7.97
N TYR G 173 -88.51 4.80 7.18
CA TYR G 173 -88.31 5.08 5.77
C TYR G 173 -89.27 6.16 5.32
N ILE G 174 -88.86 6.88 4.28
CA ILE G 174 -89.68 7.95 3.73
C ILE G 174 -90.89 7.35 3.02
N TYR G 175 -92.06 7.99 3.20
CA TYR G 175 -93.31 7.50 2.65
C TYR G 175 -93.81 8.38 1.51
N LYS G 176 -94.03 9.66 1.76
CA LYS G 176 -94.48 10.61 0.75
C LYS G 176 -94.24 12.01 1.31
N LYS G 177 -94.72 13.03 0.60
CA LYS G 177 -94.43 14.38 1.01
C LYS G 177 -95.42 15.35 0.39
N GLU G 178 -95.48 16.55 0.98
CA GLU G 178 -96.14 17.73 0.42
C GLU G 178 -97.62 17.47 0.11
N VAL G 179 -98.39 17.33 1.19
CA VAL G 179 -99.81 17.55 1.08
C VAL G 179 -100.07 19.00 0.72
N ILE G 180 -101.18 19.26 0.02
CA ILE G 180 -101.46 20.60 -0.46
C ILE G 180 -101.51 21.59 0.69
N GLY G 181 -102.19 21.22 1.77
CA GLY G 181 -102.23 22.06 2.96
C GLY G 181 -100.85 22.30 3.52
N VAL H 1 -73.05 48.52 -37.21
CA VAL H 1 -72.06 47.70 -36.54
C VAL H 1 -71.41 46.74 -37.52
N LYS H 2 -72.12 46.46 -38.61
CA LYS H 2 -71.58 45.74 -39.77
C LYS H 2 -71.10 44.33 -39.38
N ILE H 3 -72.08 43.49 -39.05
CA ILE H 3 -71.82 42.08 -38.76
C ILE H 3 -70.98 41.46 -39.87
N PHE H 4 -70.03 40.61 -39.49
CA PHE H 4 -69.11 40.03 -40.44
C PHE H 4 -69.34 38.53 -40.63
N MET H 5 -68.81 38.03 -41.73
CA MET H 5 -68.95 36.64 -42.15
C MET H 5 -67.56 36.07 -42.38
N VAL H 6 -67.17 35.09 -41.57
CA VAL H 6 -65.81 34.54 -41.60
C VAL H 6 -65.87 33.05 -41.92
N ARG H 7 -64.96 32.62 -42.80
CA ARG H 7 -64.91 31.22 -43.22
C ARG H 7 -63.47 30.93 -43.61
N GLY H 8 -62.73 30.28 -42.71
CA GLY H 8 -61.31 30.09 -42.91
C GLY H 8 -60.83 28.73 -42.47
N THR H 9 -59.62 28.40 -42.90
CA THR H 9 -59.05 27.07 -42.73
C THR H 9 -58.04 27.06 -41.59
N ALA H 10 -58.24 26.15 -40.65
CA ALA H 10 -57.29 25.87 -39.58
C ALA H 10 -57.15 24.36 -39.48
N ILE H 11 -55.95 23.89 -39.13
CA ILE H 11 -55.60 22.48 -39.26
C ILE H 11 -54.81 22.00 -38.05
N PHE H 12 -55.17 20.82 -37.55
CA PHE H 12 -54.20 19.85 -37.04
C PHE H 12 -54.61 18.49 -37.58
N SER H 13 -53.75 17.91 -38.42
CA SER H 13 -54.03 16.64 -39.09
C SER H 13 -55.32 16.74 -39.92
N ALA H 14 -55.36 17.74 -40.81
CA ALA H 14 -56.41 17.93 -41.81
C ALA H 14 -57.79 18.13 -41.16
N SER H 15 -57.88 19.21 -40.40
CA SER H 15 -59.15 19.61 -39.80
C SER H 15 -59.83 20.66 -40.68
N ARG H 16 -60.11 20.25 -41.91
CA ARG H 16 -60.85 21.06 -42.87
C ARG H 16 -62.22 20.44 -43.06
N PHE H 17 -63.26 21.25 -42.89
CA PHE H 17 -64.63 20.78 -43.00
C PHE H 17 -65.55 21.96 -43.26
N PRO H 18 -65.50 22.56 -44.46
CA PRO H 18 -66.17 23.85 -44.67
C PRO H 18 -67.68 23.77 -44.54
N THR H 19 -68.16 23.49 -43.33
CA THR H 19 -69.56 23.37 -42.98
C THR H 19 -69.61 23.77 -41.49
N SER H 20 -70.52 23.30 -40.64
CA SER H 20 -70.76 24.02 -39.38
C SER H 20 -70.80 23.17 -38.08
N GLN H 21 -69.81 22.27 -37.80
CA GLN H 21 -69.52 21.92 -36.40
C GLN H 21 -68.06 21.54 -36.05
N LYS H 22 -67.05 21.52 -37.01
CA LYS H 22 -65.61 21.27 -36.79
C LYS H 22 -64.65 22.20 -37.60
N PHE H 23 -65.14 23.29 -38.22
CA PHE H 23 -64.28 24.11 -39.09
C PHE H 23 -64.27 25.64 -38.95
N THR H 24 -65.40 26.29 -38.73
CA THR H 24 -65.49 27.75 -38.89
C THR H 24 -66.62 28.31 -38.03
N LYS H 25 -66.75 29.64 -38.02
CA LYS H 25 -67.58 30.36 -37.05
C LYS H 25 -68.29 31.55 -37.72
N TYR H 26 -68.93 32.37 -36.87
CA TYR H 26 -69.46 33.69 -37.20
C TYR H 26 -68.80 34.73 -36.30
N VAL H 27 -68.95 36.01 -36.69
CA VAL H 27 -68.30 37.12 -35.99
C VAL H 27 -69.18 38.36 -36.08
N ARG H 28 -69.23 39.13 -35.00
CA ARG H 28 -69.77 40.48 -35.00
C ARG H 28 -68.64 41.45 -34.68
N ALA H 29 -68.37 42.40 -35.57
CA ALA H 29 -67.31 43.36 -35.35
C ALA H 29 -67.47 44.53 -36.31
N LEU H 30 -66.68 45.57 -36.07
CA LEU H 30 -66.79 46.80 -36.86
C LEU H 30 -66.18 46.61 -38.24
N ASN H 31 -64.88 46.34 -38.29
CA ASN H 31 -64.14 46.26 -39.54
C ASN H 31 -63.40 44.94 -39.59
N GLU H 32 -62.70 44.70 -40.70
CA GLU H 32 -61.99 43.45 -40.87
C GLU H 32 -60.90 43.28 -39.83
N LYS H 33 -60.13 44.34 -39.58
CA LYS H 33 -58.99 44.22 -38.68
C LYS H 33 -59.42 43.79 -37.28
N GLN H 34 -60.45 44.41 -36.74
CA GLN H 34 -60.96 43.96 -35.46
C GLN H 34 -61.54 42.56 -35.58
N ALA H 35 -62.26 42.28 -36.67
CA ALA H 35 -62.87 40.97 -36.85
C ALA H 35 -61.80 39.89 -36.96
N ILE H 36 -60.75 40.14 -37.74
CA ILE H 36 -59.76 39.09 -37.99
C ILE H 36 -59.07 38.68 -36.71
N GLU H 37 -58.97 39.59 -35.74
CA GLU H 37 -58.34 39.25 -34.48
C GLU H 37 -59.15 38.20 -33.73
N TYR H 38 -60.48 38.29 -33.82
CA TYR H 38 -61.33 37.45 -32.98
C TYR H 38 -61.11 35.97 -33.29
N ILE H 39 -61.04 35.61 -34.56
CA ILE H 39 -60.83 34.21 -34.93
C ILE H 39 -59.48 33.74 -34.41
N TYR H 40 -58.45 34.58 -34.52
CA TYR H 40 -57.20 34.27 -33.85
C TYR H 40 -57.40 34.12 -32.35
N SER H 41 -58.20 35.01 -31.77
CA SER H 41 -58.38 34.99 -30.33
C SER H 41 -58.93 33.64 -29.88
N GLN H 42 -60.01 33.19 -30.50
CA GLN H 42 -60.69 31.99 -30.03
C GLN H 42 -59.96 30.73 -30.49
N LEU H 43 -59.87 30.53 -31.80
CA LEU H 43 -59.33 29.28 -32.31
C LEU H 43 -57.87 29.10 -31.92
N GLY H 44 -57.19 30.21 -31.60
CA GLY H 44 -55.81 30.10 -31.18
C GLY H 44 -55.64 29.31 -29.90
N GLY H 45 -56.52 29.55 -28.93
CA GLY H 45 -56.39 28.92 -27.64
C GLY H 45 -57.44 27.87 -27.35
N LYS H 46 -58.65 28.07 -27.86
CA LYS H 46 -59.73 27.14 -27.55
C LYS H 46 -59.46 25.74 -28.08
N ASN H 47 -58.59 25.59 -29.07
CA ASN H 47 -58.30 24.25 -29.58
C ASN H 47 -56.82 24.05 -29.88
N LYS H 48 -55.93 24.88 -29.34
CA LYS H 48 -54.50 24.78 -29.58
C LYS H 48 -54.23 24.75 -31.07
N ILE H 49 -54.53 25.87 -31.72
CA ILE H 49 -54.33 26.00 -33.14
C ILE H 49 -53.52 27.26 -33.37
N LYS H 50 -52.28 27.10 -33.81
CA LYS H 50 -51.43 28.24 -34.08
C LYS H 50 -51.93 29.00 -35.30
N ARG H 51 -51.56 30.27 -35.39
CA ARG H 51 -51.92 31.05 -36.56
C ARG H 51 -51.17 30.60 -37.80
N TYR H 52 -50.19 29.71 -37.66
CA TYR H 52 -49.59 29.05 -38.81
C TYR H 52 -50.66 28.49 -39.73
N ASN H 53 -51.37 27.49 -39.26
CA ASN H 53 -52.31 26.76 -40.08
C ASN H 53 -53.63 27.48 -40.26
N ILE H 54 -53.73 28.71 -39.79
CA ILE H 54 -54.92 29.51 -40.02
C ILE H 54 -54.87 30.07 -41.44
N HIS H 55 -55.91 29.80 -42.22
CA HIS H 55 -55.98 30.26 -43.61
C HIS H 55 -57.41 30.74 -43.86
N ILE H 56 -57.63 32.03 -43.70
CA ILE H 56 -58.94 32.61 -43.97
C ILE H 56 -59.23 32.52 -45.46
N GLN H 57 -60.37 31.91 -45.80
CA GLN H 57 -60.73 31.73 -47.19
C GLN H 57 -61.65 32.85 -47.69
N GLU H 58 -62.79 33.02 -47.03
CA GLU H 58 -63.74 34.07 -47.39
C GLU H 58 -64.04 34.92 -46.17
N ILE H 59 -63.98 36.23 -46.36
CA ILE H 59 -64.42 37.18 -45.35
C ILE H 59 -65.32 38.20 -46.04
N LYS H 60 -66.45 38.51 -45.41
CA LYS H 60 -67.44 39.39 -46.04
C LYS H 60 -68.44 39.82 -44.98
N GLU H 61 -69.43 40.58 -45.42
CA GLU H 61 -70.48 41.12 -44.56
C GLU H 61 -71.83 40.49 -44.95
N VAL H 62 -72.59 40.09 -43.95
CA VAL H 62 -73.94 39.60 -44.14
C VAL H 62 -74.91 40.70 -43.80
N LYS H 63 -76.13 40.59 -44.33
CA LYS H 63 -77.15 41.59 -44.04
C LYS H 63 -77.88 41.22 -42.74
N GLU H 64 -78.32 42.26 -42.04
CA GLU H 64 -78.76 42.13 -40.65
C GLU H 64 -80.09 41.42 -40.49
N ASP H 65 -80.78 41.09 -41.59
CA ASP H 65 -82.10 40.49 -41.50
C ASP H 65 -82.16 39.05 -42.02
N GLU H 66 -81.02 38.43 -42.29
CA GLU H 66 -81.02 37.04 -42.74
C GLU H 66 -79.75 36.36 -42.23
N ILE H 67 -79.87 35.70 -41.08
CA ILE H 67 -78.84 34.80 -40.57
C ILE H 67 -79.55 33.57 -40.03
N THR H 68 -79.01 32.38 -40.35
CA THR H 68 -79.66 31.14 -39.98
C THR H 68 -79.77 30.97 -38.46
N ASP H 69 -78.95 31.66 -37.69
CA ASP H 69 -78.95 31.51 -36.24
C ASP H 69 -79.72 32.66 -35.60
N LYS H 70 -80.59 32.32 -34.64
CA LYS H 70 -81.30 33.32 -33.88
C LYS H 70 -80.54 33.77 -32.64
N THR H 71 -79.62 32.94 -32.12
CA THR H 71 -78.85 33.34 -30.95
C THR H 71 -77.97 34.55 -31.27
N ILE H 72 -77.31 34.53 -32.42
CA ILE H 72 -76.56 35.70 -32.85
C ILE H 72 -77.51 36.85 -33.18
N ARG H 73 -78.78 36.54 -33.44
CA ARG H 73 -79.72 37.55 -33.90
C ARG H 73 -80.21 38.41 -32.75
N ASP H 74 -80.90 37.80 -31.77
CA ASP H 74 -81.63 38.55 -30.77
C ASP H 74 -80.72 39.42 -29.90
N LEU H 75 -79.43 39.09 -29.84
CA LEU H 75 -78.54 39.79 -28.91
C LEU H 75 -78.45 41.28 -29.19
N ALA H 76 -78.83 41.72 -30.38
CA ALA H 76 -78.91 43.14 -30.66
C ALA H 76 -79.92 43.79 -29.73
N ARG I 1 -43.00 -13.27 -23.77
CA ARG I 1 -42.35 -11.97 -23.79
C ARG I 1 -43.37 -10.86 -24.06
N PRO I 2 -43.25 -9.75 -23.33
CA PRO I 2 -44.27 -8.70 -23.45
C PRO I 2 -44.28 -8.05 -24.82
N GLY I 3 -45.46 -7.55 -25.19
CA GLY I 3 -45.61 -6.88 -26.48
C GLY I 3 -44.87 -5.55 -26.58
N ARG I 4 -44.55 -4.94 -25.44
CA ARG I 4 -43.77 -3.70 -25.48
C ARG I 4 -42.35 -3.91 -25.95
N CYS I 5 -41.89 -5.16 -26.05
CA CYS I 5 -40.49 -5.40 -26.37
C CYS I 5 -40.18 -5.14 -27.84
N TYR I 6 -41.17 -5.28 -28.72
CA TYR I 6 -40.95 -5.13 -30.15
C TYR I 6 -41.87 -4.11 -30.80
N ARG I 7 -42.38 -3.15 -30.03
CA ARG I 7 -43.30 -2.18 -30.60
C ARG I 7 -42.63 -1.29 -31.63
N LYS I 8 -41.49 -0.70 -31.27
CA LYS I 8 -40.78 0.22 -32.15
C LYS I 8 -39.91 -0.56 -33.14
N PHE I 9 -39.17 0.17 -33.97
CA PHE I 9 -38.26 -0.42 -34.93
C PHE I 9 -36.85 -0.41 -34.38
N SER I 10 -36.18 -1.56 -34.44
CA SER I 10 -34.78 -1.67 -34.06
C SER I 10 -34.04 -2.16 -35.30
N GLY I 11 -33.64 -1.23 -36.16
CA GLY I 11 -32.88 -1.57 -37.35
C GLY I 11 -33.74 -1.74 -38.58
N PRO I 12 -33.17 -2.32 -39.62
CA PRO I 12 -33.90 -2.48 -40.88
C PRO I 12 -34.94 -3.58 -40.80
N ALA I 13 -35.58 -3.88 -41.92
CA ALA I 13 -36.46 -5.03 -42.01
C ALA I 13 -35.66 -6.32 -41.94
N TYR I 14 -36.37 -7.46 -42.05
CA TYR I 14 -35.74 -8.77 -41.94
C TYR I 14 -36.62 -9.73 -42.75
N THR I 15 -36.23 -9.98 -44.00
CA THR I 15 -37.19 -10.61 -44.90
C THR I 15 -36.70 -11.85 -45.60
N ARG I 16 -35.44 -11.89 -46.01
CA ARG I 16 -34.96 -12.93 -46.92
C ARG I 16 -34.87 -14.26 -46.19
N ARG I 17 -35.80 -15.17 -46.49
CA ARG I 17 -35.84 -16.46 -45.82
C ARG I 17 -34.56 -17.25 -46.09
N GLU I 18 -34.12 -17.26 -47.35
CA GLU I 18 -32.94 -18.02 -47.71
C GLU I 18 -31.71 -17.53 -46.96
N TYR I 19 -31.68 -16.25 -46.60
CA TYR I 19 -30.60 -15.71 -45.79
C TYR I 19 -30.84 -15.88 -44.29
N ILE I 20 -32.08 -16.12 -43.88
CA ILE I 20 -32.37 -16.21 -42.45
C ILE I 20 -32.98 -17.58 -42.17
N PRO I 21 -32.19 -18.54 -41.71
CA PRO I 21 -32.71 -19.89 -41.54
C PRO I 21 -33.63 -20.01 -40.32
N GLY I 22 -34.47 -21.04 -40.36
CA GLY I 22 -35.26 -21.43 -39.21
C GLY I 22 -36.19 -20.38 -38.64
N ILE I 23 -37.22 -20.03 -39.40
CA ILE I 23 -38.23 -19.08 -38.95
C ILE I 23 -39.35 -19.86 -38.28
N PRO I 24 -39.71 -19.56 -37.04
CA PRO I 24 -40.86 -20.22 -36.42
C PRO I 24 -42.13 -19.95 -37.21
N MET I 25 -42.98 -20.96 -37.30
CA MET I 25 -44.18 -20.86 -38.11
C MET I 25 -45.12 -19.80 -37.53
N PRO I 26 -45.62 -18.89 -38.34
CA PRO I 26 -46.54 -17.87 -37.81
C PRO I 26 -47.84 -18.50 -37.34
N LYS I 27 -48.44 -17.86 -36.34
CA LYS I 27 -49.70 -18.35 -35.78
C LYS I 27 -50.82 -18.28 -36.80
N ILE I 28 -50.88 -17.21 -37.58
CA ILE I 28 -51.98 -17.03 -38.51
C ILE I 28 -51.85 -18.01 -39.65
N THR I 29 -52.94 -18.67 -39.99
CA THR I 29 -52.98 -19.57 -41.13
C THR I 29 -54.07 -19.19 -42.13
N LYS I 30 -55.23 -18.77 -41.66
CA LYS I 30 -56.31 -18.33 -42.52
C LYS I 30 -56.38 -16.82 -42.49
N PHE I 31 -56.51 -16.20 -43.67
CA PHE I 31 -56.53 -14.76 -43.78
C PHE I 31 -57.85 -14.22 -44.29
N VAL I 32 -58.73 -15.06 -44.81
CA VAL I 32 -60.00 -14.64 -45.38
C VAL I 32 -61.11 -15.46 -44.77
N MET I 33 -62.14 -14.79 -44.27
CA MET I 33 -63.30 -15.46 -43.69
C MET I 33 -64.56 -14.82 -44.26
N GLY I 34 -65.64 -15.59 -44.22
CA GLY I 34 -66.90 -15.13 -44.74
C GLY I 34 -67.03 -15.40 -46.22
N ASN I 35 -68.22 -15.11 -46.74
CA ASN I 35 -68.56 -15.39 -48.13
C ASN I 35 -68.03 -14.26 -48.98
N VAL I 36 -66.75 -14.36 -49.36
CA VAL I 36 -66.23 -13.45 -50.36
C VAL I 36 -67.01 -13.67 -51.65
N ASN I 37 -66.99 -12.65 -52.51
CA ASN I 37 -67.84 -12.53 -53.69
C ASN I 37 -69.30 -12.40 -53.32
N GLY I 38 -69.64 -12.38 -52.03
CA GLY I 38 -71.01 -12.14 -51.64
C GLY I 38 -71.38 -10.68 -51.75
N ASP I 39 -72.68 -10.43 -51.82
CA ASP I 39 -73.18 -9.07 -52.00
C ASP I 39 -73.11 -8.32 -50.69
N TYR I 40 -72.43 -7.19 -50.69
CA TYR I 40 -72.28 -6.37 -49.49
C TYR I 40 -72.53 -4.92 -49.85
N ASP I 41 -72.95 -4.16 -48.85
CA ASP I 41 -73.30 -2.76 -49.08
C ASP I 41 -72.44 -1.80 -48.27
N TYR I 42 -72.33 -2.00 -46.96
CA TYR I 42 -71.44 -1.17 -46.17
C TYR I 42 -70.00 -1.62 -46.31
N GLU I 43 -69.09 -0.66 -46.36
CA GLU I 43 -67.74 -0.85 -46.89
C GLU I 43 -66.71 -0.31 -45.90
N LEU I 44 -66.92 -0.59 -44.61
CA LEU I 44 -66.09 -0.04 -43.56
C LEU I 44 -64.71 -0.70 -43.55
N ARG I 45 -63.68 0.10 -43.29
CA ARG I 45 -62.30 -0.34 -43.26
C ARG I 45 -61.67 0.02 -41.92
N LEU I 46 -60.42 -0.41 -41.73
CA LEU I 46 -59.67 -0.16 -40.50
C LEU I 46 -58.37 0.56 -40.83
N ILE I 47 -58.05 1.58 -40.05
CA ILE I 47 -56.90 2.44 -40.30
C ILE I 47 -56.08 2.57 -39.03
N THR I 48 -54.76 2.51 -39.17
CA THR I 48 -53.84 2.73 -38.06
C THR I 48 -53.45 4.21 -37.97
N THR I 49 -52.77 4.55 -36.88
CA THR I 49 -52.44 5.94 -36.58
C THR I 49 -50.95 6.22 -36.50
N GLU I 50 -50.20 5.44 -35.71
CA GLU I 50 -48.78 5.64 -35.56
C GLU I 50 -48.03 4.44 -36.12
N LYS I 51 -46.74 4.62 -36.34
CA LYS I 51 -45.93 3.57 -36.94
C LYS I 51 -45.66 2.47 -35.92
N GLY I 52 -45.07 1.38 -36.41
CA GLY I 52 -44.67 0.31 -35.53
C GLY I 52 -44.75 -1.03 -36.24
N GLN I 53 -44.46 -2.07 -35.47
CA GLN I 53 -44.57 -3.45 -35.91
C GLN I 53 -45.55 -4.19 -35.00
N ILE I 54 -46.36 -5.07 -35.58
CA ILE I 54 -47.38 -5.80 -34.85
C ILE I 54 -47.02 -7.28 -34.89
N ARG I 55 -46.91 -7.89 -33.72
CA ARG I 55 -46.62 -9.32 -33.65
C ARG I 55 -47.79 -10.13 -34.19
N HIS I 56 -47.47 -11.19 -34.93
CA HIS I 56 -48.51 -12.05 -35.48
C HIS I 56 -49.31 -12.72 -34.38
N ASN I 57 -48.69 -12.95 -33.22
CA ASN I 57 -49.37 -13.66 -32.14
C ASN I 57 -50.65 -12.94 -31.74
N ALA I 58 -50.57 -11.63 -31.55
CA ALA I 58 -51.77 -10.86 -31.25
C ALA I 58 -52.74 -10.89 -32.41
N LEU I 59 -52.23 -10.79 -33.63
CA LEU I 59 -53.10 -10.74 -34.80
C LEU I 59 -53.93 -12.01 -34.91
N GLU I 60 -53.30 -13.17 -34.71
CA GLU I 60 -54.04 -14.42 -34.75
C GLU I 60 -55.11 -14.44 -33.67
N ALA I 61 -54.76 -13.97 -32.47
CA ALA I 61 -55.78 -13.80 -31.44
C ALA I 61 -56.84 -12.81 -31.89
N ALA I 62 -56.42 -11.70 -32.49
CA ALA I 62 -57.38 -10.76 -33.05
C ALA I 62 -58.22 -11.41 -34.13
N ARG I 63 -57.62 -12.31 -34.90
CA ARG I 63 -58.38 -13.03 -35.93
C ARG I 63 -59.48 -13.88 -35.30
N VAL I 64 -59.17 -14.57 -34.21
CA VAL I 64 -60.12 -15.49 -33.61
C VAL I 64 -61.29 -14.72 -32.98
N ILE I 65 -60.97 -13.66 -32.23
CA ILE I 65 -62.03 -12.95 -31.51
C ILE I 65 -63.02 -12.33 -32.48
N ALA I 66 -62.53 -11.82 -33.61
CA ALA I 66 -63.43 -11.24 -34.59
C ALA I 66 -64.39 -12.28 -35.14
N LEU I 67 -63.88 -13.48 -35.42
CA LEU I 67 -64.72 -14.52 -36.02
C LEU I 67 -65.85 -14.92 -35.09
N LYS I 68 -65.52 -15.20 -33.82
CA LYS I 68 -66.54 -15.66 -32.89
C LYS I 68 -67.65 -14.64 -32.71
N TYR I 69 -67.28 -13.36 -32.60
CA TYR I 69 -68.29 -12.32 -32.44
C TYR I 69 -69.22 -12.28 -33.63
N LEU I 70 -68.68 -12.36 -34.85
CA LEU I 70 -69.54 -12.41 -36.03
C LEU I 70 -70.25 -13.75 -36.14
N SER I 71 -69.53 -14.85 -35.83
CA SER I 71 -70.12 -16.16 -35.99
C SER I 71 -71.38 -16.31 -35.15
N LYS I 72 -71.33 -15.84 -33.90
CA LYS I 72 -72.52 -15.89 -33.07
C LYS I 72 -73.57 -14.91 -33.56
N LYS I 73 -73.15 -13.83 -34.25
CA LYS I 73 -74.09 -12.81 -34.65
C LYS I 73 -75.14 -13.35 -35.62
N LEU I 74 -74.72 -13.73 -36.82
CA LEU I 74 -75.67 -14.28 -37.78
C LEU I 74 -75.28 -15.70 -38.20
N ALA I 75 -74.08 -15.88 -38.72
CA ALA I 75 -73.56 -17.18 -39.18
C ALA I 75 -72.10 -16.95 -39.56
N SER I 76 -71.46 -17.98 -40.09
CA SER I 76 -70.11 -17.86 -40.63
C SER I 76 -70.08 -17.76 -42.14
N GLU I 77 -71.11 -18.26 -42.82
CA GLU I 77 -71.23 -18.15 -44.27
C GLU I 77 -72.23 -17.09 -44.69
N GLN I 78 -72.78 -16.34 -43.75
CA GLN I 78 -73.88 -15.43 -44.04
C GLN I 78 -73.34 -14.19 -44.75
N ASN I 79 -74.19 -13.17 -44.89
CA ASN I 79 -73.87 -11.98 -45.66
C ASN I 79 -72.82 -11.14 -44.94
N PHE I 80 -71.61 -11.68 -44.82
CA PHE I 80 -70.49 -10.95 -44.26
C PHE I 80 -69.21 -11.62 -44.72
N ALA I 81 -68.11 -10.88 -44.67
CA ALA I 81 -66.82 -11.42 -45.06
C ALA I 81 -65.72 -10.66 -44.34
N LEU I 82 -64.81 -11.38 -43.72
CA LEU I 82 -63.67 -10.79 -43.02
C LEU I 82 -62.38 -11.15 -43.74
N VAL I 83 -61.59 -10.14 -44.07
CA VAL I 83 -60.29 -10.33 -44.70
C VAL I 83 -59.27 -9.45 -43.97
N VAL I 84 -58.19 -10.05 -43.53
CA VAL I 84 -57.07 -9.31 -42.96
C VAL I 84 -56.07 -9.00 -44.06
N THR I 85 -55.58 -7.77 -44.09
CA THR I 85 -54.75 -7.32 -45.20
C THR I 85 -53.31 -7.78 -45.07
N LYS I 86 -52.63 -7.35 -44.02
CA LYS I 86 -51.19 -7.52 -43.93
C LYS I 86 -50.82 -8.99 -43.75
N TYR I 87 -49.52 -9.26 -43.90
CA TYR I 87 -48.92 -10.56 -43.71
C TYR I 87 -47.67 -10.40 -42.86
N PRO I 88 -47.36 -11.37 -42.02
CA PRO I 88 -46.17 -11.26 -41.19
C PRO I 88 -44.88 -11.45 -41.97
N HIS I 89 -44.61 -10.56 -42.93
CA HIS I 89 -43.36 -10.66 -43.69
C HIS I 89 -42.15 -10.39 -42.81
N HIS I 90 -42.25 -9.40 -41.92
CA HIS I 90 -41.13 -9.06 -41.05
C HIS I 90 -40.89 -10.17 -40.03
N VAL I 91 -39.62 -10.32 -39.64
CA VAL I 91 -39.20 -11.32 -38.69
C VAL I 91 -38.43 -10.65 -37.56
N ILE I 92 -38.75 -11.01 -36.33
CA ILE I 92 -38.04 -10.49 -35.16
C ILE I 92 -36.96 -11.49 -34.76
N ARG I 93 -35.89 -10.97 -34.18
CA ARG I 93 -34.80 -11.79 -33.68
C ARG I 93 -34.39 -11.28 -32.30
N GLU I 94 -34.15 -12.22 -31.38
CA GLU I 94 -33.81 -11.87 -30.00
C GLU I 94 -32.63 -12.70 -29.52
N ASN I 95 -31.74 -12.07 -28.77
CA ASN I 95 -30.59 -12.73 -28.19
C ASN I 95 -31.05 -13.57 -27.00
N LYS I 96 -31.56 -14.76 -27.31
CA LYS I 96 -31.99 -15.68 -26.26
C LYS I 96 -30.82 -16.31 -25.51
N MET I 97 -29.58 -16.10 -25.98
CA MET I 97 -28.43 -16.77 -25.38
C MET I 97 -28.25 -16.45 -23.91
N MET I 98 -28.78 -15.31 -23.45
CA MET I 98 -28.69 -14.97 -22.03
C MET I 98 -29.60 -15.86 -21.19
N ALA I 99 -30.47 -16.65 -21.81
CA ALA I 99 -31.28 -17.59 -21.05
C ALA I 99 -30.52 -18.89 -20.80
N PHE I 100 -30.16 -19.61 -21.86
CA PHE I 100 -29.43 -20.87 -21.69
C PHE I 100 -28.00 -20.62 -21.25
N ALA I 101 -27.23 -19.90 -22.07
CA ALA I 101 -25.83 -19.65 -21.76
C ALA I 101 -25.65 -18.60 -20.67
N GLY I 102 -26.73 -17.96 -20.22
CA GLY I 102 -26.61 -16.89 -19.25
C GLY I 102 -26.50 -17.37 -17.83
N ALA I 103 -26.28 -18.68 -17.64
CA ALA I 103 -26.15 -19.23 -16.30
C ALA I 103 -25.07 -20.30 -16.19
N ASP I 104 -24.18 -20.42 -17.18
CA ASP I 104 -23.16 -21.47 -17.15
C ASP I 104 -21.76 -20.93 -17.46
N ARG I 105 -21.55 -19.62 -17.30
CA ARG I 105 -20.26 -18.98 -17.58
C ARG I 105 -19.80 -19.24 -19.01
N LEU I 106 -20.74 -19.33 -19.95
CA LEU I 106 -20.42 -19.45 -21.37
C LEU I 106 -20.27 -18.04 -21.91
N GLN I 107 -20.19 -17.86 -23.22
CA GLN I 107 -20.01 -16.52 -23.77
C GLN I 107 -21.26 -15.67 -23.53
N ASP I 108 -21.42 -15.21 -22.29
CA ASP I 108 -22.57 -14.41 -21.91
C ASP I 108 -22.33 -12.94 -22.26
N GLY I 109 -23.21 -12.06 -21.80
CA GLY I 109 -23.07 -10.64 -22.07
C GLY I 109 -23.42 -10.31 -23.51
N MET I 110 -23.08 -9.09 -23.90
CA MET I 110 -23.31 -8.66 -25.28
C MET I 110 -22.43 -9.42 -26.27
N ARG I 111 -21.64 -10.37 -25.81
CA ARG I 111 -20.79 -11.15 -26.70
C ARG I 111 -21.64 -11.90 -27.72
N LEU I 112 -21.36 -11.65 -29.00
CA LEU I 112 -22.05 -12.31 -30.09
C LEU I 112 -23.57 -12.20 -29.92
N SER I 113 -24.02 -10.95 -29.80
CA SER I 113 -25.39 -10.66 -29.40
C SER I 113 -26.31 -10.43 -30.59
N PHE I 114 -26.06 -11.08 -31.72
CA PHE I 114 -27.00 -11.00 -32.82
C PHE I 114 -28.27 -11.75 -32.45
N GLY I 115 -29.40 -11.26 -32.96
CA GLY I 115 -30.68 -11.82 -32.58
C GLY I 115 -30.93 -13.18 -33.20
N LYS I 116 -31.95 -13.86 -32.69
CA LYS I 116 -32.28 -15.20 -33.15
C LYS I 116 -33.77 -15.25 -33.48
N PRO I 117 -34.15 -15.89 -34.58
CA PRO I 117 -35.54 -15.84 -35.03
C PRO I 117 -36.47 -16.59 -34.08
N ILE I 118 -37.42 -15.87 -33.50
CA ILE I 118 -38.46 -16.48 -32.68
C ILE I 118 -39.86 -16.07 -33.08
N GLY I 119 -40.05 -15.00 -33.84
CA GLY I 119 -41.39 -14.58 -34.19
C GLY I 119 -41.40 -13.71 -35.43
N THR I 120 -42.60 -13.44 -35.92
CA THR I 120 -42.80 -12.67 -37.13
C THR I 120 -43.78 -11.54 -36.88
N ALA I 121 -43.69 -10.51 -37.71
CA ALA I 121 -44.56 -9.36 -37.57
C ALA I 121 -45.00 -8.89 -38.95
N ALA I 122 -46.19 -8.30 -39.00
CA ALA I 122 -46.70 -7.66 -40.21
C ALA I 122 -46.26 -6.20 -40.18
N ARG I 123 -45.39 -5.82 -41.10
CA ARG I 123 -44.73 -4.54 -41.03
C ARG I 123 -45.68 -3.39 -41.41
N LEU I 124 -45.54 -2.27 -40.70
CA LEU I 124 -46.28 -1.05 -40.99
C LEU I 124 -45.28 0.04 -41.31
N GLU I 125 -45.39 0.62 -42.51
CA GLU I 125 -44.50 1.68 -42.94
C GLU I 125 -45.18 2.97 -43.34
N LYS I 126 -46.48 2.96 -43.58
CA LYS I 126 -47.19 4.16 -44.01
C LYS I 126 -48.15 4.62 -42.93
N LEU I 127 -48.28 5.94 -42.80
CA LEU I 127 -49.22 6.52 -41.86
C LEU I 127 -50.64 6.25 -42.35
N GLY I 128 -51.38 5.45 -41.61
CA GLY I 128 -52.75 5.13 -41.98
C GLY I 128 -52.83 4.05 -43.04
N GLU I 129 -52.31 2.87 -42.71
CA GLU I 129 -52.32 1.72 -43.60
C GLU I 129 -53.41 0.76 -43.18
N LEU I 130 -53.97 0.05 -44.16
CA LEU I 130 -55.00 -0.93 -43.88
C LEU I 130 -54.42 -2.10 -43.11
N VAL I 131 -55.24 -2.66 -42.21
CA VAL I 131 -54.79 -3.82 -41.44
C VAL I 131 -55.78 -4.96 -41.68
N MET I 132 -57.05 -4.73 -41.34
CA MET I 132 -58.12 -5.60 -41.83
C MET I 132 -59.30 -4.74 -42.26
N TYR I 133 -60.33 -5.40 -42.78
CA TYR I 133 -61.56 -4.74 -43.17
C TYR I 133 -62.65 -5.80 -43.27
N VAL I 134 -63.90 -5.34 -43.23
CA VAL I 134 -65.05 -6.24 -43.27
C VAL I 134 -66.13 -5.62 -44.15
N ARG I 135 -66.84 -6.47 -44.90
CA ARG I 135 -67.87 -6.04 -45.81
C ARG I 135 -69.21 -6.62 -45.38
N VAL I 136 -70.20 -5.75 -45.21
CA VAL I 136 -71.54 -6.13 -44.78
C VAL I 136 -72.56 -5.36 -45.62
N LYS I 137 -73.82 -5.50 -45.24
CA LYS I 137 -74.93 -4.80 -45.87
C LYS I 137 -75.34 -3.60 -45.02
N LYS I 138 -76.45 -2.95 -45.40
CA LYS I 138 -76.91 -1.77 -44.70
C LYS I 138 -77.40 -2.08 -43.29
N GLU I 139 -77.87 -3.30 -43.05
CA GLU I 139 -78.61 -3.61 -41.84
C GLU I 139 -77.73 -4.12 -40.70
N HIS I 140 -76.41 -4.13 -40.86
CA HIS I 140 -75.58 -4.69 -39.80
C HIS I 140 -74.29 -3.90 -39.58
N LEU I 141 -74.28 -2.63 -39.96
CA LEU I 141 -73.11 -1.81 -39.66
C LEU I 141 -72.92 -1.65 -38.16
N GLU I 142 -74.02 -1.59 -37.41
CA GLU I 142 -73.93 -1.38 -35.97
C GLU I 142 -73.17 -2.51 -35.29
N ALA I 143 -73.41 -3.75 -35.72
CA ALA I 143 -72.66 -4.87 -35.17
C ALA I 143 -71.24 -4.88 -35.67
N ALA I 144 -70.99 -4.33 -36.85
CA ALA I 144 -69.65 -4.32 -37.40
C ALA I 144 -68.75 -3.31 -36.72
N LYS I 145 -69.32 -2.24 -36.16
CA LYS I 145 -68.49 -1.19 -35.57
C LYS I 145 -67.63 -1.74 -34.44
N GLU I 146 -68.27 -2.22 -33.37
CA GLU I 146 -67.50 -2.80 -32.28
C GLU I 146 -66.76 -4.04 -32.73
N ALA I 147 -67.29 -4.75 -33.74
CA ALA I 147 -66.63 -5.96 -34.20
C ALA I 147 -65.21 -5.68 -34.62
N LEU I 148 -64.99 -4.61 -35.37
CA LEU I 148 -63.64 -4.14 -35.58
C LEU I 148 -63.05 -3.57 -34.29
N LYS I 149 -63.86 -2.82 -33.54
CA LYS I 149 -63.35 -2.13 -32.37
C LYS I 149 -62.87 -3.12 -31.31
N ILE I 150 -63.63 -4.20 -31.10
CA ILE I 150 -63.20 -5.19 -30.13
C ILE I 150 -61.90 -5.83 -30.56
N ALA I 151 -61.74 -6.07 -31.86
CA ALA I 151 -60.46 -6.55 -32.37
C ALA I 151 -59.36 -5.53 -32.08
N SER I 152 -59.66 -4.25 -32.30
CA SER I 152 -58.68 -3.20 -32.07
C SER I 152 -58.25 -3.14 -30.61
N SER I 153 -59.06 -3.64 -29.69
CA SER I 153 -58.68 -3.64 -28.28
C SER I 153 -57.38 -4.37 -28.06
N LYS I 154 -57.14 -5.44 -28.80
CA LYS I 154 -55.93 -6.23 -28.65
C LYS I 154 -54.78 -5.71 -29.50
N LEU I 155 -55.02 -4.74 -30.36
CA LEU I 155 -53.84 -4.38 -31.15
C LEU I 155 -52.92 -3.48 -30.32
N PRO I 156 -51.61 -3.65 -30.49
CA PRO I 156 -50.67 -2.81 -29.72
C PRO I 156 -50.78 -1.33 -30.01
N ILE I 157 -51.13 -0.95 -31.22
CA ILE I 157 -51.07 0.45 -31.61
C ILE I 157 -52.48 1.02 -31.64
N ARG I 158 -52.57 2.34 -31.47
CA ARG I 158 -53.84 3.04 -31.62
C ARG I 158 -54.36 2.87 -33.04
N THR I 159 -55.67 2.64 -33.16
CA THR I 159 -56.30 2.38 -34.44
C THR I 159 -57.43 3.37 -34.68
N LYS I 160 -57.90 3.40 -35.92
CA LYS I 160 -59.02 4.24 -36.34
C LYS I 160 -59.98 3.43 -37.19
N ILE I 161 -61.26 3.82 -37.14
CA ILE I 161 -62.30 3.17 -37.91
C ILE I 161 -62.87 4.18 -38.90
N GLU I 162 -63.64 3.67 -39.86
CA GLU I 162 -64.34 4.54 -40.80
C GLU I 162 -65.57 3.79 -41.31
N ILE I 163 -66.41 4.51 -42.04
CA ILE I 163 -67.65 3.97 -42.60
C ILE I 163 -67.69 4.29 -44.08
N SER I 164 -68.02 3.30 -44.89
CA SER I 164 -68.13 3.51 -46.33
C SER I 164 -69.18 2.59 -46.96
N VAL J 1 -45.32 53.99 10.20
CA VAL J 1 -45.88 53.42 8.98
C VAL J 1 -46.70 52.19 9.29
N ILE J 2 -47.99 52.25 8.94
CA ILE J 2 -48.95 51.23 9.35
C ILE J 2 -49.78 50.82 8.14
N VAL J 3 -50.01 49.52 7.99
CA VAL J 3 -50.79 48.98 6.89
C VAL J 3 -51.86 48.04 7.42
N ASP J 4 -53.06 48.16 6.87
CA ASP J 4 -54.14 47.22 7.16
C ASP J 4 -54.18 46.14 6.09
N ALA J 5 -54.35 44.90 6.52
CA ALA J 5 -54.48 43.78 5.61
C ALA J 5 -55.91 43.27 5.52
N THR J 6 -56.87 44.01 6.04
CA THR J 6 -58.25 43.57 5.96
C THR J 6 -58.66 43.40 4.51
N ASN J 7 -59.24 42.25 4.20
CA ASN J 7 -59.72 41.95 2.86
C ASN J 7 -58.59 42.08 1.83
N GLN J 8 -57.41 41.62 2.21
CA GLN J 8 -56.24 41.65 1.34
C GLN J 8 -55.72 40.25 1.13
N ILE J 9 -55.09 40.03 -0.02
CA ILE J 9 -54.50 38.73 -0.34
C ILE J 9 -53.11 38.65 0.26
N LEU J 10 -52.91 37.69 1.16
CA LEU J 10 -51.69 37.62 1.93
C LEU J 10 -50.46 37.57 1.03
N GLY J 11 -50.45 36.64 0.09
CA GLY J 11 -49.34 36.59 -0.85
C GLY J 11 -49.19 37.89 -1.60
N ARG J 12 -50.30 38.43 -2.10
CA ARG J 12 -50.23 39.71 -2.79
C ARG J 12 -49.85 40.83 -1.83
N MET J 13 -50.49 40.87 -0.66
CA MET J 13 -50.19 41.93 0.30
C MET J 13 -48.75 41.81 0.78
N SER J 14 -48.21 40.60 0.78
CA SER J 14 -46.86 40.38 1.26
C SER J 14 -45.86 41.23 0.51
N THR J 15 -46.07 41.39 -0.79
CA THR J 15 -45.02 41.92 -1.66
C THR J 15 -44.58 43.30 -1.22
N HIS J 16 -45.48 44.27 -1.34
CA HIS J 16 -45.08 45.65 -1.10
C HIS J 16 -44.59 45.85 0.33
N ILE J 17 -44.90 44.92 1.22
CA ILE J 17 -44.24 44.91 2.52
C ILE J 17 -42.74 44.83 2.32
N ALA J 18 -42.30 43.90 1.46
CA ALA J 18 -40.88 43.63 1.32
C ALA J 18 -40.11 44.84 0.84
N LYS J 19 -40.64 45.55 -0.16
CA LYS J 19 -39.95 46.74 -0.62
C LYS J 19 -39.87 47.77 0.49
N LEU J 20 -40.94 47.92 1.27
CA LEU J 20 -40.88 48.75 2.46
C LEU J 20 -39.84 48.20 3.42
N LEU J 21 -39.72 46.88 3.49
CA LEU J 21 -38.66 46.30 4.29
C LEU J 21 -37.29 46.70 3.74
N LYS J 22 -37.07 46.46 2.45
CA LYS J 22 -35.78 46.79 1.87
C LYS J 22 -35.51 48.28 1.94
N SER J 23 -36.56 49.09 2.07
CA SER J 23 -36.37 50.52 2.21
C SER J 23 -35.56 50.85 3.45
N GLY J 24 -35.92 50.24 4.57
CA GLY J 24 -35.29 50.57 5.83
C GLY J 24 -36.14 51.47 6.69
N LYS J 25 -37.45 51.20 6.74
CA LYS J 25 -38.36 51.92 7.60
C LYS J 25 -39.21 50.92 8.38
N LYS J 26 -39.36 51.17 9.68
CA LYS J 26 -40.12 50.27 10.53
C LYS J 26 -41.61 50.32 10.19
N VAL J 27 -42.24 49.16 10.23
CA VAL J 27 -43.62 48.99 9.77
C VAL J 27 -44.42 48.29 10.85
N TYR J 28 -45.73 48.18 10.59
CA TYR J 28 -46.63 47.44 11.45
C TYR J 28 -47.75 46.88 10.61
N VAL J 29 -48.43 45.87 11.14
CA VAL J 29 -49.63 45.31 10.53
C VAL J 29 -50.66 45.08 11.62
N VAL J 30 -51.91 45.46 11.34
CA VAL J 30 -53.02 45.29 12.28
C VAL J 30 -54.12 44.50 11.59
N ASN J 31 -54.95 43.86 12.41
CA ASN J 31 -56.10 43.11 11.92
C ASN J 31 -55.69 42.07 10.90
N ALA J 32 -54.50 41.49 11.10
CA ALA J 32 -53.94 40.59 10.11
C ALA J 32 -54.86 39.40 9.87
N GLU J 33 -55.59 38.97 10.90
CA GLU J 33 -56.54 37.88 10.75
C GLU J 33 -57.57 38.14 9.66
N LYS J 34 -57.61 39.35 9.10
CA LYS J 34 -58.62 39.72 8.12
C LYS J 34 -58.12 39.64 6.69
N ALA J 35 -56.95 39.04 6.46
CA ALA J 35 -56.54 38.71 5.11
C ALA J 35 -57.15 37.37 4.70
N ILE J 36 -57.02 37.05 3.41
CA ILE J 36 -57.61 35.84 2.86
C ILE J 36 -56.68 35.20 1.84
N ILE J 37 -56.90 33.91 1.60
CA ILE J 37 -56.17 33.14 0.60
C ILE J 37 -57.17 32.50 -0.33
N SER J 38 -56.94 32.66 -1.63
CA SER J 38 -57.81 32.04 -2.62
C SER J 38 -57.68 30.52 -2.57
N GLY J 39 -58.81 29.84 -2.70
CA GLY J 39 -58.82 28.40 -2.72
C GLY J 39 -59.88 27.79 -1.84
N PRO J 40 -60.29 26.57 -2.18
CA PRO J 40 -61.28 25.87 -1.35
C PRO J 40 -60.67 25.39 -0.04
N ARG J 41 -61.55 25.04 0.90
CA ARG J 41 -61.12 24.72 2.25
C ARG J 41 -60.17 23.53 2.27
N SER J 42 -60.48 22.50 1.48
CA SER J 42 -59.67 21.28 1.54
C SER J 42 -58.23 21.57 1.18
N ARG J 43 -58.00 22.20 0.03
CA ARG J 43 -56.64 22.40 -0.45
C ARG J 43 -55.87 23.32 0.48
N VAL J 44 -56.46 24.47 0.82
CA VAL J 44 -55.72 25.49 1.55
C VAL J 44 -55.25 24.96 2.89
N LEU J 45 -56.08 24.15 3.53
CA LEU J 45 -55.62 23.43 4.72
C LEU J 45 -54.59 22.38 4.33
N GLU J 46 -54.92 21.56 3.33
CA GLU J 46 -54.03 20.48 2.93
C GLU J 46 -52.70 21.05 2.46
N GLY J 47 -52.75 22.17 1.74
CA GLY J 47 -51.54 22.80 1.26
C GLY J 47 -50.73 23.43 2.38
N TYR J 48 -51.25 23.35 3.60
CA TYR J 48 -50.53 23.84 4.77
C TYR J 48 -50.39 22.72 5.79
N SER J 49 -51.39 21.84 5.86
CA SER J 49 -51.37 20.78 6.85
C SER J 49 -50.21 19.83 6.68
N LEU J 50 -49.67 19.73 5.45
CA LEU J 50 -48.66 18.73 5.17
C LEU J 50 -47.42 18.89 6.03
N LEU J 51 -47.19 20.10 6.56
CA LEU J 51 -45.95 20.39 7.27
C LEU J 51 -45.97 19.99 8.74
N PHE J 52 -47.08 19.47 9.25
CA PHE J 52 -47.17 19.23 10.69
C PHE J 52 -46.21 18.16 11.17
N THR J 53 -45.70 18.35 12.39
CA THR J 53 -44.94 17.35 13.12
C THR J 53 -45.65 16.90 14.39
N VAL J 54 -45.92 17.83 15.31
CA VAL J 54 -46.69 17.57 16.53
C VAL J 54 -47.63 18.75 16.75
N LYS J 55 -48.34 18.74 17.87
CA LYS J 55 -49.61 19.43 18.03
C LYS J 55 -49.54 20.65 18.93
N THR J 56 -49.01 20.50 20.14
CA THR J 56 -49.30 21.36 21.28
C THR J 56 -48.72 22.76 21.15
N MET J 57 -49.00 23.59 22.15
CA MET J 57 -48.59 24.99 22.17
C MET J 57 -48.53 25.46 23.62
N GLN J 58 -47.38 25.97 24.06
CA GLN J 58 -47.21 26.33 25.48
C GLN J 58 -46.37 27.59 25.73
N ASN J 59 -46.63 28.71 25.00
CA ASN J 59 -46.06 30.03 25.38
C ASN J 59 -46.80 31.27 24.84
N PRO J 60 -46.36 32.49 25.17
CA PRO J 60 -46.80 33.63 24.37
C PRO J 60 -46.04 33.69 23.06
N TYR J 61 -46.66 34.32 22.07
CA TYR J 61 -46.37 34.14 20.65
C TYR J 61 -44.89 34.23 20.27
N ARG J 62 -44.05 34.72 21.19
CA ARG J 62 -42.81 35.43 20.86
C ARG J 62 -41.73 34.57 20.18
N GLN J 63 -41.84 33.25 20.15
CA GLN J 63 -40.72 32.42 19.67
C GLN J 63 -40.36 32.63 18.20
N GLY J 64 -41.28 32.30 17.29
CA GLY J 64 -40.94 32.25 15.88
C GLY J 64 -40.13 31.02 15.52
N ILE J 65 -40.73 29.83 15.61
CA ILE J 65 -40.02 28.55 15.55
C ILE J 65 -40.43 27.82 14.27
N ARG J 66 -39.91 26.60 14.08
CA ARG J 66 -39.89 25.94 12.78
C ARG J 66 -41.28 25.66 12.21
N ARG J 67 -42.34 25.73 13.00
CA ARG J 67 -43.68 25.44 12.50
C ARG J 67 -44.70 26.46 13.02
N PRO J 68 -45.31 27.25 12.16
CA PRO J 68 -46.24 28.30 12.62
C PRO J 68 -47.68 27.82 12.67
N ARG J 69 -48.37 28.14 13.78
CA ARG J 69 -49.81 27.93 13.81
C ARG J 69 -50.61 29.00 14.53
N ASN J 70 -50.00 30.05 15.05
CA ASN J 70 -50.79 31.15 15.56
C ASN J 70 -51.23 32.05 14.42
N PRO J 71 -52.29 32.83 14.61
CA PRO J 71 -52.74 33.70 13.52
C PRO J 71 -51.66 34.62 13.01
N ILE J 72 -50.83 35.18 13.88
CA ILE J 72 -49.76 36.04 13.42
C ILE J 72 -48.45 35.29 13.26
N ASN J 73 -48.43 33.98 13.49
CA ASN J 73 -47.30 33.19 13.02
C ASN J 73 -47.30 33.10 11.50
N ILE J 74 -48.44 32.79 10.90
CA ILE J 74 -48.48 32.47 9.48
C ILE J 74 -48.05 33.66 8.65
N VAL J 75 -48.40 34.87 9.08
CA VAL J 75 -48.02 36.06 8.32
C VAL J 75 -46.50 36.18 8.28
N LYS J 76 -45.83 35.83 9.39
CA LYS J 76 -44.40 36.07 9.47
C LYS J 76 -43.64 35.18 8.48
N ARG J 77 -43.90 33.87 8.50
CA ARG J 77 -43.19 32.99 7.59
C ARG J 77 -43.47 33.37 6.15
N THR J 78 -44.70 33.79 5.86
CA THR J 78 -45.01 34.26 4.53
C THR J 78 -44.29 35.57 4.22
N VAL J 79 -44.09 36.43 5.23
CA VAL J 79 -43.30 37.61 4.93
C VAL J 79 -41.80 37.31 5.09
N ARG J 80 -41.41 36.45 6.04
CA ARG J 80 -39.99 36.15 6.20
C ARG J 80 -39.44 35.41 5.00
N GLY J 81 -40.09 34.30 4.62
CA GLY J 81 -39.60 33.45 3.54
C GLY J 81 -39.60 34.16 2.21
N MET J 82 -39.85 35.45 2.26
CA MET J 82 -39.86 36.34 1.11
C MET J 82 -38.99 37.55 1.43
N LEU J 83 -37.78 37.29 1.91
CA LEU J 83 -36.85 38.32 2.29
C LEU J 83 -35.43 37.88 1.97
N PRO J 84 -34.49 38.81 1.82
CA PRO J 84 -33.14 38.43 1.39
C PRO J 84 -32.50 37.48 2.39
N LYS J 85 -31.79 36.49 1.87
CA LYS J 85 -31.13 35.51 2.71
C LYS J 85 -29.81 36.02 3.28
N ASN J 86 -29.33 37.16 2.81
CA ASN J 86 -28.10 37.72 3.34
C ASN J 86 -28.34 38.24 4.75
N LYS J 87 -27.27 38.74 5.35
CA LYS J 87 -27.34 39.09 6.77
C LYS J 87 -28.37 40.18 7.04
N LEU J 88 -28.43 41.20 6.17
CA LEU J 88 -29.43 42.23 6.41
C LEU J 88 -30.85 41.67 6.35
N GLY J 89 -31.06 40.60 5.59
CA GLY J 89 -32.37 39.99 5.55
C GLY J 89 -32.86 39.61 6.93
N LYS J 90 -31.99 39.02 7.73
CA LYS J 90 -32.33 38.80 9.12
C LYS J 90 -32.56 40.13 9.84
N GLN J 91 -31.65 41.08 9.64
CA GLN J 91 -31.76 42.33 10.38
C GLN J 91 -33.01 43.10 9.99
N ILE J 92 -33.37 43.09 8.71
CA ILE J 92 -34.61 43.76 8.35
C ILE J 92 -35.79 43.06 8.96
N TYR J 93 -35.75 41.73 9.06
CA TYR J 93 -36.84 40.98 9.68
C TYR J 93 -37.06 41.40 11.12
N ARG J 94 -36.06 42.00 11.76
CA ARG J 94 -36.20 42.45 13.12
C ARG J 94 -37.13 43.64 13.24
N ASN J 95 -37.40 44.35 12.15
CA ASN J 95 -38.12 45.60 12.21
C ASN J 95 -39.59 45.44 11.91
N LEU J 96 -40.09 44.21 11.89
CA LEU J 96 -41.48 43.94 11.57
C LEU J 96 -42.20 43.49 12.83
N LYS J 97 -43.47 43.86 12.94
CA LYS J 97 -44.30 43.45 14.05
C LYS J 97 -45.63 42.92 13.53
N ALA J 98 -46.19 41.97 14.27
CA ALA J 98 -47.44 41.33 13.91
C ALA J 98 -48.46 41.59 15.00
N TYR J 99 -49.74 41.61 14.62
CA TYR J 99 -50.80 41.91 15.58
C TYR J 99 -52.09 41.23 15.17
N ILE J 100 -52.95 41.05 16.17
CA ILE J 100 -54.34 40.64 15.98
C ILE J 100 -55.21 41.78 16.47
N GLY J 101 -56.12 42.23 15.63
CA GLY J 101 -56.96 43.35 16.00
C GLY J 101 -56.26 44.69 15.82
N ILE J 102 -56.38 45.56 16.82
CA ILE J 102 -55.78 46.88 16.77
C ILE J 102 -55.08 47.17 18.09
N PRO J 103 -53.76 47.33 18.09
CA PRO J 103 -53.10 47.84 19.30
C PRO J 103 -53.64 49.21 19.65
N LYS J 104 -53.77 49.44 20.96
CA LYS J 104 -54.42 50.66 21.43
C LYS J 104 -53.68 51.90 20.96
N GLU J 105 -52.37 51.89 21.06
CA GLU J 105 -51.60 53.12 20.86
C GLU J 105 -51.33 53.41 19.40
N LEU J 106 -51.84 52.58 18.49
CA LEU J 106 -51.70 52.85 17.06
C LEU J 106 -53.03 53.21 16.40
N GLU J 107 -54.10 53.31 17.17
CA GLU J 107 -55.40 53.60 16.58
C GLU J 107 -55.40 54.97 15.89
N GLY J 108 -54.85 55.97 16.55
CA GLY J 108 -54.92 57.33 16.04
C GLY J 108 -53.86 57.66 15.02
N LYS J 109 -53.61 56.75 14.09
CA LYS J 109 -52.65 56.97 13.03
C LYS J 109 -53.19 56.42 11.73
N SER J 110 -52.61 56.88 10.63
CA SER J 110 -53.14 56.53 9.31
C SER J 110 -52.89 55.07 8.99
N MET J 111 -53.64 54.55 8.04
CA MET J 111 -53.41 53.23 7.49
C MET J 111 -53.59 53.29 5.98
N ILE J 112 -52.98 52.34 5.30
CA ILE J 112 -53.03 52.27 3.84
C ILE J 112 -53.30 50.82 3.42
N ARG J 113 -53.77 50.67 2.19
CA ARG J 113 -54.07 49.37 1.63
C ARG J 113 -53.30 49.19 0.33
N PHE J 114 -53.20 47.95 -0.11
CA PHE J 114 -52.59 47.66 -1.39
C PHE J 114 -53.71 47.23 -2.33
N ASP J 115 -54.02 48.09 -3.30
CA ASP J 115 -55.16 47.84 -4.19
C ASP J 115 -55.00 46.54 -4.92
N ASP J 116 -53.77 46.19 -5.29
CA ASP J 116 -53.54 44.95 -6.00
C ASP J 116 -53.95 43.74 -5.15
N ALA J 117 -54.05 43.90 -3.84
CA ALA J 117 -54.40 42.80 -2.95
C ALA J 117 -55.89 42.76 -2.62
N ASP J 118 -56.70 43.58 -3.27
CA ASP J 118 -58.12 43.59 -2.96
C ASP J 118 -58.76 42.27 -3.32
N VAL J 119 -59.69 41.82 -2.47
CA VAL J 119 -60.43 40.61 -2.74
C VAL J 119 -61.14 40.71 -4.09
N SER J 120 -61.57 41.93 -4.45
CA SER J 120 -62.29 42.10 -5.69
C SER J 120 -61.50 41.62 -6.89
N ARG J 121 -60.17 41.68 -6.80
CA ARG J 121 -59.34 41.19 -7.90
C ARG J 121 -59.45 39.68 -8.06
N LEU J 122 -60.00 38.98 -7.08
CA LEU J 122 -60.09 37.53 -7.14
C LEU J 122 -61.51 37.08 -7.43
N LYS J 123 -61.63 35.95 -8.13
CA LYS J 123 -62.93 35.42 -8.49
C LYS J 123 -63.73 35.05 -7.25
N GLY J 124 -63.14 34.26 -6.37
CA GLY J 124 -63.86 33.82 -5.19
C GLY J 124 -63.20 32.59 -4.59
N LYS J 125 -63.93 31.93 -3.69
CA LYS J 125 -63.45 30.74 -2.99
C LYS J 125 -62.18 31.07 -2.20
N TYR J 126 -62.36 31.94 -1.21
CA TYR J 126 -61.28 32.38 -0.33
C TYR J 126 -61.68 32.11 1.11
N ILE J 127 -60.69 32.15 1.99
CA ILE J 127 -60.91 31.92 3.41
C ILE J 127 -60.13 32.96 4.20
N THR J 128 -60.74 33.47 5.27
CA THR J 128 -60.08 34.45 6.12
C THR J 128 -58.98 33.80 6.94
N VAL J 129 -58.03 34.65 7.38
CA VAL J 129 -56.88 34.17 8.12
C VAL J 129 -57.32 33.55 9.44
N ALA J 130 -58.14 34.28 10.20
CA ALA J 130 -58.53 33.81 11.52
C ALA J 130 -59.20 32.45 11.46
N GLU J 131 -59.89 32.16 10.35
CA GLU J 131 -60.47 30.84 10.20
C GLU J 131 -59.42 29.75 10.23
N LEU J 132 -58.21 30.06 9.76
CA LEU J 132 -57.19 29.02 9.65
C LEU J 132 -56.80 28.50 11.03
N SER J 133 -56.46 29.40 11.95
CA SER J 133 -55.99 28.99 13.27
C SER J 133 -57.01 28.09 13.96
N ARG J 134 -58.29 28.29 13.70
CA ARG J 134 -59.31 27.38 14.22
C ARG J 134 -59.02 25.95 13.79
N LEU J 135 -58.63 25.77 12.53
CA LEU J 135 -58.28 24.45 12.03
C LEU J 135 -56.81 24.17 12.19
N LEU J 136 -56.00 25.23 12.25
CA LEU J 136 -54.55 25.09 12.29
C LEU J 136 -54.02 24.81 13.69
N GLY J 137 -54.84 25.03 14.72
CA GLY J 137 -54.38 24.76 16.06
C GLY J 137 -54.45 25.98 16.96
N GLY J 138 -54.70 27.15 16.38
CA GLY J 138 -54.83 28.35 17.16
C GLY J 138 -56.16 28.35 17.89
N LEU J 139 -56.12 28.31 19.23
CA LEU J 139 -57.36 28.44 19.98
C LEU J 139 -58.01 29.79 19.73
N LYS J 140 -57.20 30.85 19.70
CA LYS J 140 -57.65 32.12 19.19
C LYS J 140 -57.79 32.01 17.67
N ALA K 1 50.56 -93.81 47.94
CA ALA K 1 49.55 -93.25 48.82
C ALA K 1 50.20 -92.33 49.84
N ILE K 2 49.41 -91.75 50.74
CA ILE K 2 49.96 -91.03 51.87
C ILE K 2 50.61 -92.05 52.79
N GLU K 3 51.94 -92.07 52.80
CA GLU K 3 52.66 -93.08 53.54
C GLU K 3 53.81 -92.41 54.26
N ILE K 4 54.28 -93.05 55.32
CA ILE K 4 55.32 -92.46 56.15
C ILE K 4 56.61 -92.39 55.37
N GLY K 5 57.30 -91.25 55.47
CA GLY K 5 58.58 -91.09 54.81
C GLY K 5 58.52 -90.71 53.36
N ARG K 6 57.33 -90.48 52.80
CA ARG K 6 57.20 -90.03 51.43
C ARG K 6 57.32 -88.51 51.38
N ILE K 7 58.27 -88.01 50.58
CA ILE K 7 58.44 -86.58 50.45
C ILE K 7 57.24 -86.00 49.70
N CYS K 8 56.86 -84.77 50.06
CA CYS K 8 55.58 -84.26 49.61
C CYS K 8 55.58 -82.73 49.72
N VAL K 9 54.62 -82.14 49.03
CA VAL K 9 54.51 -80.69 48.94
C VAL K 9 53.23 -80.25 49.65
N LYS K 10 53.14 -78.96 49.91
CA LYS K 10 52.00 -78.34 50.56
C LYS K 10 51.36 -77.32 49.63
N THR K 11 50.03 -77.35 49.52
CA THR K 11 49.35 -76.53 48.52
C THR K 11 49.43 -75.05 48.86
N ARG K 12 49.56 -74.70 50.13
CA ARG K 12 49.38 -73.33 50.56
C ARG K 12 50.35 -73.06 51.69
N GLY K 13 50.09 -71.99 52.44
CA GLY K 13 50.92 -71.64 53.56
C GLY K 13 52.10 -70.82 53.12
N ARG K 14 52.93 -70.45 54.10
CA ARG K 14 54.10 -69.67 53.77
C ARG K 14 55.02 -70.43 52.82
N GLU K 15 55.23 -71.71 53.09
CA GLU K 15 56.09 -72.50 52.21
C GLU K 15 55.45 -72.67 50.84
N ALA K 16 54.20 -73.12 50.80
CA ALA K 16 53.38 -73.25 49.59
C ALA K 16 54.20 -73.69 48.39
N GLY K 17 54.85 -74.83 48.54
CA GLY K 17 55.70 -75.31 47.49
C GLY K 17 56.96 -75.97 48.01
N LYS K 18 57.39 -75.55 49.20
CA LYS K 18 58.48 -76.27 49.85
C LYS K 18 57.98 -77.64 50.30
N LYS K 19 58.90 -78.49 50.74
CA LYS K 19 58.56 -79.88 51.00
C LYS K 19 58.75 -80.21 52.47
N CYS K 20 58.14 -81.33 52.88
CA CYS K 20 58.36 -81.92 54.19
C CYS K 20 58.26 -83.43 54.05
N VAL K 21 58.73 -84.13 55.08
CA VAL K 21 58.76 -85.59 55.12
C VAL K 21 57.72 -86.08 56.10
N ILE K 22 56.99 -87.11 55.69
CA ILE K 22 55.90 -87.65 56.50
C ILE K 22 56.49 -88.56 57.57
N VAL K 23 56.14 -88.31 58.83
CA VAL K 23 56.69 -89.04 59.96
C VAL K 23 55.64 -89.92 60.64
N ASP K 24 54.40 -89.46 60.75
CA ASP K 24 53.36 -90.27 61.36
C ASP K 24 52.01 -89.79 60.88
N ILE K 25 50.98 -90.53 61.24
CA ILE K 25 49.60 -90.20 60.87
C ILE K 25 48.82 -90.06 62.17
N ILE K 26 48.71 -88.84 62.69
CA ILE K 26 48.08 -88.65 63.99
C ILE K 26 46.58 -88.84 63.93
N ASP K 27 45.97 -88.75 62.76
CA ASP K 27 44.54 -88.98 62.62
C ASP K 27 44.21 -89.09 61.14
N SER K 28 42.93 -89.33 60.85
CA SER K 28 42.50 -89.49 59.47
C SER K 28 42.55 -88.20 58.68
N ASN K 29 42.76 -87.06 59.33
CA ASN K 29 42.74 -85.79 58.64
C ASN K 29 43.92 -84.87 58.95
N PHE K 30 44.86 -85.31 59.78
CA PHE K 30 46.07 -84.54 60.04
C PHE K 30 47.25 -85.50 60.13
N VAL K 31 48.39 -85.06 59.60
CA VAL K 31 49.66 -85.75 59.80
C VAL K 31 50.73 -84.71 60.08
N LEU K 32 51.70 -85.10 60.92
CA LEU K 32 52.82 -84.26 61.24
C LEU K 32 53.93 -84.48 60.22
N VAL K 33 54.55 -83.38 59.77
CA VAL K 33 55.65 -83.41 58.82
C VAL K 33 56.63 -82.30 59.16
N THR K 34 57.80 -82.34 58.51
CA THR K 34 58.84 -81.35 58.75
C THR K 34 59.75 -81.28 57.53
N GLY K 35 59.90 -80.10 56.97
CA GLY K 35 61.02 -79.82 56.10
C GLY K 35 62.12 -79.22 56.94
N PRO K 36 63.03 -80.07 57.40
CA PRO K 36 63.96 -79.66 58.46
C PRO K 36 64.92 -78.55 58.05
N LYS K 37 65.64 -78.74 56.95
CA LYS K 37 66.63 -77.76 56.50
C LYS K 37 66.30 -77.19 55.13
N GLU K 38 65.06 -76.78 54.93
CA GLU K 38 64.70 -75.99 53.77
C GLU K 38 65.44 -74.65 53.82
N ILE K 39 65.26 -73.84 52.77
CA ILE K 39 65.80 -72.47 52.80
C ILE K 39 65.22 -71.71 53.97
N ASN K 40 64.01 -72.08 54.42
CA ASN K 40 63.46 -71.60 55.67
C ASN K 40 63.51 -72.64 56.78
N GLY K 41 63.73 -73.91 56.45
CA GLY K 41 63.76 -74.96 57.43
C GLY K 41 62.49 -74.95 58.26
N VAL K 42 61.37 -75.22 57.61
CA VAL K 42 60.08 -75.16 58.28
C VAL K 42 60.09 -76.11 59.48
N LYS K 43 59.66 -75.60 60.63
CA LYS K 43 59.69 -76.37 61.85
C LYS K 43 58.67 -77.50 61.81
N ARG K 44 58.82 -78.45 62.72
CA ARG K 44 57.94 -79.61 62.78
C ARG K 44 56.49 -79.15 62.97
N ARG K 45 55.66 -79.36 61.96
CA ARG K 45 54.30 -78.84 61.99
C ARG K 45 53.38 -79.84 61.30
N ARG K 46 52.33 -80.23 61.99
CA ARG K 46 51.31 -81.05 61.34
C ARG K 46 50.58 -80.22 60.29
N VAL K 47 49.70 -80.88 59.53
CA VAL K 47 48.98 -80.20 58.46
C VAL K 47 47.76 -81.01 58.10
N ASN K 48 46.79 -80.36 57.47
CA ASN K 48 45.63 -81.04 56.95
C ASN K 48 46.00 -81.93 55.77
N ILE K 49 45.26 -83.03 55.64
CA ILE K 49 45.48 -83.94 54.52
C ILE K 49 45.12 -83.29 53.20
N LEU K 50 44.11 -82.44 53.18
CA LEU K 50 43.80 -81.74 51.94
C LEU K 50 44.77 -80.67 51.64
N HIS K 51 45.90 -80.66 52.34
CA HIS K 51 46.88 -79.60 52.21
C HIS K 51 48.20 -80.10 51.63
N ILE K 52 48.22 -81.30 51.04
CA ILE K 52 49.45 -81.88 50.55
C ILE K 52 49.23 -82.46 49.16
N GLU K 53 50.34 -82.72 48.48
CA GLU K 53 50.30 -83.38 47.19
C GLU K 53 51.51 -84.30 47.08
N PRO K 54 51.30 -85.61 47.05
CA PRO K 54 52.42 -86.53 47.12
C PRO K 54 53.30 -86.45 45.88
N THR K 55 54.56 -86.79 46.07
CA THR K 55 55.54 -86.85 45.00
C THR K 55 55.78 -88.29 44.62
N ASP K 56 56.75 -88.52 43.74
CA ASP K 56 57.07 -89.86 43.28
C ASP K 56 58.36 -90.40 43.87
N LYS K 57 58.78 -89.88 45.02
CA LYS K 57 59.95 -90.39 45.73
C LYS K 57 59.59 -90.59 47.19
N LYS K 58 60.05 -91.71 47.76
CA LYS K 58 59.77 -92.06 49.14
C LYS K 58 61.04 -92.48 49.83
N VAL K 59 61.13 -92.16 51.12
CA VAL K 59 62.31 -92.44 51.93
C VAL K 59 61.87 -93.29 53.12
N GLU K 60 62.69 -94.27 53.49
CA GLU K 60 62.36 -95.19 54.56
C GLU K 60 62.75 -94.58 55.90
N ILE K 61 61.75 -94.31 56.74
CA ILE K 61 61.96 -93.76 58.07
C ILE K 61 61.06 -94.50 59.05
N ASN K 62 61.55 -94.69 60.27
CA ASN K 62 60.73 -95.31 61.30
C ASN K 62 59.61 -94.36 61.72
N LYS K 63 58.86 -94.80 62.72
CA LYS K 63 57.68 -94.07 63.17
C LYS K 63 58.08 -92.76 63.81
N GLY K 64 57.90 -91.66 63.08
CA GLY K 64 58.03 -90.33 63.65
C GLY K 64 59.38 -90.03 64.26
N ALA K 65 60.46 -90.35 63.55
CA ALA K 65 61.80 -90.17 64.10
C ALA K 65 62.20 -88.70 64.02
N THR K 66 63.46 -88.42 64.31
CA THR K 66 63.93 -87.07 64.55
C THR K 66 64.62 -86.49 63.33
N ASP K 67 65.16 -85.28 63.51
CA ASP K 67 65.81 -84.56 62.43
C ASP K 67 67.14 -85.19 62.04
N GLN K 68 67.88 -85.73 63.00
CA GLN K 68 69.20 -86.27 62.69
C GLN K 68 69.12 -87.38 61.67
N GLU K 69 68.15 -88.28 61.82
CA GLU K 69 68.09 -89.43 60.93
C GLU K 69 67.60 -89.04 59.54
N VAL K 70 66.57 -88.19 59.44
CA VAL K 70 66.18 -87.70 58.12
C VAL K 70 67.30 -86.88 57.51
N LYS K 71 68.04 -86.14 58.34
CA LYS K 71 69.23 -85.47 57.86
C LYS K 71 70.15 -86.46 57.17
N GLN K 72 70.21 -87.68 57.69
CA GLN K 72 71.00 -88.73 57.07
C GLN K 72 70.18 -89.59 56.11
N ALA K 73 68.91 -89.86 56.43
CA ALA K 73 68.15 -90.81 55.64
C ALA K 73 68.01 -90.35 54.20
N ILE K 74 67.67 -89.08 54.00
CA ILE K 74 67.53 -88.57 52.64
C ILE K 74 68.88 -88.45 51.96
N GLU K 75 69.90 -87.97 52.68
CA GLU K 75 71.23 -87.94 52.08
C GLU K 75 71.79 -89.34 51.89
N GLN K 76 71.30 -90.33 52.65
CA GLN K 76 71.58 -91.72 52.31
C GLN K 76 70.99 -92.08 50.95
N SER K 77 69.75 -91.66 50.71
CA SER K 77 69.22 -91.70 49.34
C SER K 77 69.84 -90.63 48.47
N GLY K 78 70.60 -89.72 49.06
CA GLY K 78 71.23 -88.68 48.27
C GLY K 78 70.27 -87.73 47.61
N LEU K 79 69.14 -87.45 48.24
CA LEU K 79 68.17 -86.51 47.67
C LEU K 79 68.24 -85.14 48.34
N THR K 80 69.44 -84.68 48.70
CA THR K 80 69.57 -83.47 49.50
C THR K 80 69.08 -82.25 48.74
N ASP K 81 69.66 -81.97 47.57
CA ASP K 81 69.17 -80.84 46.79
C ASP K 81 67.86 -81.11 46.08
N PHE K 82 67.52 -82.35 45.84
CA PHE K 82 66.26 -82.69 45.20
C PHE K 82 65.06 -82.40 46.03
N ILE K 83 65.18 -81.66 47.13
CA ILE K 83 63.97 -81.20 47.82
C ILE K 83 63.08 -80.44 46.84
N LYS K 84 63.67 -79.58 46.02
CA LYS K 84 62.92 -78.90 44.96
C LYS K 84 62.84 -79.73 43.69
N GLU K 85 63.80 -80.62 43.44
CA GLU K 85 63.65 -81.54 42.32
C GLU K 85 62.54 -82.55 42.58
N ALA K 86 62.30 -82.87 43.85
CA ALA K 86 61.08 -83.58 44.21
C ALA K 86 59.89 -82.78 43.72
N ALA L 1 -75.25 50.83 -13.72
CA ALA L 1 -75.69 49.83 -14.70
C ALA L 1 -74.91 49.97 -16.01
N ILE L 2 -74.98 48.93 -16.84
CA ILE L 2 -74.28 48.89 -18.11
C ILE L 2 -75.31 48.58 -19.19
N GLU L 3 -75.86 49.62 -19.79
CA GLU L 3 -76.78 49.47 -20.90
C GLU L 3 -76.82 50.79 -21.66
N ILE L 4 -77.38 50.72 -22.88
CA ILE L 4 -77.44 51.89 -23.75
C ILE L 4 -78.08 53.06 -23.01
N GLY L 5 -77.59 54.26 -23.30
CA GLY L 5 -78.04 55.47 -22.63
C GLY L 5 -77.21 55.85 -21.42
N ARG L 6 -76.28 55.00 -20.99
CA ARG L 6 -75.43 55.33 -19.86
C ARG L 6 -74.29 56.25 -20.28
N ILE L 7 -73.95 57.16 -19.38
CA ILE L 7 -72.79 58.05 -19.56
C ILE L 7 -71.69 57.55 -18.65
N CYS L 8 -70.50 57.34 -19.20
CA CYS L 8 -69.41 56.74 -18.46
C CYS L 8 -68.14 57.57 -18.63
N VAL L 9 -67.09 57.15 -17.93
CA VAL L 9 -65.81 57.83 -17.94
C VAL L 9 -64.74 56.83 -18.30
N LYS L 10 -63.88 57.19 -19.25
CA LYS L 10 -62.82 56.31 -19.69
C LYS L 10 -61.79 56.13 -18.59
N THR L 11 -61.24 54.92 -18.49
CA THR L 11 -60.29 54.58 -17.44
C THR L 11 -58.84 54.61 -17.93
N ARG L 12 -58.52 53.79 -18.92
CA ARG L 12 -57.17 53.71 -19.45
C ARG L 12 -57.08 54.51 -20.75
N GLY L 13 -55.95 54.41 -21.44
CA GLY L 13 -55.75 55.14 -22.67
C GLY L 13 -55.40 56.60 -22.41
N ARG L 14 -55.30 57.35 -23.51
CA ARG L 14 -54.94 58.76 -23.40
C ARG L 14 -56.03 59.57 -22.73
N GLU L 15 -57.28 59.10 -22.77
CA GLU L 15 -58.36 59.82 -22.10
C GLU L 15 -58.11 59.90 -20.60
N ALA L 16 -58.10 58.76 -19.93
CA ALA L 16 -57.82 58.68 -18.49
C ALA L 16 -58.67 59.67 -17.71
N GLY L 17 -59.99 59.50 -17.83
CA GLY L 17 -60.89 60.29 -17.02
C GLY L 17 -61.56 61.46 -17.71
N LYS L 18 -62.15 61.22 -18.87
CA LYS L 18 -63.08 62.17 -19.46
C LYS L 18 -64.44 61.49 -19.68
N LYS L 19 -65.40 62.31 -20.10
CA LYS L 19 -66.77 61.87 -20.31
C LYS L 19 -66.83 60.88 -21.47
N CYS L 20 -67.87 60.03 -21.42
CA CYS L 20 -68.18 59.17 -22.55
C CYS L 20 -69.62 58.69 -22.41
N VAL L 21 -70.23 58.38 -23.56
CA VAL L 21 -71.61 57.93 -23.61
C VAL L 21 -71.70 56.66 -24.44
N ILE L 22 -72.30 55.62 -23.87
CA ILE L 22 -72.60 54.43 -24.63
C ILE L 22 -73.61 54.75 -25.71
N VAL L 23 -73.45 54.13 -26.88
CA VAL L 23 -74.44 54.30 -27.94
C VAL L 23 -74.93 52.93 -28.37
N ASP L 24 -74.11 51.89 -28.19
CA ASP L 24 -74.52 50.56 -28.59
C ASP L 24 -73.54 49.53 -28.06
N ILE L 25 -74.00 48.29 -27.99
CA ILE L 25 -73.21 47.15 -27.57
C ILE L 25 -72.66 46.47 -28.81
N ILE L 26 -71.55 45.76 -28.64
CA ILE L 26 -70.91 45.15 -29.79
C ILE L 26 -70.69 43.66 -29.55
N ASP L 27 -70.01 43.32 -28.47
CA ASP L 27 -69.62 41.93 -28.21
C ASP L 27 -69.68 41.70 -26.70
N SER L 28 -69.00 40.64 -26.25
CA SER L 28 -68.90 40.37 -24.82
C SER L 28 -68.33 41.57 -24.08
N ASN L 29 -67.26 42.14 -24.60
CA ASN L 29 -66.51 43.13 -23.84
C ASN L 29 -66.00 44.28 -24.70
N PHE L 30 -66.57 44.46 -25.89
CA PHE L 30 -66.40 45.67 -26.68
C PHE L 30 -67.76 46.29 -26.91
N VAL L 31 -67.83 47.62 -26.80
CA VAL L 31 -69.06 48.35 -27.04
C VAL L 31 -68.74 49.63 -27.80
N LEU L 32 -69.78 50.20 -28.39
CA LEU L 32 -69.67 51.40 -29.21
C LEU L 32 -70.03 52.62 -28.38
N VAL L 33 -69.11 53.59 -28.34
CA VAL L 33 -69.28 54.80 -27.56
C VAL L 33 -68.79 55.99 -28.38
N THR L 34 -69.18 57.18 -27.97
CA THR L 34 -68.70 58.40 -28.59
C THR L 34 -68.89 59.56 -27.63
N GLY L 35 -68.14 60.62 -27.88
CA GLY L 35 -68.31 61.87 -27.17
C GLY L 35 -68.66 62.95 -28.16
N PRO L 36 -69.84 63.53 -28.00
CA PRO L 36 -70.35 64.46 -29.01
C PRO L 36 -69.42 65.65 -29.24
N LYS L 37 -69.22 66.45 -28.20
CA LYS L 37 -68.31 67.58 -28.25
C LYS L 37 -67.44 67.57 -27.02
N GLU L 38 -66.85 66.41 -26.75
CA GLU L 38 -65.91 66.29 -25.65
C GLU L 38 -64.79 67.30 -25.82
N ILE L 39 -64.36 67.88 -24.70
CA ILE L 39 -63.43 69.02 -24.76
C ILE L 39 -62.16 68.66 -25.52
N ASN L 40 -61.78 67.38 -25.50
CA ASN L 40 -60.79 66.86 -26.45
C ASN L 40 -61.44 66.25 -27.68
N GLY L 41 -62.66 65.72 -27.54
CA GLY L 41 -63.34 65.08 -28.64
C GLY L 41 -63.14 63.58 -28.58
N VAL L 42 -64.14 62.86 -28.08
CA VAL L 42 -64.03 61.41 -27.95
C VAL L 42 -64.33 60.78 -29.30
N LYS L 43 -63.38 60.00 -29.80
CA LYS L 43 -63.56 59.36 -31.10
C LYS L 43 -64.63 58.28 -31.00
N ARG L 44 -65.57 58.32 -31.93
CA ARG L 44 -66.58 57.27 -32.03
C ARG L 44 -65.86 56.01 -32.48
N ARG L 45 -65.64 55.09 -31.56
CA ARG L 45 -64.91 53.86 -31.85
C ARG L 45 -65.28 52.82 -30.81
N ARG L 46 -64.77 51.61 -31.01
CA ARG L 46 -64.96 50.56 -30.03
C ARG L 46 -64.23 50.88 -28.73
N VAL L 47 -64.73 50.33 -27.63
CA VAL L 47 -64.11 50.47 -26.32
C VAL L 47 -64.36 49.21 -25.52
N ASN L 48 -63.31 48.70 -24.86
CA ASN L 48 -63.46 47.59 -23.94
C ASN L 48 -64.33 47.98 -22.76
N ILE L 49 -65.26 47.10 -22.38
CA ILE L 49 -66.21 47.42 -21.34
C ILE L 49 -65.50 47.67 -20.01
N LEU L 50 -64.38 46.99 -19.79
CA LEU L 50 -63.64 47.19 -18.55
C LEU L 50 -63.05 48.58 -18.44
N HIS L 51 -62.97 49.32 -19.54
CA HIS L 51 -62.24 50.57 -19.57
C HIS L 51 -63.14 51.77 -19.39
N ILE L 52 -64.35 51.57 -18.88
CA ILE L 52 -65.26 52.65 -18.56
C ILE L 52 -65.83 52.42 -17.17
N GLU L 53 -66.30 53.49 -16.55
CA GLU L 53 -66.95 53.40 -15.26
C GLU L 53 -68.36 53.94 -15.35
N PRO L 54 -69.37 53.17 -14.94
CA PRO L 54 -70.76 53.64 -15.04
C PRO L 54 -71.07 54.64 -13.94
N THR L 55 -71.46 55.85 -14.33
CA THR L 55 -71.92 56.85 -13.38
C THR L 55 -73.43 56.73 -13.22
N ASP L 56 -74.05 57.71 -12.57
CA ASP L 56 -75.49 57.69 -12.39
C ASP L 56 -76.25 58.28 -13.59
N LYS L 57 -75.70 59.31 -14.21
CA LYS L 57 -76.42 60.04 -15.25
C LYS L 57 -76.69 59.15 -16.45
N LYS L 58 -77.80 59.44 -17.14
CA LYS L 58 -78.28 58.64 -18.25
C LYS L 58 -78.76 59.57 -19.36
N VAL L 59 -78.97 58.98 -20.53
CA VAL L 59 -79.61 59.67 -21.64
C VAL L 59 -80.62 58.74 -22.29
N GLU L 60 -81.68 59.33 -22.81
CA GLU L 60 -82.71 58.60 -23.54
C GLU L 60 -82.46 58.81 -25.03
N ILE L 61 -82.04 57.73 -25.71
CA ILE L 61 -81.70 57.78 -27.12
C ILE L 61 -82.17 56.50 -27.80
N ASN L 62 -82.13 56.52 -29.12
CA ASN L 62 -82.44 55.35 -29.92
C ASN L 62 -81.17 54.60 -30.28
N LYS L 63 -81.29 53.28 -30.43
CA LYS L 63 -80.14 52.43 -30.67
C LYS L 63 -79.36 52.90 -31.90
N GLY L 64 -78.04 52.95 -31.77
CA GLY L 64 -77.19 53.36 -32.86
C GLY L 64 -77.38 54.79 -33.31
N ALA L 65 -77.52 55.71 -32.37
CA ALA L 65 -77.70 57.12 -32.71
C ALA L 65 -76.39 57.72 -33.20
N THR L 66 -76.51 58.76 -34.01
CA THR L 66 -75.33 59.46 -34.51
C THR L 66 -74.80 60.42 -33.45
N ASP L 67 -73.57 60.89 -33.68
CA ASP L 67 -72.92 61.75 -32.70
C ASP L 67 -73.69 63.06 -32.53
N GLN L 68 -74.21 63.60 -33.63
CA GLN L 68 -75.06 64.78 -33.52
C GLN L 68 -76.30 64.48 -32.69
N GLU L 69 -76.86 63.28 -32.87
CA GLU L 69 -78.09 62.92 -32.15
C GLU L 69 -77.86 62.97 -30.65
N VAL L 70 -76.79 62.34 -30.17
CA VAL L 70 -76.46 62.48 -28.76
C VAL L 70 -76.01 63.91 -28.46
N LYS L 71 -75.30 64.55 -29.39
CA LYS L 71 -75.02 65.96 -29.24
C LYS L 71 -76.30 66.76 -29.08
N GLN L 72 -77.35 66.35 -29.80
CA GLN L 72 -78.65 66.97 -29.63
C GLN L 72 -79.37 66.46 -28.39
N ALA L 73 -79.13 65.20 -27.99
CA ALA L 73 -79.90 64.61 -26.92
C ALA L 73 -79.49 65.15 -25.55
N ILE L 74 -78.23 65.53 -25.38
CA ILE L 74 -77.75 65.98 -24.08
C ILE L 74 -78.47 67.24 -23.62
N GLU L 75 -79.00 68.02 -24.56
CA GLU L 75 -79.77 69.20 -24.18
C GLU L 75 -81.08 68.84 -23.50
N GLN L 76 -81.70 67.73 -23.91
CA GLN L 76 -82.96 67.30 -23.30
C GLN L 76 -82.77 67.09 -21.81
N SER L 77 -81.70 66.41 -21.43
CA SER L 77 -81.36 66.26 -20.03
C SER L 77 -80.55 67.44 -19.50
N GLY L 78 -80.22 68.40 -20.35
CA GLY L 78 -79.38 69.51 -19.95
C GLY L 78 -77.92 69.17 -19.80
N LEU L 79 -77.54 67.91 -19.99
CA LEU L 79 -76.19 67.42 -19.79
C LEU L 79 -75.20 68.00 -20.74
N THR L 80 -75.61 68.93 -21.59
CA THR L 80 -74.66 69.66 -22.42
C THR L 80 -73.59 70.31 -21.57
N ASP L 81 -73.97 70.83 -20.41
CA ASP L 81 -73.02 71.36 -19.44
C ASP L 81 -72.93 70.53 -18.17
N PHE L 82 -73.95 69.71 -17.89
CA PHE L 82 -73.96 68.94 -16.66
C PHE L 82 -73.10 67.69 -16.73
N ILE L 83 -72.19 67.58 -17.71
CA ILE L 83 -71.26 66.47 -17.71
C ILE L 83 -70.48 66.43 -16.41
N LYS L 84 -69.97 67.57 -15.97
CA LYS L 84 -69.08 67.65 -14.82
C LYS L 84 -69.84 67.76 -13.51
N GLU L 85 -71.10 67.32 -13.47
CA GLU L 85 -71.87 67.36 -12.24
C GLU L 85 -71.36 66.39 -11.19
N ALA L 86 -70.71 65.30 -11.62
CA ALA L 86 -70.18 64.32 -10.68
C ALA L 86 -68.70 64.08 -10.95
N MET M 1 -63.92 -22.13 30.81
CA MET M 1 -65.14 -22.51 30.12
C MET M 1 -66.31 -21.72 30.67
N ASN M 2 -66.20 -21.27 31.93
CA ASN M 2 -67.34 -20.60 32.56
C ASN M 2 -67.00 -19.43 33.45
N VAL M 3 -65.77 -19.26 33.94
CA VAL M 3 -65.48 -18.22 34.93
C VAL M 3 -64.31 -17.33 34.52
N LEU M 4 -63.69 -17.59 33.37
CA LEU M 4 -62.44 -16.92 33.02
C LEU M 4 -62.59 -15.40 32.91
N GLY M 5 -63.82 -14.90 32.75
CA GLY M 5 -64.03 -13.46 32.76
C GLY M 5 -63.71 -12.81 34.08
N SER M 6 -63.72 -13.58 35.16
CA SER M 6 -63.28 -13.12 36.48
C SER M 6 -61.76 -13.16 36.52
N ARG M 7 -61.20 -13.10 37.74
CA ARG M 7 -59.74 -13.04 37.87
C ARG M 7 -59.13 -14.40 37.52
N LYS M 8 -59.18 -14.72 36.23
CA LYS M 8 -58.56 -15.90 35.66
C LYS M 8 -57.09 -15.60 35.42
N GLY M 9 -56.23 -16.06 36.32
CA GLY M 9 -54.80 -15.85 36.16
C GLY M 9 -54.16 -15.23 37.38
N PHE M 10 -52.90 -15.56 37.59
CA PHE M 10 -52.16 -15.10 38.76
C PHE M 10 -50.70 -14.98 38.37
N THR M 11 -49.82 -14.95 39.36
CA THR M 11 -48.40 -14.72 39.11
C THR M 11 -47.85 -15.80 38.19
N PRO M 12 -46.81 -15.48 37.41
CA PRO M 12 -46.26 -16.44 36.45
C PRO M 12 -45.77 -17.70 37.13
N ALA M 13 -46.08 -18.84 36.51
CA ALA M 13 -45.71 -20.13 37.07
C ALA M 13 -44.80 -20.94 36.16
N LEU M 14 -45.21 -21.20 34.92
CA LEU M 14 -44.64 -22.29 34.14
C LEU M 14 -44.19 -21.79 32.77
N GLN M 15 -43.74 -22.73 31.94
CA GLN M 15 -43.15 -22.42 30.65
C GLN M 15 -43.27 -23.63 29.74
N HIS M 16 -42.97 -23.42 28.46
CA HIS M 16 -42.90 -24.54 27.53
C HIS M 16 -41.78 -25.48 27.95
N ASN M 17 -41.99 -26.77 27.65
CA ASN M 17 -41.08 -27.84 28.07
C ASN M 17 -40.91 -27.88 29.58
N SER M 18 -41.99 -27.65 30.32
CA SER M 18 -41.99 -27.83 31.76
C SER M 18 -42.75 -29.11 32.10
N SER M 19 -42.18 -29.90 33.00
CA SER M 19 -42.64 -31.25 33.25
C SER M 19 -43.54 -31.26 34.48
N VAL M 20 -44.72 -31.89 34.35
CA VAL M 20 -45.69 -31.97 35.43
C VAL M 20 -46.22 -33.40 35.54
N VAL M 21 -46.78 -33.71 36.69
CA VAL M 21 -47.31 -35.04 36.96
C VAL M 21 -48.77 -35.09 36.53
N VAL M 22 -49.25 -36.30 36.30
CA VAL M 22 -50.63 -36.55 35.91
C VAL M 22 -51.35 -37.08 37.13
N ALA M 23 -52.24 -36.28 37.70
CA ALA M 23 -52.88 -36.61 38.97
C ALA M 23 -54.29 -37.17 38.73
N ASP M 24 -54.36 -38.34 38.11
CA ASP M 24 -55.64 -39.00 37.92
C ASP M 24 -55.42 -40.49 37.71
N ASN M 25 -56.47 -41.16 37.25
CA ASN M 25 -56.45 -42.59 36.97
C ASN M 25 -56.42 -42.89 35.48
N SER M 26 -56.13 -41.90 34.65
CA SER M 26 -56.19 -42.11 33.20
C SER M 26 -55.21 -43.17 32.75
N GLY M 27 -54.00 -43.14 33.28
CA GLY M 27 -52.96 -44.05 32.84
C GLY M 27 -51.68 -43.30 32.55
N ALA M 28 -51.80 -42.01 32.34
CA ALA M 28 -50.63 -41.15 32.20
C ALA M 28 -50.06 -40.83 33.58
N LYS M 29 -48.76 -40.68 33.64
CA LYS M 29 -48.14 -40.30 34.90
C LYS M 29 -47.28 -39.05 34.80
N GLU M 30 -46.48 -38.93 33.74
CA GLU M 30 -45.59 -37.79 33.58
C GLU M 30 -45.83 -37.11 32.25
N ALA M 31 -45.88 -35.78 32.28
CA ALA M 31 -46.18 -34.99 31.09
C ALA M 31 -45.34 -33.73 31.10
N VAL M 32 -45.09 -33.21 29.90
CA VAL M 32 -44.29 -32.02 29.67
C VAL M 32 -45.16 -30.99 28.97
N ILE M 33 -45.11 -29.75 29.45
CA ILE M 33 -45.87 -28.68 28.81
C ILE M 33 -45.38 -28.53 27.38
N ILE M 34 -46.28 -28.68 26.43
CA ILE M 34 -45.90 -28.68 25.03
C ILE M 34 -46.36 -27.38 24.40
N GLY M 35 -47.38 -26.76 24.99
CA GLY M 35 -47.93 -25.55 24.41
C GLY M 35 -48.98 -24.94 25.30
N ILE M 36 -49.33 -23.70 24.97
CA ILE M 36 -50.32 -22.93 25.72
C ILE M 36 -51.42 -22.47 24.77
N TYR M 37 -52.66 -22.80 25.11
CA TYR M 37 -53.79 -22.33 24.33
C TYR M 37 -54.03 -20.85 24.59
N GLY M 38 -54.65 -20.19 23.63
CA GLY M 38 -55.17 -18.85 23.87
C GLY M 38 -54.20 -17.71 23.98
N TYR M 39 -53.15 -17.85 24.79
CA TYR M 39 -52.28 -16.73 25.08
C TYR M 39 -51.54 -16.25 23.84
N ARG M 40 -51.34 -14.94 23.76
CA ARG M 40 -50.54 -14.31 22.72
C ARG M 40 -49.42 -13.53 23.38
N GLY M 41 -48.21 -13.68 22.85
CA GLY M 41 -47.07 -13.10 23.52
C GLY M 41 -46.34 -12.03 22.76
N VAL M 42 -45.09 -11.76 23.16
CA VAL M 42 -44.24 -10.77 22.52
C VAL M 42 -42.84 -11.34 22.36
N LEU M 43 -41.91 -10.48 21.92
CA LEU M 43 -40.58 -10.93 21.57
C LEU M 43 -39.89 -11.60 22.76
N ARG M 44 -39.50 -12.86 22.57
CA ARG M 44 -38.66 -13.60 23.51
C ARG M 44 -39.34 -13.92 24.83
N ARG M 45 -40.53 -13.41 25.06
CA ARG M 45 -41.25 -13.78 26.27
C ARG M 45 -41.81 -15.18 26.09
N VAL M 46 -41.33 -16.12 26.89
CA VAL M 46 -41.85 -17.48 26.81
C VAL M 46 -43.34 -17.47 27.18
N PRO M 47 -44.19 -18.18 26.45
CA PRO M 47 -45.62 -18.18 26.78
C PRO M 47 -45.87 -18.70 28.19
N PHE M 48 -47.01 -18.29 28.73
CA PHE M 48 -47.31 -18.41 30.16
C PHE M 48 -48.31 -19.53 30.42
N ALA M 49 -48.50 -19.81 31.71
CA ALA M 49 -49.55 -20.69 32.20
C ALA M 49 -49.53 -20.67 33.72
N ASN M 50 -50.71 -20.74 34.31
CA ASN M 50 -50.84 -21.03 35.75
C ASN M 50 -52.16 -21.78 35.92
N ILE M 51 -52.67 -21.80 37.16
CA ILE M 51 -53.88 -22.53 37.46
C ILE M 51 -55.00 -22.14 36.51
N ALA M 52 -55.84 -23.12 36.17
CA ALA M 52 -57.09 -22.89 35.46
C ALA M 52 -56.85 -22.30 34.07
N ASP M 53 -56.07 -23.03 33.27
CA ASP M 53 -55.80 -22.63 31.90
C ASP M 53 -55.89 -23.83 30.98
N LEU M 54 -56.57 -23.64 29.85
CA LEU M 54 -56.56 -24.67 28.82
C LEU M 54 -55.13 -24.89 28.38
N VAL M 55 -54.54 -26.02 28.75
CA VAL M 55 -53.14 -26.27 28.52
C VAL M 55 -52.98 -27.55 27.74
N MET M 56 -51.85 -27.65 27.04
CA MET M 56 -51.60 -28.72 26.10
C MET M 56 -50.27 -29.37 26.46
N VAL M 57 -50.28 -30.69 26.66
CA VAL M 57 -49.08 -31.43 27.04
C VAL M 57 -49.04 -32.75 26.28
N SER M 58 -48.05 -33.58 26.60
CA SER M 58 -47.99 -34.91 26.01
C SER M 58 -47.50 -35.91 27.05
N VAL M 59 -47.79 -37.17 26.78
CA VAL M 59 -47.51 -38.26 27.71
C VAL M 59 -46.04 -38.63 27.61
N ARG M 60 -45.35 -38.64 28.75
CA ARG M 60 -43.97 -39.09 28.83
C ARG M 60 -43.82 -40.39 29.61
N LYS M 61 -44.48 -40.52 30.74
CA LYS M 61 -44.47 -41.76 31.51
C LYS M 61 -45.90 -42.18 31.80
N GLY M 62 -46.23 -43.41 31.49
CA GLY M 62 -47.58 -43.88 31.69
C GLY M 62 -47.82 -45.17 30.93
N SER M 63 -49.10 -45.51 30.76
CA SER M 63 -49.44 -46.73 30.06
C SER M 63 -48.99 -46.63 28.60
N PRO M 64 -48.56 -47.74 28.01
CA PRO M 64 -48.09 -47.69 26.62
C PRO M 64 -49.15 -47.19 25.66
N ASP M 65 -50.42 -47.53 25.90
CA ASP M 65 -51.49 -47.12 25.02
C ASP M 65 -51.69 -45.62 25.00
N VAL M 66 -51.17 -44.90 25.99
CA VAL M 66 -51.22 -43.45 25.99
C VAL M 66 -49.85 -42.83 25.79
N ARG M 67 -48.78 -43.62 25.79
CA ARG M 67 -47.43 -43.08 25.68
C ARG M 67 -47.27 -42.34 24.36
N LYS M 68 -46.54 -41.22 24.42
CA LYS M 68 -46.23 -40.41 23.24
C LYS M 68 -47.50 -40.02 22.50
N GLN M 69 -48.47 -39.50 23.26
CA GLN M 69 -49.74 -39.07 22.68
C GLN M 69 -50.05 -37.67 23.16
N LYS M 70 -50.99 -37.03 22.47
CA LYS M 70 -51.36 -35.66 22.70
C LYS M 70 -52.73 -35.60 23.37
N PHE M 71 -52.82 -34.84 24.46
CA PHE M 71 -54.10 -34.68 25.15
C PHE M 71 -54.12 -33.32 25.82
N LYS M 72 -55.32 -32.87 26.13
CA LYS M 72 -55.52 -31.58 26.79
C LYS M 72 -55.82 -31.78 28.27
N ALA M 73 -55.54 -30.75 29.05
CA ALA M 73 -55.65 -30.83 30.50
C ALA M 73 -55.84 -29.41 31.05
N VAL M 74 -55.91 -29.32 32.38
CA VAL M 74 -55.90 -28.04 33.07
C VAL M 74 -54.90 -28.10 34.20
N ILE M 75 -54.39 -26.93 34.57
CA ILE M 75 -53.38 -26.83 35.61
C ILE M 75 -54.06 -26.70 36.96
N VAL M 76 -53.66 -27.55 37.91
CA VAL M 76 -54.32 -27.58 39.20
C VAL M 76 -53.33 -27.32 40.34
N ARG M 77 -52.06 -27.61 40.12
CA ARG M 77 -51.09 -27.50 41.20
C ARG M 77 -49.86 -26.74 40.73
N GLN M 78 -49.42 -25.79 41.56
CA GLN M 78 -48.28 -24.93 41.27
C GLN M 78 -47.52 -24.67 42.55
N ARG M 79 -46.25 -24.33 42.41
CA ARG M 79 -45.43 -24.00 43.56
C ARG M 79 -45.33 -22.51 43.81
N MET M 80 -45.90 -21.70 42.95
CA MET M 80 -45.64 -20.27 42.98
C MET M 80 -46.29 -19.64 44.20
N PRO M 81 -45.62 -18.69 44.84
CA PRO M 81 -46.32 -17.80 45.76
C PRO M 81 -47.17 -16.83 44.97
N PHE M 82 -48.39 -16.61 45.43
CA PHE M 82 -49.30 -15.69 44.76
C PHE M 82 -50.38 -15.26 45.74
N ARG M 83 -51.09 -14.21 45.37
CA ARG M 83 -51.99 -13.51 46.28
C ARG M 83 -53.44 -13.72 45.83
N ARG M 84 -54.22 -14.42 46.65
CA ARG M 84 -55.63 -14.58 46.39
C ARG M 84 -56.35 -13.25 46.61
N PRO M 85 -57.54 -13.07 46.01
CA PRO M 85 -58.23 -11.78 46.16
C PRO M 85 -58.46 -11.40 47.61
N ASP M 86 -58.78 -12.37 48.44
CA ASP M 86 -58.90 -12.13 49.87
C ASP M 86 -57.55 -12.05 50.55
N GLY M 87 -56.47 -11.96 49.77
CA GLY M 87 -55.16 -11.76 50.36
C GLY M 87 -54.65 -12.90 51.21
N THR M 88 -54.79 -14.11 50.70
CA THR M 88 -54.03 -15.24 51.22
C THR M 88 -53.14 -15.76 50.10
N TRP M 89 -52.13 -16.52 50.48
CA TRP M 89 -51.14 -17.01 49.53
C TRP M 89 -51.12 -18.53 49.54
N ILE M 90 -51.28 -19.12 48.37
CA ILE M 90 -51.51 -20.54 48.22
C ILE M 90 -50.35 -21.16 47.47
N SER M 91 -50.04 -22.41 47.81
CA SER M 91 -49.01 -23.13 47.09
C SER M 91 -49.30 -24.63 47.14
N PHE M 92 -48.75 -25.33 46.16
CA PHE M 92 -48.82 -26.78 46.09
C PHE M 92 -47.40 -27.33 46.06
N GLU M 93 -47.19 -28.43 46.79
CA GLU M 93 -45.84 -28.97 46.94
C GLU M 93 -45.22 -29.38 45.62
N ASP M 94 -46.02 -29.59 44.59
CA ASP M 94 -45.51 -29.92 43.27
C ASP M 94 -46.51 -29.39 42.25
N ASN M 95 -46.30 -29.75 40.99
CA ASN M 95 -47.11 -29.23 39.90
C ASN M 95 -47.81 -30.38 39.19
N ALA M 96 -49.13 -30.32 39.14
CA ALA M 96 -49.94 -31.40 38.61
C ALA M 96 -51.01 -30.83 37.68
N VAL M 97 -51.45 -31.67 36.76
CA VAL M 97 -52.53 -31.36 35.84
C VAL M 97 -53.44 -32.57 35.73
N VAL M 98 -54.66 -32.34 35.27
CA VAL M 98 -55.64 -33.40 35.05
C VAL M 98 -56.09 -33.37 33.60
N ILE M 99 -55.94 -34.51 32.92
CA ILE M 99 -56.24 -34.57 31.50
C ILE M 99 -57.74 -34.43 31.27
N ILE M 100 -58.10 -33.61 30.28
CA ILE M 100 -59.49 -33.32 29.99
C ILE M 100 -59.79 -33.75 28.56
N ASN M 101 -61.03 -34.16 28.34
CA ASN M 101 -61.46 -34.56 27.01
C ASN M 101 -61.66 -33.33 26.14
N PRO M 102 -61.61 -33.49 24.81
CA PRO M 102 -61.75 -32.33 23.92
C PRO M 102 -63.03 -31.55 24.12
N ASP M 103 -64.11 -32.22 24.53
CA ASP M 103 -65.33 -31.48 24.84
C ASP M 103 -65.16 -30.61 26.09
N GLY M 104 -64.36 -31.07 27.05
CA GLY M 104 -64.14 -30.32 28.26
C GLY M 104 -64.10 -31.15 29.52
N THR M 105 -64.83 -32.26 29.54
CA THR M 105 -64.83 -33.11 30.72
C THR M 105 -63.47 -33.78 30.90
N PRO M 106 -63.07 -34.06 32.13
CA PRO M 106 -61.83 -34.81 32.34
C PRO M 106 -61.89 -36.18 31.73
N LYS M 107 -60.77 -36.60 31.14
CA LYS M 107 -60.68 -37.98 30.64
C LYS M 107 -60.66 -38.97 31.80
N GLY M 108 -59.91 -38.67 32.84
CA GLY M 108 -59.84 -39.56 33.98
C GLY M 108 -61.12 -39.54 34.78
N THR M 109 -61.22 -40.52 35.69
CA THR M 109 -62.38 -40.66 36.55
C THR M 109 -62.03 -40.51 38.03
N GLU M 110 -60.76 -40.27 38.36
CA GLU M 110 -60.34 -40.08 39.74
C GLU M 110 -59.44 -38.86 39.81
N VAL M 111 -59.38 -38.26 40.99
CA VAL M 111 -58.62 -37.05 41.24
C VAL M 111 -57.60 -37.32 42.33
N ARG M 112 -56.39 -36.81 42.16
CA ARG M 112 -55.31 -37.03 43.10
C ARG M 112 -54.94 -35.72 43.78
N GLY M 113 -55.10 -35.67 45.09
CA GLY M 113 -54.65 -34.54 45.87
C GLY M 113 -55.56 -33.35 45.76
N PRO M 114 -55.22 -32.28 46.47
CA PRO M 114 -56.08 -31.10 46.51
C PRO M 114 -55.96 -30.28 45.24
N ILE M 115 -56.95 -29.41 45.05
CA ILE M 115 -56.99 -28.49 43.92
C ILE M 115 -57.39 -27.13 44.46
N ALA M 116 -56.77 -26.07 43.94
CA ALA M 116 -57.20 -24.73 44.27
C ALA M 116 -58.63 -24.51 43.78
N ARG M 117 -59.38 -23.69 44.52
CA ARG M 117 -60.79 -23.49 44.22
C ARG M 117 -61.02 -23.05 42.79
N GLU M 118 -60.04 -22.35 42.21
CA GLU M 118 -60.27 -21.63 40.96
C GLU M 118 -60.60 -22.57 39.82
N ALA M 119 -59.91 -23.71 39.75
CA ALA M 119 -60.11 -24.60 38.63
C ALA M 119 -61.56 -25.09 38.56
N ALA M 120 -62.18 -25.29 39.72
CA ALA M 120 -63.51 -25.89 39.74
C ALA M 120 -64.51 -25.05 38.98
N GLU M 121 -64.46 -23.73 39.17
CA GLU M 121 -65.39 -22.87 38.45
C GLU M 121 -65.11 -22.85 36.96
N ARG M 122 -63.83 -22.79 36.59
CA ARG M 122 -63.50 -22.77 35.16
C ARG M 122 -63.81 -24.08 34.49
N TRP M 123 -63.94 -25.16 35.25
CA TRP M 123 -64.12 -26.49 34.68
C TRP M 123 -65.01 -27.30 35.62
N PRO M 124 -66.30 -27.02 35.63
CA PRO M 124 -67.19 -27.68 36.60
C PRO M 124 -67.16 -29.19 36.50
N LYS M 125 -66.85 -29.72 35.31
CA LYS M 125 -66.68 -31.16 35.19
C LYS M 125 -65.57 -31.67 36.09
N ILE M 126 -64.49 -30.90 36.21
CA ILE M 126 -63.45 -31.24 37.19
C ILE M 126 -64.03 -31.23 38.59
N ALA M 127 -64.80 -30.18 38.91
CA ALA M 127 -65.43 -30.12 40.22
C ALA M 127 -66.37 -31.27 40.46
N SER M 128 -66.89 -31.88 39.39
CA SER M 128 -67.84 -32.98 39.55
C SER M 128 -67.18 -34.16 40.26
N VAL M 129 -65.96 -34.50 39.87
CA VAL M 129 -65.23 -35.60 40.49
C VAL M 129 -64.19 -35.10 41.48
N ALA M 130 -64.15 -33.80 41.74
CA ALA M 130 -63.20 -33.26 42.68
C ALA M 130 -63.46 -33.81 44.08
N THR M 131 -62.40 -34.20 44.76
CA THR M 131 -62.53 -34.80 46.08
C THR M 131 -62.40 -33.75 47.18
N MET M 132 -61.25 -33.11 47.26
CA MET M 132 -61.06 -32.00 48.18
C MET M 132 -60.63 -30.76 47.41
N VAL M 133 -61.09 -29.60 47.87
CA VAL M 133 -60.83 -28.33 47.23
C VAL M 133 -60.26 -27.39 48.26
N ILE M 134 -59.18 -26.70 47.90
CA ILE M 134 -58.53 -25.77 48.81
C ILE M 134 -58.58 -24.37 48.23
N SER N 1 81.83 -34.15 -27.76
CA SER N 1 80.41 -33.89 -27.80
C SER N 1 79.58 -35.13 -27.52
N MET N 2 79.76 -35.72 -26.33
CA MET N 2 78.90 -36.81 -25.91
C MET N 2 77.46 -36.42 -26.06
N TYR N 3 77.17 -35.19 -25.65
CA TYR N 3 75.81 -34.68 -25.63
C TYR N 3 75.21 -34.76 -27.02
N HIS N 4 76.07 -34.73 -28.04
CA HIS N 4 75.61 -34.96 -29.40
C HIS N 4 75.21 -36.42 -29.59
N TYR N 5 75.89 -37.34 -28.94
CA TYR N 5 75.63 -38.75 -29.15
C TYR N 5 74.65 -39.36 -28.16
N ILE N 6 74.34 -38.66 -27.07
CA ILE N 6 73.50 -39.26 -26.04
C ILE N 6 72.13 -39.60 -26.61
N GLU N 7 71.58 -38.68 -27.38
CA GLU N 7 70.32 -38.89 -28.07
C GLU N 7 70.51 -39.47 -29.45
N GLN N 8 71.75 -39.69 -29.89
CA GLN N 8 71.91 -40.45 -31.12
C GLN N 8 71.34 -41.85 -30.95
N THR N 9 71.53 -42.43 -29.76
CA THR N 9 70.80 -43.63 -29.41
C THR N 9 69.31 -43.34 -29.28
N TRP N 10 68.98 -42.32 -28.50
CA TRP N 10 67.59 -41.96 -28.20
C TRP N 10 67.25 -40.66 -28.88
N GLN N 11 66.93 -40.72 -30.17
CA GLN N 11 66.49 -39.55 -30.93
C GLN N 11 64.97 -39.54 -31.08
N ASN N 12 64.42 -40.59 -31.66
CA ASN N 12 62.97 -40.73 -31.58
C ASN N 12 62.56 -42.13 -31.14
N LYS N 13 63.26 -43.17 -31.58
CA LYS N 13 62.86 -44.53 -31.27
C LYS N 13 64.10 -45.40 -31.15
N ASP N 14 64.19 -46.13 -30.06
CA ASP N 14 65.27 -47.07 -29.84
C ASP N 14 64.78 -48.11 -28.85
N TRP N 15 65.43 -49.27 -28.87
CA TRP N 15 65.13 -50.28 -27.87
C TRP N 15 65.56 -49.85 -26.47
N ARG N 16 66.18 -48.67 -26.35
CA ARG N 16 66.42 -48.07 -25.05
C ARG N 16 65.14 -47.95 -24.26
N ARG N 17 64.01 -47.77 -24.94
CA ARG N 17 62.73 -47.58 -24.28
C ARG N 17 62.37 -48.75 -23.38
N SER N 18 62.74 -49.98 -23.77
CA SER N 18 62.45 -51.13 -22.94
C SER N 18 63.17 -51.02 -21.60
N ILE N 19 64.43 -50.57 -21.62
CA ILE N 19 65.18 -50.39 -20.38
C ILE N 19 64.48 -49.37 -19.49
N LEU N 20 64.08 -48.24 -20.08
CA LEU N 20 63.48 -47.18 -19.28
C LEU N 20 62.16 -47.62 -18.68
N ARG N 21 61.43 -48.51 -19.36
CA ARG N 21 60.20 -49.04 -18.78
C ARG N 21 60.48 -49.68 -17.44
N LYS N 22 61.62 -50.36 -17.31
CA LYS N 22 62.02 -50.88 -16.01
C LYS N 22 62.27 -49.74 -15.04
N ARG N 23 63.02 -48.72 -15.47
CA ARG N 23 63.18 -47.53 -14.65
C ARG N 23 61.84 -46.88 -14.38
N LEU N 24 60.91 -46.96 -15.34
CA LEU N 24 59.61 -46.36 -15.16
C LEU N 24 58.87 -46.96 -13.97
N ILE N 25 58.94 -48.27 -13.82
CA ILE N 25 58.23 -48.92 -12.72
C ILE N 25 58.83 -48.47 -11.38
N GLU N 26 60.15 -48.55 -11.25
CA GLU N 26 60.77 -48.27 -9.96
C GLU N 26 60.53 -46.83 -9.54
N TRP N 27 60.38 -45.93 -10.51
CA TRP N 27 60.17 -44.53 -10.17
C TRP N 27 58.80 -44.34 -9.53
N ARG N 28 57.81 -45.12 -9.96
CA ARG N 28 56.51 -45.07 -9.32
C ARG N 28 56.61 -45.42 -7.85
N ARG N 29 57.54 -46.31 -7.50
CA ARG N 29 57.81 -46.54 -6.09
C ARG N 29 58.47 -45.33 -5.44
N GLN N 30 59.27 -44.60 -6.20
CA GLN N 30 59.95 -43.44 -5.64
C GLN N 30 58.96 -42.34 -5.31
N PRO N 31 59.33 -41.43 -4.41
CA PRO N 31 58.44 -40.32 -4.06
C PRO N 31 58.11 -39.48 -5.29
N ALA N 32 56.91 -38.88 -5.25
CA ALA N 32 56.46 -38.06 -6.36
C ALA N 32 57.40 -36.91 -6.65
N ILE N 33 58.20 -36.49 -5.68
CA ILE N 33 59.25 -35.51 -5.87
C ILE N 33 60.51 -36.03 -5.22
N THR N 34 61.64 -35.93 -5.91
CA THR N 34 62.90 -36.40 -5.36
C THR N 34 64.06 -35.67 -6.01
N ARG N 35 65.23 -35.88 -5.44
CA ARG N 35 66.46 -35.25 -5.90
C ARG N 35 67.39 -36.29 -6.47
N ILE N 36 67.92 -36.03 -7.65
CA ILE N 36 68.92 -36.89 -8.28
C ILE N 36 70.21 -36.11 -8.38
N ASP N 37 71.31 -36.69 -7.89
CA ASP N 37 72.55 -35.91 -7.80
C ASP N 37 73.14 -35.61 -9.16
N ARG N 38 72.85 -36.42 -10.17
CA ARG N 38 73.36 -36.09 -11.49
C ARG N 38 72.24 -36.15 -12.52
N PRO N 39 72.04 -35.07 -13.27
CA PRO N 39 70.89 -35.00 -14.17
C PRO N 39 71.01 -36.02 -15.29
N THR N 40 69.86 -36.45 -15.81
CA THR N 40 69.85 -37.60 -16.68
C THR N 40 70.43 -37.33 -18.06
N ARG N 41 69.76 -36.51 -18.85
CA ARG N 41 70.13 -36.29 -20.24
C ARG N 41 70.77 -34.91 -20.33
N LEU N 42 72.09 -34.86 -20.16
CA LEU N 42 72.78 -33.57 -20.07
C LEU N 42 72.59 -32.74 -21.33
N ASN N 43 72.24 -33.38 -22.43
CA ASN N 43 72.01 -32.65 -23.67
C ASN N 43 70.97 -31.57 -23.49
N ARG N 44 70.03 -31.76 -22.56
CA ARG N 44 69.08 -30.72 -22.27
C ARG N 44 69.58 -29.81 -21.15
N ALA N 45 70.04 -30.41 -20.05
CA ALA N 45 70.39 -29.61 -18.88
C ALA N 45 71.51 -28.63 -19.19
N ARG N 46 72.59 -29.11 -19.81
CA ARG N 46 73.64 -28.20 -20.22
C ARG N 46 73.11 -27.23 -21.28
N ALA N 47 72.18 -27.69 -22.12
CA ALA N 47 71.52 -26.78 -23.04
C ALA N 47 70.70 -25.75 -22.32
N LEU N 48 70.47 -25.94 -21.02
CA LEU N 48 69.89 -24.89 -20.21
C LEU N 48 70.90 -24.30 -19.25
N GLY N 49 72.18 -24.49 -19.49
CA GLY N 49 73.21 -23.83 -18.74
C GLY N 49 73.58 -24.49 -17.43
N TYR N 50 73.02 -25.66 -17.12
CA TYR N 50 73.39 -26.32 -15.88
C TYR N 50 74.88 -26.63 -15.87
N LYS N 51 75.51 -26.29 -14.75
CA LYS N 51 76.92 -26.56 -14.56
C LYS N 51 77.08 -27.52 -13.38
N ALA N 52 77.85 -28.57 -13.59
CA ALA N 52 78.07 -29.53 -12.51
C ALA N 52 78.82 -28.93 -11.34
N LYS N 53 79.18 -27.65 -11.38
CA LYS N 53 79.75 -27.01 -10.22
C LYS N 53 78.76 -27.02 -9.06
N GLN N 54 79.30 -27.06 -7.86
CA GLN N 54 78.48 -27.11 -6.66
C GLN N 54 77.53 -25.92 -6.61
N GLY N 55 76.27 -26.20 -6.29
CA GLY N 55 75.25 -25.18 -6.22
C GLY N 55 74.05 -25.41 -7.10
N PHE N 56 74.01 -26.49 -7.89
CA PHE N 56 72.84 -26.80 -8.69
C PHE N 56 72.32 -28.15 -8.23
N VAL N 57 71.16 -28.55 -8.75
CA VAL N 57 70.58 -29.84 -8.39
C VAL N 57 69.54 -30.23 -9.42
N MET N 58 69.19 -31.50 -9.45
CA MET N 58 68.20 -32.07 -10.35
C MET N 58 67.03 -32.61 -9.54
N VAL N 59 65.84 -32.49 -10.10
CA VAL N 59 64.62 -32.94 -9.46
C VAL N 59 63.74 -33.65 -10.47
N ARG N 60 63.11 -34.73 -10.04
CA ARG N 60 62.14 -35.46 -10.84
C ARG N 60 60.76 -35.34 -10.19
N VAL N 61 59.73 -35.27 -11.04
CA VAL N 61 58.36 -35.20 -10.55
C VAL N 61 57.45 -35.84 -11.58
N ARG N 62 56.32 -36.34 -11.09
CA ARG N 62 55.33 -36.99 -11.93
C ARG N 62 53.97 -36.35 -11.71
N VAL N 63 53.11 -36.45 -12.73
CA VAL N 63 51.75 -35.95 -12.66
C VAL N 63 50.83 -36.88 -13.41
N ARG N 64 49.54 -36.75 -13.11
CA ARG N 64 48.52 -37.62 -13.67
C ARG N 64 48.01 -37.05 -14.98
N ARG N 65 47.73 -37.93 -15.94
CA ARG N 65 47.24 -37.50 -17.24
C ARG N 65 45.73 -37.33 -17.22
N GLY N 66 45.24 -36.58 -18.19
CA GLY N 66 43.82 -36.35 -18.37
C GLY N 66 43.50 -34.89 -18.61
N GLY N 67 42.21 -34.62 -18.76
CA GLY N 67 41.74 -33.27 -18.91
C GLY N 67 41.81 -32.50 -17.60
N LEU N 68 41.22 -31.32 -17.61
CA LEU N 68 41.31 -30.43 -16.46
C LEU N 68 40.54 -31.01 -15.28
N ASN N 69 41.08 -30.81 -14.08
CA ASN N 69 40.41 -31.20 -12.84
C ASN N 69 39.47 -30.08 -12.42
N LYS N 70 38.37 -29.94 -13.17
CA LYS N 70 37.42 -28.84 -12.98
C LYS N 70 36.11 -29.35 -12.40
N PRO N 71 35.57 -28.70 -11.39
CA PRO N 71 34.29 -29.12 -10.83
C PRO N 71 33.11 -28.67 -11.69
N ARG N 72 32.03 -29.45 -11.59
CA ARG N 72 30.79 -29.05 -12.22
C ARG N 72 30.16 -27.89 -11.44
N PRO N 73 29.64 -26.87 -12.12
CA PRO N 73 28.92 -25.81 -11.42
C PRO N 73 27.58 -26.30 -10.91
N ASN N 74 26.98 -25.50 -10.05
CA ASN N 74 25.73 -25.86 -9.40
C ASN N 74 24.66 -24.77 -9.41
N SER N 75 25.03 -23.52 -9.58
CA SER N 75 24.08 -22.42 -9.50
C SER N 75 23.25 -22.34 -10.78
N GLY N 76 22.54 -21.24 -10.97
CA GLY N 76 21.88 -20.99 -12.23
C GLY N 76 22.84 -20.47 -13.27
N ARG N 77 23.04 -21.22 -14.35
CA ARG N 77 23.98 -20.82 -15.38
C ARG N 77 23.38 -21.07 -16.75
N ARG N 78 23.88 -20.35 -17.73
CA ARG N 78 23.54 -20.64 -19.11
C ARG N 78 24.35 -21.84 -19.60
N PRO N 79 23.86 -22.56 -20.61
CA PRO N 79 24.57 -23.78 -21.04
C PRO N 79 25.96 -23.53 -21.56
N LYS N 80 26.28 -22.29 -21.95
CA LYS N 80 27.54 -22.03 -22.64
C LYS N 80 28.74 -22.42 -21.78
N ARG N 81 28.77 -21.99 -20.53
CA ARG N 81 29.96 -22.12 -19.69
C ARG N 81 29.83 -23.24 -18.67
N MET N 82 28.88 -24.15 -18.83
CA MET N 82 28.59 -25.12 -17.78
C MET N 82 28.93 -26.56 -18.14
N GLY N 83 29.34 -26.83 -19.37
CA GLY N 83 29.82 -28.16 -19.72
C GLY N 83 31.10 -28.51 -18.98
N VAL N 84 31.43 -29.80 -19.01
CA VAL N 84 32.58 -30.28 -18.22
C VAL N 84 33.59 -31.02 -19.09
N TYR N 85 33.15 -32.05 -19.80
CA TYR N 85 34.08 -32.84 -20.60
C TYR N 85 34.70 -31.98 -21.69
N GLY N 86 35.99 -32.21 -21.95
CA GLY N 86 36.72 -31.47 -22.94
C GLY N 86 37.61 -30.37 -22.39
N TYR N 87 37.41 -29.97 -21.14
CA TYR N 87 38.27 -28.97 -20.53
C TYR N 87 39.68 -29.51 -20.39
N GLY N 88 40.64 -28.60 -20.30
CA GLY N 88 42.01 -28.95 -20.08
C GLY N 88 42.76 -27.85 -19.36
N PRO N 89 43.73 -28.22 -18.55
CA PRO N 89 44.50 -27.20 -17.82
C PRO N 89 45.29 -26.35 -18.79
N SER N 90 44.85 -25.11 -18.94
CA SER N 90 45.29 -24.30 -20.08
C SER N 90 46.79 -24.19 -20.13
N LYS N 91 47.44 -24.19 -18.98
CA LYS N 91 48.87 -23.98 -18.96
C LYS N 91 49.54 -25.34 -18.87
N GLY N 92 50.58 -25.53 -19.67
CA GLY N 92 51.04 -26.86 -19.99
C GLY N 92 51.59 -27.62 -18.81
N TYR N 93 51.61 -28.94 -18.96
CA TYR N 93 52.16 -29.77 -17.90
C TYR N 93 53.65 -29.51 -17.73
N ARG N 94 54.36 -29.31 -18.83
CA ARG N 94 55.74 -28.89 -18.73
C ARG N 94 55.85 -27.68 -17.83
N TRP N 95 54.91 -26.75 -17.96
CA TRP N 95 54.89 -25.60 -17.05
C TRP N 95 54.60 -26.06 -15.63
N ILE N 96 53.53 -26.86 -15.45
CA ILE N 96 53.10 -27.18 -14.09
C ILE N 96 54.20 -27.92 -13.36
N ALA N 97 55.05 -28.62 -14.10
CA ALA N 97 56.06 -29.45 -13.47
C ALA N 97 56.93 -28.62 -12.54
N GLU N 98 57.41 -27.48 -13.01
CA GLU N 98 58.29 -26.67 -12.18
C GLU N 98 57.55 -26.09 -10.99
N GLU N 99 56.26 -25.80 -11.16
CA GLU N 99 55.50 -25.12 -10.12
C GLU N 99 55.60 -25.86 -8.79
N ARG N 100 55.04 -27.05 -8.72
CA ARG N 100 55.18 -27.86 -7.50
C ARG N 100 56.64 -28.11 -7.21
N ALA N 101 57.45 -28.26 -8.25
CA ALA N 101 58.89 -28.39 -8.05
C ALA N 101 59.46 -27.14 -7.40
N ALA N 102 58.98 -25.97 -7.81
CA ALA N 102 59.48 -24.74 -7.23
C ALA N 102 59.19 -24.68 -5.74
N ARG N 103 57.97 -25.03 -5.35
CA ARG N 103 57.58 -24.92 -3.95
C ARG N 103 58.45 -25.79 -3.07
N LYS N 104 59.02 -26.86 -3.62
CA LYS N 104 59.76 -27.79 -2.79
C LYS N 104 60.98 -27.13 -2.15
N PHE N 105 61.69 -26.28 -2.89
CA PHE N 105 62.96 -25.73 -2.44
C PHE N 105 62.95 -24.22 -2.57
N PRO N 106 62.10 -23.55 -1.81
CA PRO N 106 61.95 -22.10 -2.00
C PRO N 106 63.24 -21.34 -1.85
N ASN N 107 64.19 -21.82 -1.07
CA ASN N 107 65.47 -21.13 -1.00
C ASN N 107 66.25 -21.24 -2.29
N LEU N 108 65.70 -21.88 -3.31
CA LEU N 108 66.34 -21.95 -4.61
C LEU N 108 65.46 -21.27 -5.66
N GLU N 109 65.87 -21.39 -6.91
CA GLU N 109 65.13 -20.85 -8.05
C GLU N 109 65.19 -21.82 -9.21
N VAL N 110 64.19 -21.76 -10.06
CA VAL N 110 64.03 -22.64 -11.20
C VAL N 110 64.54 -21.96 -12.46
N LEU N 111 65.14 -22.71 -13.37
CA LEU N 111 65.48 -22.18 -14.69
C LEU N 111 64.74 -22.88 -15.82
N GLY N 112 64.91 -24.18 -15.97
CA GLY N 112 64.40 -24.86 -17.15
C GLY N 112 63.96 -26.25 -16.82
N SER N 113 63.33 -26.89 -17.80
CA SER N 113 62.68 -28.16 -17.54
C SER N 113 62.57 -28.95 -18.83
N TYR N 114 62.27 -30.24 -18.67
CA TYR N 114 61.98 -31.15 -19.76
C TYR N 114 61.49 -32.44 -19.16
N TYR N 115 60.75 -33.20 -19.94
CA TYR N 115 60.39 -34.55 -19.55
C TYR N 115 61.48 -35.50 -20.03
N VAL N 116 61.44 -36.72 -19.51
CA VAL N 116 62.30 -37.79 -20.03
C VAL N 116 61.52 -39.05 -20.38
N ALA N 117 60.35 -39.27 -19.79
CA ALA N 117 59.59 -40.47 -20.10
C ALA N 117 58.12 -40.18 -19.80
N GLU N 118 57.25 -41.03 -20.32
CA GLU N 118 55.83 -40.78 -20.23
C GLU N 118 55.08 -42.06 -20.55
N ASP N 119 54.16 -42.43 -19.64
CA ASP N 119 53.26 -43.55 -19.91
C ASP N 119 51.84 -43.00 -20.01
N GLY N 120 50.85 -43.89 -20.06
CA GLY N 120 49.48 -43.44 -20.15
C GLY N 120 48.86 -43.00 -18.85
N MET N 121 49.58 -43.13 -17.73
CA MET N 121 49.04 -42.73 -16.45
C MET N 121 49.84 -41.64 -15.77
N TYR N 122 51.06 -41.34 -16.24
CA TYR N 122 51.89 -40.35 -15.60
C TYR N 122 52.83 -39.72 -16.62
N LYS N 123 53.31 -38.53 -16.27
CA LYS N 123 54.31 -37.80 -17.03
C LYS N 123 55.48 -37.53 -16.10
N TYR N 124 56.71 -37.72 -16.57
CA TYR N 124 57.88 -37.60 -15.73
C TYR N 124 58.85 -36.60 -16.33
N TYR N 125 59.22 -35.59 -15.54
CA TYR N 125 60.02 -34.47 -16.01
C TYR N 125 61.25 -34.29 -15.14
N GLU N 126 62.16 -33.45 -15.63
CA GLU N 126 63.41 -33.14 -14.94
C GLU N 126 63.65 -31.65 -15.01
N VAL N 127 63.99 -31.04 -13.88
CA VAL N 127 64.02 -29.59 -13.76
C VAL N 127 65.32 -29.14 -13.12
N ILE N 128 65.98 -28.18 -13.76
CA ILE N 128 67.11 -27.50 -13.16
C ILE N 128 66.63 -26.66 -11.97
N MET N 129 67.42 -26.63 -10.91
CA MET N 129 67.03 -25.92 -9.71
C MET N 129 68.31 -25.35 -9.11
N VAL N 130 68.35 -24.04 -8.86
CA VAL N 130 69.60 -23.36 -8.55
C VAL N 130 69.52 -22.71 -7.19
N ASP N 131 70.56 -22.87 -6.38
CA ASP N 131 70.71 -22.04 -5.21
C ASP N 131 71.37 -20.73 -5.60
N TYR N 132 70.74 -19.63 -5.22
CA TYR N 132 71.33 -18.32 -5.33
C TYR N 132 72.04 -17.87 -4.06
N SER N 133 71.72 -18.48 -2.92
CA SER N 133 72.37 -18.09 -1.68
C SER N 133 73.74 -18.70 -1.51
N HIS N 134 74.16 -19.57 -2.40
CA HIS N 134 75.45 -20.23 -2.23
C HIS N 134 76.57 -19.22 -2.42
N PRO N 135 77.54 -19.18 -1.51
CA PRO N 135 78.65 -18.23 -1.65
C PRO N 135 79.60 -18.58 -2.78
N VAL N 136 79.23 -19.57 -3.61
CA VAL N 136 79.97 -19.84 -4.83
C VAL N 136 79.37 -19.03 -5.96
N ILE N 137 78.10 -19.27 -6.26
CA ILE N 137 77.43 -18.60 -7.35
C ILE N 137 77.30 -17.10 -7.08
N ARG N 138 77.48 -16.68 -5.83
CA ARG N 138 77.40 -15.28 -5.48
C ARG N 138 78.41 -14.42 -6.22
N SER N 139 79.56 -14.98 -6.59
CA SER N 139 80.62 -14.18 -7.21
C SER N 139 80.83 -14.48 -8.68
N ASP N 140 79.90 -15.17 -9.34
CA ASP N 140 80.06 -15.47 -10.76
C ASP N 140 79.81 -14.23 -11.59
N PRO N 141 80.79 -13.77 -12.37
CA PRO N 141 80.47 -12.76 -13.39
C PRO N 141 79.48 -13.28 -14.42
N GLU N 142 79.56 -14.56 -14.76
CA GLU N 142 78.71 -15.09 -15.82
C GLU N 142 77.26 -15.23 -15.42
N LEU N 143 76.95 -15.18 -14.13
CA LEU N 143 75.56 -15.16 -13.70
C LEU N 143 75.30 -14.09 -12.64
N LYS N 144 76.04 -12.99 -12.70
CA LYS N 144 75.91 -11.95 -11.68
C LYS N 144 74.50 -11.38 -11.64
N TRP N 145 73.73 -11.54 -12.71
CA TRP N 145 72.35 -11.08 -12.73
C TRP N 145 71.55 -11.63 -11.55
N LEU N 146 71.83 -12.87 -11.17
CA LEU N 146 70.99 -13.51 -10.16
C LEU N 146 71.11 -12.84 -8.80
N GLN N 147 72.16 -12.07 -8.57
CA GLN N 147 72.31 -11.40 -7.28
C GLN N 147 71.15 -10.45 -7.01
N ASP N 148 70.44 -10.02 -8.05
CA ASP N 148 69.29 -9.15 -7.84
C ASP N 148 68.07 -9.95 -7.39
N SER N 149 67.12 -9.25 -6.78
CA SER N 149 65.92 -9.91 -6.32
C SER N 149 65.08 -10.41 -7.49
N VAL N 150 64.92 -9.59 -8.53
CA VAL N 150 63.83 -9.79 -9.49
C VAL N 150 63.85 -11.19 -10.08
N ASN N 151 64.96 -11.85 -10.01
CA ASN N 151 65.00 -13.17 -10.61
C ASN N 151 64.32 -14.20 -9.78
N ARG N 152 63.62 -13.88 -8.70
CA ARG N 152 63.14 -14.91 -7.79
C ARG N 152 61.81 -15.45 -8.27
N LYS N 153 61.47 -16.63 -7.77
CA LYS N 153 60.11 -17.18 -7.81
C LYS N 153 59.48 -17.01 -9.18
N ARG N 154 60.32 -16.90 -10.21
CA ARG N 154 59.82 -16.46 -11.50
C ARG N 154 58.77 -17.40 -12.05
N VAL N 155 58.98 -18.71 -11.89
CA VAL N 155 58.14 -19.69 -12.56
C VAL N 155 56.67 -19.47 -12.26
N PHE N 156 56.38 -18.86 -11.10
CA PHE N 156 55.00 -18.67 -10.73
C PHE N 156 54.34 -17.55 -11.52
N ARG N 157 55.11 -16.60 -12.02
CA ARG N 157 54.59 -15.59 -12.92
C ARG N 157 54.78 -15.97 -14.38
N GLY N 158 55.33 -17.13 -14.65
CA GLY N 158 55.54 -17.57 -16.02
C GLY N 158 56.60 -16.83 -16.79
N LEU N 159 57.74 -16.52 -16.16
CA LEU N 159 58.88 -15.97 -16.88
C LEU N 159 59.89 -17.05 -17.25
N THR N 160 59.57 -18.32 -17.04
CA THR N 160 60.45 -19.37 -17.52
C THR N 160 60.17 -19.63 -18.99
N SER N 161 60.95 -20.55 -19.56
CA SER N 161 60.77 -20.90 -20.96
C SER N 161 59.39 -21.48 -21.19
N ALA N 162 58.93 -22.33 -20.27
CA ALA N 162 57.59 -22.86 -20.40
C ALA N 162 56.56 -21.75 -20.37
N GLY N 163 56.72 -20.80 -19.46
CA GLY N 163 55.80 -19.68 -19.41
C GLY N 163 55.78 -18.91 -20.71
N GLN N 164 56.96 -18.62 -21.25
CA GLN N 164 57.01 -18.00 -22.57
C GLN N 164 56.33 -18.88 -23.60
N LYS N 165 56.54 -20.20 -23.51
CA LYS N 165 55.88 -21.12 -24.43
C LYS N 165 54.37 -21.10 -24.22
N SER N 166 53.92 -21.16 -22.97
CA SER N 166 52.50 -21.09 -22.71
C SER N 166 51.91 -19.79 -23.25
N ARG N 167 52.67 -18.70 -23.18
CA ARG N 167 52.24 -17.44 -23.73
C ARG N 167 52.39 -17.37 -25.25
N GLY N 168 52.98 -18.38 -25.87
CA GLY N 168 53.02 -18.47 -27.31
C GLY N 168 53.79 -17.37 -28.02
N LEU N 169 55.00 -17.07 -27.56
CA LEU N 169 55.78 -16.00 -28.17
C LEU N 169 56.44 -16.47 -29.47
N THR O 1 28.42 40.40 -37.05
CA THR O 1 28.82 40.53 -35.66
C THR O 1 29.99 41.50 -35.54
N ASN O 2 30.59 41.84 -36.66
CA ASN O 2 31.57 42.92 -36.68
C ASN O 2 30.86 44.25 -36.52
N ILE O 3 31.43 45.10 -35.65
CA ILE O 3 30.84 46.42 -35.45
C ILE O 3 30.87 47.19 -36.76
N MET O 4 31.93 47.03 -37.55
CA MET O 4 31.91 47.62 -38.89
C MET O 4 30.80 47.02 -39.73
N LEU O 5 30.67 45.69 -39.70
CA LEU O 5 29.73 45.04 -40.60
C LEU O 5 28.32 45.53 -40.34
N ARG O 6 27.92 45.61 -39.08
CA ARG O 6 26.64 46.20 -38.77
C ARG O 6 26.61 47.69 -39.16
N LYS O 7 27.71 48.41 -38.91
CA LYS O 7 27.72 49.85 -39.12
C LYS O 7 27.46 50.20 -40.57
N LEU O 8 28.12 49.51 -41.50
CA LEU O 8 27.91 49.80 -42.91
C LEU O 8 26.46 49.53 -43.29
N ILE O 9 25.87 48.48 -42.74
CA ILE O 9 24.48 48.19 -43.03
C ILE O 9 23.60 49.40 -42.72
N THR O 10 23.94 50.12 -41.66
CA THR O 10 23.23 51.36 -41.36
C THR O 10 23.39 52.37 -42.47
N SER O 11 24.52 52.35 -43.18
CA SER O 11 24.73 53.31 -44.25
C SER O 11 24.28 52.79 -45.60
N LEU O 12 24.41 51.48 -45.85
CA LEU O 12 24.01 50.94 -47.14
C LEU O 12 22.53 51.19 -47.39
N LYS O 13 21.69 50.94 -46.41
CA LYS O 13 20.28 51.21 -46.59
C LYS O 13 20.02 52.70 -46.79
N LYS O 14 20.89 53.55 -46.26
CA LYS O 14 20.67 54.99 -46.41
C LYS O 14 20.72 55.40 -47.87
N GLN O 15 21.72 54.93 -48.61
CA GLN O 15 21.87 55.36 -49.98
C GLN O 15 20.70 54.87 -50.82
N ASP O 16 20.28 55.72 -51.75
CA ASP O 16 19.02 55.53 -52.44
C ASP O 16 19.11 54.69 -53.69
N LYS O 17 20.27 54.66 -54.34
CA LYS O 17 20.38 53.90 -55.58
C LYS O 17 19.99 52.45 -55.35
N ALA O 18 19.13 51.95 -56.22
CA ALA O 18 18.44 50.69 -55.94
C ALA O 18 19.40 49.55 -55.75
N ILE O 19 20.63 49.65 -56.26
CA ILE O 19 21.54 48.53 -56.12
C ILE O 19 21.98 48.37 -54.67
N TRP O 20 22.28 49.47 -53.97
CA TRP O 20 22.86 49.34 -52.65
C TRP O 20 21.91 48.67 -51.68
N VAL O 21 20.64 49.05 -51.71
CA VAL O 21 19.70 48.51 -50.73
C VAL O 21 19.60 47.00 -50.86
N ARG O 22 19.62 46.50 -52.10
CA ARG O 22 19.54 45.05 -52.29
C ARG O 22 20.68 44.33 -51.60
N VAL O 23 21.80 45.02 -51.38
CA VAL O 23 22.95 44.38 -50.73
C VAL O 23 22.60 44.01 -49.30
N ALA O 24 21.80 44.84 -48.63
CA ALA O 24 21.62 44.68 -47.19
C ALA O 24 20.99 43.34 -46.86
N GLU O 25 19.86 43.01 -47.49
CA GLU O 25 19.18 41.77 -47.13
C GLU O 25 19.95 40.55 -47.56
N GLU O 26 20.73 40.65 -48.64
CA GLU O 26 21.70 39.60 -48.92
C GLU O 26 22.74 39.55 -47.82
N LEU O 27 23.11 40.71 -47.29
CA LEU O 27 24.04 40.73 -46.17
C LEU O 27 23.36 40.26 -44.89
N GLU O 28 22.15 40.75 -44.62
CA GLU O 28 21.44 40.36 -43.40
C GLU O 28 21.01 38.91 -43.44
N ALA O 29 21.10 38.25 -44.59
CA ALA O 29 20.84 36.84 -44.68
C ALA O 29 21.74 36.08 -43.71
N PRO O 30 21.42 34.83 -43.41
CA PRO O 30 22.24 34.07 -42.46
C PRO O 30 23.69 34.00 -42.90
N ARG O 31 24.57 33.97 -41.91
CA ARG O 31 25.99 33.83 -42.21
C ARG O 31 26.27 32.53 -42.95
N ARG O 32 25.64 31.44 -42.51
CA ARG O 32 25.96 30.14 -43.07
C ARG O 32 25.60 30.04 -44.55
N LYS O 33 24.71 30.88 -45.04
CA LYS O 33 24.40 30.91 -46.46
C LYS O 33 24.85 32.22 -47.11
N ARG O 34 25.80 32.90 -46.48
CA ARG O 34 26.21 34.22 -46.93
C ARG O 34 26.71 34.17 -48.37
N ALA O 35 26.59 35.29 -49.05
CA ALA O 35 27.01 35.36 -50.45
C ALA O 35 28.50 35.07 -50.58
N TYR O 36 28.86 34.42 -51.67
CA TYR O 36 30.24 34.05 -51.94
C TYR O 36 30.36 33.79 -53.43
N ILE O 37 31.52 34.13 -54.00
CA ILE O 37 31.75 33.97 -55.43
C ILE O 37 33.11 33.34 -55.66
N ASN O 38 33.16 32.41 -56.61
CA ASN O 38 34.42 31.91 -57.11
C ASN O 38 34.75 32.60 -58.43
N ILE O 39 36.05 32.81 -58.67
CA ILE O 39 36.46 33.65 -59.80
C ILE O 39 35.98 33.08 -61.11
N TYR O 40 36.08 31.76 -61.28
CA TYR O 40 35.91 31.17 -62.61
C TYR O 40 34.57 31.55 -63.22
N LYS O 41 33.55 31.77 -62.40
CA LYS O 41 32.25 32.10 -62.95
C LYS O 41 32.22 33.52 -63.52
N ILE O 42 32.77 34.49 -62.80
CA ILE O 42 32.60 35.87 -63.22
C ILE O 42 33.32 36.13 -64.54
N ASN O 43 34.46 35.48 -64.75
CA ASN O 43 35.16 35.64 -66.01
C ASN O 43 34.31 35.16 -67.16
N ARG O 44 33.44 34.19 -66.91
CA ARG O 44 32.64 33.61 -67.99
C ARG O 44 31.41 34.45 -68.31
N TYR O 45 31.07 35.45 -67.51
CA TYR O 45 29.86 36.23 -67.75
C TYR O 45 30.12 37.72 -67.66
N SER O 46 31.20 38.20 -68.28
CA SER O 46 31.54 39.60 -68.16
C SER O 46 32.19 40.10 -69.44
N LYS O 47 32.14 41.42 -69.62
CA LYS O 47 32.80 42.09 -70.72
C LYS O 47 33.94 42.95 -70.19
N ALA O 48 34.60 43.66 -71.11
CA ALA O 48 35.77 44.44 -70.74
C ALA O 48 35.39 45.60 -69.83
N ASN O 49 36.19 45.80 -68.78
CA ASN O 49 36.01 46.89 -67.83
C ASN O 49 34.61 46.91 -67.25
N ASP O 50 34.08 45.73 -66.96
CA ASP O 50 32.81 45.63 -66.27
C ASP O 50 32.99 45.97 -64.80
N ILE O 51 31.97 46.61 -64.23
CA ILE O 51 31.88 46.83 -62.79
C ILE O 51 30.81 45.91 -62.24
N ILE O 52 31.19 45.02 -61.34
CA ILE O 52 30.26 44.09 -60.74
C ILE O 52 30.38 44.19 -59.22
N VAL O 53 29.25 44.12 -58.54
CA VAL O 53 29.21 44.18 -57.09
C VAL O 53 28.94 42.78 -56.57
N VAL O 54 29.76 42.34 -55.63
CA VAL O 54 29.65 41.02 -55.04
C VAL O 54 29.12 41.20 -53.62
N PRO O 55 27.94 40.67 -53.31
CA PRO O 55 27.39 40.85 -51.97
C PRO O 55 28.10 40.07 -50.89
N GLY O 56 29.19 39.37 -51.22
CA GLY O 56 29.85 38.51 -50.25
C GLY O 56 31.35 38.42 -50.37
N LYS O 57 31.86 37.19 -50.44
CA LYS O 57 33.28 36.94 -50.58
C LYS O 57 33.58 36.37 -51.95
N VAL O 58 34.80 36.59 -52.42
CA VAL O 58 35.24 36.10 -53.72
C VAL O 58 36.33 35.07 -53.49
N LEU O 59 36.18 33.91 -54.13
CA LEU O 59 37.13 32.81 -53.99
C LEU O 59 37.94 32.64 -55.26
N GLY O 60 39.22 32.34 -55.08
CA GLY O 60 40.17 32.31 -56.17
C GLY O 60 40.34 30.99 -56.89
N VAL O 61 39.34 30.58 -57.66
CA VAL O 61 39.50 29.47 -58.60
C VAL O 61 39.02 29.93 -59.97
N GLY O 62 39.83 29.67 -60.98
CA GLY O 62 39.55 30.10 -62.33
C GLY O 62 40.54 31.13 -62.83
N ASN O 63 40.42 31.41 -64.11
CA ASN O 63 41.31 32.29 -64.84
C ASN O 63 40.51 33.45 -65.40
N LEU O 64 41.20 34.56 -65.69
CA LEU O 64 40.53 35.78 -66.11
C LEU O 64 40.90 36.09 -67.55
N ASP O 65 39.90 36.49 -68.33
CA ASP O 65 40.15 36.92 -69.70
C ASP O 65 40.59 38.38 -69.73
N HIS O 66 39.72 39.27 -69.25
CA HIS O 66 39.97 40.69 -69.43
C HIS O 66 39.90 41.41 -68.09
N PRO O 67 40.72 42.45 -67.92
CA PRO O 67 40.71 43.18 -66.66
C PRO O 67 39.35 43.78 -66.39
N VAL O 68 38.85 43.54 -65.18
CA VAL O 68 37.56 44.04 -64.75
C VAL O 68 37.68 44.43 -63.28
N THR O 69 36.92 45.45 -62.89
CA THR O 69 36.97 45.97 -61.54
C THR O 69 35.73 45.53 -60.79
N VAL O 70 35.93 44.97 -59.60
CA VAL O 70 34.87 44.35 -58.82
C VAL O 70 34.77 45.05 -57.48
N VAL O 71 33.57 45.03 -56.91
CA VAL O 71 33.30 45.67 -55.63
C VAL O 71 32.66 44.65 -54.72
N ALA O 72 33.25 44.45 -53.55
CA ALA O 72 32.75 43.44 -52.62
C ALA O 72 33.05 43.88 -51.20
N LEU O 73 32.81 42.96 -50.26
CA LEU O 73 33.08 43.17 -48.86
C LEU O 73 34.13 42.23 -48.30
N SER O 74 34.57 41.26 -49.09
CA SER O 74 35.54 40.28 -48.60
C SER O 74 36.23 39.59 -49.77
N PHE O 75 37.52 39.37 -49.61
CA PHE O 75 38.37 38.77 -50.65
C PHE O 75 39.26 37.69 -50.07
N SER O 76 39.74 36.85 -50.96
CA SER O 76 40.81 35.90 -50.67
C SER O 76 42.14 36.55 -51.06
N LYS O 77 43.07 36.57 -50.11
CA LYS O 77 44.38 37.13 -50.41
C LYS O 77 44.99 36.52 -51.68
N PRO O 78 44.93 35.21 -51.92
CA PRO O 78 45.31 34.72 -53.24
C PRO O 78 44.45 35.27 -54.36
N ALA O 79 43.13 35.38 -54.15
CA ALA O 79 42.26 35.77 -55.23
C ALA O 79 42.62 37.15 -55.76
N LYS O 80 42.93 38.08 -54.86
CA LYS O 80 43.30 39.43 -55.26
C LYS O 80 44.49 39.42 -56.20
N GLU O 81 45.50 38.59 -55.89
CA GLU O 81 46.68 38.52 -56.73
C GLU O 81 46.31 38.07 -58.14
N LYS O 82 45.34 37.16 -58.25
CA LYS O 82 44.85 36.79 -59.57
C LYS O 82 44.21 37.98 -60.27
N ILE O 83 43.57 38.86 -59.49
CA ILE O 83 42.88 40.00 -60.07
C ILE O 83 43.88 41.03 -60.59
N LEU O 84 44.88 41.37 -59.78
CA LEU O 84 45.79 42.45 -60.16
C LEU O 84 46.62 42.06 -61.38
N ARG O 85 47.17 40.85 -61.39
CA ARG O 85 47.97 40.43 -62.54
C ARG O 85 47.13 40.43 -63.81
N SER O 86 45.82 40.27 -63.67
CA SER O 86 44.89 40.37 -64.79
C SER O 86 44.56 41.82 -65.14
N GLY O 87 45.03 42.77 -64.35
CA GLY O 87 44.89 44.17 -64.68
C GLY O 87 43.63 44.85 -64.20
N GLY O 88 42.77 44.16 -63.46
CA GLY O 88 41.56 44.76 -62.95
C GLY O 88 41.84 45.63 -61.74
N LYS O 89 40.77 45.96 -61.02
CA LYS O 89 40.88 46.72 -59.78
C LYS O 89 39.94 46.15 -58.74
N VAL O 90 40.31 46.34 -57.47
CA VAL O 90 39.48 45.92 -56.36
C VAL O 90 38.92 47.16 -55.70
N MET O 91 37.84 47.00 -54.95
CA MET O 91 37.17 48.18 -54.43
C MET O 91 36.24 47.74 -53.31
N SER O 92 36.44 48.28 -52.12
CA SER O 92 35.56 47.94 -51.01
C SER O 92 34.24 48.67 -51.14
N LEU O 93 33.19 48.06 -50.60
CA LEU O 93 31.91 48.75 -50.54
C LEU O 93 32.06 50.06 -49.79
N TYR O 94 32.76 50.02 -48.66
CA TYR O 94 32.88 51.21 -47.82
C TYR O 94 33.56 52.34 -48.57
N LYS O 95 34.62 52.02 -49.30
CA LYS O 95 35.25 53.05 -50.11
C LYS O 95 34.44 53.36 -51.37
N ALA O 96 33.57 52.45 -51.80
CA ALA O 96 32.86 52.64 -53.07
C ALA O 96 31.76 53.69 -52.99
N ILE O 97 31.39 54.13 -51.80
CA ILE O 97 30.30 55.09 -51.67
C ILE O 97 30.71 56.44 -52.24
N GLN O 98 31.96 56.84 -52.05
CA GLN O 98 32.38 58.18 -52.40
C GLN O 98 32.64 58.38 -53.88
N GLU O 99 32.09 57.54 -54.76
CA GLU O 99 32.36 57.65 -56.18
C GLU O 99 31.09 57.96 -56.97
N LEU O 100 31.10 59.10 -57.67
CA LEU O 100 29.97 59.46 -58.52
C LEU O 100 29.94 58.63 -59.80
N ASN O 101 31.09 58.11 -60.23
CA ASN O 101 31.06 57.10 -61.28
C ASN O 101 30.40 55.83 -60.78
N ASP O 102 30.72 55.42 -59.54
CA ASP O 102 29.91 54.40 -58.90
C ASP O 102 28.46 54.82 -58.86
N PHE O 103 28.20 56.13 -58.77
CA PHE O 103 26.83 56.60 -58.85
C PHE O 103 26.30 56.46 -60.27
N LYS O 104 27.11 56.86 -61.26
CA LYS O 104 26.67 57.01 -62.65
C LYS O 104 27.63 56.30 -63.60
N GLY O 105 28.00 55.07 -63.26
CA GLY O 105 28.73 54.23 -64.20
C GLY O 105 27.78 53.60 -65.19
N LYS O 106 28.30 52.66 -65.96
CA LYS O 106 27.48 51.91 -66.90
C LYS O 106 28.01 50.49 -67.04
N THR O 107 27.09 49.58 -67.39
CA THR O 107 27.35 48.15 -67.50
C THR O 107 27.73 47.52 -66.16
N VAL O 108 26.77 47.42 -65.25
CA VAL O 108 26.98 46.79 -63.95
C VAL O 108 26.01 45.64 -63.79
N ARG O 109 26.52 44.47 -63.39
CA ARG O 109 25.71 43.30 -63.10
C ARG O 109 26.12 42.70 -61.78
N LEU O 110 25.16 42.05 -61.12
CA LEU O 110 25.33 41.53 -59.77
C LEU O 110 25.18 40.02 -59.79
N MET O 111 26.18 39.31 -59.26
CA MET O 111 26.24 37.87 -59.33
C MET O 111 26.51 37.29 -57.95
N LYS O 112 26.44 35.97 -57.86
CA LYS O 112 26.76 35.25 -56.64
C LYS O 112 26.92 33.76 -56.88
N THR P 1 -39.32 -8.38 -79.32
CA THR P 1 -39.87 -7.45 -78.35
C THR P 1 -41.00 -8.07 -77.56
N GLN P 2 -40.74 -8.33 -76.28
CA GLN P 2 -41.74 -8.90 -75.40
C GLN P 2 -41.86 -8.18 -74.07
N GLY P 3 -41.09 -7.12 -73.86
CA GLY P 3 -41.15 -6.37 -72.63
C GLY P 3 -39.93 -5.51 -72.41
N PRO P 4 -39.82 -4.91 -71.24
CA PRO P 4 -38.66 -4.07 -70.94
C PRO P 4 -37.35 -4.83 -70.95
N ASN P 5 -37.38 -6.15 -70.77
CA ASN P 5 -36.16 -6.93 -70.81
C ASN P 5 -35.62 -7.13 -72.22
N TYR P 6 -36.48 -7.14 -73.23
CA TYR P 6 -36.05 -7.47 -74.58
C TYR P 6 -35.07 -6.45 -75.12
N ARG P 7 -33.95 -6.92 -75.65
CA ARG P 7 -32.96 -6.07 -76.26
C ARG P 7 -32.99 -6.24 -77.78
N ILE P 8 -32.62 -5.18 -78.48
CA ILE P 8 -32.67 -5.15 -79.93
C ILE P 8 -31.26 -5.03 -80.47
N LYS P 9 -30.86 -5.98 -81.31
CA LYS P 9 -29.60 -5.85 -82.02
C LYS P 9 -29.73 -4.80 -83.11
N PHE P 10 -28.60 -4.39 -83.66
CA PHE P 10 -28.57 -3.25 -84.55
C PHE P 10 -29.37 -3.52 -85.83
N ARG P 11 -29.63 -2.44 -86.56
CA ARG P 11 -30.38 -2.55 -87.81
C ARG P 11 -29.67 -3.46 -88.80
N ARG P 12 -28.35 -3.27 -88.96
CA ARG P 12 -27.59 -4.14 -89.85
C ARG P 12 -27.66 -5.59 -89.38
N ARG P 13 -27.47 -5.81 -88.07
CA ARG P 13 -27.56 -7.16 -87.54
C ARG P 13 -28.97 -7.70 -87.70
N ARG P 14 -29.97 -6.86 -87.49
CA ARG P 14 -31.35 -7.28 -87.74
C ARG P 14 -31.55 -7.63 -89.21
N GLU P 15 -30.86 -6.93 -90.10
CA GLU P 15 -30.92 -7.22 -91.52
C GLU P 15 -29.74 -8.06 -92.00
N GLY P 16 -28.86 -8.48 -91.09
CA GLY P 16 -27.77 -9.37 -91.46
C GLY P 16 -26.80 -8.79 -92.45
N LYS P 17 -26.44 -7.52 -92.28
CA LYS P 17 -25.55 -6.87 -93.24
C LYS P 17 -24.09 -7.09 -92.92
N THR P 18 -23.66 -6.70 -91.72
CA THR P 18 -22.24 -6.65 -91.38
C THR P 18 -21.99 -7.32 -90.03
N ASP P 19 -20.83 -7.94 -89.91
CA ASP P 19 -20.37 -8.51 -88.64
C ASP P 19 -19.61 -7.43 -87.88
N TYR P 20 -20.18 -7.01 -86.75
CA TYR P 20 -19.58 -5.90 -86.00
C TYR P 20 -18.26 -6.30 -85.38
N TYR P 21 -18.15 -7.55 -84.91
CA TYR P 21 -16.89 -8.01 -84.33
C TYR P 21 -15.74 -7.76 -85.28
N THR P 22 -15.93 -8.10 -86.56
CA THR P 22 -14.94 -7.76 -87.57
C THR P 22 -14.78 -6.25 -87.67
N ARG P 23 -15.91 -5.53 -87.75
CA ARG P 23 -15.85 -4.07 -87.78
C ARG P 23 -15.22 -3.53 -86.52
N TYR P 24 -15.45 -4.18 -85.38
CA TYR P 24 -14.86 -3.75 -84.13
C TYR P 24 -13.35 -3.65 -84.24
N THR P 25 -12.71 -4.67 -84.80
CA THR P 25 -11.25 -4.67 -84.86
C THR P 25 -10.74 -3.51 -85.71
N TYR P 26 -11.40 -3.25 -86.84
CA TYR P 26 -10.93 -2.17 -87.69
C TYR P 26 -11.01 -0.83 -86.99
N VAL P 27 -12.05 -0.63 -86.20
CA VAL P 27 -12.22 0.64 -85.50
C VAL P 27 -11.08 0.87 -84.52
N ILE P 28 -10.81 -0.13 -83.68
CA ILE P 28 -9.80 0.04 -82.65
C ILE P 28 -8.42 0.17 -83.27
N ASN P 29 -8.22 -0.46 -84.42
CA ASN P 29 -6.94 -0.39 -85.10
C ASN P 29 -6.93 0.64 -86.22
N ASN P 30 -8.01 1.38 -86.40
CA ASN P 30 -8.08 2.46 -87.39
C ASN P 30 -7.74 1.95 -88.79
N ALA P 31 -8.22 0.76 -89.11
CA ALA P 31 -7.93 0.15 -90.40
C ALA P 31 -8.79 0.76 -91.50
N ILE P 32 -8.16 1.10 -92.61
CA ILE P 32 -8.88 1.62 -93.77
C ILE P 32 -9.45 0.45 -94.55
N ARG P 33 -10.77 0.45 -94.74
CA ARG P 33 -11.47 -0.72 -95.23
C ARG P 33 -11.42 -0.81 -96.75
N PHE P 34 -11.20 -2.03 -97.23
CA PHE P 34 -11.42 -2.38 -98.63
C PHE P 34 -12.57 -3.37 -98.70
N VAL P 35 -13.62 -3.01 -99.43
CA VAL P 35 -14.87 -3.75 -99.33
C VAL P 35 -15.25 -4.30 -100.71
N PRO P 36 -14.90 -5.54 -101.02
CA PRO P 36 -15.32 -6.19 -102.28
C PRO P 36 -16.60 -6.99 -102.12
N ARG P 37 -17.71 -6.30 -101.93
CA ARG P 37 -18.98 -7.00 -101.82
C ARG P 37 -19.46 -7.48 -103.18
N LEU P 38 -20.25 -8.54 -103.18
CA LEU P 38 -20.82 -9.11 -104.39
C LEU P 38 -22.33 -9.12 -104.32
N THR P 39 -22.95 -8.94 -105.48
CA THR P 39 -24.38 -9.11 -105.66
C THR P 39 -24.62 -10.07 -106.81
N ASN P 40 -25.86 -10.50 -106.98
CA ASN P 40 -26.17 -11.54 -107.94
C ASN P 40 -26.00 -11.10 -109.38
N LYS P 41 -25.81 -9.81 -109.64
CA LYS P 41 -25.71 -9.32 -111.01
C LYS P 41 -24.45 -8.52 -111.29
N TYR P 42 -23.72 -8.08 -110.29
CA TYR P 42 -22.58 -7.20 -110.51
C TYR P 42 -21.52 -7.47 -109.45
N VAL P 43 -20.58 -6.55 -109.34
CA VAL P 43 -19.50 -6.61 -108.35
C VAL P 43 -19.31 -5.23 -107.76
N ILE P 44 -19.07 -5.17 -106.45
CA ILE P 44 -19.01 -3.92 -105.70
C ILE P 44 -17.67 -3.83 -104.98
N VAL P 45 -16.95 -2.74 -105.17
CA VAL P 45 -15.66 -2.51 -104.55
C VAL P 45 -15.60 -1.08 -104.02
N SER P 46 -15.06 -0.92 -102.82
CA SER P 46 -15.00 0.39 -102.21
C SER P 46 -13.80 0.48 -101.28
N VAL P 47 -13.39 1.72 -100.99
CA VAL P 47 -12.29 2.02 -100.09
C VAL P 47 -12.82 3.00 -99.05
N SER P 48 -13.05 2.52 -97.83
CA SER P 48 -13.79 3.28 -96.82
C SER P 48 -12.87 3.82 -95.73
N LYS P 49 -13.39 4.80 -94.99
CA LYS P 49 -12.71 5.39 -93.86
C LYS P 49 -13.75 5.91 -92.88
N PHE P 50 -13.49 5.72 -91.59
CA PHE P 50 -14.48 6.03 -90.58
C PHE P 50 -14.61 7.54 -90.35
N ASP P 51 -15.83 7.98 -90.02
CA ASP P 51 -16.08 9.36 -89.66
C ASP P 51 -17.33 9.43 -88.80
N GLN P 52 -17.49 10.56 -88.10
CA GLN P 52 -18.51 10.67 -87.06
C GLN P 52 -19.91 10.42 -87.61
N LYS P 53 -20.29 11.14 -88.66
CA LYS P 53 -21.60 10.94 -89.25
C LYS P 53 -21.70 9.65 -90.04
N GLY P 54 -20.66 8.83 -90.02
CA GLY P 54 -20.68 7.57 -90.73
C GLY P 54 -19.40 7.31 -91.49
N ASP P 55 -19.33 6.16 -92.15
CA ASP P 55 -18.15 5.81 -92.93
C ASP P 55 -18.02 6.74 -94.13
N ILE P 56 -16.79 6.94 -94.57
CA ILE P 56 -16.49 7.72 -95.77
C ILE P 56 -15.72 6.84 -96.73
N MET P 57 -16.22 6.73 -97.95
CA MET P 57 -15.57 5.96 -99.00
C MET P 57 -14.71 6.89 -99.85
N ILE P 58 -13.40 6.65 -99.86
CA ILE P 58 -12.50 7.49 -100.62
C ILE P 58 -12.74 7.31 -102.11
N ALA P 59 -12.80 6.06 -102.56
CA ALA P 59 -12.99 5.76 -103.98
C ALA P 59 -13.97 4.60 -104.10
N TYR P 60 -14.67 4.56 -105.24
CA TYR P 60 -15.67 3.53 -105.45
C TYR P 60 -15.74 3.21 -106.93
N ALA P 61 -15.98 1.93 -107.23
CA ALA P 61 -16.13 1.47 -108.60
C ALA P 61 -17.18 0.37 -108.65
N HIS P 62 -17.75 0.18 -109.84
CA HIS P 62 -18.85 -0.75 -110.03
C HIS P 62 -18.68 -1.47 -111.36
N SER P 63 -19.27 -2.66 -111.46
CA SER P 63 -19.24 -3.41 -112.70
C SER P 63 -19.95 -2.69 -113.84
N ILE P 64 -20.87 -1.79 -113.52
CA ILE P 64 -21.74 -1.22 -114.54
C ILE P 64 -20.95 -0.39 -115.53
N GLU P 65 -19.91 0.31 -115.07
CA GLU P 65 -19.12 1.13 -115.98
C GLU P 65 -18.28 0.29 -116.93
N LEU P 66 -18.00 -0.96 -116.58
CA LEU P 66 -17.21 -1.82 -117.45
C LEU P 66 -17.93 -2.07 -118.76
N VAL P 67 -19.24 -2.32 -118.71
CA VAL P 67 -20.02 -2.47 -119.94
C VAL P 67 -20.44 -1.13 -120.52
N LYS P 68 -20.27 -0.05 -119.77
CA LYS P 68 -20.66 1.27 -120.25
C LYS P 68 -19.48 2.13 -120.68
N LYS P 69 -18.41 2.17 -119.87
CA LYS P 69 -17.24 2.97 -120.19
C LYS P 69 -16.11 2.17 -120.81
N TYR P 70 -16.13 0.84 -120.68
CA TYR P 70 -15.06 0.00 -121.21
C TYR P 70 -15.55 -1.11 -122.11
N GLY P 71 -16.86 -1.21 -122.36
CA GLY P 71 -17.37 -2.18 -123.31
C GLY P 71 -17.13 -3.62 -122.92
N TRP P 72 -17.43 -3.97 -121.67
CA TRP P 72 -17.36 -5.36 -121.26
C TRP P 72 -18.48 -6.16 -121.93
N LYS P 73 -18.14 -7.38 -122.35
CA LYS P 73 -19.07 -8.18 -123.13
C LYS P 73 -19.59 -9.41 -122.42
N GLY P 74 -18.83 -9.97 -121.49
CA GLY P 74 -19.21 -11.20 -120.82
C GLY P 74 -20.14 -10.96 -119.65
N ASP P 75 -20.13 -11.90 -118.72
CA ASP P 75 -20.96 -11.79 -117.53
C ASP P 75 -20.45 -10.66 -116.64
N THR P 76 -21.32 -10.21 -115.74
CA THR P 76 -21.00 -9.17 -114.78
C THR P 76 -20.88 -9.68 -113.36
N ASN P 77 -21.07 -10.98 -113.12
CA ASN P 77 -20.94 -11.55 -111.79
C ASN P 77 -20.17 -12.86 -111.85
N ASN P 78 -19.07 -12.88 -112.58
CA ASN P 78 -18.18 -14.04 -112.65
C ASN P 78 -16.75 -13.61 -112.35
N THR P 79 -15.85 -14.59 -112.41
CA THR P 79 -14.45 -14.34 -112.04
C THR P 79 -13.80 -13.26 -112.88
N PRO P 80 -13.83 -13.31 -114.22
CA PRO P 80 -13.15 -12.24 -114.99
C PRO P 80 -13.69 -10.87 -114.69
N ALA P 81 -15.02 -10.75 -114.54
CA ALA P 81 -15.59 -9.48 -114.13
C ALA P 81 -15.09 -9.09 -112.75
N ALA P 82 -15.00 -10.07 -111.86
CA ALA P 82 -14.52 -9.81 -110.50
C ALA P 82 -13.11 -9.23 -110.53
N TYR P 83 -12.22 -9.84 -111.32
CA TYR P 83 -10.85 -9.34 -111.39
C TYR P 83 -10.78 -7.97 -112.03
N LEU P 84 -11.57 -7.76 -113.09
CA LEU P 84 -11.47 -6.51 -113.85
C LEU P 84 -11.77 -5.31 -112.97
N THR P 85 -12.88 -5.37 -112.22
CA THR P 85 -13.27 -4.23 -111.40
C THR P 85 -12.25 -3.95 -110.30
N GLY P 86 -11.72 -5.01 -109.70
CA GLY P 86 -10.69 -4.81 -108.69
C GLY P 86 -9.48 -4.07 -109.24
N TYR P 87 -9.08 -4.41 -110.46
CA TYR P 87 -8.01 -3.68 -111.12
C TYR P 87 -8.40 -2.23 -111.33
N LEU P 88 -9.66 -1.99 -111.69
CA LEU P 88 -10.15 -0.62 -111.83
C LEU P 88 -10.06 0.13 -110.51
N ALA P 89 -10.43 -0.53 -109.42
CA ALA P 89 -10.50 0.16 -108.13
C ALA P 89 -9.16 0.79 -107.77
N GLY P 90 -8.08 0.02 -107.94
CA GLY P 90 -6.76 0.54 -107.60
C GLY P 90 -6.41 1.77 -108.41
N LEU P 91 -6.72 1.76 -109.71
CA LEU P 91 -6.41 2.92 -110.55
C LEU P 91 -7.15 4.15 -110.05
N ARG P 92 -8.43 4.00 -109.70
CA ARG P 92 -9.09 5.09 -109.00
C ARG P 92 -8.44 5.32 -107.64
N ALA P 93 -8.09 4.24 -106.93
CA ALA P 93 -7.46 4.38 -105.63
C ALA P 93 -6.10 5.04 -105.74
N VAL P 94 -5.31 4.66 -106.74
CA VAL P 94 -3.95 5.18 -106.86
C VAL P 94 -3.99 6.69 -107.06
N LYS P 95 -4.79 7.15 -108.01
CA LYS P 95 -4.94 8.59 -108.18
C LYS P 95 -5.69 9.23 -107.03
N SER P 96 -6.43 8.44 -106.24
CA SER P 96 -7.13 9.01 -105.09
C SER P 96 -6.15 9.56 -104.06
N GLY P 97 -5.08 8.82 -103.80
CA GLY P 97 -4.10 9.26 -102.82
C GLY P 97 -3.80 8.22 -101.76
N VAL P 98 -4.60 7.16 -101.74
CA VAL P 98 -4.41 6.08 -100.78
C VAL P 98 -3.28 5.18 -101.26
N LYS P 99 -2.63 4.50 -100.31
CA LYS P 99 -1.55 3.58 -100.66
C LYS P 99 -1.80 2.19 -100.09
N ALA P 100 -2.33 2.12 -98.87
CA ALA P 100 -2.50 0.85 -98.19
C ALA P 100 -3.86 0.81 -97.50
N ALA P 101 -4.40 -0.41 -97.39
CA ALA P 101 -5.67 -0.66 -96.72
C ALA P 101 -5.76 -2.15 -96.43
N VAL P 102 -6.90 -2.56 -95.88
CA VAL P 102 -7.13 -3.95 -95.53
C VAL P 102 -8.44 -4.40 -96.16
N SER P 103 -8.44 -5.62 -96.71
CA SER P 103 -9.65 -6.20 -97.25
C SER P 103 -10.67 -6.40 -96.15
N ASP P 104 -11.91 -6.00 -96.42
CA ASP P 104 -13.03 -6.23 -95.52
C ASP P 104 -14.01 -7.15 -96.21
N ILE P 105 -14.36 -8.25 -95.56
CA ILE P 105 -15.03 -9.38 -96.21
C ILE P 105 -16.43 -9.58 -95.65
N GLY P 106 -16.54 -9.93 -94.39
CA GLY P 106 -17.86 -10.10 -93.77
C GLY P 106 -18.45 -11.48 -94.06
N LEU P 107 -19.41 -11.53 -94.97
CA LEU P 107 -20.21 -12.73 -95.21
C LEU P 107 -19.83 -13.46 -96.49
N PHE P 108 -18.56 -13.41 -96.89
CA PHE P 108 -18.09 -14.18 -98.02
C PHE P 108 -17.11 -15.23 -97.52
N VAL P 109 -17.40 -16.49 -97.78
CA VAL P 109 -16.57 -17.58 -97.27
C VAL P 109 -15.20 -17.51 -97.92
N PRO P 110 -14.12 -17.47 -97.15
CA PRO P 110 -12.79 -17.31 -97.76
C PRO P 110 -12.35 -18.56 -98.50
N VAL P 111 -12.87 -18.73 -99.71
CA VAL P 111 -12.51 -19.87 -100.56
C VAL P 111 -11.38 -19.46 -101.48
N LYS P 112 -10.33 -20.28 -101.51
CA LYS P 112 -9.23 -20.02 -102.42
C LYS P 112 -9.69 -20.22 -103.86
N GLY P 113 -9.30 -19.30 -104.73
CA GLY P 113 -9.76 -19.33 -106.09
C GLY P 113 -11.17 -18.83 -106.30
N GLY P 114 -11.80 -18.27 -105.27
CA GLY P 114 -13.13 -17.74 -105.39
C GLY P 114 -13.13 -16.36 -106.00
N ARG P 115 -14.34 -15.80 -106.13
CA ARG P 115 -14.47 -14.47 -106.71
C ARG P 115 -13.78 -13.42 -105.84
N ILE P 116 -13.93 -13.54 -104.52
CA ILE P 116 -13.43 -12.51 -103.62
C ILE P 116 -11.93 -12.35 -103.78
N PHE P 117 -11.19 -13.45 -103.73
CA PHE P 117 -9.75 -13.38 -103.94
C PHE P 117 -9.42 -12.91 -105.34
N ALA P 118 -10.25 -13.27 -106.32
CA ALA P 118 -10.04 -12.78 -107.68
C ALA P 118 -10.12 -11.27 -107.73
N VAL P 119 -11.04 -10.68 -106.96
CA VAL P 119 -11.17 -9.23 -106.95
C VAL P 119 -9.91 -8.58 -106.38
N ILE P 120 -9.45 -9.07 -105.23
CA ILE P 120 -8.40 -8.35 -104.51
C ILE P 120 -7.11 -8.35 -105.31
N LYS P 121 -6.84 -9.44 -106.03
CA LYS P 121 -5.61 -9.52 -106.80
C LYS P 121 -5.52 -8.41 -107.84
N GLY P 122 -6.65 -8.11 -108.49
CA GLY P 122 -6.64 -7.06 -109.51
C GLY P 122 -6.20 -5.72 -108.95
N ALA P 123 -6.73 -5.36 -107.78
CA ALA P 123 -6.27 -4.14 -107.13
C ALA P 123 -4.80 -4.21 -106.80
N ILE P 124 -4.35 -5.39 -106.36
CA ILE P 124 -2.92 -5.59 -106.13
C ILE P 124 -2.14 -5.35 -107.40
N ASP P 125 -2.56 -6.01 -108.49
CA ASP P 125 -1.89 -5.81 -109.76
C ASP P 125 -2.10 -4.40 -110.28
N ALA P 126 -3.16 -3.72 -109.86
CA ALA P 126 -3.35 -2.33 -110.21
C ALA P 126 -2.31 -1.43 -109.56
N GLY P 127 -1.61 -1.93 -108.55
CA GLY P 127 -0.64 -1.16 -107.81
C GLY P 127 -1.04 -0.86 -106.38
N LEU P 128 -2.26 -1.18 -105.98
CA LEU P 128 -2.67 -0.98 -104.60
C LEU P 128 -1.86 -1.90 -103.69
N LYS P 129 -1.30 -1.33 -102.63
CA LYS P 129 -0.47 -2.09 -101.69
C LYS P 129 -1.36 -2.60 -100.57
N VAL P 130 -1.64 -3.90 -100.60
CA VAL P 130 -2.41 -4.55 -99.55
C VAL P 130 -1.80 -5.91 -99.25
N PRO P 131 -1.19 -6.10 -98.09
CA PRO P 131 -0.67 -7.43 -97.74
C PRO P 131 -1.79 -8.46 -97.68
N VAL P 132 -1.51 -9.63 -98.23
CA VAL P 132 -2.51 -10.69 -98.39
C VAL P 132 -1.83 -12.04 -98.19
N GLY P 133 -2.55 -12.99 -97.61
CA GLY P 133 -2.07 -14.35 -97.58
C GLY P 133 -1.94 -14.93 -98.99
N ASP P 134 -0.94 -15.80 -99.15
CA ASP P 134 -0.54 -16.29 -100.46
C ASP P 134 -1.38 -17.47 -100.94
N LEU P 135 -2.58 -17.69 -100.43
CA LEU P 135 -3.44 -18.78 -100.86
C LEU P 135 -4.66 -18.25 -101.61
N GLY P 136 -4.45 -17.21 -102.43
CA GLY P 136 -5.55 -16.57 -103.11
C GLY P 136 -6.07 -17.32 -104.32
N LYS P 137 -6.36 -16.58 -105.39
CA LYS P 137 -6.98 -17.14 -106.58
C LYS P 137 -5.96 -17.97 -107.38
N LEU P 138 -6.42 -18.45 -108.53
CA LEU P 138 -5.57 -19.15 -109.49
C LEU P 138 -5.55 -18.34 -110.78
N LYS P 139 -4.38 -18.32 -111.43
CA LYS P 139 -4.17 -17.42 -112.56
C LYS P 139 -5.15 -17.69 -113.69
N ASP P 140 -5.38 -18.97 -114.00
CA ASP P 140 -6.28 -19.33 -115.08
C ASP P 140 -7.71 -18.86 -114.83
N ARG P 141 -8.09 -18.69 -113.57
CA ARG P 141 -9.45 -18.26 -113.27
C ARG P 141 -9.71 -16.83 -113.73
N VAL P 142 -8.69 -15.97 -113.68
CA VAL P 142 -8.88 -14.58 -114.05
C VAL P 142 -9.29 -14.44 -115.51
N ASN P 143 -8.53 -15.08 -116.40
CA ASN P 143 -8.85 -15.02 -117.82
C ASN P 143 -10.05 -15.86 -118.19
N GLY P 144 -10.56 -16.67 -117.26
CA GLY P 144 -11.69 -17.53 -117.56
C GLY P 144 -11.39 -18.63 -118.54
N SER P 145 -10.18 -19.20 -118.49
CA SER P 145 -9.88 -20.35 -119.34
C SER P 145 -10.81 -21.50 -119.04
N HIS P 146 -11.08 -21.75 -117.75
CA HIS P 146 -12.03 -22.77 -117.37
C HIS P 146 -13.40 -22.51 -117.99
N ILE P 147 -13.81 -21.25 -118.04
CA ILE P 147 -15.12 -20.92 -118.62
C ILE P 147 -15.14 -21.27 -120.10
N SER P 148 -14.13 -20.81 -120.85
CA SER P 148 -14.05 -21.16 -122.26
C SER P 148 -13.88 -22.66 -122.45
N ALA P 149 -13.08 -23.29 -121.59
CA ALA P 149 -12.97 -24.74 -121.62
C ALA P 149 -14.32 -25.38 -121.33
N TYR P 150 -15.05 -24.86 -120.35
CA TYR P 150 -16.42 -25.30 -120.12
C TYR P 150 -17.29 -24.95 -121.32
N ALA P 151 -17.08 -23.77 -121.90
CA ALA P 151 -17.84 -23.37 -123.08
C ALA P 151 -17.53 -24.26 -124.28
N GLN P 152 -16.29 -24.76 -124.37
CA GLN P 152 -15.90 -25.56 -125.53
C GLN P 152 -16.69 -26.85 -125.64
N LYS P 153 -17.37 -27.26 -124.56
CA LYS P 153 -18.23 -28.44 -124.62
C LYS P 153 -19.60 -28.15 -125.20
N LEU P 154 -19.76 -27.02 -125.90
CA LEU P 154 -21.05 -26.67 -126.48
C LEU P 154 -21.53 -27.71 -127.49
N LYS P 155 -20.64 -28.56 -127.97
CA LYS P 155 -21.02 -29.63 -128.87
C LYS P 155 -21.93 -30.65 -128.19
N ASN P 156 -22.02 -30.60 -126.85
CA ASN P 156 -22.74 -31.58 -126.08
C ASN P 156 -24.17 -31.16 -125.75
N GLU P 157 -24.36 -29.92 -125.26
CA GLU P 157 -25.66 -29.46 -124.82
C GLU P 157 -26.45 -28.74 -125.90
N ASN P 158 -26.15 -29.01 -127.17
CA ASN P 158 -26.86 -28.51 -128.36
C ASN P 158 -26.91 -26.99 -128.42
N GLN P 159 -26.16 -26.29 -127.58
CA GLN P 159 -26.20 -24.83 -127.56
C GLN P 159 -25.00 -24.32 -126.78
N GLU P 160 -24.66 -23.06 -127.01
CA GLU P 160 -23.62 -22.44 -126.22
C GLU P 160 -24.13 -22.15 -124.81
N LEU P 161 -23.20 -22.09 -123.85
CA LEU P 161 -23.56 -21.80 -122.47
C LEU P 161 -24.19 -20.43 -122.34
N TYR P 162 -23.59 -19.43 -122.98
CA TYR P 162 -24.13 -18.07 -122.94
C TYR P 162 -25.42 -18.02 -123.73
N ASN P 163 -26.48 -18.54 -123.12
CA ASN P 163 -27.81 -18.19 -123.59
C ASN P 163 -27.91 -16.67 -123.55
N LYS P 164 -28.35 -16.09 -124.65
CA LYS P 164 -28.22 -14.65 -124.82
C LYS P 164 -28.96 -13.91 -123.71
N LEU P 165 -28.41 -12.75 -123.34
CA LEU P 165 -28.81 -12.04 -122.13
C LEU P 165 -30.12 -11.31 -122.37
N PHE P 166 -30.49 -10.40 -121.46
CA PHE P 166 -31.71 -9.62 -121.64
C PHE P 166 -31.70 -8.86 -122.98
N SER P 167 -30.51 -8.47 -123.46
CA SER P 167 -30.40 -7.76 -124.72
C SER P 167 -29.44 -8.42 -125.69
N SER P 168 -28.73 -9.47 -125.29
CA SER P 168 -27.77 -10.12 -126.17
C SER P 168 -28.41 -11.01 -127.21
N TYR P 169 -29.75 -11.03 -127.27
CA TYR P 169 -30.44 -11.85 -128.26
C TYR P 169 -30.04 -11.46 -129.68
N ILE P 170 -30.14 -10.17 -130.01
CA ILE P 170 -29.80 -9.68 -131.34
C ILE P 170 -28.90 -8.47 -131.26
N GLN P 171 -28.36 -8.19 -130.08
CA GLN P 171 -27.49 -7.04 -129.89
C GLN P 171 -26.09 -7.39 -129.43
N ARG P 172 -25.94 -8.33 -128.49
CA ARG P 172 -24.63 -8.69 -127.97
C ARG P 172 -24.31 -10.13 -128.34
N GLY P 173 -23.32 -10.29 -129.21
CA GLY P 173 -22.84 -11.59 -129.61
C GLY P 173 -21.87 -12.18 -128.60
N LEU P 174 -22.40 -12.72 -127.51
CA LEU P 174 -21.56 -13.37 -126.51
C LEU P 174 -20.68 -14.41 -127.16
N ASP P 175 -19.39 -14.37 -126.84
CA ASP P 175 -18.37 -15.22 -127.45
C ASP P 175 -17.66 -15.99 -126.35
N PRO P 176 -18.29 -17.05 -125.84
CA PRO P 176 -17.77 -17.71 -124.64
C PRO P 176 -16.37 -18.27 -124.80
N VAL P 177 -16.05 -18.84 -125.96
CA VAL P 177 -14.72 -19.41 -126.15
C VAL P 177 -13.67 -18.30 -126.20
N LEU P 178 -13.97 -17.23 -126.92
CA LEU P 178 -13.02 -16.14 -127.07
C LEU P 178 -13.11 -15.22 -125.86
N LEU P 179 -13.05 -15.81 -124.67
CA LEU P 179 -13.21 -15.02 -123.45
C LEU P 179 -11.91 -14.33 -123.04
N PRO P 180 -10.81 -15.05 -122.84
CA PRO P 180 -9.59 -14.38 -122.34
C PRO P 180 -9.09 -13.30 -123.29
N GLN P 181 -9.27 -13.50 -124.59
CA GLN P 181 -8.80 -12.50 -125.55
C GLN P 181 -9.53 -11.18 -125.34
N HIS P 182 -10.84 -11.25 -125.09
CA HIS P 182 -11.60 -10.05 -124.76
C HIS P 182 -11.14 -9.43 -123.45
N PHE P 183 -10.49 -10.20 -122.57
CA PHE P 183 -10.07 -9.66 -121.29
C PHE P 183 -8.95 -8.63 -121.47
N GLU P 184 -7.91 -8.98 -122.24
CA GLU P 184 -6.75 -8.10 -122.35
C GLU P 184 -7.10 -6.78 -123.01
N GLU P 185 -7.93 -6.83 -124.05
CA GLU P 185 -8.25 -5.60 -124.78
C GLU P 185 -8.91 -4.57 -123.87
N VAL P 186 -9.84 -5.01 -123.03
CA VAL P 186 -10.40 -4.11 -122.03
C VAL P 186 -9.35 -3.80 -120.98
N LEU P 187 -8.58 -4.81 -120.58
CA LEU P 187 -7.47 -4.57 -119.65
C LEU P 187 -6.49 -3.58 -120.25
N ASN P 188 -6.16 -3.73 -121.53
CA ASN P 188 -5.34 -2.73 -122.20
C ASN P 188 -6.07 -1.40 -122.27
N LYS P 189 -7.39 -1.44 -122.49
CA LYS P 189 -8.16 -0.21 -122.55
C LYS P 189 -8.13 0.53 -121.21
N ILE P 190 -8.23 -0.21 -120.11
CA ILE P 190 -8.28 0.44 -118.80
C ILE P 190 -6.90 0.80 -118.26
N LYS P 191 -5.84 0.14 -118.75
CA LYS P 191 -4.51 0.41 -118.21
C LYS P 191 -4.09 1.85 -118.44
N GLU P 192 -4.39 2.39 -119.62
CA GLU P 192 -4.18 3.79 -119.92
C GLU P 192 -5.52 4.47 -120.11
N ASN P 193 -5.69 5.62 -119.46
CA ASN P 193 -6.96 6.33 -119.52
C ASN P 193 -6.74 7.82 -119.56
N PRO Q 1 22.17 9.82 57.96
CA PRO Q 1 21.22 9.28 58.93
C PRO Q 1 20.78 7.85 58.65
N GLU Q 2 21.54 7.13 57.82
CA GLU Q 2 21.36 5.70 57.61
C GLU Q 2 22.51 4.97 58.26
N PHE Q 3 22.19 4.00 59.12
CA PHE Q 3 23.19 3.23 59.83
C PHE Q 3 22.84 1.74 59.82
N GLN Q 4 22.61 1.21 58.60
CA GLN Q 4 22.44 -0.23 58.45
C GLN Q 4 23.60 -1.01 59.03
N LEU Q 5 24.79 -0.40 59.02
CA LEU Q 5 25.99 -1.01 59.59
C LEU Q 5 25.69 -1.78 60.87
N GLN Q 6 25.21 -1.06 61.88
CA GLN Q 6 24.90 -1.69 63.14
C GLN Q 6 23.84 -2.78 62.97
N ARG Q 7 22.77 -2.46 62.24
CA ARG Q 7 21.69 -3.43 62.07
C ARG Q 7 22.18 -4.67 61.34
N ARG Q 8 22.94 -4.49 60.27
CA ARG Q 8 23.46 -5.64 59.55
C ARG Q 8 24.41 -6.44 60.42
N LEU Q 9 25.32 -5.75 61.11
CA LEU Q 9 26.40 -6.44 61.79
C LEU Q 9 25.86 -7.35 62.90
N ALA Q 10 24.87 -6.86 63.65
CA ALA Q 10 24.39 -7.64 64.78
C ALA Q 10 23.92 -9.02 64.35
N ALA Q 11 23.30 -9.11 63.18
CA ALA Q 11 22.78 -10.41 62.74
C ALA Q 11 23.91 -11.42 62.62
N ASP Q 12 25.05 -11.00 62.11
CA ASP Q 12 26.17 -11.92 62.00
C ASP Q 12 26.71 -12.28 63.37
N ILE Q 13 26.81 -11.31 64.28
CA ILE Q 13 27.39 -11.60 65.57
C ILE Q 13 26.47 -12.46 66.43
N ALA Q 14 25.19 -12.56 66.07
CA ALA Q 14 24.25 -13.40 66.81
C ALA Q 14 23.72 -14.57 66.00
N GLY Q 15 24.04 -14.65 64.71
CA GLY Q 15 23.59 -15.79 63.92
C GLY Q 15 22.09 -15.89 63.81
N VAL Q 16 21.42 -14.78 63.58
CA VAL Q 16 19.97 -14.74 63.45
C VAL Q 16 19.63 -13.80 62.29
N GLY Q 17 18.37 -13.85 61.87
CA GLY Q 17 17.94 -13.04 60.75
C GLY Q 17 17.87 -11.57 61.09
N LEU Q 18 18.04 -10.73 60.07
CA LEU Q 18 18.09 -9.30 60.27
C LEU Q 18 16.81 -8.78 60.90
N ASN Q 19 15.65 -9.25 60.40
CA ASN Q 19 14.37 -8.71 60.85
C ASN Q 19 14.14 -9.00 62.33
N ASN Q 20 14.83 -9.98 62.90
CA ASN Q 20 14.70 -10.33 64.30
C ASN Q 20 15.69 -9.59 65.19
N ILE Q 21 16.08 -8.38 64.81
CA ILE Q 21 17.04 -7.58 65.55
C ILE Q 21 16.45 -6.22 65.84
N LYS Q 22 16.60 -5.76 67.08
CA LYS Q 22 16.04 -4.49 67.49
C LYS Q 22 17.09 -3.69 68.28
N PHE Q 23 16.92 -2.37 68.26
CA PHE Q 23 17.77 -1.45 68.98
C PHE Q 23 17.00 -0.79 70.11
N ASN Q 24 17.72 -0.12 70.98
CA ASN Q 24 17.04 0.69 71.98
C ASN Q 24 16.32 1.84 71.31
N PRO Q 25 15.01 1.99 71.50
CA PRO Q 25 14.35 3.23 71.07
C PRO Q 25 14.94 4.45 71.73
N GLU Q 26 15.82 4.27 72.71
CA GLU Q 26 16.48 5.36 73.40
C GLU Q 26 17.91 5.58 72.95
N ARG Q 27 18.72 4.53 72.86
CA ARG Q 27 20.16 4.69 72.84
C ARG Q 27 20.71 4.85 71.42
N LEU Q 28 19.92 5.41 70.51
CA LEU Q 28 20.37 5.60 69.13
C LEU Q 28 21.65 6.42 69.10
N GLU Q 29 21.76 7.39 70.00
CA GLU Q 29 22.92 8.28 70.03
C GLU Q 29 24.20 7.54 70.36
N GLU Q 30 24.14 6.56 71.26
CA GLU Q 30 25.32 5.83 71.67
C GLU Q 30 25.52 4.55 70.89
N VAL Q 31 24.70 4.30 69.87
CA VAL Q 31 24.91 3.17 68.98
C VAL Q 31 25.41 3.61 67.61
N GLU Q 32 25.17 4.86 67.21
CA GLU Q 32 25.61 5.29 65.90
C GLU Q 32 27.13 5.23 65.77
N GLU Q 33 27.85 5.64 66.79
CA GLU Q 33 29.30 5.75 66.71
C GLU Q 33 29.98 4.39 66.76
N ALA Q 34 29.23 3.32 66.60
CA ALA Q 34 29.82 2.01 66.42
C ALA Q 34 30.38 1.91 65.01
N LEU Q 35 31.63 1.46 64.89
CA LEU Q 35 32.26 1.33 63.60
C LEU Q 35 32.88 -0.04 63.36
N THR Q 36 33.04 -0.85 64.40
CA THR Q 36 33.76 -2.11 64.28
C THR Q 36 32.91 -3.26 64.80
N ARG Q 37 33.24 -4.47 64.35
CA ARG Q 37 32.67 -5.65 64.96
C ARG Q 37 33.00 -5.70 66.44
N GLU Q 38 34.19 -5.23 66.82
CA GLU Q 38 34.51 -5.06 68.23
C GLU Q 38 33.46 -4.23 68.93
N ASP Q 39 33.06 -3.11 68.32
CA ASP Q 39 32.12 -2.21 68.96
C ASP Q 39 30.76 -2.85 69.17
N ILE Q 40 30.23 -3.50 68.12
CA ILE Q 40 28.95 -4.17 68.26
C ILE Q 40 29.03 -5.24 69.34
N LYS Q 41 30.14 -5.99 69.36
CA LYS Q 41 30.32 -6.99 70.40
C LYS Q 41 30.32 -6.35 71.78
N LYS Q 42 31.02 -5.22 71.94
CA LYS Q 42 31.04 -4.57 73.24
C LYS Q 42 29.66 -4.06 73.60
N LEU Q 43 28.91 -3.57 72.62
CA LEU Q 43 27.64 -2.94 72.93
C LEU Q 43 26.55 -3.96 73.24
N ILE Q 44 26.62 -5.16 72.65
CA ILE Q 44 25.56 -6.13 72.88
C ILE Q 44 25.51 -6.52 74.35
N LYS Q 45 26.67 -6.66 74.99
CA LYS Q 45 26.67 -6.95 76.41
C LYS Q 45 26.09 -5.79 77.21
N GLU Q 46 26.37 -4.57 76.80
CA GLU Q 46 25.84 -3.41 77.52
C GLU Q 46 24.36 -3.20 77.32
N ARG Q 47 23.68 -4.14 76.67
CA ARG Q 47 22.24 -4.15 76.46
C ARG Q 47 21.78 -3.03 75.54
N ALA Q 48 22.70 -2.27 74.94
CA ALA Q 48 22.31 -1.36 73.88
C ALA Q 48 21.80 -2.13 72.67
N VAL Q 49 22.45 -3.22 72.34
CA VAL Q 49 22.10 -4.02 71.16
C VAL Q 49 21.24 -5.16 71.68
N ILE Q 50 19.94 -4.92 71.79
CA ILE Q 50 19.04 -5.96 72.27
C ILE Q 50 18.87 -7.01 71.18
N VAL Q 51 19.07 -8.26 71.55
CA VAL Q 51 18.91 -9.38 70.63
C VAL Q 51 17.59 -10.07 70.91
N ASN Q 52 16.81 -10.29 69.86
CA ASN Q 52 15.55 -10.96 70.00
C ASN Q 52 15.78 -12.46 70.11
N PRO Q 53 15.35 -13.10 71.18
CA PRO Q 53 15.41 -14.56 71.22
C PRO Q 53 14.52 -15.16 70.17
N LYS Q 54 14.97 -16.27 69.62
CA LYS Q 54 14.15 -17.02 68.67
C LYS Q 54 12.84 -17.44 69.30
N ARG Q 55 11.76 -17.20 68.57
CA ARG Q 55 10.44 -17.67 68.98
C ARG Q 55 10.29 -19.13 68.56
N GLY Q 56 9.08 -19.65 68.63
CA GLY Q 56 8.81 -21.01 68.23
C GLY Q 56 7.33 -21.28 68.14
N ILE Q 57 7.00 -22.41 67.52
CA ILE Q 57 5.61 -22.84 67.43
C ILE Q 57 5.23 -23.43 68.78
N SER Q 58 4.25 -22.84 69.45
CA SER Q 58 3.74 -23.45 70.67
C SER Q 58 3.07 -24.76 70.30
N SER Q 59 3.19 -25.76 71.18
CA SER Q 59 2.76 -27.11 70.82
C SER Q 59 2.02 -27.84 71.93
N GLY Q 60 1.52 -27.13 72.94
CA GLY Q 60 0.77 -27.81 73.98
C GLY Q 60 -0.47 -28.49 73.46
N ARG Q 61 -1.16 -27.85 72.53
CA ARG Q 61 -2.40 -28.40 71.98
C ARG Q 61 -2.15 -29.76 71.36
N LEU Q 62 -1.17 -29.84 70.46
CA LEU Q 62 -0.90 -31.11 69.79
C LEU Q 62 -0.43 -32.17 70.78
N LYS Q 63 0.28 -31.78 71.83
CA LYS Q 63 0.61 -32.74 72.88
C LYS Q 63 -0.66 -33.36 73.44
N GLU Q 64 -1.62 -32.51 73.82
CA GLU Q 64 -2.92 -33.03 74.23
C GLU Q 64 -3.58 -33.79 73.09
N ARG Q 65 -3.53 -33.23 71.89
CA ARG Q 65 -4.21 -33.86 70.76
C ARG Q 65 -3.64 -35.23 70.47
N LYS Q 66 -2.32 -35.33 70.33
CA LYS Q 66 -1.71 -36.61 70.01
C LYS Q 66 -1.99 -37.62 71.09
N HIS Q 67 -1.84 -37.20 72.35
CA HIS Q 67 -2.25 -38.08 73.45
C HIS Q 67 -3.71 -38.43 73.33
N LYS Q 68 -4.54 -37.44 73.00
CA LYS Q 68 -5.93 -37.74 72.67
C LYS Q 68 -6.02 -38.63 71.45
N ARG Q 69 -5.18 -38.36 70.45
CA ARG Q 69 -5.16 -39.22 69.27
C ARG Q 69 -4.84 -40.66 69.63
N ARG Q 70 -3.85 -40.87 70.49
CA ARG Q 70 -3.26 -42.19 70.59
C ARG Q 70 -4.09 -43.15 71.44
N SER Q 71 -4.33 -42.78 72.69
CA SER Q 71 -4.80 -43.75 73.68
C SER Q 71 -6.21 -44.26 73.36
N LYS Q 72 -7.13 -43.35 73.10
CA LYS Q 72 -8.55 -43.67 73.18
C LYS Q 72 -9.22 -43.79 71.81
N GLY Q 73 -8.46 -43.93 70.75
CA GLY Q 73 -9.07 -44.06 69.43
C GLY Q 73 -9.86 -42.83 69.03
N GLU Q 74 -9.21 -41.68 69.07
CA GLU Q 74 -9.87 -40.40 68.84
C GLU Q 74 -9.59 -39.94 67.41
N GLY Q 75 -10.60 -39.96 66.57
CA GLY Q 75 -10.49 -39.50 65.19
C GLY Q 75 -9.84 -40.49 64.25
N ARG Q 76 -9.33 -41.61 64.75
CA ARG Q 76 -8.62 -42.57 63.93
C ARG Q 76 -9.53 -43.42 63.07
N LYS Q 77 -10.85 -43.32 63.26
CA LYS Q 77 -11.78 -44.18 62.54
C LYS Q 77 -11.58 -44.04 61.03
N HIS Q 78 -12.04 -45.07 60.31
CA HIS Q 78 -11.77 -45.09 58.87
C HIS Q 78 -12.59 -44.05 58.13
N GLY Q 79 -13.51 -43.38 58.80
CA GLY Q 79 -14.31 -42.37 58.15
C GLY Q 79 -13.66 -41.00 58.17
N SER Q 80 -12.34 -40.95 58.36
CA SER Q 80 -11.65 -39.66 58.42
C SER Q 80 -10.27 -39.70 57.78
N ARG Q 81 -10.07 -40.54 56.76
CA ARG Q 81 -8.75 -40.77 56.19
C ARG Q 81 -8.74 -40.32 54.73
N LYS Q 82 -7.75 -39.48 54.38
CA LYS Q 82 -7.67 -38.98 53.01
C LYS Q 82 -7.19 -40.05 52.05
N GLY Q 83 -6.17 -40.81 52.44
CA GLY Q 83 -5.56 -41.74 51.53
C GLY Q 83 -6.35 -43.03 51.35
N LYS Q 84 -5.91 -43.82 50.37
CA LYS Q 84 -6.52 -45.11 50.09
C LYS Q 84 -6.18 -46.11 51.20
N SER Q 85 -6.65 -47.34 51.01
CA SER Q 85 -6.54 -48.37 52.04
C SER Q 85 -5.10 -48.56 52.49
N GLY Q 86 -4.26 -49.12 51.62
CA GLY Q 86 -2.90 -49.37 52.01
C GLY Q 86 -2.06 -48.13 52.13
N ALA Q 87 -2.60 -46.97 51.77
CA ALA Q 87 -1.81 -45.75 51.80
C ALA Q 87 -1.24 -45.52 53.19
N ARG Q 88 -2.10 -45.54 54.20
CA ARG Q 88 -1.60 -45.37 55.56
C ARG Q 88 -0.68 -46.51 55.97
N THR Q 89 -1.06 -47.75 55.66
CA THR Q 89 -0.31 -48.92 56.13
C THR Q 89 0.02 -49.81 54.94
N GLY Q 90 1.30 -50.00 54.68
CA GLY Q 90 1.73 -50.85 53.59
C GLY Q 90 1.58 -52.32 53.90
N ASP Q 91 0.64 -52.98 53.22
CA ASP Q 91 0.34 -54.38 53.55
C ASP Q 91 1.57 -55.26 53.39
N LYS Q 92 2.40 -54.95 52.40
CA LYS Q 92 3.63 -55.72 52.22
C LYS Q 92 4.49 -55.68 53.47
N GLU Q 93 4.61 -54.50 54.07
CA GLU Q 93 5.38 -54.38 55.30
C GLU Q 93 4.79 -55.26 56.39
N ILE Q 94 3.46 -55.26 56.52
CA ILE Q 94 2.81 -56.08 57.53
C ILE Q 94 3.11 -57.55 57.30
N TRP Q 95 3.02 -58.01 56.05
CA TRP Q 95 3.33 -59.40 55.78
C TRP Q 95 4.77 -59.70 56.14
N ILE Q 96 5.67 -58.75 55.87
CA ILE Q 96 7.07 -58.92 56.22
C ILE Q 96 7.22 -59.09 57.73
N ASN Q 97 6.61 -58.19 58.50
CA ASN Q 97 6.68 -58.33 59.94
C ASN Q 97 6.00 -59.62 60.38
N LYS Q 98 4.84 -59.92 59.79
CA LYS Q 98 4.11 -61.13 60.16
C LYS Q 98 4.96 -62.37 59.90
N ILE Q 99 5.49 -62.50 58.70
CA ILE Q 99 6.28 -63.69 58.41
C ILE Q 99 7.52 -63.73 59.27
N ARG Q 100 8.05 -62.56 59.65
CA ARG Q 100 9.28 -62.54 60.43
C ARG Q 100 9.03 -63.07 61.84
N LYS Q 101 8.00 -62.57 62.51
CA LYS Q 101 7.86 -62.84 63.93
C LYS Q 101 7.56 -64.32 64.18
N ILE Q 102 6.74 -64.93 63.32
CA ILE Q 102 6.40 -66.34 63.52
C ILE Q 102 7.64 -67.21 63.35
N ARG Q 103 8.50 -66.86 62.39
CA ARG Q 103 9.66 -67.71 62.14
C ARG Q 103 10.59 -67.72 63.34
N ARG Q 104 10.98 -66.54 63.83
CA ARG Q 104 11.90 -66.50 64.95
C ARG Q 104 11.31 -67.12 66.20
N TYR Q 105 9.99 -67.18 66.30
CA TYR Q 105 9.36 -67.83 67.44
C TYR Q 105 9.63 -69.32 67.44
N ILE Q 106 9.39 -69.97 66.30
CA ILE Q 106 9.58 -71.40 66.22
C ILE Q 106 11.04 -71.80 66.20
N ARG Q 107 11.92 -70.96 65.67
CA ARG Q 107 13.35 -71.15 65.88
C ARG Q 107 13.67 -71.26 67.35
N TRP Q 108 13.22 -70.27 68.13
CA TRP Q 108 13.41 -70.32 69.57
C TRP Q 108 12.78 -71.57 70.16
N LEU Q 109 11.73 -72.08 69.52
CA LEU Q 109 11.12 -73.30 70.01
C LEU Q 109 12.02 -74.50 69.71
N ARG Q 110 12.60 -74.55 68.52
CA ARG Q 110 13.47 -75.67 68.17
C ARG Q 110 14.75 -75.64 68.99
N ASP Q 111 15.44 -74.49 69.02
CA ASP Q 111 16.72 -74.43 69.71
C ASP Q 111 16.55 -74.57 71.21
N ASN Q 112 15.32 -74.50 71.71
CA ASN Q 112 15.03 -74.82 73.11
C ASN Q 112 14.28 -76.14 73.25
N ASN Q 113 14.25 -76.93 72.17
CA ASN Q 113 13.71 -78.28 72.20
C ASN Q 113 12.22 -78.30 72.53
N VAL Q 114 11.51 -77.23 72.19
CA VAL Q 114 10.07 -77.22 72.41
C VAL Q 114 9.38 -78.24 71.53
N ILE Q 115 9.78 -78.32 70.26
CA ILE Q 115 9.25 -79.30 69.33
C ILE Q 115 10.41 -79.99 68.65
N ASP Q 116 10.08 -80.97 67.82
CA ASP Q 116 11.10 -81.74 67.13
C ASP Q 116 11.32 -81.19 65.73
N LYS Q 117 12.17 -81.87 64.97
CA LYS Q 117 12.46 -81.44 63.61
C LYS Q 117 11.24 -81.59 62.72
N HIS Q 118 10.63 -82.77 62.72
CA HIS Q 118 9.53 -83.00 61.80
C HIS Q 118 8.34 -82.10 62.11
N THR Q 119 8.13 -81.81 63.40
CA THR Q 119 7.11 -80.82 63.76
C THR Q 119 7.44 -79.47 63.14
N TYR Q 120 8.70 -79.06 63.24
CA TYR Q 120 9.09 -77.75 62.72
C TYR Q 120 8.74 -77.58 61.26
N ARG Q 121 9.15 -78.53 60.42
CA ARG Q 121 9.06 -78.33 58.98
C ARG Q 121 7.61 -78.16 58.54
N LEU Q 122 6.73 -79.01 59.08
CA LEU Q 122 5.31 -78.87 58.77
C LEU Q 122 4.80 -77.51 59.23
N LEU Q 123 5.24 -77.07 60.40
CA LEU Q 123 4.88 -75.74 60.86
C LEU Q 123 5.41 -74.68 59.90
N TYR Q 124 6.68 -74.82 59.50
CA TYR Q 124 7.31 -73.81 58.66
C TYR Q 124 6.62 -73.71 57.31
N LYS Q 125 6.35 -74.85 56.68
CA LYS Q 125 5.73 -74.83 55.36
C LYS Q 125 4.40 -74.11 55.40
N ARG Q 126 3.64 -74.32 56.47
CA ARG Q 126 2.35 -73.64 56.59
C ARG Q 126 2.55 -72.13 56.61
N ALA Q 127 3.59 -71.66 57.28
CA ALA Q 127 3.78 -70.22 57.40
C ALA Q 127 3.94 -69.58 56.03
N LYS Q 128 4.76 -70.19 55.17
CA LYS Q 128 4.86 -69.70 53.80
C LYS Q 128 3.55 -69.86 53.06
N GLY Q 129 2.72 -70.81 53.48
CA GLY Q 129 1.46 -71.06 52.82
C GLY Q 129 0.32 -70.21 53.32
N ASN Q 130 0.59 -69.21 54.16
CA ASN Q 130 -0.45 -68.34 54.71
C ASN Q 130 -1.48 -69.12 55.50
N TYR Q 131 -1.07 -70.26 56.06
CA TYR Q 131 -2.00 -71.08 56.82
C TYR Q 131 -2.44 -70.41 58.10
N PHE Q 132 -1.53 -69.69 58.76
CA PHE Q 132 -1.86 -68.99 59.97
C PHE Q 132 -2.13 -67.52 59.68
N LYS Q 133 -2.51 -66.79 60.71
CA LYS Q 133 -2.66 -65.35 60.61
C LYS Q 133 -2.06 -64.58 61.76
N ASN Q 134 -1.86 -65.19 62.93
CA ASN Q 134 -1.45 -64.41 64.08
C ASN Q 134 -0.48 -65.20 64.95
N LEU Q 135 0.39 -64.45 65.62
CA LEU Q 135 1.27 -65.08 66.61
C LEU Q 135 0.46 -65.84 67.65
N SER Q 136 -0.57 -65.20 68.19
CA SER Q 136 -1.45 -65.89 69.11
C SER Q 136 -2.13 -67.06 68.43
N ASP Q 137 -2.62 -66.87 67.21
CA ASP Q 137 -3.28 -67.96 66.50
C ASP Q 137 -2.31 -69.09 66.21
N VAL Q 138 -1.11 -68.76 65.74
CA VAL Q 138 -0.17 -69.82 65.41
C VAL Q 138 0.29 -70.52 66.68
N LYS Q 139 0.56 -69.76 67.74
CA LYS Q 139 1.01 -70.40 68.98
C LYS Q 139 -0.09 -71.24 69.60
N SER Q 140 -1.35 -70.85 69.41
CA SER Q 140 -2.46 -71.63 69.94
C SER Q 140 -2.50 -73.02 69.32
N TYR Q 141 -2.19 -73.11 68.03
CA TYR Q 141 -2.23 -74.40 67.34
C TYR Q 141 -1.29 -75.42 67.94
N LEU Q 142 -0.27 -74.97 68.67
CA LEU Q 142 0.74 -75.89 69.19
C LEU Q 142 0.14 -76.89 70.16
N ARG Q 143 -0.77 -76.45 71.01
CA ARG Q 143 -1.47 -77.35 71.91
C ARG Q 143 -2.59 -78.11 71.22
N GLN Q 144 -2.65 -78.05 69.89
CA GLN Q 144 -3.57 -78.83 69.08
C GLN Q 144 -5.02 -78.48 69.33
N TYR R 1 10.90 41.71 30.10
CA TYR R 1 11.18 42.75 31.08
C TYR R 1 10.36 43.95 30.64
N PRO R 2 9.13 43.68 30.19
CA PRO R 2 8.53 44.50 29.12
C PRO R 2 8.18 45.95 29.45
N ILE R 3 7.31 46.19 30.43
CA ILE R 3 6.75 47.53 30.61
C ILE R 3 7.75 48.40 31.34
N LEU R 4 7.99 49.57 30.80
CA LEU R 4 8.97 50.50 31.35
C LEU R 4 8.36 51.86 31.54
N SER R 5 7.10 51.90 31.98
CA SER R 5 6.35 53.16 32.05
C SER R 5 6.58 53.88 33.36
N ILE R 6 6.21 53.27 34.46
CA ILE R 6 6.37 53.92 35.78
C ILE R 6 7.86 54.05 36.06
N PRO R 7 8.30 55.15 36.68
CA PRO R 7 9.74 55.33 36.92
C PRO R 7 10.34 54.15 37.66
N GLU R 8 11.53 53.75 37.23
CA GLU R 8 12.09 52.46 37.63
C GLU R 8 12.34 52.40 39.13
N ASP R 9 12.80 53.50 39.72
CA ASP R 9 13.18 53.49 41.13
C ASP R 9 12.03 53.11 42.04
N LYS R 10 10.81 53.04 41.51
CA LYS R 10 9.66 52.57 42.25
C LYS R 10 9.22 51.18 41.82
N LEU R 11 10.09 50.46 41.13
CA LEU R 11 9.76 49.14 40.61
C LEU R 11 10.70 48.09 41.17
N ALA R 12 10.18 46.87 41.31
CA ALA R 12 10.95 45.74 41.77
C ALA R 12 10.84 44.61 40.77
N LYS R 13 11.98 44.09 40.33
CA LYS R 13 12.01 43.04 39.32
C LYS R 13 12.80 41.85 39.87
N ALA R 14 12.22 40.66 39.73
CA ALA R 14 12.84 39.43 40.17
C ALA R 14 12.40 38.33 39.22
N VAL R 15 13.32 37.41 38.91
CA VAL R 15 13.07 36.40 37.90
C VAL R 15 13.58 35.06 38.41
N ILE R 16 13.13 33.99 37.78
CA ILE R 16 13.47 32.64 38.18
C ILE R 16 13.86 31.84 36.94
N LYS R 17 14.59 30.75 37.15
CA LYS R 17 15.21 30.04 36.05
C LYS R 17 14.85 28.56 36.07
N ASN R 18 14.32 28.07 34.95
CA ASN R 18 14.24 26.65 34.63
C ASN R 18 13.66 25.83 35.78
N ILE R 19 12.40 26.08 36.10
CA ILE R 19 11.80 25.41 37.23
C ILE R 19 10.68 24.50 36.76
N ASP R 20 10.54 23.37 37.45
CA ASP R 20 9.53 22.36 37.13
C ASP R 20 8.17 22.91 37.50
N ALA R 21 7.47 23.44 36.51
CA ALA R 21 6.10 23.89 36.72
C ALA R 21 5.44 23.92 35.35
N SER R 22 4.52 22.99 35.11
CA SER R 22 3.94 22.85 33.80
C SER R 22 3.30 24.16 33.36
N VAL R 23 3.90 24.81 32.38
CA VAL R 23 3.41 26.11 31.92
C VAL R 23 1.96 25.98 31.49
N ARG R 24 1.57 24.79 31.06
CA ARG R 24 0.17 24.50 30.77
C ARG R 24 -0.71 24.90 31.94
N ASP R 25 -0.24 24.68 33.17
CA ASP R 25 -1.00 25.15 34.31
C ASP R 25 -0.59 26.54 34.76
N LEU R 26 0.63 26.97 34.43
CA LEU R 26 1.05 28.28 34.90
C LEU R 26 0.21 29.40 34.32
N TYR R 27 -0.41 29.18 33.16
CA TYR R 27 -1.17 30.23 32.50
C TYR R 27 -2.19 30.85 33.42
N ASN R 28 -2.76 30.06 34.31
CA ASN R 28 -3.70 30.63 35.26
C ASN R 28 -3.00 31.59 36.21
N VAL R 29 -1.76 31.30 36.56
CA VAL R 29 -1.09 32.04 37.62
C VAL R 29 -0.94 33.51 37.24
N CYS R 30 -0.44 33.78 36.03
CA CYS R 30 -0.24 35.17 35.64
C CYS R 30 -1.55 35.91 35.53
N LYS R 31 -2.60 35.26 35.05
CA LYS R 31 -3.92 35.86 35.05
C LYS R 31 -4.61 35.74 36.39
N ALA R 32 -4.01 35.02 37.33
CA ALA R 32 -4.64 34.88 38.65
C ALA R 32 -4.64 36.21 39.39
N ILE R 33 -3.47 36.81 39.55
CA ILE R 33 -3.32 37.92 40.46
C ILE R 33 -2.88 39.19 39.75
N ARG R 34 -2.99 39.21 38.42
CA ARG R 34 -2.49 40.32 37.63
C ARG R 34 -3.14 41.62 38.08
N GLY R 35 -2.33 42.52 38.65
CA GLY R 35 -2.80 43.80 39.12
C GLY R 35 -3.32 43.81 40.53
N MET R 36 -3.58 42.65 41.12
CA MET R 36 -4.02 42.60 42.51
C MET R 36 -2.84 42.93 43.42
N ASN R 37 -3.15 43.46 44.61
CA ASN R 37 -2.10 43.72 45.58
C ASN R 37 -1.53 42.42 46.13
N LEU R 38 -0.27 42.49 46.56
CA LEU R 38 0.43 41.29 46.98
C LEU R 38 -0.21 40.66 48.22
N LYS R 39 -0.70 41.50 49.13
CA LYS R 39 -1.07 41.03 50.45
C LYS R 39 -2.14 39.96 50.35
N GLU R 40 -3.33 40.37 49.90
CA GLU R 40 -4.42 39.41 49.73
C GLU R 40 -4.03 38.30 48.77
N ALA R 41 -3.21 38.63 47.77
CA ALA R 41 -2.77 37.60 46.83
C ALA R 41 -2.01 36.50 47.53
N ARG R 42 -1.11 36.87 48.43
CA ARG R 42 -0.27 35.88 49.09
C ARG R 42 -1.14 34.85 49.81
N GLU R 43 -2.08 35.30 50.62
CA GLU R 43 -2.94 34.35 51.30
C GLU R 43 -3.98 33.76 50.36
N PHE R 44 -4.40 34.50 49.33
CA PHE R 44 -5.28 33.92 48.33
C PHE R 44 -4.69 32.63 47.82
N LEU R 45 -3.39 32.66 47.53
CA LEU R 45 -2.71 31.44 47.16
C LEU R 45 -2.70 30.45 48.31
N ASN R 46 -2.39 30.93 49.52
CA ASN R 46 -2.41 30.06 50.68
C ASN R 46 -3.79 29.47 50.87
N ASN R 47 -4.83 30.29 50.68
CA ASN R 47 -6.18 29.76 50.75
C ASN R 47 -6.36 28.61 49.78
N VAL R 48 -5.82 28.75 48.57
CA VAL R 48 -5.89 27.66 47.62
C VAL R 48 -4.88 26.58 47.97
N LEU R 49 -3.86 26.91 48.75
CA LEU R 49 -2.90 25.89 49.14
C LEU R 49 -3.56 24.81 49.98
N GLU R 50 -4.44 25.18 50.90
CA GLU R 50 -5.20 24.22 51.68
C GLU R 50 -6.68 24.21 51.30
N GLU R 51 -6.97 24.53 50.04
CA GLU R 51 -8.25 24.22 49.42
C GLU R 51 -9.43 24.88 50.11
N LYS R 52 -9.24 26.10 50.61
CA LYS R 52 -10.40 26.92 50.91
C LYS R 52 -11.21 27.17 49.64
N GLU R 53 -10.51 27.46 48.55
CA GLU R 53 -11.12 27.54 47.23
C GLU R 53 -10.09 27.04 46.23
N ALA R 54 -10.58 26.64 45.06
CA ALA R 54 -9.70 26.13 44.02
C ALA R 54 -9.05 27.30 43.30
N LEU R 55 -8.46 27.02 42.15
CA LEU R 55 -8.00 28.11 41.34
C LEU R 55 -8.61 28.03 39.95
N PRO R 56 -8.98 29.14 39.35
CA PRO R 56 -9.55 29.08 38.01
C PRO R 56 -8.54 28.61 36.97
N PHE R 57 -9.02 27.77 36.06
CA PHE R 57 -8.48 27.63 34.71
C PHE R 57 -9.30 28.51 33.79
N TRP R 58 -8.74 28.86 32.64
CA TRP R 58 -9.58 29.50 31.64
C TRP R 58 -9.80 28.65 30.40
N ARG R 59 -8.76 28.10 29.78
CA ARG R 59 -9.08 27.19 28.69
C ARG R 59 -8.43 25.83 28.81
N TYR R 60 -7.23 25.72 29.39
CA TYR R 60 -6.70 24.37 29.55
C TYR R 60 -7.49 23.65 30.62
N SER R 61 -8.75 23.38 30.35
CA SER R 61 -9.71 22.89 31.33
C SER R 61 -9.86 21.38 31.32
N HIS R 62 -9.39 20.71 30.28
CA HIS R 62 -9.56 19.28 30.24
C HIS R 62 -8.91 18.63 31.45
N GLY R 63 -9.65 17.73 32.06
CA GLY R 63 -9.20 17.07 33.26
C GLY R 63 -9.73 17.69 34.54
N THR R 64 -9.83 19.01 34.58
CA THR R 64 -10.30 19.71 35.76
C THR R 64 -11.73 20.18 35.53
N SER R 65 -12.59 19.93 36.50
CA SER R 65 -14.01 20.14 36.37
C SER R 65 -14.49 21.21 37.36
N HIS R 66 -15.80 21.33 37.48
CA HIS R 66 -16.40 22.31 38.38
C HIS R 66 -16.24 21.91 39.83
N ARG R 67 -15.81 22.87 40.64
CA ARG R 67 -15.84 22.78 42.08
C ARG R 67 -17.15 23.38 42.59
N SER R 68 -17.19 23.71 43.87
CA SER R 68 -18.17 24.66 44.39
C SER R 68 -17.45 25.71 45.22
N ASN R 69 -16.33 26.18 44.67
CA ASN R 69 -15.41 27.05 45.40
C ASN R 69 -15.00 28.24 44.57
N ILE R 70 -15.78 28.61 43.56
CA ILE R 70 -15.31 29.56 42.57
C ILE R 70 -16.42 30.52 42.19
N SER R 71 -16.37 31.75 42.68
CA SER R 71 -17.12 32.83 42.03
C SER R 71 -16.42 34.18 42.07
N ARG R 72 -15.22 34.28 42.63
CA ARG R 72 -14.55 35.57 42.71
C ARG R 72 -14.24 36.11 41.33
N LYS R 73 -13.82 35.24 40.44
CA LYS R 73 -13.32 35.62 39.14
C LYS R 73 -14.35 35.29 38.06
N TRP R 74 -15.62 35.33 38.45
CA TRP R 74 -16.73 35.38 37.52
C TRP R 74 -16.75 34.13 36.66
N LYS R 75 -16.74 34.24 35.34
CA LYS R 75 -17.14 33.19 34.41
C LYS R 75 -16.41 31.89 34.64
N VAL R 76 -15.37 31.90 35.44
CA VAL R 76 -14.56 30.72 35.67
C VAL R 76 -15.36 29.74 36.52
N LYS R 77 -15.36 28.47 36.11
CA LYS R 77 -15.90 27.40 36.94
C LYS R 77 -15.00 26.18 36.93
N SER R 78 -13.75 26.33 36.53
CA SER R 78 -12.80 25.22 36.41
C SER R 78 -11.74 25.37 37.48
N GLY R 79 -11.74 24.46 38.46
CA GLY R 79 -10.86 24.58 39.60
C GLY R 79 -9.94 23.40 39.83
N ARG R 80 -8.64 23.68 39.97
CA ARG R 80 -7.64 22.66 40.23
C ARG R 80 -6.55 23.28 41.09
N TYR R 81 -5.85 22.44 41.84
CA TYR R 81 -4.91 22.94 42.83
C TYR R 81 -3.49 22.76 42.34
N PRO R 82 -2.83 23.81 41.95
CA PRO R 82 -1.49 23.73 41.35
C PRO R 82 -0.36 23.94 42.35
N LYS R 83 -0.35 23.13 43.42
CA LYS R 83 0.59 23.41 44.51
C LYS R 83 2.04 23.33 44.03
N LYS R 84 2.41 22.23 43.38
CA LYS R 84 3.78 22.12 42.90
C LYS R 84 4.12 23.30 42.00
N ALA R 85 3.15 23.78 41.24
CA ALA R 85 3.35 25.01 40.51
C ALA R 85 3.39 26.20 41.46
N ILE R 86 2.33 26.38 42.24
CA ILE R 86 2.16 27.65 42.93
C ILE R 86 3.24 27.84 43.97
N LYS R 87 3.77 26.75 44.51
CA LYS R 87 4.83 26.84 45.52
C LYS R 87 5.96 27.71 45.01
N TYR R 88 6.37 27.48 43.77
CA TYR R 88 7.40 28.33 43.18
C TYR R 88 6.97 29.79 43.15
N VAL R 89 5.73 30.05 42.74
CA VAL R 89 5.30 31.42 42.59
C VAL R 89 5.41 32.16 43.90
N LEU R 90 4.91 31.54 44.97
CA LEU R 90 5.16 32.09 46.29
C LEU R 90 6.65 32.21 46.55
N LYS R 91 7.39 31.15 46.24
CA LYS R 91 8.83 31.21 46.45
C LYS R 91 9.44 32.32 45.61
N LEU R 92 8.92 32.49 44.39
CA LEU R 92 9.45 33.53 43.52
C LEU R 92 9.18 34.92 44.08
N LEU R 93 7.92 35.21 44.39
CA LEU R 93 7.60 36.54 44.86
C LEU R 93 8.32 36.86 46.15
N ASP R 94 8.72 35.84 46.89
CA ASP R 94 9.53 36.08 48.08
C ASP R 94 10.82 36.79 47.71
N ASN R 95 11.44 36.37 46.62
CA ASN R 95 12.68 37.01 46.21
C ASN R 95 12.42 38.44 45.77
N ALA R 96 11.16 38.78 45.49
CA ALA R 96 10.87 40.11 44.98
C ALA R 96 11.16 41.19 46.01
N GLU R 97 10.41 41.19 47.11
CA GLU R 97 10.48 42.30 48.04
C GLU R 97 11.87 42.50 48.60
N ASN R 98 12.71 41.46 48.60
CA ASN R 98 14.10 41.66 48.97
C ASN R 98 14.68 42.81 48.18
N ASN R 99 14.43 42.82 46.88
CA ASN R 99 14.80 43.97 46.09
C ASN R 99 14.06 45.21 46.56
N ALA R 100 12.75 45.08 46.79
CA ALA R 100 11.98 46.24 47.25
C ALA R 100 12.51 46.73 48.58
N ASN R 101 12.79 45.81 49.51
CA ASN R 101 13.40 46.21 50.77
C ASN R 101 14.77 46.81 50.54
N SER R 102 15.47 46.37 49.50
CA SER R 102 16.80 46.89 49.24
C SER R 102 16.77 48.37 48.94
N LYS R 103 15.78 48.82 48.19
CA LYS R 103 15.76 50.19 47.70
C LYS R 103 14.85 51.11 48.49
N GLY R 104 14.38 50.69 49.66
CA GLY R 104 13.58 51.58 50.47
C GLY R 104 12.21 51.88 49.91
N LEU R 105 11.31 50.90 49.96
CA LEU R 105 9.95 51.06 49.46
C LEU R 105 8.95 50.83 50.60
N ASP R 106 7.67 50.73 50.24
CA ASP R 106 6.61 50.40 51.19
C ASP R 106 5.98 49.07 50.77
N ILE R 107 6.11 48.07 51.62
CA ILE R 107 5.79 46.69 51.22
C ILE R 107 4.30 46.56 50.92
N ASP R 108 3.45 47.13 51.78
CA ASP R 108 2.02 46.92 51.67
C ASP R 108 1.40 47.55 50.42
N ASN R 109 1.89 48.71 49.99
CA ASN R 109 1.30 49.44 48.88
C ASN R 109 1.88 49.03 47.54
N LEU R 110 2.32 47.80 47.40
CA LEU R 110 2.96 47.41 46.16
C LEU R 110 1.95 46.85 45.18
N LYS R 111 2.36 46.81 43.92
CA LYS R 111 1.49 46.48 42.81
C LYS R 111 2.17 45.42 41.95
N ILE R 112 1.45 44.35 41.65
CA ILE R 112 1.92 43.39 40.65
C ILE R 112 1.55 43.96 39.29
N VAL R 113 2.53 44.60 38.65
CA VAL R 113 2.29 45.26 37.38
C VAL R 113 2.72 44.41 36.19
N HIS R 114 3.69 43.52 36.37
CA HIS R 114 3.91 42.53 35.33
C HIS R 114 4.36 41.21 35.91
N ILE R 115 3.72 40.16 35.42
CA ILE R 115 4.07 38.78 35.72
C ILE R 115 4.25 38.06 34.40
N ALA R 116 5.31 37.26 34.30
CA ALA R 116 5.72 36.69 33.02
C ALA R 116 5.58 35.18 33.06
N ALA R 117 4.91 34.63 32.06
CA ALA R 117 4.84 33.20 31.84
C ALA R 117 5.55 32.88 30.54
N HIS R 118 6.41 31.87 30.57
CA HIS R 118 7.23 31.56 29.41
C HIS R 118 7.59 30.09 29.37
N LYS R 119 7.76 29.61 28.15
CA LYS R 119 8.28 28.28 27.93
C LYS R 119 9.64 28.15 28.62
N GLY R 120 9.87 27.01 29.24
CA GLY R 120 11.14 26.71 29.86
C GLY R 120 12.10 26.05 28.91
N LEU R 121 13.02 25.29 29.46
CA LEU R 121 14.00 24.56 28.68
C LEU R 121 13.54 23.11 28.54
N VAL R 122 13.98 22.47 27.47
CA VAL R 122 13.50 21.13 27.11
C VAL R 122 14.54 20.10 27.51
N LEU R 123 14.08 19.02 28.14
CA LEU R 123 14.93 17.89 28.50
C LEU R 123 14.48 16.65 27.73
N LYS R 124 15.45 15.89 27.26
CA LYS R 124 15.21 14.83 26.27
C LYS R 124 15.40 13.47 26.94
N ARG R 125 14.31 12.71 27.04
CA ARG R 125 14.32 11.30 27.38
C ARG R 125 13.34 10.58 26.46
N TYR R 126 13.43 9.27 26.44
CA TYR R 126 12.56 8.45 25.62
C TYR R 126 11.81 7.47 26.50
N MET R 127 10.50 7.39 26.30
CA MET R 127 9.69 6.42 27.05
C MET R 127 9.93 5.03 26.47
N THR R 128 9.07 4.08 26.80
CA THR R 128 9.13 2.79 26.11
C THR R 128 7.74 2.17 26.12
N ARG R 129 7.00 2.35 25.04
CA ARG R 129 5.73 1.67 24.87
C ARG R 129 5.99 0.23 24.47
N ALA R 130 4.95 -0.46 24.01
CA ALA R 130 5.10 -1.86 23.69
C ALA R 130 5.62 -2.03 22.27
N PHE R 131 5.65 -3.29 21.82
CA PHE R 131 5.96 -3.65 20.45
C PHE R 131 7.30 -3.11 20.00
N GLY R 132 8.26 -3.09 20.92
CA GLY R 132 9.61 -2.68 20.55
C GLY R 132 9.68 -1.30 19.94
N ARG R 133 8.91 -0.36 20.48
CA ARG R 133 8.90 0.99 19.98
C ARG R 133 9.40 1.94 21.06
N SER R 134 9.49 3.22 20.69
CA SER R 134 9.92 4.28 21.59
C SER R 134 9.07 5.51 21.34
N THR R 135 8.99 6.38 22.34
CA THR R 135 8.12 7.55 22.28
C THR R 135 8.79 8.70 23.01
N ARG R 136 8.03 9.76 23.23
CA ARG R 136 8.54 11.05 23.69
C ARG R 136 8.11 11.29 25.12
N LYS R 137 9.08 11.53 26.01
CA LYS R 137 8.77 11.73 27.42
C LYS R 137 9.54 12.94 27.96
N TYR R 138 9.51 14.04 27.22
CA TYR R 138 10.25 15.23 27.63
C TYR R 138 9.65 15.86 28.88
N LYS R 139 10.52 16.39 29.72
CA LYS R 139 10.15 17.07 30.96
C LYS R 139 10.23 18.57 30.75
N TYR R 140 9.10 19.25 30.88
CA TYR R 140 8.97 20.64 30.46
C TYR R 140 9.27 21.58 31.61
N LEU R 141 10.26 22.43 31.43
CA LEU R 141 10.64 23.39 32.46
C LEU R 141 9.90 24.70 32.25
N SER R 142 10.30 25.73 32.98
CA SER R 142 9.55 26.98 32.97
C SER R 142 10.42 28.12 33.43
N HIS R 143 10.04 29.32 33.02
CA HIS R 143 10.65 30.56 33.50
C HIS R 143 9.55 31.55 33.80
N ILE R 144 9.57 32.12 35.00
CA ILE R 144 8.56 33.06 35.42
C ILE R 144 9.22 34.30 35.98
N GLU R 145 8.86 35.45 35.42
CA GLU R 145 9.38 36.74 35.82
C GLU R 145 8.22 37.58 36.34
N VAL R 146 8.54 38.49 37.26
CA VAL R 146 7.52 39.33 37.89
C VAL R 146 8.06 40.73 38.07
N ILE R 147 7.16 41.70 38.00
CA ILE R 147 7.51 43.11 38.16
C ILE R 147 6.65 43.70 39.27
N LEU R 148 7.28 44.20 40.32
CA LEU R 148 6.58 44.76 41.46
C LEU R 148 6.90 46.24 41.58
N GLY R 149 5.94 46.99 42.10
CA GLY R 149 6.12 48.42 42.24
C GLY R 149 5.03 49.05 43.07
N GLU R 150 5.16 50.35 43.30
CA GLU R 150 4.20 51.10 44.07
C GLU R 150 3.17 51.75 43.15
N ILE S 1 60.93 -6.72 40.94
CA ILE S 1 61.59 -5.78 41.82
C ILE S 1 60.55 -4.94 42.56
N ILE S 2 60.82 -4.71 43.84
CA ILE S 2 59.88 -4.01 44.70
C ILE S 2 59.56 -2.63 44.14
N LYS S 3 58.30 -2.21 44.28
CA LYS S 3 57.89 -0.94 43.69
C LYS S 3 57.30 0.04 44.70
N GLU S 4 56.48 -0.42 45.65
CA GLU S 4 55.89 0.53 46.58
C GLU S 4 55.46 -0.17 47.86
N PHE S 5 55.25 0.64 48.90
CA PHE S 5 54.73 0.17 50.17
C PHE S 5 53.31 0.69 50.30
N LEU S 6 52.33 -0.19 50.14
CA LEU S 6 50.94 0.20 50.22
C LEU S 6 50.58 0.57 51.66
N ALA S 7 49.70 1.55 51.81
CA ALA S 7 49.38 2.07 53.13
C ALA S 7 47.88 2.28 53.28
N THR S 8 47.11 1.24 52.96
CA THR S 8 45.68 1.33 53.19
C THR S 8 45.36 1.14 54.66
N GLU S 9 44.17 1.60 55.05
CA GLU S 9 43.74 1.38 56.42
C GLU S 9 43.73 -0.10 56.76
N LYS S 10 43.49 -0.97 55.76
CA LYS S 10 43.58 -2.40 56.03
C LYS S 10 45.00 -2.80 56.36
N ALA S 11 45.98 -2.25 55.65
CA ALA S 11 47.35 -2.71 55.81
C ALA S 11 47.88 -2.40 57.20
N VAL S 12 47.55 -1.22 57.73
CA VAL S 12 48.22 -0.74 58.94
C VAL S 12 48.02 -1.73 60.07
N LYS S 13 46.84 -2.32 60.18
CA LYS S 13 46.61 -3.31 61.22
C LYS S 13 47.52 -4.52 61.03
N LEU S 14 47.69 -4.97 59.78
CA LEU S 14 48.42 -6.21 59.54
C LEU S 14 49.86 -6.11 60.02
N ILE S 15 50.52 -4.98 59.77
CA ILE S 15 51.87 -4.82 60.25
C ILE S 15 51.91 -4.80 61.77
N GLU S 16 50.80 -4.42 62.40
CA GLU S 16 50.73 -4.48 63.86
C GLU S 16 50.18 -5.82 64.34
N SER S 17 49.06 -6.25 63.77
CA SER S 17 48.40 -7.46 64.26
C SER S 17 49.25 -8.69 63.98
N GLN S 18 49.74 -8.84 62.76
CA GLN S 18 50.44 -10.05 62.37
C GLN S 18 51.86 -9.81 61.91
N ASN S 19 52.35 -8.57 62.02
CA ASN S 19 53.70 -8.22 61.60
C ASN S 19 53.96 -8.66 60.16
N THR S 20 52.98 -8.44 59.30
CA THR S 20 53.09 -8.71 57.88
C THR S 20 53.38 -7.42 57.12
N LEU S 21 53.53 -7.56 55.81
CA LEU S 21 53.69 -6.40 54.95
C LEU S 21 52.92 -6.59 53.66
N THR S 22 52.18 -5.56 53.26
CA THR S 22 51.50 -5.50 51.99
C THR S 22 52.41 -4.75 51.01
N ILE S 23 53.10 -5.51 50.17
CA ILE S 23 54.02 -4.96 49.18
C ILE S 23 53.62 -5.47 47.81
N ILE S 24 53.62 -4.59 46.83
CA ILE S 24 53.24 -4.90 45.47
C ILE S 24 54.46 -4.71 44.59
N VAL S 25 54.71 -5.69 43.73
CA VAL S 25 55.95 -5.78 42.97
C VAL S 25 55.56 -5.76 41.50
N ASN S 26 56.54 -5.88 40.61
CA ASN S 26 56.26 -6.03 39.20
C ASN S 26 55.33 -7.22 38.97
N ARG S 27 54.72 -7.24 37.79
CA ARG S 27 53.84 -8.32 37.40
C ARG S 27 54.61 -9.40 36.65
N ASN S 28 55.83 -9.67 37.12
CA ASN S 28 56.83 -10.46 36.41
C ASN S 28 56.26 -11.77 35.91
N THR S 29 55.07 -12.13 36.38
CA THR S 29 54.34 -13.35 36.01
C THR S 29 55.24 -14.59 36.11
N THR S 30 56.25 -14.52 36.95
CA THR S 30 57.08 -15.68 37.29
C THR S 30 57.78 -15.36 38.60
N LYS S 31 57.47 -16.11 39.65
CA LYS S 31 58.13 -15.97 40.94
C LYS S 31 58.41 -17.34 41.54
N LYS S 32 59.64 -17.55 41.97
CA LYS S 32 59.93 -18.50 43.03
C LYS S 32 60.11 -17.80 44.35
N ASP S 33 60.56 -16.56 44.30
CA ASP S 33 60.95 -15.84 45.50
C ASP S 33 60.77 -14.34 45.28
N ILE S 34 59.62 -13.82 45.72
CA ILE S 34 59.61 -12.44 46.18
C ILE S 34 60.31 -12.37 47.52
N LYS S 35 60.54 -13.54 48.12
CA LYS S 35 61.20 -13.68 49.41
C LYS S 35 62.57 -13.04 49.41
N ASN S 36 63.53 -13.62 48.70
CA ASN S 36 64.91 -13.21 48.91
C ASN S 36 65.16 -11.78 48.48
N GLU S 37 64.13 -11.05 48.06
CA GLU S 37 64.30 -9.66 47.68
C GLU S 37 64.48 -8.79 48.90
N VAL S 38 63.71 -9.06 49.95
CA VAL S 38 63.60 -8.12 51.05
C VAL S 38 64.89 -8.03 51.83
N GLU S 39 65.51 -9.18 52.12
CA GLU S 39 66.63 -9.16 53.05
C GLU S 39 67.83 -8.45 52.43
N LYS S 40 68.05 -8.59 51.12
CA LYS S 40 69.11 -7.80 50.52
C LYS S 40 68.73 -6.34 50.44
N LEU S 41 67.47 -6.00 50.74
CA LEU S 41 67.04 -4.63 50.86
C LEU S 41 66.65 -4.22 52.27
N PHE S 42 66.38 -5.19 53.16
CA PHE S 42 66.02 -4.84 54.53
C PHE S 42 66.62 -5.75 55.59
N SER S 43 67.36 -6.78 55.21
CA SER S 43 67.99 -7.71 56.16
C SER S 43 66.95 -8.28 57.12
N VAL S 44 65.96 -8.97 56.54
CA VAL S 44 64.88 -9.56 57.31
C VAL S 44 64.58 -10.95 56.77
N LYS S 45 64.42 -11.90 57.68
CA LYS S 45 63.96 -13.23 57.30
C LYS S 45 62.48 -13.21 56.97
N VAL S 46 62.07 -14.20 56.18
CA VAL S 46 60.71 -14.29 55.66
C VAL S 46 60.08 -15.54 56.24
N GLU S 47 58.77 -15.48 56.49
CA GLU S 47 58.09 -16.70 56.92
C GLU S 47 57.04 -17.19 55.93
N LYS S 48 56.40 -16.30 55.19
CA LYS S 48 55.38 -16.72 54.23
C LYS S 48 55.07 -15.56 53.29
N ILE S 49 54.58 -15.90 52.10
CA ILE S 49 54.14 -14.93 51.11
C ILE S 49 52.96 -15.55 50.37
N ASN S 50 52.21 -14.71 49.66
CA ASN S 50 51.05 -15.17 48.90
C ASN S 50 50.84 -14.28 47.68
N THR S 51 49.82 -14.60 46.90
CA THR S 51 49.63 -14.03 45.58
C THR S 51 48.29 -13.30 45.48
N LEU S 52 48.35 -12.08 44.95
CA LEU S 52 47.16 -11.29 44.69
C LEU S 52 47.23 -10.65 43.31
N ILE S 53 46.08 -10.57 42.65
CA ILE S 53 45.98 -10.00 41.30
C ILE S 53 44.86 -8.96 41.37
N THR S 54 45.22 -7.71 41.68
CA THR S 54 44.16 -6.73 41.84
C THR S 54 43.59 -6.34 40.49
N PRO S 55 42.31 -5.98 40.45
CA PRO S 55 41.70 -5.58 39.17
C PRO S 55 42.23 -4.27 38.64
N LYS S 56 43.00 -3.52 39.42
CA LYS S 56 43.55 -2.27 38.92
C LYS S 56 44.83 -2.47 38.12
N GLY S 57 45.38 -3.66 38.11
CA GLY S 57 46.54 -3.98 37.30
C GLY S 57 47.81 -4.33 38.03
N GLU S 58 47.80 -4.42 39.35
CA GLU S 58 49.00 -4.71 40.11
C GLU S 58 48.92 -6.10 40.72
N LYS S 59 50.04 -6.49 41.35
CA LYS S 59 50.25 -7.82 41.91
C LYS S 59 50.67 -7.67 43.36
N LYS S 60 49.75 -7.96 44.28
CA LYS S 60 50.00 -7.79 45.70
C LYS S 60 50.43 -9.11 46.33
N ALA S 61 51.23 -9.01 47.40
CA ALA S 61 51.73 -10.18 48.09
C ALA S 61 51.78 -9.90 49.59
N TYR S 62 51.12 -10.75 50.36
CA TYR S 62 51.15 -10.67 51.81
C TYR S 62 52.41 -11.39 52.27
N VAL S 63 53.39 -10.64 52.74
CA VAL S 63 54.61 -11.20 53.29
C VAL S 63 54.63 -10.93 54.79
N LYS S 64 54.84 -11.98 55.57
CA LYS S 64 54.86 -11.91 57.02
C LYS S 64 56.25 -12.28 57.52
N LEU S 65 56.61 -11.75 58.68
CA LEU S 65 57.96 -11.87 59.19
C LEU S 65 57.97 -12.74 60.44
N LYS S 66 59.11 -13.41 60.65
CA LYS S 66 59.32 -14.11 61.90
C LYS S 66 59.46 -13.11 63.04
N GLN S 67 59.08 -13.55 64.24
CA GLN S 67 58.88 -12.63 65.35
C GLN S 67 60.13 -11.84 65.70
N GLU S 68 61.30 -12.33 65.30
CA GLU S 68 62.55 -11.65 65.59
C GLU S 68 62.67 -10.33 64.84
N TYR S 69 61.78 -10.07 63.89
CA TYR S 69 61.82 -8.86 63.08
C TYR S 69 60.46 -8.18 63.18
N LYS S 70 60.40 -7.10 63.94
CA LYS S 70 59.15 -6.36 64.10
C LYS S 70 58.98 -5.47 62.88
N ALA S 71 57.99 -5.81 62.05
CA ALA S 71 57.83 -5.14 60.77
C ALA S 71 57.55 -3.65 60.92
N SER S 72 57.02 -3.23 62.05
CA SER S 72 56.74 -1.82 62.22
C SER S 72 58.02 -0.99 62.19
N ASP S 73 59.14 -1.57 62.63
CA ASP S 73 60.38 -0.82 62.68
C ASP S 73 60.83 -0.41 61.28
N VAL S 74 60.93 -1.38 60.38
CA VAL S 74 61.43 -1.08 59.03
C VAL S 74 60.49 -0.10 58.35
N ALA S 75 59.19 -0.24 58.58
CA ALA S 75 58.25 0.73 58.06
C ALA S 75 58.54 2.11 58.62
N HIS S 76 58.79 2.19 59.93
CA HIS S 76 59.19 3.46 60.52
C HIS S 76 60.51 3.93 59.93
N LYS S 77 61.42 3.00 59.69
CA LYS S 77 62.65 3.35 58.97
C LYS S 77 62.31 3.85 57.57
N LEU S 78 61.35 3.20 56.92
CA LEU S 78 60.91 3.70 55.62
C LEU S 78 60.28 5.08 55.76
N GLY S 79 59.35 5.23 56.69
CA GLY S 79 58.90 6.55 57.04
C GLY S 79 57.43 6.88 56.84
N MET S 80 56.55 5.89 56.88
CA MET S 80 55.14 6.21 56.98
C MET S 80 54.64 6.21 58.41
N LEU S 81 55.46 5.73 59.35
CA LEU S 81 55.16 5.78 60.77
C LEU S 81 56.42 6.12 61.56
N ARG T 1 -55.02 -17.08 64.32
CA ARG T 1 -54.35 -17.83 63.27
C ARG T 1 -52.86 -17.92 63.60
N GLN T 2 -52.36 -19.15 63.74
CA GLN T 2 -51.07 -19.41 64.35
C GLN T 2 -50.13 -20.04 63.35
N CYS T 3 -48.86 -19.63 63.42
CA CYS T 3 -47.83 -20.24 62.59
C CYS T 3 -47.71 -21.72 62.88
N SER T 4 -47.54 -22.50 61.84
CA SER T 4 -47.29 -23.92 62.05
C SER T 4 -46.02 -24.15 62.84
N PHE T 5 -45.07 -23.23 62.79
CA PHE T 5 -43.78 -23.42 63.45
C PHE T 5 -43.59 -22.47 64.63
N CYS T 6 -43.61 -21.16 64.40
CA CYS T 6 -43.41 -20.28 65.53
C CYS T 6 -44.69 -20.07 66.32
N GLY T 7 -45.83 -20.43 65.75
CA GLY T 7 -47.09 -20.43 66.48
C GLY T 7 -47.54 -19.06 66.97
N LYS T 8 -46.70 -18.05 66.81
CA LYS T 8 -47.03 -16.74 67.34
C LYS T 8 -48.17 -16.12 66.54
N ASP T 9 -48.57 -14.93 66.95
CA ASP T 9 -49.63 -14.23 66.25
C ASP T 9 -49.22 -13.91 64.83
N ILE T 10 -50.17 -14.06 63.91
CA ILE T 10 -49.95 -13.82 62.48
C ILE T 10 -50.77 -12.58 62.13
N LEU T 11 -50.12 -11.43 62.06
CA LEU T 11 -50.84 -10.22 61.70
C LEU T 11 -51.32 -10.31 60.26
N PRO T 12 -52.53 -9.85 59.96
CA PRO T 12 -53.23 -10.32 58.77
C PRO T 12 -52.56 -9.88 57.48
N GLY T 13 -52.84 -10.63 56.42
CA GLY T 13 -52.37 -10.30 55.10
C GLY T 13 -50.98 -10.78 54.76
N THR T 14 -50.47 -11.79 55.45
CA THR T 14 -49.13 -12.31 55.19
C THR T 14 -49.21 -13.84 55.27
N GLY T 15 -48.05 -14.47 55.39
CA GLY T 15 -47.98 -15.91 55.46
C GLY T 15 -48.19 -16.55 54.11
N LEU T 16 -48.15 -17.87 54.10
CA LEU T 16 -48.30 -18.60 52.85
C LEU T 16 -48.83 -19.98 53.17
N MET T 17 -49.79 -20.43 52.38
CA MET T 17 -50.35 -21.76 52.53
C MET T 17 -49.58 -22.71 51.64
N TYR T 18 -48.86 -23.66 52.25
CA TYR T 18 -48.14 -24.70 51.54
C TYR T 18 -48.92 -25.99 51.73
N VAL T 19 -49.92 -26.21 50.91
CA VAL T 19 -50.82 -27.34 51.06
C VAL T 19 -50.15 -28.58 50.51
N ARG T 20 -50.13 -29.64 51.32
CA ARG T 20 -49.56 -30.92 50.89
C ARG T 20 -50.65 -31.82 50.33
N ASN T 21 -50.24 -33.03 49.93
CA ASN T 21 -51.19 -34.00 49.39
C ASN T 21 -52.25 -34.38 50.41
N ASP T 22 -51.89 -34.38 51.69
CA ASP T 22 -52.82 -34.75 52.74
C ASP T 22 -53.90 -33.70 52.97
N GLY T 23 -53.78 -32.52 52.37
CA GLY T 23 -54.67 -31.44 52.70
C GLY T 23 -54.33 -30.71 53.98
N SER T 24 -53.21 -31.06 54.62
CA SER T 24 -52.83 -30.37 55.83
C SER T 24 -52.44 -28.92 55.51
N LEU T 25 -52.40 -28.10 56.55
CA LEU T 25 -52.15 -26.68 56.40
C LEU T 25 -50.84 -26.31 57.08
N LEU T 26 -50.07 -25.47 56.42
CA LEU T 26 -48.82 -24.98 56.98
C LEU T 26 -48.83 -23.47 56.97
N TRP T 27 -48.53 -22.89 58.13
CA TRP T 27 -48.60 -21.45 58.34
C TRP T 27 -47.25 -20.96 58.89
N PHE T 28 -46.71 -19.92 58.27
CA PHE T 28 -45.40 -19.39 58.64
C PHE T 28 -45.51 -17.90 58.91
N CYS T 29 -44.95 -17.46 60.04
CA CYS T 29 -44.93 -16.03 60.32
C CYS T 29 -44.10 -15.29 59.28
N SER T 30 -42.97 -15.86 58.88
CA SER T 30 -42.12 -15.26 57.85
C SER T 30 -41.44 -16.38 57.08
N SER T 31 -40.40 -16.02 56.32
CA SER T 31 -39.60 -17.03 55.65
C SER T 31 -38.89 -17.92 56.66
N LYS T 32 -38.49 -17.35 57.80
CA LYS T 32 -37.78 -18.11 58.82
C LYS T 32 -38.52 -19.38 59.17
N CYS T 33 -39.83 -19.26 59.37
CA CYS T 33 -40.62 -20.44 59.72
C CYS T 33 -40.74 -21.39 58.54
N ARG T 34 -40.96 -20.87 57.33
CA ARG T 34 -41.16 -21.74 56.19
C ARG T 34 -39.94 -22.62 55.96
N LYS T 35 -38.75 -22.03 56.04
CA LYS T 35 -37.55 -22.82 55.95
C LYS T 35 -37.43 -23.80 57.10
N SER T 36 -38.01 -23.45 58.25
CA SER T 36 -37.85 -24.29 59.44
C SER T 36 -38.44 -25.67 59.26
N MET T 37 -39.41 -25.83 58.36
CA MET T 37 -39.98 -27.14 58.10
C MET T 37 -39.65 -27.66 56.71
N LEU T 38 -39.94 -26.89 55.66
CA LEU T 38 -39.82 -27.44 54.32
C LEU T 38 -38.38 -27.80 53.97
N LYS T 39 -37.39 -27.22 54.63
CA LYS T 39 -36.01 -27.61 54.36
C LYS T 39 -35.16 -27.83 55.59
N LEU T 40 -35.45 -27.20 56.73
CA LEU T 40 -34.57 -27.37 57.88
C LEU T 40 -34.88 -28.62 58.68
N HIS T 41 -36.16 -28.95 58.85
CA HIS T 41 -36.59 -30.08 59.67
C HIS T 41 -36.08 -29.96 61.10
N ARG T 42 -35.65 -28.78 61.52
CA ARG T 42 -35.15 -28.62 62.87
C ARG T 42 -36.31 -28.62 63.88
N ASP T 43 -35.99 -28.96 65.11
CA ASP T 43 -36.99 -29.13 66.16
C ASP T 43 -37.51 -27.79 66.63
N PRO T 44 -38.81 -27.53 66.53
CA PRO T 44 -39.36 -26.34 67.20
C PRO T 44 -39.12 -26.36 68.70
N LYS T 45 -39.20 -27.52 69.32
CA LYS T 45 -38.96 -27.59 70.75
C LYS T 45 -37.52 -27.22 71.09
N LYS T 46 -36.57 -27.63 70.24
CA LYS T 46 -35.16 -27.49 70.59
C LYS T 46 -34.74 -26.04 70.81
N LEU T 47 -35.51 -25.08 70.30
CA LEU T 47 -35.18 -23.68 70.43
C LEU T 47 -36.11 -23.03 71.46
N LYS T 48 -35.75 -21.82 71.89
CA LYS T 48 -36.49 -21.14 72.93
C LYS T 48 -37.00 -19.76 72.51
N TRP T 49 -37.10 -19.47 71.22
CA TRP T 49 -37.87 -18.30 70.79
C TRP T 49 -39.21 -18.69 70.20
N THR T 50 -39.62 -19.95 70.35
CA THR T 50 -40.98 -20.37 70.06
C THR T 50 -41.60 -20.92 71.34
N LYS T 51 -42.90 -20.66 71.51
CA LYS T 51 -43.56 -21.01 72.76
C LYS T 51 -43.56 -22.52 73.00
N SER T 52 -43.27 -23.32 71.98
CA SER T 52 -43.21 -24.77 72.13
C SER T 52 -41.86 -25.24 72.65
N TYR T 53 -41.18 -24.40 73.43
CA TYR T 53 -39.80 -24.69 73.83
C TYR T 53 -39.67 -26.02 74.55
N LEU T 54 -40.26 -26.14 75.73
CA LEU T 54 -40.14 -27.36 76.52
C LEU T 54 -40.66 -28.57 75.77
N MET U 1 59.49 29.95 -2.67
CA MET U 1 58.96 28.66 -3.09
C MET U 1 57.87 28.19 -2.14
N ILE U 2 57.94 28.67 -0.90
CA ILE U 2 56.91 28.37 0.07
C ILE U 2 55.56 28.83 -0.49
N SER U 3 54.50 28.13 -0.10
CA SER U 3 53.19 28.39 -0.67
C SER U 3 52.67 29.78 -0.36
N SER U 4 51.49 30.11 -0.91
CA SER U 4 50.85 31.38 -0.59
C SER U 4 49.39 31.21 -0.25
N LYS U 5 48.91 29.98 -0.13
CA LYS U 5 47.56 29.78 0.38
C LYS U 5 47.47 30.32 1.80
N PRO U 6 46.40 31.03 2.15
CA PRO U 6 46.30 31.56 3.51
C PRO U 6 46.32 30.48 4.56
N SER U 7 45.70 29.33 4.26
CA SER U 7 45.49 28.32 5.28
C SER U 7 46.82 27.80 5.82
N LYS U 8 47.71 27.36 4.93
CA LYS U 8 48.97 26.79 5.38
C LYS U 8 49.75 27.79 6.21
N GLN U 9 49.82 29.04 5.76
CA GLN U 9 50.60 30.04 6.47
C GLN U 9 50.14 30.15 7.92
N ARG U 10 48.83 30.30 8.11
CA ARG U 10 48.33 30.43 9.46
C ARG U 10 48.68 29.22 10.32
N LYS U 11 48.86 28.06 9.71
CA LYS U 11 49.19 26.87 10.48
C LYS U 11 50.54 27.03 11.17
N LEU U 12 51.50 27.64 10.49
CA LEU U 12 52.81 27.83 11.11
C LEU U 12 52.71 28.70 12.36
N VAL U 13 51.97 29.80 12.28
CA VAL U 13 51.92 30.72 13.40
C VAL U 13 51.03 30.22 14.53
N TYR U 14 50.10 29.30 14.25
CA TYR U 14 49.36 28.63 15.32
C TYR U 14 50.05 27.38 15.81
N ASN U 15 51.18 26.99 15.22
CA ASN U 15 51.84 25.74 15.59
C ASN U 15 53.33 25.94 15.67
N LEU U 16 53.74 27.11 16.12
CA LEU U 16 55.14 27.48 16.05
C LEU U 16 55.99 26.56 16.92
N PRO U 17 56.89 25.78 16.35
CA PRO U 17 57.78 24.97 17.17
C PRO U 17 58.72 25.84 17.98
N ASN U 18 59.20 25.26 19.08
CA ASN U 18 59.73 26.05 20.18
C ASN U 18 60.93 26.89 19.76
N HIS U 19 61.87 26.32 19.01
CA HIS U 19 63.10 27.06 18.75
C HIS U 19 62.93 28.13 17.70
N LEU U 20 61.71 28.47 17.35
CA LEU U 20 61.45 29.53 16.40
C LEU U 20 60.65 30.66 17.01
N ARG U 21 60.44 30.64 18.31
CA ARG U 21 59.53 31.60 18.92
C ARG U 21 60.09 33.00 18.96
N TYR U 22 61.40 33.19 18.76
CA TYR U 22 61.93 34.54 18.74
C TYR U 22 61.26 35.34 17.66
N LYS U 23 60.71 34.65 16.66
CA LYS U 23 60.17 35.29 15.48
C LYS U 23 59.05 36.26 15.84
N LEU U 24 58.17 35.85 16.74
CA LEU U 24 57.08 36.71 17.17
C LEU U 24 57.43 37.52 18.40
N LEU U 25 58.69 37.85 18.59
CA LEU U 25 59.09 38.73 19.67
C LEU U 25 59.89 39.93 19.21
N THR U 26 60.71 39.78 18.18
CA THR U 26 61.59 40.84 17.76
C THR U 26 60.82 42.12 17.52
N ALA U 27 61.33 43.23 18.05
CA ALA U 27 60.69 44.52 17.92
C ALA U 27 61.73 45.56 17.55
N ARG U 28 61.24 46.72 17.13
CA ARG U 28 62.14 47.76 16.65
C ARG U 28 62.89 48.41 17.80
N LEU U 29 64.19 48.59 17.60
CA LEU U 29 65.01 49.33 18.55
C LEU U 29 64.80 50.82 18.32
N SER U 30 65.53 51.63 19.08
CA SER U 30 65.52 53.06 18.83
C SER U 30 66.76 53.45 18.04
N GLU U 31 66.79 54.70 17.60
CA GLU U 31 67.95 55.18 16.86
C GLU U 31 69.20 55.15 17.74
N ASP U 32 69.08 55.60 18.99
CA ASP U 32 70.23 55.58 19.88
C ASP U 32 70.75 54.16 20.08
N LEU U 33 69.86 53.18 20.09
CA LEU U 33 70.28 51.80 20.21
C LEU U 33 71.14 51.39 19.01
N GLU U 34 70.63 51.62 17.81
CA GLU U 34 71.38 51.26 16.62
C GLU U 34 72.59 52.15 16.43
N LYS U 35 72.61 53.33 17.05
CA LYS U 35 73.73 54.24 16.86
C LYS U 35 75.03 53.62 17.37
N GLN U 36 74.97 52.94 18.51
CA GLN U 36 76.14 52.27 19.05
C GLN U 36 76.08 50.76 18.88
N TYR U 37 75.08 50.25 18.16
CA TYR U 37 74.98 48.82 17.91
C TYR U 37 74.86 48.45 16.45
N GLY U 38 74.49 49.38 15.58
CA GLY U 38 74.47 49.08 14.15
C GLY U 38 73.53 47.96 13.80
N ILE U 39 72.31 48.00 14.32
CA ILE U 39 71.35 46.93 14.09
C ILE U 39 69.95 47.49 14.22
N LYS U 40 69.04 47.00 13.37
CA LYS U 40 67.70 47.56 13.30
C LYS U 40 66.74 46.86 14.26
N ARG U 41 66.60 45.54 14.10
CA ARG U 41 65.63 44.77 14.86
C ARG U 41 66.33 43.59 15.53
N ILE U 42 65.76 43.14 16.65
CA ILE U 42 66.33 42.03 17.41
C ILE U 42 65.26 41.45 18.32
N SER U 43 65.44 40.20 18.72
CA SER U 43 64.47 39.53 19.57
C SER U 43 64.52 40.08 20.99
N ILE U 44 63.36 40.08 21.65
CA ILE U 44 63.26 40.60 23.01
C ILE U 44 63.81 39.58 23.99
N ARG U 45 64.38 40.07 25.10
CA ARG U 45 64.71 39.22 26.23
C ARG U 45 64.23 39.91 27.51
N LYS U 46 64.19 39.16 28.60
CA LYS U 46 63.81 39.71 29.88
C LYS U 46 64.79 40.79 30.30
N GLY U 47 64.49 41.41 31.43
CA GLY U 47 65.42 42.35 32.03
C GLY U 47 65.62 43.59 31.20
N ASP U 48 64.78 43.78 30.19
CA ASP U 48 64.91 44.93 29.31
C ASP U 48 63.77 45.90 29.55
N SER U 49 63.76 47.00 28.80
CA SER U 49 62.74 48.02 28.90
C SER U 49 62.36 48.51 27.51
N VAL U 50 61.16 49.06 27.38
CA VAL U 50 60.57 49.31 26.06
C VAL U 50 59.72 50.56 26.12
N LYS U 51 59.39 51.09 24.94
CA LYS U 51 58.46 52.19 24.79
C LYS U 51 57.40 51.80 23.78
N LEU U 52 56.24 52.46 23.87
CA LEU U 52 55.05 52.05 23.14
C LEU U 52 54.59 53.14 22.21
N MET U 53 54.03 52.73 21.06
CA MET U 53 53.58 53.70 20.08
C MET U 53 52.11 53.60 19.74
N ARG U 54 51.46 52.47 20.02
CA ARG U 54 50.07 52.30 19.66
C ARG U 54 49.29 51.83 20.88
N GLY U 55 47.99 52.10 20.87
CA GLY U 55 47.11 51.70 21.94
C GLY U 55 46.72 52.86 22.83
N SER U 56 45.72 52.61 23.67
CA SER U 56 45.17 53.65 24.52
C SER U 56 46.18 54.19 25.50
N GLN U 57 47.26 53.47 25.74
CA GLN U 57 48.30 53.89 26.67
C GLN U 57 49.61 54.16 25.93
N VAL U 58 49.52 54.83 24.79
CA VAL U 58 50.71 55.13 24.00
C VAL U 58 51.67 56.00 24.80
N GLY U 59 52.96 55.78 24.59
CA GLY U 59 53.97 56.64 25.17
C GLY U 59 54.45 56.22 26.53
N TYR U 60 54.46 54.93 26.83
CA TYR U 60 54.89 54.45 28.13
C TYR U 60 56.28 53.85 28.04
N GLU U 61 57.03 53.95 29.13
CA GLU U 61 58.30 53.26 29.29
C GLU U 61 58.28 52.47 30.59
N GLY U 62 58.59 51.18 30.49
CA GLY U 62 58.52 50.31 31.65
C GLY U 62 59.71 49.39 31.75
N LYS U 63 59.48 48.11 32.03
CA LYS U 63 60.54 47.11 32.05
C LYS U 63 59.98 45.77 31.57
N VAL U 64 60.81 45.04 30.83
CA VAL U 64 60.41 43.76 30.24
C VAL U 64 60.27 42.74 31.37
N VAL U 65 59.05 42.43 31.77
CA VAL U 65 58.84 41.62 32.96
C VAL U 65 58.07 40.35 32.65
N GLU U 66 57.22 40.40 31.62
CA GLU U 66 56.41 39.24 31.30
C GLU U 66 56.36 39.04 29.79
N VAL U 67 56.11 37.80 29.38
CA VAL U 67 56.25 37.39 28.00
C VAL U 67 55.36 36.18 27.75
N ASP U 68 54.93 36.03 26.49
CA ASP U 68 54.21 34.84 26.04
C ASP U 68 54.90 34.32 24.78
N ARG U 69 55.93 33.50 24.98
CA ARG U 69 56.76 33.08 23.86
C ARG U 69 55.97 32.25 22.86
N LYS U 70 55.18 31.30 23.35
CA LYS U 70 54.55 30.35 22.45
C LYS U 70 53.66 31.04 21.42
N ARG U 71 52.96 32.09 21.83
CA ARG U 71 52.13 32.83 20.90
C ARG U 71 52.66 34.24 20.61
N GLY U 72 53.59 34.75 21.41
CA GLY U 72 54.26 35.97 20.99
C GLY U 72 53.68 37.30 21.41
N ARG U 73 53.64 37.56 22.71
CA ARG U 73 53.36 38.90 23.20
C ARG U 73 53.95 39.04 24.59
N VAL U 74 54.13 40.29 25.02
CA VAL U 74 54.86 40.58 26.25
C VAL U 74 54.05 41.49 27.17
N ALA U 75 54.66 41.89 28.27
CA ALA U 75 54.04 42.82 29.21
C ALA U 75 55.14 43.57 29.95
N ILE U 76 54.76 44.71 30.51
CA ILE U 76 55.68 45.59 31.22
C ILE U 76 55.03 46.07 32.50
N GLU U 77 55.85 46.41 33.49
CA GLU U 77 55.32 46.78 34.79
C GLU U 77 54.83 48.22 34.76
N GLY U 78 54.18 48.62 35.85
CA GLY U 78 53.63 49.95 35.93
C GLY U 78 52.49 50.21 34.98
N LEU U 79 51.79 49.16 34.55
CA LEU U 79 50.71 49.29 33.59
C LEU U 79 49.75 48.14 33.81
N THR U 80 48.64 48.41 34.49
CA THR U 80 47.70 47.35 34.83
C THR U 80 46.27 47.86 34.77
N LYS U 81 45.35 46.91 34.65
CA LYS U 81 43.92 47.17 34.69
C LYS U 81 43.34 46.38 35.85
N LYS U 82 42.74 47.07 36.80
CA LYS U 82 42.30 46.44 38.04
C LYS U 82 41.12 45.52 37.79
N LYS U 83 41.18 44.31 38.33
CA LYS U 83 40.05 43.40 38.25
C LYS U 83 38.98 43.83 39.24
N ALA U 84 37.91 43.05 39.31
CA ALA U 84 36.82 43.37 40.22
C ALA U 84 37.30 43.35 41.67
N ASP U 85 38.14 42.38 42.02
CA ASP U 85 38.59 42.24 43.39
C ASP U 85 39.47 43.40 43.82
N GLY U 86 40.35 43.87 42.93
CA GLY U 86 41.28 44.93 43.25
C GLY U 86 42.73 44.58 43.02
N THR U 87 43.05 43.31 42.79
CA THR U 87 44.41 42.97 42.43
C THR U 87 44.70 43.37 40.98
N PRO U 88 45.93 43.75 40.68
CA PRO U 88 46.27 44.11 39.30
C PRO U 88 46.54 42.90 38.44
N VAL U 89 46.26 43.05 37.14
CA VAL U 89 46.68 42.10 36.13
C VAL U 89 47.45 42.87 35.05
N TYR U 90 48.44 42.21 34.46
CA TYR U 90 49.34 42.89 33.56
C TYR U 90 48.67 43.16 32.22
N VAL U 91 48.78 44.41 31.77
CA VAL U 91 48.31 44.77 30.44
C VAL U 91 49.14 44.03 29.41
N TRP U 92 48.49 43.47 28.41
CA TRP U 92 49.16 42.71 27.38
C TRP U 92 49.28 43.53 26.11
N VAL U 93 50.52 43.87 25.74
CA VAL U 93 50.82 44.68 24.57
C VAL U 93 51.82 43.94 23.71
N HIS U 94 51.56 43.90 22.42
CA HIS U 94 52.37 43.16 21.46
C HIS U 94 53.63 43.93 21.09
N ALA U 95 54.69 43.19 20.80
CA ALA U 95 55.93 43.80 20.35
C ALA U 95 55.71 44.62 19.09
N SER U 96 54.67 44.31 18.33
CA SER U 96 54.44 44.98 17.06
C SER U 96 54.29 46.48 17.22
N LYS U 97 53.95 46.95 18.42
CA LYS U 97 53.67 48.37 18.63
C LYS U 97 54.62 48.98 19.66
N VAL U 98 55.83 48.45 19.78
CA VAL U 98 56.75 48.88 20.82
C VAL U 98 58.10 49.23 20.20
N ILE U 99 58.85 50.04 20.93
CA ILE U 99 60.27 50.32 20.63
C ILE U 99 61.10 50.08 21.88
N ILE U 100 62.13 49.25 21.74
CA ILE U 100 63.03 48.97 22.85
C ILE U 100 63.80 50.23 23.21
N THR U 101 64.21 50.33 24.48
CA THR U 101 65.07 51.42 24.91
C THR U 101 66.42 50.99 25.46
N LYS U 102 66.56 49.79 26.01
CA LYS U 102 67.83 49.35 26.55
C LYS U 102 67.81 47.84 26.75
N LEU U 103 69.00 47.26 26.86
CA LEU U 103 69.17 45.82 26.96
C LEU U 103 70.08 45.48 28.12
N ASP U 104 70.29 44.18 28.35
CA ASP U 104 71.11 43.69 29.44
C ASP U 104 72.40 43.10 28.87
N THR U 105 73.53 43.70 29.23
CA THR U 105 74.84 43.18 28.84
C THR U 105 75.45 42.36 29.98
N GLY U 106 74.77 41.27 30.32
CA GLY U 106 75.26 40.43 31.39
C GLY U 106 75.13 38.95 31.07
N ASP U 107 75.21 38.61 29.79
CA ASP U 107 74.95 37.23 29.39
C ASP U 107 76.12 36.56 28.70
N LYS U 108 76.83 37.27 27.82
CA LYS U 108 77.94 36.76 27.03
C LYS U 108 77.49 35.69 26.04
N GLU U 109 76.23 35.30 26.06
CA GLU U 109 75.67 34.40 25.06
C GLU U 109 74.58 35.04 24.24
N ARG U 110 73.87 36.02 24.80
CA ARG U 110 73.09 36.91 23.96
C ARG U 110 74.00 37.90 23.24
N MET U 111 75.19 38.15 23.79
CA MET U 111 76.07 39.17 23.21
C MET U 111 76.56 38.76 21.83
N ASP U 112 77.07 37.54 21.70
CA ASP U 112 77.65 37.13 20.43
C ASP U 112 76.60 37.06 19.34
N ALA U 113 75.35 36.76 19.69
CA ALA U 113 74.27 36.83 18.72
C ALA U 113 74.14 38.24 18.18
N ILE U 114 74.30 39.25 19.04
CA ILE U 114 74.36 40.62 18.58
C ILE U 114 75.53 40.79 17.62
N GLU U 115 76.68 40.24 17.98
CA GLU U 115 77.89 40.48 17.21
C GLU U 115 77.78 39.95 15.79
N ARG U 116 77.23 38.74 15.64
CA ARG U 116 77.36 38.04 14.37
C ARG U 116 76.56 38.69 13.24
N LYS U 117 75.80 39.73 13.54
CA LYS U 117 74.94 40.37 12.56
C LYS U 117 75.65 41.42 11.74
N ARG U 118 76.97 41.29 11.60
CA ARG U 118 77.79 42.18 10.78
C ARG U 118 77.86 43.59 11.35
N LYS U 119 77.52 43.77 12.63
CA LYS U 119 77.72 45.07 13.23
C LYS U 119 79.21 45.31 13.43
N MET U 120 79.59 46.59 13.35
CA MET U 120 80.90 46.96 12.83
C MET U 120 82.10 46.34 13.55
N ARG U 121 82.40 46.76 14.78
CA ARG U 121 83.53 46.15 15.48
C ARG U 121 83.18 45.65 16.86
N GLU U 122 82.56 46.51 17.67
CA GLU U 122 82.23 46.19 19.06
C GLU U 122 80.98 46.93 19.52
N PRO V 1 69.73 17.12 42.76
CA PRO V 1 71.02 16.57 42.33
C PRO V 1 70.95 16.01 40.92
N LEU V 2 71.85 16.47 40.04
CA LEU V 2 71.87 16.04 38.65
C LEU V 2 73.29 15.63 38.30
N GLU V 3 73.62 14.38 38.57
CA GLU V 3 74.91 13.81 38.19
C GLU V 3 74.91 13.54 36.70
N VAL V 4 75.95 14.01 36.00
CA VAL V 4 75.98 13.91 34.56
C VAL V 4 77.27 13.35 34.00
N ASP V 5 78.39 13.46 34.66
CA ASP V 5 79.65 13.10 34.03
C ASP V 5 80.49 12.15 34.87
N GLU V 6 80.51 12.34 36.18
CA GLU V 6 81.34 11.51 37.05
C GLU V 6 80.96 10.05 36.95
N LEU V 7 79.73 9.77 36.49
CA LEU V 7 79.35 8.40 36.20
C LEU V 7 80.29 7.78 35.20
N ARG V 8 80.61 8.51 34.13
CA ARG V 8 81.56 7.99 33.16
C ARG V 8 82.95 7.89 33.74
N LYS V 9 83.23 8.60 34.83
CA LYS V 9 84.61 8.68 35.31
C LYS V 9 85.06 7.36 35.94
N MET V 10 84.42 6.95 37.02
CA MET V 10 85.04 5.94 37.86
C MET V 10 84.26 4.62 37.73
N ASP V 11 84.74 3.59 38.43
CA ASP V 11 84.48 2.18 38.15
C ASP V 11 82.98 1.84 38.15
N LEU V 12 82.69 0.65 37.62
CA LEU V 12 81.31 0.19 37.47
C LEU V 12 80.81 -0.58 38.68
N LYS V 13 81.71 -1.16 39.47
CA LYS V 13 81.26 -1.97 40.58
C LYS V 13 80.43 -1.14 41.56
N GLN V 14 80.91 0.06 41.86
CA GLN V 14 80.21 0.90 42.82
C GLN V 14 78.86 1.38 42.31
N LEU V 15 78.71 1.58 41.00
CA LEU V 15 77.46 2.13 40.53
C LEU V 15 76.32 1.15 40.68
N LYS V 16 76.63 -0.14 40.86
CA LYS V 16 75.58 -1.11 41.13
C LYS V 16 74.83 -0.75 42.40
N GLU V 17 75.56 -0.58 43.51
CA GLU V 17 74.89 -0.17 44.73
C GLU V 17 74.49 1.31 44.67
N ARG V 18 75.26 2.10 43.93
CA ARG V 18 74.81 3.46 43.66
C ARG V 18 73.45 3.44 42.99
N LEU V 19 73.26 2.51 42.05
CA LEU V 19 71.90 2.25 41.56
C LEU V 19 71.01 1.79 42.69
N ASN V 20 71.50 0.85 43.51
CA ASN V 20 70.66 0.30 44.56
C ASN V 20 70.27 1.37 45.56
N GLU V 21 71.26 2.14 46.04
CA GLU V 21 70.96 3.13 47.06
C GLU V 21 69.98 4.19 46.54
N LEU V 22 70.11 4.57 45.27
CA LEU V 22 69.09 5.40 44.67
C LEU V 22 67.77 4.65 44.59
N GLU V 23 67.81 3.39 44.18
CA GLU V 23 66.59 2.62 44.02
C GLU V 23 65.82 2.55 45.33
N MET V 24 66.52 2.34 46.43
CA MET V 24 65.87 2.28 47.73
C MET V 24 65.16 3.59 48.03
N GLN V 25 65.86 4.72 47.92
CA GLN V 25 65.24 5.98 48.25
C GLN V 25 64.15 6.36 47.26
N LEU V 26 64.15 5.75 46.08
CA LEU V 26 62.99 5.89 45.21
C LEU V 26 61.74 5.39 45.91
N LEU V 27 61.84 4.23 46.56
CA LEU V 27 60.74 3.75 47.38
C LEU V 27 60.36 4.79 48.42
N LYS V 28 61.36 5.41 49.04
CA LYS V 28 61.08 6.42 50.06
C LYS V 28 60.21 7.53 49.50
N LEU V 29 60.54 8.00 48.30
CA LEU V 29 59.64 8.92 47.65
C LEU V 29 58.34 8.26 47.26
N ARG V 30 58.35 6.96 47.01
CA ARG V 30 57.16 6.28 46.52
C ARG V 30 56.11 6.10 47.60
N VAL V 31 56.28 6.72 48.76
CA VAL V 31 55.26 6.65 49.79
C VAL V 31 54.14 7.60 49.44
N GLU V 32 54.27 8.30 48.32
CA GLU V 32 53.23 9.25 47.93
C GLU V 32 51.96 8.56 47.51
N SER V 33 52.00 7.26 47.22
CA SER V 33 50.79 6.57 46.78
C SER V 33 49.72 6.59 47.85
N ARG V 34 50.10 6.76 49.11
CA ARG V 34 49.16 6.91 50.21
C ARG V 34 48.78 8.35 50.45
N MET V 35 49.07 9.24 49.50
CA MET V 35 49.23 10.67 49.77
C MET V 35 50.37 10.88 50.76
N GLY V 36 51.57 10.51 50.32
CA GLY V 36 52.77 10.77 51.10
C GLY V 36 52.98 12.23 51.42
N THR V 37 52.38 13.12 50.63
CA THR V 37 52.46 14.56 50.83
C THR V 37 53.91 15.03 50.84
N LEU V 38 54.73 14.43 49.99
CA LEU V 38 56.14 14.78 49.90
C LEU V 38 56.30 16.03 49.06
N LYS V 39 57.16 16.93 49.53
CA LYS V 39 57.19 18.30 49.00
C LYS V 39 57.60 18.33 47.53
N ASN V 40 58.65 17.61 47.18
CA ASN V 40 59.28 17.74 45.86
C ASN V 40 58.69 16.70 44.92
N THR V 41 57.62 17.08 44.22
CA THR V 41 57.08 16.19 43.21
C THR V 41 58.13 15.91 42.14
N ALA V 42 58.90 16.93 41.77
CA ALA V 42 59.90 16.75 40.74
C ALA V 42 61.01 15.79 41.16
N SER V 43 61.12 15.49 42.45
CA SER V 43 62.15 14.54 42.88
C SER V 43 61.96 13.21 42.17
N ILE V 44 60.72 12.74 42.06
CA ILE V 44 60.44 11.51 41.35
C ILE V 44 60.98 11.58 39.93
N LYS V 45 60.64 12.65 39.22
CA LYS V 45 61.19 12.84 37.89
C LYS V 45 62.70 12.96 37.94
N ASN V 46 63.22 13.71 38.91
CA ASN V 46 64.67 13.73 39.12
C ASN V 46 65.18 12.33 39.39
N THR V 47 64.48 11.58 40.24
CA THR V 47 64.87 10.21 40.50
C THR V 47 64.73 9.36 39.26
N ARG V 48 63.55 9.41 38.64
CA ARG V 48 63.27 8.49 37.55
C ARG V 48 64.16 8.77 36.35
N LYS V 49 64.41 10.04 36.06
CA LYS V 49 65.23 10.33 34.90
C LYS V 49 66.68 9.88 35.11
N ASP V 50 67.27 10.26 36.25
CA ASP V 50 68.68 9.97 36.44
C ASP V 50 68.93 8.47 36.57
N ILE V 51 68.01 7.73 37.18
CA ILE V 51 68.23 6.31 37.40
C ILE V 51 68.47 5.60 36.07
N ALA V 52 67.73 5.99 35.05
CA ALA V 52 67.93 5.39 33.74
C ALA V 52 69.31 5.70 33.19
N ARG V 53 69.85 6.89 33.48
CA ARG V 53 71.10 7.30 32.88
C ARG V 53 72.22 6.34 33.26
N ILE V 54 72.41 6.10 34.55
CA ILE V 54 73.46 5.18 34.94
C ILE V 54 73.15 3.80 34.43
N LEU V 55 71.86 3.44 34.41
CA LEU V 55 71.45 2.20 33.75
C LEU V 55 71.71 2.24 32.26
N THR V 56 71.92 3.44 31.70
CA THR V 56 72.32 3.58 30.31
C THR V 56 73.82 3.74 30.14
N VAL V 57 74.47 4.46 31.06
CA VAL V 57 75.90 4.72 30.92
C VAL V 57 76.68 3.41 30.91
N ILE V 58 76.18 2.38 31.58
CA ILE V 58 76.89 1.11 31.66
C ILE V 58 77.17 0.55 30.28
N GLY V 59 76.26 0.77 29.33
CA GLY V 59 76.50 0.33 27.97
C GLY V 59 77.72 1.00 27.36
N GLU V 60 77.94 2.27 27.67
CA GLU V 60 79.11 2.97 27.17
C GLU V 60 80.40 2.34 27.67
N LYS V 61 80.36 1.64 28.80
CA LYS V 61 81.49 0.85 29.27
C LYS V 61 81.45 -0.58 28.74
N SER V 62 80.65 -0.84 27.71
CA SER V 62 80.61 -2.13 27.03
C SER V 62 80.37 -3.27 28.02
N LYS V 63 79.42 -3.07 28.92
CA LYS V 63 79.09 -4.07 29.92
C LYS V 63 78.73 -5.40 29.27
N PHE W 1 25.97 -105.85 35.32
CA PHE W 1 26.65 -104.78 36.04
C PHE W 1 25.83 -104.29 37.22
N GLU W 2 24.60 -103.88 36.92
CA GLU W 2 23.73 -103.31 37.95
C GLU W 2 23.45 -104.32 39.04
N GLY W 3 23.25 -105.58 38.68
CA GLY W 3 23.08 -106.61 39.68
C GLY W 3 24.26 -106.70 40.62
N GLU W 4 25.47 -106.59 40.07
CA GLU W 4 26.65 -106.58 40.93
C GLU W 4 26.61 -105.40 41.89
N LEU W 5 26.25 -104.22 41.38
CA LEU W 5 26.19 -103.04 42.22
C LEU W 5 25.07 -103.17 43.26
N LYS W 6 23.90 -103.64 42.83
CA LYS W 6 22.76 -103.71 43.73
C LYS W 6 23.04 -104.62 44.91
N THR W 7 23.93 -105.61 44.73
CA THR W 7 24.34 -106.44 45.86
C THR W 7 25.13 -105.62 46.88
N LEU W 8 26.04 -104.77 46.40
CA LEU W 8 26.88 -104.01 47.31
C LEU W 8 26.07 -103.11 48.21
N LEU W 9 25.12 -102.37 47.62
CA LEU W 9 24.28 -101.49 48.42
C LEU W 9 23.46 -102.28 49.42
N ARG W 10 23.14 -103.53 49.11
CA ARG W 10 22.33 -104.33 50.01
C ARG W 10 23.06 -104.60 51.31
N SER W 11 24.31 -105.02 51.23
CA SER W 11 25.03 -105.31 52.47
C SER W 11 26.39 -104.65 52.55
N GLY W 12 27.12 -104.57 51.43
CA GLY W 12 28.47 -104.06 51.49
C GLY W 12 28.52 -102.60 51.89
N LYS W 13 29.54 -102.26 52.66
CA LYS W 13 29.72 -100.89 53.11
C LYS W 13 30.08 -99.99 51.94
N VAL W 14 29.53 -98.77 51.94
CA VAL W 14 29.68 -97.83 50.85
C VAL W 14 29.95 -96.45 51.43
N ILE W 15 30.59 -95.60 50.63
CA ILE W 15 30.86 -94.22 51.00
C ILE W 15 30.28 -93.31 49.92
N LEU W 16 29.58 -92.27 50.35
CA LEU W 16 28.97 -91.29 49.47
C LEU W 16 29.50 -89.91 49.79
N GLY W 17 29.91 -89.18 48.77
CA GLY W 17 30.47 -87.85 48.94
C GLY W 17 31.97 -87.82 48.69
N THR W 18 32.41 -86.93 47.81
CA THR W 18 33.83 -86.91 47.44
C THR W 18 34.71 -86.59 48.62
N ARG W 19 34.31 -85.62 49.45
CA ARG W 19 35.19 -85.14 50.51
C ARG W 19 35.63 -86.28 51.42
N LYS W 20 34.69 -87.12 51.83
CA LYS W 20 35.06 -88.24 52.70
C LYS W 20 35.98 -89.22 51.97
N THR W 21 35.57 -89.68 50.79
CA THR W 21 36.39 -90.66 50.09
C THR W 21 37.71 -90.06 49.65
N LEU W 22 37.70 -88.81 49.18
CA LEU W 22 38.96 -88.18 48.83
C LEU W 22 39.85 -88.01 50.05
N LYS W 23 39.27 -87.62 51.19
CA LYS W 23 40.01 -87.67 52.44
C LYS W 23 40.54 -89.08 52.67
N LEU W 24 39.69 -90.08 52.47
CA LEU W 24 40.06 -91.43 52.83
C LEU W 24 41.00 -92.04 51.79
N LEU W 25 40.75 -91.77 50.50
CA LEU W 25 41.46 -92.49 49.46
C LEU W 25 42.96 -92.20 49.51
N LYS W 26 43.33 -90.95 49.80
CA LYS W 26 44.74 -90.61 49.88
C LYS W 26 45.46 -91.43 50.93
N THR W 27 44.73 -91.92 51.93
CA THR W 27 45.28 -92.83 52.93
C THR W 27 45.26 -94.29 52.46
N GLY W 28 44.80 -94.54 51.25
CA GLY W 28 44.84 -95.88 50.69
C GLY W 28 44.03 -96.89 51.47
N LYS W 29 42.83 -96.53 51.89
CA LYS W 29 41.99 -97.42 52.67
C LYS W 29 40.62 -97.53 52.03
N VAL W 30 40.58 -97.75 50.72
CA VAL W 30 39.33 -97.95 50.00
C VAL W 30 39.50 -99.15 49.08
N LYS W 31 38.48 -100.00 49.02
CA LYS W 31 38.52 -101.13 48.08
C LYS W 31 38.48 -100.63 46.64
N GLY W 32 37.58 -99.72 46.33
CA GLY W 32 37.44 -99.24 44.97
C GLY W 32 36.55 -98.02 44.92
N VAL W 33 36.64 -97.31 43.80
CA VAL W 33 35.85 -96.09 43.57
C VAL W 33 35.36 -96.09 42.15
N VAL W 34 34.07 -95.78 41.96
CA VAL W 34 33.46 -95.65 40.65
C VAL W 34 32.98 -94.21 40.51
N VAL W 35 33.28 -93.59 39.37
CA VAL W 35 32.96 -92.19 39.13
C VAL W 35 32.15 -92.10 37.85
N SER W 36 31.07 -91.34 37.91
CA SER W 36 30.30 -91.03 36.71
C SER W 36 31.08 -90.04 35.85
N SER W 37 30.60 -89.87 34.61
CA SER W 37 31.25 -88.97 33.67
C SER W 37 31.12 -87.51 34.07
N THR W 38 30.25 -87.19 35.03
CA THR W 38 29.90 -85.81 35.30
C THR W 38 30.78 -85.17 36.38
N LEU W 39 31.85 -85.84 36.79
CA LEU W 39 32.75 -85.23 37.77
C LEU W 39 33.41 -84.00 37.19
N ARG W 40 33.50 -82.95 38.02
CA ARG W 40 34.25 -81.77 37.64
C ARG W 40 35.70 -82.14 37.35
N GLN W 41 36.21 -81.64 36.23
CA GLN W 41 37.50 -82.10 35.73
C GLN W 41 38.63 -81.75 36.69
N ASP W 42 38.42 -80.75 37.54
CA ASP W 42 39.44 -80.37 38.51
C ASP W 42 39.80 -81.53 39.44
N LEU W 43 38.83 -82.40 39.71
CA LEU W 43 39.04 -83.50 40.64
C LEU W 43 39.36 -84.82 39.95
N LYS W 44 38.96 -84.97 38.69
CA LYS W 44 39.12 -86.24 38.01
C LYS W 44 40.59 -86.64 37.94
N ASP W 45 41.46 -85.68 37.62
CA ASP W 45 42.88 -85.98 37.58
C ASP W 45 43.38 -86.40 38.95
N ASP W 46 42.95 -85.70 40.00
CA ASP W 46 43.42 -86.01 41.34
C ASP W 46 43.07 -87.43 41.72
N ILE W 47 41.84 -87.85 41.42
CA ILE W 47 41.47 -89.24 41.59
C ILE W 47 42.40 -90.13 40.79
N MET W 48 42.57 -89.82 39.51
CA MET W 48 43.46 -90.60 38.68
C MET W 48 44.89 -90.53 39.17
N THR W 49 45.34 -89.35 39.58
CA THR W 49 46.66 -89.24 40.19
C THR W 49 46.74 -90.05 41.47
N PHE W 50 45.74 -89.92 42.33
CA PHE W 50 45.73 -90.68 43.56
C PHE W 50 45.41 -92.15 43.32
N SER W 51 44.88 -92.50 42.14
CA SER W 51 44.60 -93.89 41.86
C SER W 51 45.88 -94.72 41.86
N LYS W 52 46.94 -94.22 41.23
CA LYS W 52 48.17 -94.99 41.10
C LYS W 52 49.01 -94.97 42.36
N PHE W 53 48.66 -94.16 43.36
CA PHE W 53 49.51 -94.08 44.54
C PHE W 53 49.29 -95.22 45.51
N SER W 54 48.20 -95.97 45.38
CA SER W 54 48.07 -97.23 46.10
C SER W 54 47.41 -98.30 45.23
N ASP W 55 47.24 -98.05 43.94
CA ASP W 55 46.75 -99.05 42.99
C ASP W 55 45.37 -99.57 43.41
N ILE W 56 44.41 -98.67 43.46
CA ILE W 56 43.03 -99.01 43.78
C ILE W 56 42.24 -99.05 42.48
N PRO W 57 41.62 -100.17 42.13
CA PRO W 57 40.91 -100.25 40.85
C PRO W 57 39.82 -99.21 40.77
N ILE W 58 39.67 -98.62 39.58
CA ILE W 58 38.70 -97.57 39.33
C ILE W 58 37.90 -97.93 38.09
N TYR W 59 36.58 -97.86 38.19
CA TYR W 59 35.69 -98.03 37.06
C TYR W 59 35.13 -96.68 36.65
N LEU W 60 35.21 -96.38 35.36
CA LEU W 60 34.68 -95.14 34.83
C LEU W 60 33.22 -95.36 34.46
N TYR W 61 32.33 -94.54 35.01
CA TYR W 61 30.91 -94.64 34.71
C TYR W 61 30.55 -93.60 33.66
N LYS W 62 29.98 -94.07 32.56
CA LYS W 62 29.53 -93.18 31.49
C LYS W 62 28.36 -92.30 31.90
N GLY W 63 27.71 -92.62 33.02
CA GLY W 63 26.53 -91.88 33.44
C GLY W 63 26.87 -90.59 34.15
N SER W 64 25.84 -90.02 34.77
CA SER W 64 25.93 -88.83 35.60
C SER W 64 25.72 -89.23 37.06
N GLY W 65 25.69 -88.22 37.92
CA GLY W 65 25.40 -88.47 39.31
C GLY W 65 24.02 -89.05 39.52
N TYR W 66 23.05 -88.61 38.72
CA TYR W 66 21.67 -89.07 38.83
C TYR W 66 21.52 -90.57 38.73
N GLU W 67 21.76 -91.10 37.53
CA GLU W 67 21.63 -92.54 37.35
C GLU W 67 22.52 -93.31 38.31
N LEU W 68 23.69 -92.75 38.63
CA LEU W 68 24.49 -93.32 39.71
C LEU W 68 23.76 -93.20 41.04
N GLY W 69 23.15 -92.05 41.30
CA GLY W 69 22.35 -91.90 42.50
C GLY W 69 21.02 -92.62 42.42
N THR W 70 20.41 -92.65 41.23
CA THR W 70 19.19 -93.42 41.06
C THR W 70 19.43 -94.89 41.37
N LEU W 71 20.52 -95.45 40.84
CA LEU W 71 20.94 -96.77 41.25
C LEU W 71 21.29 -96.79 42.73
N CYS W 72 21.98 -95.75 43.20
CA CYS W 72 22.25 -95.64 44.63
C CYS W 72 20.96 -95.50 45.42
N GLY W 73 19.90 -95.00 44.79
CA GLY W 73 18.61 -94.87 45.43
C GLY W 73 18.43 -93.59 46.20
N LYS W 74 19.49 -92.87 46.50
CA LYS W 74 19.36 -91.57 47.12
C LYS W 74 18.66 -90.61 46.16
N PRO W 75 17.72 -89.80 46.64
CA PRO W 75 17.03 -88.87 45.73
C PRO W 75 17.96 -87.91 45.03
N PHE W 76 19.07 -87.52 45.66
CA PHE W 76 20.00 -86.60 45.04
C PHE W 76 21.21 -87.35 44.49
N MET W 77 21.85 -86.72 43.51
CA MET W 77 22.92 -87.36 42.77
C MET W 77 24.13 -87.62 43.65
N VAL W 78 24.93 -88.59 43.23
CA VAL W 78 26.23 -88.85 43.82
C VAL W 78 27.26 -88.73 42.72
N SER W 79 28.22 -87.83 42.91
CA SER W 79 29.28 -87.69 41.92
C SER W 79 30.17 -88.92 41.91
N VAL W 80 30.60 -89.37 43.09
CA VAL W 80 31.51 -90.50 43.22
C VAL W 80 30.95 -91.47 44.24
N ILE W 81 31.60 -92.62 44.33
CA ILE W 81 31.25 -93.66 45.30
C ILE W 81 32.54 -94.19 45.92
N GLY W 82 32.52 -94.36 47.24
CA GLY W 82 33.63 -94.96 47.96
C GLY W 82 33.25 -96.31 48.52
N ILE W 83 34.18 -97.27 48.43
CA ILE W 83 33.96 -98.63 48.88
C ILE W 83 35.05 -99.01 49.87
N VAL W 84 34.64 -99.51 51.03
CA VAL W 84 35.56 -100.12 51.98
C VAL W 84 35.21 -101.56 52.30
N ASP W 85 34.14 -102.10 51.72
CA ASP W 85 33.77 -103.49 51.94
C ASP W 85 33.05 -103.98 50.69
N GLU W 86 33.69 -104.87 49.93
CA GLU W 86 32.98 -105.47 48.80
C GLU W 86 31.84 -106.37 49.27
N GLY W 87 31.93 -106.87 50.50
CA GLY W 87 30.88 -107.73 51.02
C GLY W 87 30.80 -109.04 50.28
N GLU W 88 29.76 -109.22 49.49
CA GLU W 88 29.59 -110.44 48.71
C GLU W 88 29.51 -110.18 47.22
N SER W 89 29.66 -108.94 46.77
CA SER W 89 29.63 -108.68 45.34
C SER W 89 30.94 -109.10 44.69
N LYS W 90 30.96 -109.05 43.37
CA LYS W 90 32.09 -109.50 42.56
C LYS W 90 32.53 -108.37 41.63
N ILE W 91 32.76 -107.20 42.22
CA ILE W 91 33.03 -106.00 41.45
C ILE W 91 34.51 -105.66 41.40
N LEU W 92 35.25 -105.95 42.47
CA LEU W 92 36.61 -105.43 42.61
C LEU W 92 37.52 -105.81 41.45
N GLU W 93 37.31 -106.99 40.87
CA GLU W 93 38.18 -107.43 39.78
C GLU W 93 38.10 -106.50 38.57
N PHE W 94 37.03 -105.73 38.45
CA PHE W 94 36.83 -104.88 37.29
C PHE W 94 37.93 -103.83 37.20
N MET X 1 -35.72 42.21 -57.85
CA MET X 1 -34.30 41.96 -58.05
C MET X 1 -33.61 43.23 -58.53
N ASN X 2 -32.89 43.88 -57.63
CA ASN X 2 -32.07 45.02 -57.98
C ASN X 2 -30.61 44.76 -57.65
N GLU X 3 -29.74 45.49 -58.35
CA GLU X 3 -28.31 45.28 -58.26
C GLU X 3 -27.76 45.50 -56.86
N LEU X 4 -28.25 46.50 -56.14
CA LEU X 4 -27.64 46.95 -54.90
C LEU X 4 -28.20 46.10 -53.76
N ILE X 5 -27.34 45.28 -53.16
CA ILE X 5 -27.73 44.41 -52.06
C ILE X 5 -26.74 44.59 -50.91
N GLY X 6 -27.17 44.20 -49.72
CA GLY X 6 -26.34 44.32 -48.54
C GLY X 6 -26.68 43.25 -47.54
N VAL X 7 -25.85 43.16 -46.50
CA VAL X 7 -26.03 42.14 -45.48
C VAL X 7 -25.49 42.65 -44.14
N ILE X 8 -26.13 42.20 -43.07
CA ILE X 8 -25.70 42.44 -41.69
C ILE X 8 -25.61 41.10 -40.98
N ARG X 9 -24.53 40.88 -40.26
CA ARG X 9 -24.36 39.69 -39.45
C ARG X 9 -24.73 40.00 -38.02
N ILE X 10 -25.50 39.12 -37.40
CA ILE X 10 -25.93 39.30 -36.02
C ILE X 10 -25.41 38.21 -35.10
N ARG X 11 -24.99 37.07 -35.63
CA ARG X 11 -24.45 35.99 -34.81
C ARG X 11 -22.95 36.15 -34.61
N GLY X 12 -22.47 35.58 -33.51
CA GLY X 12 -21.05 35.59 -33.20
C GLY X 12 -20.29 34.60 -34.07
N TRP X 13 -19.02 34.43 -33.73
CA TRP X 13 -18.13 33.59 -34.52
C TRP X 13 -17.60 32.40 -33.73
N ALA X 14 -18.32 31.98 -32.70
CA ALA X 14 -18.14 30.67 -32.10
C ALA X 14 -19.38 29.85 -32.39
N ALA X 15 -19.24 28.53 -32.22
CA ALA X 15 -20.32 27.61 -32.55
C ALA X 15 -20.76 27.79 -34.00
N THR X 16 -19.82 28.15 -34.86
CA THR X 16 -20.13 28.44 -36.26
C THR X 16 -19.67 27.29 -37.12
N PRO X 17 -20.57 26.63 -37.83
CA PRO X 17 -20.18 25.44 -38.59
C PRO X 17 -19.16 25.74 -39.67
N TRP X 18 -18.25 24.78 -39.86
CA TRP X 18 -17.24 24.71 -40.91
C TRP X 18 -17.76 25.11 -42.29
N TYR X 19 -19.00 24.71 -42.60
CA TYR X 19 -19.61 25.16 -43.86
C TYR X 19 -19.53 26.67 -43.97
N ILE X 20 -19.90 27.37 -42.92
CA ILE X 20 -20.32 28.74 -43.06
C ILE X 20 -19.27 29.68 -42.50
N GLN X 21 -18.52 29.20 -41.50
CA GLN X 21 -17.58 30.07 -40.79
C GLN X 21 -16.65 30.77 -41.76
N ASP X 22 -16.15 30.05 -42.76
CA ASP X 22 -15.28 30.69 -43.74
C ASP X 22 -16.07 31.46 -44.78
N THR X 23 -17.34 31.11 -45.00
CA THR X 23 -18.11 31.82 -46.02
C THR X 23 -18.22 33.29 -45.68
N LEU X 24 -18.67 33.60 -44.47
CA LEU X 24 -18.69 34.98 -44.04
C LEU X 24 -17.28 35.56 -44.04
N SER X 25 -16.30 34.72 -43.72
CA SER X 25 -14.92 35.14 -43.92
C SER X 25 -14.68 35.44 -45.40
N MET X 26 -15.10 34.53 -46.26
CA MET X 26 -15.03 34.82 -47.69
C MET X 26 -15.96 35.97 -48.04
N LEU X 27 -17.06 36.13 -47.30
CA LEU X 27 -17.90 37.29 -47.41
C LEU X 27 -17.40 38.45 -46.56
N ARG X 28 -16.15 38.37 -46.10
CA ARG X 28 -15.52 39.45 -45.32
C ARG X 28 -16.38 39.89 -44.15
N LEU X 29 -17.21 38.99 -43.65
CA LEU X 29 -18.01 39.24 -42.45
C LEU X 29 -17.30 38.55 -41.29
N LYS X 30 -16.19 39.15 -40.85
CA LYS X 30 -15.38 38.50 -39.82
C LYS X 30 -16.15 38.33 -38.53
N ASN X 31 -16.96 39.32 -38.18
CA ASN X 31 -17.71 39.25 -36.93
C ASN X 31 -18.92 40.17 -37.01
N ALA X 32 -19.92 39.86 -36.18
CA ALA X 32 -21.24 40.46 -36.30
C ALA X 32 -21.17 41.97 -36.27
N PHE X 33 -22.27 42.59 -36.67
CA PHE X 33 -22.34 44.05 -36.82
C PHE X 33 -21.33 44.51 -37.86
N ASN X 34 -21.51 44.02 -39.09
CA ASN X 34 -20.69 44.44 -40.21
C ASN X 34 -21.51 44.36 -41.48
N ALA X 35 -21.05 45.08 -42.51
CA ALA X 35 -21.84 45.18 -43.72
C ALA X 35 -20.94 45.57 -44.89
N MET X 36 -21.54 45.51 -46.07
CA MET X 36 -20.96 45.92 -47.35
C MET X 36 -22.00 45.63 -48.41
N ILE X 37 -21.70 46.03 -49.65
CA ILE X 37 -22.68 46.06 -50.71
C ILE X 37 -22.17 45.21 -51.87
N TYR X 38 -23.09 44.59 -52.60
CA TYR X 38 -22.72 43.69 -53.69
C TYR X 38 -23.62 43.90 -54.89
N PRO X 39 -23.14 43.57 -56.08
CA PRO X 39 -24.04 43.47 -57.24
C PRO X 39 -24.78 42.14 -57.21
N LYS X 40 -26.10 42.22 -57.23
CA LYS X 40 -26.92 41.03 -57.09
C LYS X 40 -26.76 40.12 -58.30
N ASP X 41 -26.75 38.81 -58.04
CA ASP X 41 -26.61 37.82 -59.09
C ASP X 41 -26.86 36.45 -58.49
N SER X 42 -27.12 35.48 -59.37
CA SER X 42 -27.29 34.10 -58.91
C SER X 42 -26.06 33.62 -58.16
N SER X 43 -24.88 34.05 -58.59
CA SER X 43 -23.66 33.59 -57.93
C SER X 43 -23.61 34.07 -56.48
N ILE X 44 -24.03 35.30 -56.22
CA ILE X 44 -24.11 35.74 -54.83
C ILE X 44 -25.22 35.02 -54.09
N GLN X 45 -26.33 34.73 -54.79
CA GLN X 45 -27.51 34.17 -54.12
C GLN X 45 -27.16 32.93 -53.32
N GLY X 46 -26.22 32.13 -53.80
CA GLY X 46 -25.91 30.88 -53.12
C GLY X 46 -25.43 31.12 -51.69
N MET X 47 -24.52 32.07 -51.51
CA MET X 47 -23.99 32.31 -50.17
C MET X 47 -25.11 32.69 -49.21
N LEU X 48 -25.92 33.67 -49.58
CA LEU X 48 -26.95 34.16 -48.67
C LEU X 48 -27.88 33.03 -48.27
N ASN X 49 -28.28 32.19 -49.21
CA ASN X 49 -29.07 31.02 -48.86
C ASN X 49 -28.34 30.14 -47.88
N LEU X 50 -27.04 29.92 -48.12
CA LEU X 50 -26.29 29.01 -47.27
C LEU X 50 -25.97 29.65 -45.93
N VAL X 51 -25.88 30.97 -45.88
CA VAL X 51 -25.57 31.66 -44.63
C VAL X 51 -26.81 32.30 -44.02
N SER X 52 -28.00 31.95 -44.53
CA SER X 52 -29.22 32.62 -44.11
C SER X 52 -29.41 32.52 -42.61
N SER X 53 -29.20 31.35 -42.06
CA SER X 53 -29.44 31.17 -40.66
C SER X 53 -28.46 31.89 -39.79
N TYR X 54 -27.61 32.77 -40.33
CA TYR X 54 -26.70 33.53 -39.50
C TYR X 54 -26.75 35.03 -39.71
N VAL X 55 -27.39 35.51 -40.76
CA VAL X 55 -27.31 36.92 -41.13
C VAL X 55 -28.68 37.39 -41.58
N THR X 56 -28.75 38.65 -41.99
CA THR X 56 -29.95 39.27 -42.53
C THR X 56 -29.56 40.08 -43.76
N TRP X 57 -30.29 39.90 -44.85
CA TRP X 57 -29.91 40.57 -46.09
C TRP X 57 -31.15 40.97 -46.87
N GLY X 58 -30.96 41.91 -47.78
CA GLY X 58 -32.07 42.39 -48.57
C GLY X 58 -31.63 43.51 -49.49
N GLU X 59 -32.62 44.13 -50.13
CA GLU X 59 -32.37 45.19 -51.10
C GLU X 59 -32.37 46.53 -50.39
N LEU X 60 -31.34 47.34 -50.65
CA LEU X 60 -31.24 48.63 -50.00
C LEU X 60 -32.23 49.62 -50.62
N ASN X 61 -32.29 50.80 -50.02
CA ASN X 61 -32.92 51.96 -50.62
C ASN X 61 -31.93 53.10 -50.61
N ASP X 62 -32.32 54.23 -51.19
CA ASP X 62 -31.46 55.40 -51.15
C ASP X 62 -31.22 55.84 -49.72
N GLU X 63 -32.28 55.89 -48.92
CA GLU X 63 -32.14 56.37 -47.55
C GLU X 63 -31.17 55.51 -46.76
N GLY X 64 -31.30 54.19 -46.89
CA GLY X 64 -30.37 53.32 -46.19
C GLY X 64 -28.96 53.48 -46.69
N LEU X 65 -28.79 53.49 -48.01
CA LEU X 65 -27.44 53.56 -48.56
C LEU X 65 -26.70 54.79 -48.08
N ARG X 66 -27.37 55.95 -48.17
CA ARG X 66 -26.74 57.18 -47.71
C ARG X 66 -26.42 57.10 -46.23
N LEU X 67 -27.34 56.56 -45.44
CA LEU X 67 -27.05 56.38 -44.02
C LEU X 67 -25.93 55.38 -43.81
N LEU X 68 -25.97 54.27 -44.55
CA LEU X 68 -24.97 53.22 -44.35
C LEU X 68 -23.58 53.74 -44.60
N VAL X 69 -23.39 54.46 -45.71
CA VAL X 69 -22.04 54.85 -46.09
C VAL X 69 -21.48 55.88 -45.12
N SER X 70 -22.33 56.71 -44.53
CA SER X 70 -21.87 57.86 -43.77
C SER X 70 -21.11 57.48 -42.52
N LYS X 71 -20.89 56.19 -42.31
CA LYS X 71 -20.32 55.69 -41.07
C LYS X 71 -18.82 55.42 -41.15
N LEU X 72 -18.21 55.54 -42.32
CA LEU X 72 -16.79 55.19 -42.47
C LEU X 72 -15.88 56.15 -41.71
N GLU X 73 -15.03 55.59 -40.85
CA GLU X 73 -14.33 56.36 -39.84
C GLU X 73 -12.81 56.16 -39.89
N ILE X 74 -12.10 56.66 -38.87
CA ILE X 74 -10.64 56.63 -38.82
C ILE X 74 -10.10 55.24 -39.08
N SER X 75 -10.87 54.21 -38.75
CA SER X 75 -10.47 52.84 -38.98
C SER X 75 -11.57 52.07 -39.70
N ARG X 76 -12.30 52.76 -40.61
CA ARG X 76 -13.40 52.11 -41.33
C ARG X 76 -13.51 52.62 -42.77
N GLY X 77 -12.41 52.69 -43.50
CA GLY X 77 -12.37 53.33 -44.80
C GLY X 77 -12.30 52.41 -46.02
N LYS X 78 -12.28 53.05 -47.18
CA LYS X 78 -12.09 52.39 -48.46
C LYS X 78 -10.69 51.78 -48.54
N LYS X 79 -10.47 50.92 -49.53
CA LYS X 79 -9.19 50.24 -49.65
C LYS X 79 -8.16 51.20 -50.21
N VAL X 80 -8.09 52.37 -49.60
CA VAL X 80 -7.20 53.43 -50.02
C VAL X 80 -5.86 53.23 -49.33
N ASN X 81 -5.02 52.37 -49.91
CA ASN X 81 -3.74 51.99 -49.32
C ASN X 81 -3.94 51.48 -47.89
N GLU X 82 -4.96 50.64 -47.73
CA GLU X 82 -5.43 50.20 -46.40
C GLU X 82 -5.76 51.46 -45.59
N GLU X 83 -5.35 51.52 -44.33
CA GLU X 83 -5.45 52.69 -43.46
C GLU X 83 -6.88 52.98 -43.03
N TYR X 84 -7.87 52.34 -43.67
CA TYR X 84 -9.27 52.62 -43.35
C TYR X 84 -9.58 54.04 -42.94
N VAL X 85 -9.18 55.00 -43.77
CA VAL X 85 -9.30 56.39 -43.38
C VAL X 85 -10.77 56.75 -43.14
N LYS X 86 -10.96 57.83 -42.40
CA LYS X 86 -12.29 58.41 -42.23
C LYS X 86 -12.62 59.26 -43.45
N ASP X 87 -13.65 58.87 -44.19
CA ASP X 87 -13.93 59.54 -45.46
C ASP X 87 -14.24 61.01 -45.24
N LYS X 88 -15.34 61.30 -44.56
CA LYS X 88 -15.61 62.60 -43.96
C LYS X 88 -15.76 63.71 -44.99
N LEU X 89 -15.45 63.44 -46.25
CA LEU X 89 -15.55 64.44 -47.31
C LEU X 89 -15.11 63.78 -48.60
N ASN X 90 -15.49 64.42 -49.72
CA ASN X 90 -14.94 64.10 -51.03
C ASN X 90 -13.42 64.19 -51.04
N VAL X 91 -12.82 64.85 -50.04
CA VAL X 91 -11.38 65.06 -50.03
C VAL X 91 -10.64 63.74 -50.15
N ASP X 92 -11.02 62.76 -49.34
CA ASP X 92 -10.36 61.47 -49.45
C ASP X 92 -10.64 60.85 -50.81
N PHE X 93 -11.87 60.99 -51.31
CA PHE X 93 -12.15 60.62 -52.69
C PHE X 93 -11.31 61.43 -53.66
N GLN X 94 -11.32 62.76 -53.50
CA GLN X 94 -10.74 63.63 -54.52
C GLN X 94 -9.30 63.25 -54.83
N SER X 95 -8.57 62.81 -53.81
CA SER X 95 -7.19 62.39 -54.00
C SER X 95 -7.07 60.90 -54.26
N PHE X 96 -8.15 60.14 -54.17
CA PHE X 96 -8.01 58.69 -54.27
C PHE X 96 -9.13 57.93 -54.95
N VAL X 97 -9.98 58.55 -55.76
CA VAL X 97 -10.88 57.75 -56.58
C VAL X 97 -10.27 57.52 -57.96
N GLU X 98 -9.04 57.98 -58.16
CA GLU X 98 -8.36 57.88 -59.44
C GLU X 98 -7.56 56.59 -59.59
N SER X 99 -7.90 55.54 -58.83
CA SER X 99 -7.15 54.29 -58.85
C SER X 99 -7.91 53.17 -59.52
N ILE X 100 -9.12 52.86 -59.04
CA ILE X 100 -9.95 51.83 -59.64
C ILE X 100 -11.23 52.41 -60.23
N LYS X 101 -11.80 53.44 -59.61
CA LYS X 101 -12.99 54.08 -60.14
C LYS X 101 -12.63 55.00 -61.29
N ASP X 102 -13.67 55.39 -62.06
CA ASP X 102 -13.54 56.38 -63.10
C ASP X 102 -14.77 57.27 -63.10
N GLY X 103 -14.56 58.57 -62.92
CA GLY X 103 -15.64 59.53 -62.92
C GLY X 103 -16.41 59.66 -61.62
N LYS X 104 -16.08 58.89 -60.60
CA LYS X 104 -16.74 58.98 -59.30
C LYS X 104 -15.88 59.87 -58.40
N LEU X 105 -16.00 61.18 -58.57
CA LEU X 105 -15.39 62.14 -57.66
C LEU X 105 -16.43 62.89 -56.85
N ARG X 106 -17.64 62.34 -56.76
CA ARG X 106 -18.69 62.92 -55.94
C ARG X 106 -19.20 61.92 -54.92
N LEU X 107 -19.31 62.38 -53.67
CA LEU X 107 -19.73 61.56 -52.56
C LEU X 107 -21.04 60.86 -52.84
N ASN X 108 -21.90 61.48 -53.65
CA ASN X 108 -23.19 60.91 -53.98
C ASN X 108 -23.10 59.76 -54.97
N LYS X 109 -22.01 59.66 -55.73
CA LYS X 109 -21.98 58.83 -56.92
C LYS X 109 -21.42 57.44 -56.65
N LEU X 110 -21.61 56.92 -55.44
CA LEU X 110 -21.04 55.64 -55.05
C LEU X 110 -22.04 54.51 -55.26
N ASP X 111 -22.97 54.68 -56.19
CA ASP X 111 -24.11 53.79 -56.34
C ASP X 111 -23.88 52.69 -57.37
N GLU X 112 -22.63 52.35 -57.67
CA GLU X 112 -22.35 51.39 -58.73
C GLU X 112 -21.52 50.19 -58.29
N ILE X 113 -20.36 50.38 -57.66
CA ILE X 113 -19.28 49.44 -57.88
C ILE X 113 -18.87 48.53 -56.71
N PHE X 114 -18.38 49.07 -55.59
CA PHE X 114 -17.72 48.21 -54.61
C PHE X 114 -17.48 48.96 -53.30
N SER X 115 -17.03 48.21 -52.29
CA SER X 115 -16.68 48.77 -50.97
C SER X 115 -15.86 47.72 -50.21
N LEU X 116 -15.66 47.95 -48.91
CA LEU X 116 -14.94 47.08 -48.00
C LEU X 116 -15.75 46.77 -46.75
N PRO X 117 -15.24 45.90 -45.87
CA PRO X 117 -15.90 45.68 -44.58
C PRO X 117 -16.07 46.97 -43.78
N ILE X 118 -17.20 47.08 -43.11
CA ILE X 118 -17.52 48.23 -42.26
C ILE X 118 -17.96 47.69 -40.90
N ARG X 119 -17.55 48.38 -39.84
CA ARG X 119 -17.90 47.98 -38.48
C ARG X 119 -19.19 48.67 -38.05
N LEU X 120 -20.25 47.89 -37.83
CA LEU X 120 -21.54 48.44 -37.51
C LEU X 120 -21.68 48.76 -36.03
N HIS X 121 -22.82 49.32 -35.69
CA HIS X 121 -23.28 49.66 -34.36
C HIS X 121 -24.48 48.81 -33.99
N PRO X 122 -24.69 48.52 -32.71
CA PRO X 122 -25.81 47.68 -32.33
C PRO X 122 -27.14 48.34 -32.74
N PRO X 123 -28.12 47.54 -33.14
CA PRO X 123 -29.43 48.09 -33.48
C PRO X 123 -30.08 48.73 -32.27
N LYS X 124 -30.64 49.93 -32.47
CA LYS X 124 -31.16 50.69 -31.36
C LYS X 124 -32.42 50.06 -30.79
N GLY X 125 -32.58 50.14 -29.48
CA GLY X 125 -33.76 49.60 -28.83
C GLY X 125 -33.79 48.10 -28.79
N GLY X 126 -32.70 47.43 -29.09
CA GLY X 126 -32.68 45.99 -29.10
C GLY X 126 -32.99 45.41 -30.46
N PHE X 127 -32.10 44.55 -30.96
CA PHE X 127 -32.44 43.76 -32.13
C PHE X 127 -33.70 42.96 -31.89
N LYS X 128 -33.95 42.60 -30.63
CA LYS X 128 -35.20 41.98 -30.26
C LYS X 128 -36.26 43.04 -30.10
N GLY X 129 -36.38 43.94 -31.07
CA GLY X 129 -37.27 45.09 -30.92
C GLY X 129 -38.72 44.67 -30.80
N LYS X 130 -39.15 43.77 -31.67
CA LYS X 130 -40.41 43.07 -31.51
C LYS X 130 -40.22 41.57 -31.43
N VAL X 131 -39.06 41.06 -31.81
CA VAL X 131 -38.79 39.65 -31.81
C VAL X 131 -38.08 39.31 -30.50
N SER X 132 -38.04 38.03 -30.18
CA SER X 132 -37.24 37.54 -29.07
C SER X 132 -36.24 36.47 -29.46
N ARG X 133 -36.62 35.57 -30.35
CA ARG X 133 -35.63 34.65 -30.86
C ARG X 133 -35.12 35.15 -32.20
N PRO X 134 -33.83 35.06 -32.44
CA PRO X 134 -33.30 35.60 -33.68
C PRO X 134 -33.40 34.59 -34.80
N PHE X 135 -34.23 33.57 -34.62
CA PHE X 135 -34.23 32.43 -35.52
C PHE X 135 -35.64 32.05 -35.96
N ARG X 136 -36.40 33.01 -36.47
CA ARG X 136 -37.63 32.70 -37.18
C ARG X 136 -37.41 32.95 -38.67
N ALA X 137 -37.85 32.02 -39.48
CA ALA X 137 -37.75 32.18 -40.92
C ALA X 137 -38.88 33.05 -41.43
N GLY X 138 -38.55 33.96 -42.33
CA GLY X 138 -39.47 34.99 -42.78
C GLY X 138 -39.51 36.20 -41.89
N GLY X 139 -38.96 36.12 -40.69
CA GLY X 139 -38.90 37.28 -39.83
C GLY X 139 -37.53 37.64 -39.31
N GLU X 140 -36.64 36.65 -39.15
CA GLU X 140 -35.43 36.87 -38.38
C GLU X 140 -34.14 36.77 -39.19
N PHE X 141 -33.88 35.64 -39.83
CA PHE X 141 -32.60 35.38 -40.44
C PHE X 141 -32.76 35.24 -41.95
N GLY X 142 -32.04 36.08 -42.70
CA GLY X 142 -32.02 35.93 -44.14
C GLY X 142 -32.48 37.12 -44.95
N TYR X 143 -33.56 36.94 -45.70
CA TYR X 143 -34.05 37.94 -46.65
C TYR X 143 -35.27 38.65 -46.08
N ARG X 144 -35.27 39.98 -46.15
CA ARG X 144 -36.35 40.76 -45.56
C ARG X 144 -36.84 41.88 -46.47
N GLY X 145 -36.59 41.78 -47.78
CA GLY X 145 -37.12 42.77 -48.68
C GLY X 145 -36.64 44.17 -48.34
N ASP X 146 -37.49 45.16 -48.63
CA ASP X 146 -37.14 46.54 -48.33
C ASP X 146 -37.01 46.78 -46.83
N LYS X 147 -37.64 45.94 -46.01
CA LYS X 147 -37.66 46.19 -44.57
C LYS X 147 -36.26 46.23 -43.98
N ILE X 148 -35.29 45.64 -44.66
CA ILE X 148 -33.91 45.75 -44.18
C ILE X 148 -33.49 47.20 -44.12
N ASN X 149 -34.09 48.05 -44.95
CA ASN X 149 -33.74 49.46 -44.94
C ASN X 149 -34.10 50.11 -43.62
N GLU X 150 -35.31 49.87 -43.12
CA GLU X 150 -35.63 50.44 -41.81
C GLU X 150 -34.81 49.77 -40.73
N LEU X 151 -34.52 48.48 -40.88
CA LEU X 151 -33.74 47.78 -39.89
C LEU X 151 -32.37 48.40 -39.74
N ILE X 152 -31.76 48.80 -40.85
CA ILE X 152 -30.46 49.45 -40.77
C ILE X 152 -30.61 50.90 -40.35
N ARG X 153 -31.75 51.52 -40.67
CA ARG X 153 -31.97 52.90 -40.20
C ARG X 153 -31.97 52.94 -38.69
N ARG X 154 -32.43 51.89 -38.04
CA ARG X 154 -32.32 51.79 -36.60
C ARG X 154 -30.88 51.65 -36.15
N MET X 155 -29.96 51.40 -37.08
CA MET X 155 -28.59 51.07 -36.72
C MET X 155 -27.71 52.31 -36.76
N LYS Y 1 -10.73 32.13 76.17
CA LYS Y 1 -9.82 31.00 76.33
C LYS Y 1 -10.54 29.68 76.11
N PRO Y 2 -9.98 28.82 75.27
CA PRO Y 2 -10.60 27.51 75.04
C PRO Y 2 -10.69 26.70 76.31
N GLU Y 3 -11.77 25.93 76.43
CA GLU Y 3 -11.96 25.08 77.58
C GLU Y 3 -10.99 23.91 77.52
N LYS Y 4 -9.90 24.00 78.30
CA LYS Y 4 -8.96 22.90 78.43
C LYS Y 4 -9.60 21.81 79.27
N GLU Y 5 -10.37 20.99 78.58
CA GLU Y 5 -11.14 19.93 79.22
C GLU Y 5 -10.30 18.68 79.38
N ASN Y 6 -10.65 17.89 80.37
CA ASN Y 6 -10.17 16.52 80.50
C ASN Y 6 -11.24 15.56 80.04
N PHE Y 7 -11.91 15.96 78.95
CA PHE Y 7 -13.19 15.44 78.55
C PHE Y 7 -13.10 14.05 77.93
N GLU Y 8 -14.22 13.34 77.97
CA GLU Y 8 -14.38 12.05 77.31
C GLU Y 8 -15.51 12.14 76.31
N MET Y 9 -15.26 11.69 75.09
CA MET Y 9 -16.21 11.80 73.99
C MET Y 9 -16.45 10.42 73.37
N VAL Y 10 -17.63 10.23 72.81
CA VAL Y 10 -18.02 8.96 72.21
C VAL Y 10 -18.17 9.16 70.71
N ILE Y 11 -17.49 8.33 69.93
CA ILE Y 11 -17.51 8.46 68.48
C ILE Y 11 -18.31 7.32 67.89
N ASN Y 12 -18.97 7.60 66.78
CA ASN Y 12 -19.74 6.62 66.04
C ASN Y 12 -19.11 6.43 64.67
N PHE Y 13 -18.52 5.27 64.45
CA PHE Y 13 -17.92 4.99 63.15
C PHE Y 13 -18.94 4.54 62.14
N ARG Y 14 -20.04 5.28 62.01
CA ARG Y 14 -21.09 4.88 61.07
C ARG Y 14 -20.68 5.21 59.65
N ARG Y 15 -20.34 6.47 59.38
CA ARG Y 15 -20.13 6.91 58.01
C ARG Y 15 -18.95 6.19 57.36
N VAL Y 16 -17.91 5.91 58.13
CA VAL Y 16 -16.68 5.41 57.55
C VAL Y 16 -16.91 4.09 56.82
N ILE Y 17 -17.58 3.16 57.47
CA ILE Y 17 -17.94 1.88 56.89
C ILE Y 17 -19.03 2.09 55.85
N MET Y 18 -19.41 1.02 55.16
CA MET Y 18 -20.43 0.91 54.12
C MET Y 18 -19.90 1.24 52.73
N GLY Y 19 -18.64 1.64 52.60
CA GLY Y 19 -18.15 2.02 51.30
C GLY Y 19 -17.07 1.13 50.74
N ARG Y 20 -15.83 1.62 50.74
CA ARG Y 20 -14.71 0.81 50.29
C ARG Y 20 -14.17 0.01 51.46
N LYS Y 21 -14.15 -1.31 51.30
CA LYS Y 21 -13.53 -2.15 52.32
C LYS Y 21 -12.06 -1.80 52.47
N THR Y 22 -11.37 -1.58 51.36
CA THR Y 22 -9.91 -1.55 51.37
C THR Y 22 -9.35 -0.33 52.08
N THR Y 23 -10.20 0.62 52.42
CA THR Y 23 -9.75 1.91 52.91
C THR Y 23 -10.11 2.21 54.34
N ARG Y 24 -10.95 1.38 54.98
CA ARG Y 24 -11.62 1.79 56.21
C ARG Y 24 -10.63 2.21 57.28
N THR Y 25 -9.65 1.36 57.57
CA THR Y 25 -8.79 1.59 58.72
C THR Y 25 -8.08 2.94 58.62
N LYS Y 26 -7.62 3.29 57.43
CA LYS Y 26 -6.99 4.60 57.27
C LYS Y 26 -8.02 5.70 57.45
N ARG Y 27 -9.15 5.59 56.75
CA ARG Y 27 -10.21 6.57 56.95
C ARG Y 27 -10.64 6.61 58.40
N ALA Y 28 -10.59 5.47 59.07
CA ALA Y 28 -10.94 5.42 60.48
C ALA Y 28 -10.15 6.45 61.27
N ILE Y 29 -8.83 6.28 61.30
CA ILE Y 29 -8.02 7.21 62.07
C ILE Y 29 -8.09 8.60 61.45
N LYS Y 30 -8.20 8.69 60.12
CA LYS Y 30 -8.36 10.00 59.51
C LYS Y 30 -9.67 10.62 59.96
N TYR Y 31 -10.73 9.83 60.05
CA TYR Y 31 -11.97 10.32 60.64
C TYR Y 31 -11.72 10.81 62.05
N VAL Y 32 -10.84 10.14 62.79
CA VAL Y 32 -10.58 10.54 64.17
C VAL Y 32 -10.13 11.99 64.21
N ARG Y 33 -9.22 12.39 63.32
CA ARG Y 33 -8.83 13.78 63.29
C ARG Y 33 -9.99 14.72 62.99
N TYR Y 34 -11.07 14.21 62.42
CA TYR Y 34 -12.13 15.11 62.00
C TYR Y 34 -12.83 15.72 63.21
N MET Y 35 -13.50 14.87 64.00
CA MET Y 35 -14.26 15.41 65.14
C MET Y 35 -13.35 16.07 66.15
N VAL Y 36 -12.13 15.57 66.32
CA VAL Y 36 -11.27 16.09 67.39
C VAL Y 36 -11.00 17.57 67.17
N LYS Y 37 -10.70 17.97 65.94
CA LYS Y 37 -10.62 19.40 65.66
C LYS Y 37 -11.97 20.05 65.85
N ARG Y 38 -13.02 19.44 65.31
CA ARG Y 38 -14.33 20.07 65.31
C ARG Y 38 -14.82 20.30 66.73
N HIS Y 39 -14.63 19.34 67.62
CA HIS Y 39 -15.17 19.46 68.96
C HIS Y 39 -14.15 19.99 69.95
N PHE Y 40 -12.90 20.23 69.53
CA PHE Y 40 -11.91 20.74 70.47
C PHE Y 40 -10.99 21.79 69.85
N GLY Y 41 -11.25 22.23 68.63
CA GLY Y 41 -10.39 23.24 68.02
C GLY Y 41 -8.97 22.76 67.84
N ALA Y 42 -8.78 21.47 67.57
CA ALA Y 42 -7.45 20.91 67.52
C ALA Y 42 -6.67 21.49 66.36
N GLU Y 43 -5.47 21.99 66.66
CA GLU Y 43 -4.55 22.41 65.61
C GLU Y 43 -3.74 21.25 65.07
N LYS Y 44 -3.31 20.33 65.93
CA LYS Y 44 -2.59 19.13 65.52
C LYS Y 44 -3.01 18.00 66.44
N VAL Y 45 -3.19 16.81 65.88
CA VAL Y 45 -3.81 15.70 66.58
C VAL Y 45 -2.74 14.66 66.88
N ILE Y 46 -2.52 14.41 68.16
CA ILE Y 46 -1.52 13.45 68.61
C ILE Y 46 -2.25 12.28 69.24
N ILE Y 47 -2.15 11.11 68.61
CA ILE Y 47 -2.90 9.93 69.01
C ILE Y 47 -1.94 8.88 69.53
N ASP Y 48 -2.16 8.40 70.74
CA ASP Y 48 -1.40 7.27 71.25
C ASP Y 48 -1.74 6.03 70.43
N PRO Y 49 -0.76 5.18 70.13
CA PRO Y 49 -1.05 4.01 69.31
C PRO Y 49 -2.15 3.13 69.86
N LEU Y 50 -2.17 2.91 71.17
CA LEU Y 50 -3.12 1.95 71.73
C LEU Y 50 -4.55 2.36 71.43
N LEU Y 51 -4.93 3.59 71.83
CA LEU Y 51 -6.29 4.05 71.54
C LEU Y 51 -6.54 4.05 70.05
N ALA Y 52 -5.51 4.23 69.24
CA ALA Y 52 -5.62 4.00 67.82
C ALA Y 52 -5.60 2.52 67.46
N LYS Y 53 -4.83 1.73 68.21
CA LYS Y 53 -4.65 0.32 67.84
C LYS Y 53 -5.97 -0.42 67.86
N ALA Y 54 -6.77 -0.21 68.90
CA ALA Y 54 -7.95 -1.03 69.12
C ALA Y 54 -8.93 -0.94 67.96
N ILE Y 55 -8.91 0.15 67.21
CA ILE Y 55 -9.80 0.24 66.06
C ILE Y 55 -9.52 -0.88 65.09
N THR Y 56 -8.25 -1.21 64.89
CA THR Y 56 -7.88 -2.40 64.12
C THR Y 56 -7.22 -3.42 65.05
N MET Y 57 -8.04 -4.21 65.70
CA MET Y 57 -7.66 -5.56 66.06
C MET Y 57 -7.90 -6.51 64.91
N ASN Y 58 -7.92 -5.96 63.71
CA ASN Y 58 -8.53 -6.61 62.58
C ASN Y 58 -7.72 -6.54 61.30
N GLY Y 59 -6.75 -5.63 61.20
CA GLY Y 59 -5.99 -5.53 59.98
C GLY Y 59 -6.59 -4.54 59.00
N ARG Y 60 -7.44 -5.04 58.10
CA ARG Y 60 -7.98 -4.23 57.03
C ARG Y 60 -9.38 -3.72 57.30
N ASP Y 61 -10.36 -4.61 57.44
CA ASP Y 61 -11.74 -4.30 57.10
C ASP Y 61 -12.75 -4.47 58.21
N LYS Y 62 -12.35 -4.90 59.41
CA LYS Y 62 -13.29 -5.01 60.52
C LYS Y 62 -12.98 -3.93 61.54
N ILE Y 63 -13.99 -3.21 61.98
CA ILE Y 63 -13.81 -2.09 62.89
C ILE Y 63 -14.97 -2.04 63.86
N VAL Y 64 -14.66 -1.79 65.14
CA VAL Y 64 -15.71 -1.63 66.13
C VAL Y 64 -16.59 -0.46 65.77
N ARG Y 65 -17.88 -0.61 66.02
CA ARG Y 65 -18.81 0.43 65.62
C ARG Y 65 -18.66 1.70 66.45
N ARG Y 66 -18.01 1.63 67.61
CA ARG Y 66 -17.83 2.82 68.43
C ARG Y 66 -16.68 2.61 69.39
N VAL Y 67 -16.23 3.70 70.02
CA VAL Y 67 -15.15 3.63 70.98
C VAL Y 67 -15.19 4.90 71.82
N ARG Y 68 -14.59 4.82 73.01
CA ARG Y 68 -14.51 5.94 73.93
C ARG Y 68 -13.13 6.56 73.83
N ILE Y 69 -13.07 7.88 74.03
CA ILE Y 69 -11.82 8.61 73.90
C ILE Y 69 -11.67 9.61 75.04
N ALA Y 70 -10.42 9.81 75.45
CA ALA Y 70 -10.06 10.81 76.45
C ALA Y 70 -8.98 11.70 75.86
N VAL Y 71 -9.07 12.99 76.17
CA VAL Y 71 -8.20 13.99 75.56
C VAL Y 71 -7.63 14.91 76.63
N LYS Y 72 -6.31 14.99 76.71
CA LYS Y 72 -5.63 16.05 77.47
C LYS Y 72 -5.11 17.10 76.49
N ARG Y 73 -6.04 17.82 75.88
CA ARG Y 73 -5.66 18.75 74.82
C ARG Y 73 -4.93 19.96 75.39
N ILE Y 74 -3.60 19.90 75.39
CA ILE Y 74 -2.75 21.01 75.79
C ILE Y 74 -2.72 22.04 74.66
N GLY Y 75 -2.18 23.22 74.95
CA GLY Y 75 -2.20 24.35 74.02
C GLY Y 75 -1.59 24.13 72.65
N LYS Z 1 2.19 67.86 -16.29
CA LYS Z 1 2.25 67.79 -14.84
C LYS Z 1 0.90 67.46 -14.18
N PRO Z 2 -0.17 68.19 -14.51
CA PRO Z 2 -1.48 67.85 -13.91
C PRO Z 2 -1.98 66.46 -14.29
N ALA Z 3 -1.50 65.89 -15.39
CA ALA Z 3 -1.85 64.54 -15.80
C ALA Z 3 -0.92 63.49 -15.18
N LYS Z 4 -0.31 63.80 -14.05
CA LYS Z 4 0.56 62.84 -13.39
C LYS Z 4 -0.23 61.84 -12.56
N LYS Z 5 -1.12 62.31 -11.68
CA LYS Z 5 -1.80 61.44 -10.74
C LYS Z 5 -3.08 60.83 -11.29
N ASN Z 6 -3.57 61.34 -12.42
CA ASN Z 6 -4.93 61.02 -12.86
C ASN Z 6 -5.07 59.65 -13.49
N MET Z 7 -4.05 58.81 -13.46
CA MET Z 7 -4.23 57.39 -13.77
C MET Z 7 -3.87 56.45 -12.63
N LYS Z 8 -2.88 56.79 -11.80
CA LYS Z 8 -2.50 55.90 -10.72
C LYS Z 8 -3.60 55.80 -9.66
N SER Z 9 -4.17 56.93 -9.26
CA SER Z 9 -5.24 56.90 -8.26
C SER Z 9 -6.46 56.13 -8.74
N PRO Z 10 -6.99 56.34 -9.96
CA PRO Z 10 -8.13 55.52 -10.40
C PRO Z 10 -7.70 54.11 -10.79
N GLY Z 11 -6.57 53.99 -11.48
CA GLY Z 11 -6.06 52.69 -11.85
C GLY Z 11 -5.34 52.03 -10.69
N LYS Z 12 -6.09 51.73 -9.63
CA LYS Z 12 -5.49 51.25 -8.39
C LYS Z 12 -4.76 49.92 -8.62
N ALA Z 13 -3.45 49.95 -8.38
CA ALA Z 13 -2.64 48.76 -8.63
C ALA Z 13 -3.02 47.65 -7.67
N ILE Z 14 -2.60 46.44 -8.01
CA ILE Z 14 -2.95 45.25 -7.25
C ILE Z 14 -1.67 44.64 -6.73
N LYS Z 15 -1.72 44.16 -5.48
CA LYS Z 15 -0.52 43.66 -4.82
C LYS Z 15 0.10 42.50 -5.59
N PHE Z 16 -0.71 41.71 -6.29
CA PHE Z 16 -0.23 40.58 -7.09
C PHE Z 16 0.61 39.63 -6.25
N LEU Z 17 -0.04 39.00 -5.29
CA LEU Z 17 0.64 38.01 -4.48
C LEU Z 17 0.36 36.61 -5.02
N ARG Z 18 1.07 35.64 -4.48
CA ARG Z 18 0.98 34.29 -5.01
C ARG Z 18 -0.41 33.71 -4.80
N PHE Z 19 -0.82 32.90 -5.76
CA PHE Z 19 -2.07 32.17 -5.70
C PHE Z 19 -2.13 31.29 -4.46
N ASP Z 20 -3.16 31.49 -3.66
CA ASP Z 20 -3.36 30.81 -2.36
C ASP Z 20 -2.32 31.22 -1.33
N TRP Z 21 -1.93 32.49 -1.34
CA TRP Z 21 -1.05 32.99 -0.30
C TRP Z 21 -1.77 33.06 1.03
N ASP Z 22 -3.08 33.27 1.02
CA ASP Z 22 -3.80 33.51 2.27
C ASP Z 22 -3.80 32.29 3.18
N LYS Z 23 -3.98 31.09 2.63
CA LYS Z 23 -4.19 29.92 3.49
C LYS Z 23 -2.95 29.57 4.29
N TYR Z 24 -1.79 29.43 3.65
CA TYR Z 24 -0.64 28.81 4.28
C TYR Z 24 0.41 29.88 4.50
N TYR Z 25 0.95 29.96 5.72
CA TYR Z 25 1.96 30.96 5.99
C TYR Z 25 3.19 30.75 5.14
N ARG Z 26 3.48 29.51 4.74
CA ARG Z 26 4.66 29.22 3.95
C ARG Z 26 4.67 29.94 2.62
N ILE Z 27 3.66 30.75 2.33
CA ILE Z 27 3.65 31.58 1.15
C ILE Z 27 3.66 33.07 1.51
N GLY Z 28 2.91 33.45 2.55
CA GLY Z 28 2.75 34.87 2.81
C GLY Z 28 4.07 35.58 3.02
N ARG Z 29 4.93 34.99 3.85
CA ARG Z 29 6.23 35.61 4.08
C ARG Z 29 7.09 35.59 2.83
N GLN Z 30 6.82 34.69 1.89
CA GLN Z 30 7.50 34.76 0.60
C GLN Z 30 7.21 36.08 -0.08
N GLU Z 31 5.95 36.52 -0.01
CA GLU Z 31 5.55 37.87 -0.39
C GLU Z 31 6.03 38.22 -1.80
N ARG Z 32 5.63 37.41 -2.76
CA ARG Z 32 5.99 37.68 -4.14
C ARG Z 32 4.90 37.09 -5.03
N TRP Z 33 5.21 36.92 -6.30
CA TRP Z 33 4.25 36.42 -7.27
C TRP Z 33 4.86 35.30 -8.10
N ARG Z 34 4.00 34.37 -8.52
CA ARG Z 34 4.41 33.28 -9.39
C ARG Z 34 3.29 32.99 -10.38
N LYS Z 35 3.65 32.32 -11.45
CA LYS Z 35 2.68 31.94 -12.46
C LYS Z 35 2.23 30.52 -12.19
N PRO Z 36 1.03 30.31 -11.73
CA PRO Z 36 0.54 28.96 -11.50
C PRO Z 36 0.43 28.14 -12.77
N ARG Z 37 1.25 27.11 -12.90
CA ARG Z 37 1.30 26.25 -14.08
C ARG Z 37 0.50 24.98 -13.91
N GLY Z 38 -0.67 25.05 -13.26
CA GLY Z 38 -1.42 23.87 -12.92
C GLY Z 38 -2.52 23.55 -13.91
N ILE Z 39 -3.44 22.69 -13.47
CA ILE Z 39 -4.56 22.26 -14.29
C ILE Z 39 -5.86 22.58 -13.58
N ASP Z 40 -6.08 21.95 -12.42
CA ASP Z 40 -7.26 22.24 -11.61
C ASP Z 40 -7.17 23.60 -10.93
N ASN Z 41 -6.02 24.26 -11.01
CA ASN Z 41 -5.86 25.57 -10.39
C ASN Z 41 -6.89 26.55 -10.92
N ALA Z 42 -7.08 27.65 -10.20
CA ALA Z 42 -8.19 28.55 -10.47
C ALA Z 42 -7.80 29.72 -11.36
N ILE Z 43 -6.84 30.53 -10.92
CA ILE Z 43 -6.62 31.79 -11.59
C ILE Z 43 -6.14 31.54 -13.00
N ARG Z 44 -5.41 30.45 -13.21
CA ARG Z 44 -5.04 30.06 -14.56
C ARG Z 44 -6.27 29.80 -15.41
N LEU Z 45 -7.35 29.37 -14.77
CA LEU Z 45 -8.62 29.24 -15.46
C LEU Z 45 -9.39 30.55 -15.47
N GLU Z 46 -8.91 31.57 -14.76
CA GLU Z 46 -9.57 32.87 -14.73
C GLU Z 46 -11.03 32.74 -14.26
N LEU Z 47 -11.16 32.36 -13.00
CA LEU Z 47 -12.45 32.39 -12.32
C LEU Z 47 -12.60 33.71 -11.58
N LYS Z 48 -13.83 34.19 -11.50
CA LYS Z 48 -14.05 35.57 -11.11
C LYS Z 48 -13.50 35.87 -9.73
N GLY Z 49 -12.97 37.08 -9.59
CA GLY Z 49 -12.63 37.65 -8.29
C GLY Z 49 -11.53 36.97 -7.52
N TYR Z 50 -10.45 36.59 -8.18
CA TYR Z 50 -9.35 35.88 -7.53
C TYR Z 50 -8.03 36.59 -7.79
N GLN Z 51 -7.99 37.90 -7.53
CA GLN Z 51 -6.82 38.77 -7.75
C GLN Z 51 -6.23 38.44 -9.12
N PRO Z 52 -6.91 38.80 -10.19
CA PRO Z 52 -6.75 38.09 -11.47
C PRO Z 52 -5.30 38.04 -11.94
N LYS Z 53 -4.97 36.90 -12.55
CA LYS Z 53 -3.63 36.58 -13.03
C LYS Z 53 -2.98 37.77 -13.70
N VAL Z 54 -1.70 37.99 -13.38
CA VAL Z 54 -1.00 39.12 -13.95
C VAL Z 54 -0.97 38.97 -15.46
N LYS Z 55 -1.01 40.11 -16.15
CA LYS Z 55 -0.91 40.12 -17.60
C LYS Z 55 -0.30 41.46 -17.99
N ILE Z 56 0.20 41.53 -19.22
CA ILE Z 56 0.97 42.70 -19.61
C ILE Z 56 0.11 43.94 -19.65
N GLY Z 57 -1.21 43.79 -19.79
CA GLY Z 57 -2.08 44.91 -20.09
C GLY Z 57 -2.18 45.96 -19.00
N TYR Z 58 -1.65 45.69 -17.82
CA TYR Z 58 -1.79 46.63 -16.71
C TYR Z 58 -0.58 47.53 -16.57
N ARG Z 59 0.02 47.94 -17.68
CA ARG Z 59 1.20 48.76 -17.60
C ARG Z 59 0.86 50.17 -17.13
N THR Z 60 1.90 50.89 -16.75
CA THR Z 60 1.80 52.32 -16.52
C THR Z 60 2.18 53.06 -17.79
N ASP Z 61 1.70 54.29 -17.90
CA ASP Z 61 1.88 55.05 -19.12
C ASP Z 61 3.35 55.36 -19.37
N LYS Z 62 3.77 55.23 -20.63
CA LYS Z 62 5.16 55.42 -21.00
C LYS Z 62 5.63 56.84 -20.79
N GLN Z 63 4.72 57.81 -20.73
CA GLN Z 63 5.16 59.17 -20.46
C GLN Z 63 5.72 59.28 -19.05
N ILE Z 64 5.24 58.47 -18.12
CA ILE Z 64 5.71 58.51 -16.74
C ILE Z 64 6.21 57.17 -16.27
N ARG Z 65 6.33 56.20 -17.17
CA ARG Z 65 6.73 54.85 -16.80
C ARG Z 65 8.02 54.87 -16.00
N GLY Z 66 7.93 54.54 -14.71
CA GLY Z 66 9.11 54.55 -13.89
C GLY Z 66 9.59 55.92 -13.48
N LEU Z 67 8.77 56.94 -13.65
CA LEU Z 67 9.13 58.24 -13.11
C LEU Z 67 9.18 58.19 -11.58
N HIS Z 68 10.01 59.04 -11.01
CA HIS Z 68 9.99 59.20 -9.57
C HIS Z 68 8.62 59.71 -9.13
N PRO Z 69 8.14 59.30 -7.96
CA PRO Z 69 6.82 59.75 -7.51
C PRO Z 69 6.70 61.26 -7.41
N SER Z 70 7.81 61.98 -7.35
CA SER Z 70 7.78 63.44 -7.40
C SER Z 70 7.79 63.97 -8.83
N GLY Z 71 7.80 63.10 -9.82
CA GLY Z 71 7.75 63.49 -11.20
C GLY Z 71 9.09 63.59 -11.90
N LEU Z 72 10.19 63.67 -11.13
CA LEU Z 72 11.50 63.83 -11.73
C LEU Z 72 12.02 62.48 -12.17
N ARG Z 73 13.26 62.43 -12.61
CA ARG Z 73 13.76 61.11 -12.99
C ARG Z 73 14.62 60.56 -11.87
N PRO Z 74 14.36 59.32 -11.42
CA PRO Z 74 15.17 58.71 -10.35
C PRO Z 74 16.44 58.11 -10.90
N ILE Z 75 17.57 58.65 -10.48
CA ILE Z 75 18.88 58.08 -10.78
C ILE Z 75 19.72 58.16 -9.51
N LEU Z 76 20.46 57.10 -9.22
CA LEU Z 76 21.17 57.02 -7.96
C LEU Z 76 22.59 57.54 -8.13
N VAL Z 77 23.29 57.63 -7.00
CA VAL Z 77 24.69 58.01 -6.96
C VAL Z 77 25.38 57.08 -5.98
N LYS Z 78 26.69 56.93 -6.14
CA LYS Z 78 27.48 56.15 -5.20
C LYS Z 78 28.70 56.86 -4.67
N SER Z 79 29.18 57.91 -5.33
CA SER Z 79 30.37 58.61 -4.87
C SER Z 79 30.36 60.02 -5.45
N VAL Z 80 31.36 60.80 -5.07
CA VAL Z 80 31.43 62.20 -5.47
C VAL Z 80 31.51 62.32 -6.99
N LYS Z 81 32.24 61.42 -7.62
CA LYS Z 81 32.54 61.58 -9.05
C LYS Z 81 31.29 61.53 -9.91
N ASP Z 82 30.31 60.73 -9.52
CA ASP Z 82 29.13 60.54 -10.36
C ASP Z 82 28.33 61.83 -10.55
N LEU Z 83 28.52 62.82 -9.68
CA LEU Z 83 27.69 64.01 -9.75
C LEU Z 83 27.92 64.79 -11.03
N GLU Z 84 29.18 64.91 -11.46
CA GLU Z 84 29.50 65.76 -12.59
C GLU Z 84 28.75 65.35 -13.85
N ALA Z 85 28.44 64.06 -13.98
CA ALA Z 85 27.74 63.56 -15.14
C ALA Z 85 26.23 63.69 -15.01
N PHE Z 86 25.75 64.60 -14.18
CA PHE Z 86 24.33 64.87 -14.12
C PHE Z 86 23.83 65.27 -15.50
N ALA Z 87 22.73 64.65 -15.94
CA ALA Z 87 22.24 64.84 -17.30
C ALA Z 87 21.49 66.16 -17.42
N LYS Z 88 21.82 66.93 -18.45
CA LYS Z 88 21.13 68.17 -18.78
C LYS Z 88 21.25 69.21 -17.66
N GLY Z 89 20.61 68.93 -16.53
CA GLY Z 89 20.65 69.84 -15.41
C GLY Z 89 19.60 69.45 -14.39
N LYS Z 90 19.53 70.26 -13.34
CA LYS Z 90 18.75 70.02 -12.13
C LYS Z 90 17.25 70.02 -12.36
N GLN Z 91 16.80 70.10 -13.61
CA GLN Z 91 15.43 70.45 -13.90
C GLN Z 91 14.52 69.24 -14.10
N ASP Z 92 15.07 68.03 -14.23
CA ASP Z 92 14.25 66.89 -14.61
C ASP Z 92 14.59 65.60 -13.87
N VAL Z 93 15.54 65.63 -12.94
CA VAL Z 93 15.97 64.40 -12.28
C VAL Z 93 16.09 64.66 -10.78
N ILE Z 94 15.99 63.59 -10.00
CA ILE Z 94 16.25 63.66 -8.57
C ILE Z 94 17.23 62.56 -8.21
N ILE Z 95 17.93 62.77 -7.10
CA ILE Z 95 19.09 61.96 -6.73
C ILE Z 95 18.78 61.25 -5.43
N ILE Z 96 19.17 59.98 -5.34
CA ILE Z 96 19.09 59.20 -4.11
C ILE Z 96 20.53 58.97 -3.65
N ILE Z 97 20.96 59.75 -2.65
CA ILE Z 97 22.27 59.51 -2.05
C ILE Z 97 22.29 58.11 -1.48
N SER Z 98 23.44 57.45 -1.62
CA SER Z 98 23.54 56.01 -1.39
C SER Z 98 22.90 55.58 -0.08
N SER Z 99 22.24 54.43 -0.11
CA SER Z 99 21.72 53.84 1.11
C SER Z 99 22.82 53.40 2.06
N THR Z 100 24.06 53.33 1.59
CA THR Z 100 25.16 52.83 2.39
C THR Z 100 26.31 53.80 2.56
N ILE Z 101 26.27 54.96 1.90
CA ILE Z 101 27.34 55.93 2.05
C ILE Z 101 27.52 56.37 3.50
N GLY Z 102 28.77 56.60 3.88
CA GLY Z 102 29.06 57.06 5.22
C GLY Z 102 28.86 58.55 5.38
N LEU Z 103 28.54 58.93 6.63
CA LEU Z 103 28.25 60.33 6.92
C LEU Z 103 29.48 61.20 6.74
N ARG Z 104 30.64 60.74 7.22
CA ARG Z 104 31.85 61.53 7.06
C ARG Z 104 32.17 61.77 5.60
N LYS Z 105 31.60 60.96 4.71
CA LYS Z 105 31.60 61.30 3.30
C LYS Z 105 30.31 61.98 2.87
N ARG Z 106 29.22 61.76 3.59
CA ARG Z 106 27.96 62.37 3.21
C ARG Z 106 28.01 63.89 3.34
N ILE Z 107 28.61 64.39 4.41
CA ILE Z 107 28.51 65.81 4.75
C ILE Z 107 29.04 66.66 3.60
N GLU Z 108 30.19 66.28 3.04
CA GLU Z 108 30.66 66.97 1.85
C GLU Z 108 29.83 66.58 0.64
N LEU Z 109 29.43 65.31 0.55
CA LEU Z 109 28.70 64.86 -0.62
C LEU Z 109 27.37 65.60 -0.75
N ILE Z 110 26.67 65.78 0.37
CA ILE Z 110 25.37 66.45 0.31
C ILE Z 110 25.54 67.89 -0.14
N LYS Z 111 26.57 68.58 0.32
CA LYS Z 111 26.75 69.98 -0.03
C LYS Z 111 26.92 70.16 -1.52
N LYS Z 112 27.46 69.16 -2.20
CA LYS Z 112 27.72 69.29 -3.63
C LYS Z 112 26.44 69.41 -4.45
N ALA Z 113 25.30 69.00 -3.90
CA ALA Z 113 24.08 68.99 -4.69
C ALA Z 113 23.41 70.36 -4.73
N GLU Z 114 23.07 70.89 -3.56
CA GLU Z 114 22.29 72.13 -3.53
C GLU Z 114 23.07 73.29 -4.13
N GLU Z 115 24.40 73.27 -4.01
CA GLU Z 115 25.18 74.29 -4.70
C GLU Z 115 25.01 74.19 -6.20
N LEU Z 116 24.73 72.99 -6.70
CA LEU Z 116 24.37 72.79 -8.10
C LEU Z 116 22.88 72.81 -8.31
N GLY Z 117 22.11 73.10 -7.26
CA GLY Z 117 20.67 73.21 -7.39
C GLY Z 117 19.93 71.90 -7.52
N LEU Z 118 20.59 70.78 -7.26
CA LEU Z 118 19.95 69.49 -7.43
C LEU Z 118 18.90 69.28 -6.34
N LYS Z 119 18.09 68.25 -6.53
CA LYS Z 119 17.08 67.86 -5.55
C LYS Z 119 17.48 66.55 -4.91
N ILE Z 120 17.45 66.51 -3.58
CA ILE Z 120 17.91 65.37 -2.79
C ILE Z 120 16.79 64.90 -1.89
N ALA Z 121 16.45 63.62 -1.98
CA ALA Z 121 15.37 63.04 -1.19
C ALA Z 121 15.85 62.53 0.16
N ASN Z 122 16.85 61.64 0.17
CA ASN Z 122 17.26 61.02 1.42
C ASN Z 122 18.15 61.95 2.23
N ARG Z 123 17.70 63.18 2.44
CA ARG Z 123 18.49 64.17 3.14
C ARG Z 123 18.67 63.78 4.59
N SER AA 1 30.98 -27.65 42.11
CA SER AA 1 30.17 -26.60 42.73
C SER AA 1 28.69 -26.70 42.39
N PRO AA 2 28.32 -26.91 41.13
CA PRO AA 2 26.96 -27.33 40.84
C PRO AA 2 26.76 -28.74 41.36
N GLN AA 3 25.53 -29.04 41.76
CA GLN AA 3 25.24 -30.31 42.40
C GLN AA 3 25.78 -31.47 41.57
N GLN AA 4 26.70 -32.21 42.15
CA GLN AA 4 27.55 -33.11 41.40
C GLN AA 4 27.51 -34.49 42.04
N ARG AA 5 28.43 -35.37 41.66
CA ARG AA 5 28.53 -36.68 42.29
C ARG AA 5 29.74 -36.82 43.20
N SER AA 6 30.72 -35.93 43.10
CA SER AA 6 31.99 -36.07 43.81
C SER AA 6 31.82 -35.72 45.28
N GLY AA 7 31.26 -36.65 46.03
CA GLY AA 7 31.17 -36.47 47.46
C GLY AA 7 29.86 -36.94 48.03
N SER AA 8 29.95 -37.85 49.00
CA SER AA 8 28.75 -38.39 49.63
C SER AA 8 28.12 -37.33 50.53
N PHE AA 9 26.81 -37.16 50.39
CA PHE AA 9 26.12 -36.10 51.12
C PHE AA 9 26.03 -36.46 52.59
N ARG AA 10 27.04 -36.05 53.35
CA ARG AA 10 27.08 -36.27 54.78
C ARG AA 10 26.76 -34.99 55.53
N LYS AA 11 26.45 -35.17 56.82
CA LYS AA 11 26.22 -34.08 57.75
C LYS AA 11 26.90 -34.45 59.05
N VAL AA 12 26.70 -33.64 60.09
CA VAL AA 12 27.35 -33.86 61.37
C VAL AA 12 26.38 -33.47 62.48
N PHE AA 13 25.79 -34.47 63.18
CA PHE AA 13 25.16 -34.09 64.44
C PHE AA 13 25.10 -35.18 65.51
N VAL AA 14 25.64 -36.38 65.30
CA VAL AA 14 25.56 -37.47 66.29
C VAL AA 14 26.61 -37.33 67.39
N LYS AA 15 27.90 -37.41 67.00
CA LYS AA 15 29.01 -37.62 67.92
C LYS AA 15 29.43 -36.27 68.49
N LEU AA 16 28.45 -35.37 68.58
CA LEU AA 16 28.68 -33.94 68.54
C LEU AA 16 28.18 -33.21 69.77
N PRO AA 17 29.08 -32.82 70.70
CA PRO AA 17 28.76 -31.73 71.65
C PRO AA 17 29.18 -30.26 71.50
N SER AA 18 28.81 -29.52 70.45
CA SER AA 18 28.86 -28.06 70.52
C SER AA 18 27.51 -27.39 70.26
N GLY AA 19 26.87 -27.61 69.11
CA GLY AA 19 25.72 -26.80 68.72
C GLY AA 19 25.58 -26.45 67.24
N LYS AA 20 26.49 -26.92 66.38
CA LYS AA 20 26.54 -26.45 65.00
C LYS AA 20 26.42 -27.61 64.02
N SER AA 21 25.63 -27.39 62.96
CA SER AA 21 25.30 -28.41 61.96
C SER AA 21 25.55 -27.88 60.55
N THR AA 22 26.22 -28.69 59.73
CA THR AA 22 26.68 -28.28 58.41
C THR AA 22 26.74 -29.51 57.51
N ILE AA 23 27.51 -29.40 56.42
CA ILE AA 23 27.60 -30.43 55.39
C ILE AA 23 29.07 -30.64 55.02
N HIS AA 24 29.38 -31.82 54.49
CA HIS AA 24 30.70 -32.14 53.97
C HIS AA 24 30.59 -33.02 52.73
N TYR AA 25 31.60 -32.94 51.88
CA TYR AA 25 31.72 -33.75 50.67
C TYR AA 25 32.93 -34.66 50.79
N GLU AA 26 32.81 -35.91 50.35
CA GLU AA 26 33.95 -36.81 50.34
C GLU AA 26 33.82 -37.81 49.21
N ARG AA 27 34.93 -38.04 48.51
CA ARG AA 27 34.94 -38.80 47.27
C ARG AA 27 34.45 -40.23 47.48
N ARG AA 28 34.17 -40.89 46.37
CA ARG AA 28 33.50 -42.19 46.39
C ARG AA 28 34.45 -43.30 46.80
N LYS AA 29 33.89 -44.49 46.98
CA LYS AA 29 34.65 -45.64 47.43
C LYS AA 29 35.50 -46.19 46.30
N ASP AA 30 36.55 -46.90 46.68
CA ASP AA 30 37.32 -47.69 45.74
C ASP AA 30 36.81 -49.13 45.76
N ASN AA 31 37.55 -50.02 45.13
CA ASN AA 31 37.43 -51.45 45.36
C ASN AA 31 38.81 -52.03 45.13
N ILE AA 32 38.91 -53.36 45.24
CA ILE AA 32 40.16 -54.04 44.94
C ILE AA 32 40.53 -53.79 43.48
N ALA AA 33 41.77 -53.34 43.21
CA ALA AA 33 42.26 -52.59 42.04
C ALA AA 33 41.96 -53.27 40.70
N ARG AA 34 42.25 -52.71 39.51
CA ARG AA 34 41.61 -53.20 38.28
C ARG AA 34 42.48 -54.01 37.34
N CYS AA 35 41.93 -55.17 36.89
CA CYS AA 35 41.96 -55.68 35.51
C CYS AA 35 41.10 -56.94 35.44
N GLY AA 36 41.08 -57.67 34.32
CA GLY AA 36 40.29 -58.90 34.34
C GLY AA 36 40.79 -60.06 33.50
N MET AA 37 41.12 -61.22 34.16
CA MET AA 37 41.31 -62.48 33.44
C MET AA 37 40.59 -63.68 34.07
N CYS AA 38 40.61 -63.80 35.41
CA CYS AA 38 39.88 -64.86 36.11
C CYS AA 38 38.57 -64.36 36.70
N LYS AA 39 38.31 -63.06 36.61
CA LYS AA 39 37.07 -62.42 37.07
C LYS AA 39 36.65 -62.90 38.45
N LYS AA 40 37.64 -63.33 39.23
CA LYS AA 40 37.38 -63.86 40.54
C LYS AA 40 37.35 -62.74 41.56
N PRO AA 41 36.28 -62.61 42.35
CA PRO AA 41 36.29 -61.62 43.43
C PRO AA 41 37.37 -61.92 44.45
N LEU AA 42 38.39 -61.06 44.50
CA LEU AA 42 39.58 -61.32 45.28
C LEU AA 42 39.27 -61.13 46.76
N ASN AA 43 40.31 -61.12 47.59
CA ASN AA 43 40.17 -60.85 49.01
C ASN AA 43 41.56 -60.59 49.59
N GLY AA 44 41.58 -60.21 50.86
CA GLY AA 44 42.81 -60.14 51.60
C GLY AA 44 43.83 -59.14 51.12
N VAL AA 45 43.39 -58.01 50.56
CA VAL AA 45 44.27 -56.90 50.21
C VAL AA 45 43.58 -55.61 50.59
N LYS AA 46 44.34 -54.65 51.07
CA LYS AA 46 43.78 -53.42 51.62
C LYS AA 46 43.67 -52.37 50.53
N ASN AA 47 42.53 -51.67 50.47
CA ASN AA 47 42.33 -50.64 49.46
C ASN AA 47 41.47 -49.52 50.06
N ASN AA 48 42.14 -48.50 50.58
CA ASN AA 48 41.50 -47.33 51.17
C ASN AA 48 41.78 -46.12 50.29
N TYR AA 49 40.94 -45.11 50.44
CA TYR AA 49 41.14 -43.87 49.72
C TYR AA 49 42.41 -43.13 50.13
N THR AA 50 43.05 -43.53 51.24
CA THR AA 50 44.43 -43.18 51.51
C THR AA 50 45.22 -44.47 51.69
N TYR AA 51 46.53 -44.36 51.52
CA TYR AA 51 47.41 -45.52 51.64
C TYR AA 51 48.44 -45.26 52.71
N LYS AA 52 48.38 -46.06 53.77
CA LYS AA 52 49.13 -45.84 54.99
C LYS AA 52 50.58 -46.26 54.88
N TYR AA 53 51.06 -46.53 53.67
CA TYR AA 53 52.39 -47.07 53.41
C TYR AA 53 52.60 -48.41 54.09
N SER AA 54 51.53 -49.10 54.44
CA SER AA 54 51.63 -50.44 55.00
C SER AA 54 52.00 -51.42 53.90
N LYS AA 55 53.20 -51.98 53.98
CA LYS AA 55 53.74 -52.72 52.85
C LYS AA 55 53.02 -54.05 52.65
N THR AA 56 53.20 -54.98 53.58
CA THR AA 56 52.61 -56.28 53.41
C THR AA 56 51.16 -56.30 53.82
N GLU AA 57 50.76 -55.40 54.72
CA GLU AA 57 49.39 -55.42 55.25
C GLU AA 57 48.37 -55.38 54.13
N LYS AA 58 48.73 -54.76 53.01
CA LYS AA 58 47.86 -54.69 51.85
C LYS AA 58 48.05 -55.88 50.90
N ARG AA 59 48.88 -56.86 51.28
CA ARG AA 59 49.11 -58.02 50.43
C ARG AA 59 49.37 -59.30 51.21
N PRO AA 60 48.69 -60.39 50.88
CA PRO AA 60 48.89 -61.63 51.60
C PRO AA 60 50.31 -62.14 51.45
N GLU AA 61 50.72 -62.98 52.39
CA GLU AA 61 52.05 -63.58 52.38
C GLU AA 61 52.14 -64.79 51.46
N ARG AA 62 51.05 -65.21 50.85
CA ARG AA 62 51.08 -66.30 49.88
C ARG AA 62 51.98 -65.94 48.70
N VAL AA 63 52.25 -66.93 47.85
CA VAL AA 63 53.21 -66.75 46.77
C VAL AA 63 52.72 -65.69 45.78
N TYR AA 64 51.44 -65.74 45.41
CA TYR AA 64 50.82 -64.77 44.55
C TYR AA 64 49.73 -64.03 45.31
N GLY AA 65 50.02 -63.76 46.59
CA GLY AA 65 48.96 -63.43 47.54
C GLY AA 65 48.15 -62.23 47.11
N GLY AA 66 48.82 -61.16 46.71
CA GLY AA 66 48.08 -60.03 46.19
C GLY AA 66 47.52 -60.25 44.80
N TYR AA 67 47.92 -61.33 44.14
CA TYR AA 67 47.59 -61.47 42.73
C TYR AA 67 46.18 -62.02 42.54
N LEU AA 68 45.94 -63.27 42.98
CA LEU AA 68 44.61 -63.88 42.89
C LEU AA 68 44.67 -65.23 43.59
N CYS AA 69 43.49 -65.81 43.83
CA CYS AA 69 43.39 -67.09 44.51
C CYS AA 69 43.90 -68.20 43.60
N HIS AA 70 43.85 -69.44 44.09
CA HIS AA 70 44.35 -70.56 43.30
C HIS AA 70 43.29 -71.14 42.37
N LYS AA 71 42.34 -70.32 41.91
CA LYS AA 71 41.31 -70.84 41.02
C LYS AA 71 41.77 -70.84 39.57
N CYS AA 72 42.54 -69.82 39.15
CA CYS AA 72 42.88 -69.66 37.74
C CYS AA 72 44.36 -69.32 37.54
N LEU AA 73 45.26 -69.84 38.37
CA LEU AA 73 46.62 -69.30 38.42
C LEU AA 73 47.75 -70.28 38.17
N GLU AA 74 47.49 -71.59 38.05
CA GLU AA 74 48.60 -72.54 37.95
C GLU AA 74 49.15 -72.64 36.53
N SER AA 75 49.01 -71.58 35.73
CA SER AA 75 49.52 -71.54 34.35
C SER AA 75 50.90 -70.89 34.23
N LEU AA 76 51.52 -70.47 35.32
CA LEU AA 76 52.74 -69.68 35.24
C LEU AA 76 53.94 -70.36 35.86
N ILE AA 77 53.86 -70.76 37.13
CA ILE AA 77 54.98 -71.46 37.75
C ILE AA 77 55.04 -72.86 37.20
N THR BA 1 -4.70 -67.24 30.11
CA THR BA 1 -3.63 -67.33 29.14
C THR BA 1 -2.29 -66.93 29.74
N GLY BA 2 -2.33 -66.52 31.01
CA GLY BA 2 -1.10 -66.30 31.75
C GLY BA 2 -0.22 -65.22 31.17
N ILE BA 3 1.02 -65.59 30.85
CA ILE BA 3 2.04 -64.62 30.46
C ILE BA 3 1.62 -63.83 29.23
N ALA BA 4 0.69 -64.37 28.45
CA ALA BA 4 0.27 -63.69 27.24
C ALA BA 4 -0.34 -62.33 27.53
N GLY BA 5 -0.89 -62.12 28.72
CA GLY BA 5 -1.56 -60.88 29.04
C GLY BA 5 -0.76 -59.86 29.81
N ARG BA 6 0.53 -60.09 30.06
CA ARG BA 6 1.24 -59.17 30.95
C ARG BA 6 1.41 -57.79 30.35
N PHE BA 7 0.87 -57.53 29.18
CA PHE BA 7 0.81 -56.19 28.61
C PHE BA 7 -0.62 -55.67 28.56
N GLY BA 8 -1.55 -56.37 29.19
CA GLY BA 8 -2.94 -55.99 29.11
C GLY BA 8 -3.62 -56.53 27.89
N ALA BA 9 -4.44 -55.72 27.25
CA ALA BA 9 -5.24 -56.17 26.13
C ALA BA 9 -4.79 -55.48 24.85
N ARG BA 10 -3.48 -55.40 24.64
CA ARG BA 10 -2.93 -54.60 23.58
C ARG BA 10 -2.30 -55.46 22.50
N TYR BA 11 -2.07 -54.82 21.35
CA TYR BA 11 -1.19 -55.30 20.30
C TYR BA 11 -1.77 -56.49 19.54
N GLY BA 12 -2.90 -57.01 20.01
CA GLY BA 12 -3.49 -58.15 19.36
C GLY BA 12 -3.12 -59.49 19.97
N SER BA 13 -4.14 -60.31 20.23
CA SER BA 13 -3.91 -61.63 20.82
C SER BA 13 -3.11 -62.52 19.89
N SER BA 14 -3.43 -62.48 18.59
CA SER BA 14 -2.70 -63.31 17.64
C SER BA 14 -1.21 -63.05 17.73
N THR BA 15 -0.83 -61.77 17.77
CA THR BA 15 0.56 -61.43 18.05
C THR BA 15 0.97 -61.95 19.41
N ARG BA 16 0.10 -61.76 20.41
CA ARG BA 16 0.43 -62.20 21.75
C ARG BA 16 0.64 -63.71 21.77
N LYS BA 17 -0.21 -64.46 21.08
CA LYS BA 17 -0.09 -65.91 21.08
C LYS BA 17 1.25 -66.34 20.51
N LYS BA 18 1.68 -65.71 19.42
CA LYS BA 18 3.00 -66.03 18.89
C LYS BA 18 4.08 -65.71 19.91
N TRP BA 19 4.03 -64.49 20.48
CA TRP BA 19 4.98 -64.15 21.53
C TRP BA 19 4.82 -65.06 22.72
N LYS BA 20 3.60 -65.56 22.95
CA LYS BA 20 3.37 -66.48 24.05
C LYS BA 20 4.23 -67.72 23.89
N GLU BA 21 3.96 -68.51 22.85
CA GLU BA 21 4.48 -69.87 22.77
C GLU BA 21 6.00 -69.90 22.88
N VAL BA 22 6.68 -69.00 22.17
CA VAL BA 22 8.13 -69.02 22.17
C VAL BA 22 8.68 -68.71 23.55
N MET BA 23 8.03 -67.80 24.28
CA MET BA 23 8.59 -67.31 25.52
C MET BA 23 8.73 -68.43 26.55
N GLU BA 24 7.75 -69.32 26.64
CA GLU BA 24 7.82 -70.38 27.64
C GLU BA 24 9.04 -71.25 27.40
N ARG BA 25 9.37 -71.53 26.14
CA ARG BA 25 10.54 -72.34 25.87
C ARG BA 25 11.79 -71.74 26.49
N ARG BA 26 11.86 -70.40 26.58
CA ARG BA 26 12.95 -69.78 27.32
C ARG BA 26 12.88 -70.14 28.79
N TYR BA 27 11.69 -70.10 29.35
CA TYR BA 27 11.52 -70.38 30.77
C TYR BA 27 11.17 -71.83 31.05
N MET BA 28 11.02 -72.66 30.03
CA MET BA 28 10.79 -74.06 30.26
C MET BA 28 12.10 -74.70 30.73
N PRO BA 29 12.08 -75.44 31.84
CA PRO BA 29 13.35 -75.90 32.45
C PRO BA 29 14.14 -76.80 31.51
N HIS BA 30 15.42 -76.49 31.36
CA HIS BA 30 16.27 -77.14 30.39
C HIS BA 30 17.24 -78.11 31.06
N GLN BA 31 18.18 -78.61 30.27
CA GLN BA 31 19.18 -79.56 30.76
C GLN BA 31 20.57 -79.04 30.39
N CYS BA 32 21.33 -78.63 31.40
CA CYS BA 32 22.66 -78.12 31.15
C CYS BA 32 23.54 -79.19 30.53
N PRO BA 33 24.07 -78.96 29.33
CA PRO BA 33 24.92 -79.99 28.71
C PRO BA 33 26.20 -80.25 29.47
N TYR BA 34 26.61 -79.36 30.36
CA TYR BA 34 27.92 -79.50 31.00
C TYR BA 34 27.85 -80.07 32.40
N CYS BA 35 27.18 -79.39 33.33
CA CYS BA 35 27.09 -79.98 34.67
C CYS BA 35 25.95 -81.00 34.71
N LYS BA 36 24.71 -80.52 34.65
CA LYS BA 36 23.52 -81.32 34.35
C LYS BA 36 22.33 -80.39 34.47
N THR BA 37 21.14 -80.92 34.16
CA THR BA 37 19.90 -80.18 34.34
C THR BA 37 19.63 -79.86 35.79
N THR BA 38 20.56 -80.24 36.67
CA THR BA 38 20.42 -80.06 38.10
C THR BA 38 19.97 -78.65 38.46
N GLY BA 39 20.83 -77.69 38.24
CA GLY BA 39 20.41 -76.31 38.30
C GLY BA 39 19.74 -75.91 37.02
N LYS BA 40 19.20 -74.70 37.00
CA LYS BA 40 18.59 -74.19 35.79
C LYS BA 40 19.50 -73.17 35.14
N VAL BA 41 19.47 -73.14 33.82
CA VAL BA 41 20.27 -72.22 33.04
C VAL BA 41 19.43 -70.98 32.73
N VAL BA 42 20.11 -69.89 32.42
CA VAL BA 42 19.45 -68.62 32.12
C VAL BA 42 20.00 -68.07 30.81
N ARG BA 43 19.20 -67.23 30.18
CA ARG BA 43 19.51 -66.61 28.91
C ARG BA 43 19.82 -65.13 29.16
N ILE BA 44 21.10 -64.83 29.42
CA ILE BA 44 21.50 -63.44 29.57
C ILE BA 44 21.23 -62.68 28.29
N ALA BA 45 21.58 -63.26 27.16
CA ALA BA 45 21.31 -62.66 25.87
C ALA BA 45 21.37 -63.76 24.83
N SER BA 46 20.88 -63.46 23.64
CA SER BA 46 20.84 -64.44 22.55
C SER BA 46 22.17 -65.14 22.41
N GLY BA 47 22.18 -66.45 22.66
CA GLY BA 47 23.38 -67.24 22.63
C GLY BA 47 24.14 -67.35 23.93
N ILE BA 48 23.69 -66.68 24.99
CA ILE BA 48 24.40 -66.64 26.26
C ILE BA 48 23.62 -67.44 27.29
N TRP BA 49 24.27 -68.45 27.86
CA TRP BA 49 23.63 -69.33 28.82
C TRP BA 49 24.70 -69.92 29.74
N TYR BA 50 24.39 -69.99 31.04
CA TYR BA 50 25.08 -70.91 31.93
C TYR BA 50 24.27 -71.04 33.20
N CYS BA 51 24.15 -72.26 33.73
CA CYS BA 51 23.51 -72.42 35.02
C CYS BA 51 24.43 -71.90 36.12
N ARG BA 52 23.94 -71.93 37.35
CA ARG BA 52 24.70 -71.43 38.47
C ARG BA 52 25.50 -72.53 39.17
N LYS BA 53 25.72 -73.66 38.51
CA LYS BA 53 26.59 -74.70 39.05
C LYS BA 53 27.80 -74.97 38.18
N CYS BA 54 27.61 -75.21 36.88
CA CYS BA 54 28.74 -75.50 36.03
C CYS BA 54 29.68 -74.31 35.88
N GLU BA 55 29.14 -73.09 35.91
CA GLU BA 55 29.92 -71.88 35.63
C GLU BA 55 30.62 -72.01 34.28
N THR BA 56 29.90 -72.55 33.31
CA THR BA 56 30.45 -72.80 31.97
C THR BA 56 29.64 -71.99 30.96
N LYS BA 57 30.16 -70.84 30.58
CA LYS BA 57 29.57 -70.06 29.51
C LYS BA 57 29.71 -70.81 28.19
N TRP BA 58 28.67 -70.76 27.36
CA TRP BA 58 28.73 -71.40 26.06
C TRP BA 58 27.77 -70.70 25.10
N ALA BA 59 27.88 -71.05 23.83
CA ALA BA 59 27.08 -70.44 22.79
C ALA BA 59 25.76 -71.17 22.63
N GLY BA 60 24.66 -70.42 22.75
CA GLY BA 60 23.35 -71.00 22.54
C GLY BA 60 22.65 -70.37 21.36
N LEU BA 61 21.39 -70.72 21.15
CA LEU BA 61 20.61 -70.11 20.08
C LEU BA 61 20.13 -68.74 20.54
N ALA BA 62 19.23 -68.12 19.78
CA ALA BA 62 18.66 -66.86 20.21
C ALA BA 62 17.87 -67.02 21.50
N TYR BA 63 17.08 -68.08 21.61
CA TYR BA 63 16.21 -68.26 22.76
C TYR BA 63 16.25 -69.67 23.34
N THR BA 64 17.09 -70.56 22.82
CA THR BA 64 17.16 -71.90 23.35
C THR BA 64 18.61 -72.34 23.51
N PRO BA 65 18.90 -73.19 24.48
CA PRO BA 65 20.21 -73.81 24.64
C PRO BA 65 20.40 -75.01 23.72
N MET CA 1 10.38 -19.90 22.60
CA MET CA 1 9.51 -19.75 21.44
C MET CA 1 10.08 -18.72 20.47
N LYS CA 2 9.53 -18.69 19.26
CA LYS CA 2 10.15 -17.92 18.19
C LYS CA 2 10.28 -16.46 18.60
N GLY CA 3 9.41 -16.00 19.49
CA GLY CA 3 9.50 -14.64 19.96
C GLY CA 3 10.64 -14.48 20.94
N THR CA 4 10.43 -13.64 21.95
CA THR CA 4 11.48 -13.31 22.89
C THR CA 4 12.21 -14.52 23.48
N PRO CA 5 11.54 -15.57 23.96
CA PRO CA 5 12.26 -16.69 24.57
C PRO CA 5 13.36 -17.24 23.69
N SER CA 6 13.21 -17.13 22.38
CA SER CA 6 14.29 -17.48 21.49
C SER CA 6 15.55 -16.73 21.86
N PHE CA 7 15.41 -15.52 22.39
CA PHE CA 7 16.56 -14.82 22.92
C PHE CA 7 16.92 -15.26 24.33
N GLY CA 8 16.08 -16.08 24.97
CA GLY CA 8 16.31 -16.38 26.37
C GLY CA 8 17.62 -17.09 26.61
N LYS CA 9 17.88 -18.16 25.87
CA LYS CA 9 18.94 -19.10 26.22
C LYS CA 9 20.31 -18.48 25.96
N MET CA 10 20.35 -17.18 25.73
CA MET CA 10 21.48 -16.56 25.09
C MET CA 10 22.51 -16.06 26.10
N ASN CA 11 22.60 -16.71 27.26
CA ASN CA 11 23.55 -16.33 28.29
C ASN CA 11 24.85 -17.11 28.23
N LYS CA 12 24.93 -18.16 27.41
CA LYS CA 12 26.13 -18.99 27.37
C LYS CA 12 27.26 -18.24 26.69
N THR CA 13 28.39 -18.91 26.54
CA THR CA 13 29.60 -18.26 26.06
C THR CA 13 29.42 -17.74 24.65
N PRO CA 14 30.11 -16.66 24.29
CA PRO CA 14 30.04 -16.17 22.91
C PRO CA 14 30.70 -17.16 21.96
N THR CA 15 30.00 -17.50 20.89
CA THR CA 15 30.64 -18.37 19.90
C THR CA 15 31.71 -17.68 19.15
N HIS CA 16 32.10 -16.48 19.54
CA HIS CA 16 33.27 -15.84 18.96
C HIS CA 16 33.88 -14.96 20.03
N VAL CA 17 35.14 -15.21 20.37
CA VAL CA 17 35.77 -14.58 21.51
C VAL CA 17 36.99 -13.80 21.04
N ARG CA 18 37.73 -13.23 21.99
CA ARG CA 18 38.86 -12.40 21.61
C ARG CA 18 39.92 -13.22 20.92
N CYS CA 19 39.99 -13.12 19.60
CA CYS CA 19 41.11 -13.66 18.86
C CYS CA 19 42.33 -12.80 19.14
N ARG CA 20 43.48 -13.45 19.29
CA ARG CA 20 44.61 -12.72 19.84
C ARG CA 20 45.19 -11.70 18.87
N ARG CA 21 44.75 -11.68 17.61
CA ARG CA 21 45.47 -10.91 16.60
C ARG CA 21 44.83 -9.56 16.30
N CYS CA 22 43.57 -9.54 15.89
CA CYS CA 22 42.99 -8.31 15.38
C CYS CA 22 42.20 -7.53 16.41
N GLY CA 23 42.18 -7.96 17.66
CA GLY CA 23 41.46 -7.22 18.68
C GLY CA 23 39.96 -7.18 18.48
N ARG CA 24 39.41 -8.23 17.88
CA ARG CA 24 37.98 -8.34 17.64
C ARG CA 24 37.50 -9.59 18.36
N ASN CA 25 36.46 -9.47 19.17
CA ASN CA 25 36.00 -10.62 19.95
C ASN CA 25 35.29 -11.62 19.03
N SER CA 26 36.05 -12.11 18.05
CA SER CA 26 35.46 -12.83 16.93
C SER CA 26 36.19 -14.12 16.63
N PHE CA 27 36.68 -14.81 17.65
CA PHE CA 27 37.35 -16.09 17.48
C PHE CA 27 36.34 -17.20 17.74
N ASN CA 28 35.92 -17.89 16.68
CA ASN CA 28 35.03 -19.03 16.85
C ASN CA 28 35.79 -20.20 17.45
N ALA CA 29 35.74 -20.30 18.79
CA ALA CA 29 36.28 -21.46 19.44
C ALA CA 29 35.70 -22.73 18.83
N ARG CA 30 34.40 -22.72 18.57
CA ARG CA 30 33.73 -23.95 18.14
C ARG CA 30 34.27 -24.43 16.81
N LYS CA 31 34.60 -23.52 15.91
CA LYS CA 31 35.18 -23.92 14.63
C LYS CA 31 36.69 -23.95 14.66
N GLY CA 32 37.31 -23.71 15.82
CA GLY CA 32 38.76 -23.72 15.87
C GLY CA 32 39.39 -22.72 14.93
N TYR CA 33 38.76 -21.57 14.78
CA TYR CA 33 39.13 -20.59 13.77
C TYR CA 33 38.62 -19.23 14.21
N CYS CA 34 39.34 -18.19 13.83
CA CYS CA 34 38.82 -16.83 13.84
C CYS CA 34 38.33 -16.47 12.45
N ALA CA 35 37.10 -15.98 12.37
CA ALA CA 35 36.58 -15.46 11.12
C ALA CA 35 36.95 -14.01 10.88
N ALA CA 36 37.64 -13.38 11.84
CA ALA CA 36 38.06 -11.99 11.68
C ALA CA 36 39.56 -11.89 11.48
N CYS CA 37 40.37 -12.34 12.44
CA CYS CA 37 41.79 -12.07 12.32
C CYS CA 37 42.49 -13.07 11.42
N GLY CA 38 41.75 -14.04 10.88
CA GLY CA 38 42.32 -15.00 9.97
C GLY CA 38 43.20 -16.04 10.59
N PHE CA 39 43.65 -15.84 11.82
CA PHE CA 39 44.46 -16.82 12.50
C PHE CA 39 43.69 -18.12 12.61
N GLY CA 40 44.34 -19.21 12.21
CA GLY CA 40 43.75 -20.52 12.34
C GLY CA 40 43.91 -21.41 11.12
N ARG CA 41 43.77 -20.85 9.93
CA ARG CA 41 44.06 -21.63 8.74
C ARG CA 41 44.83 -20.88 7.67
N SER CA 42 44.97 -19.57 7.76
CA SER CA 42 45.82 -18.84 6.84
C SER CA 42 47.03 -18.32 7.59
N LYS CA 43 48.21 -18.65 7.11
CA LYS CA 43 49.39 -17.97 7.61
C LYS CA 43 49.30 -16.49 7.30
N LYS CA 44 48.83 -16.16 6.10
CA LYS CA 44 48.67 -14.77 5.70
C LYS CA 44 47.49 -14.17 6.45
N ILE CA 45 47.44 -12.84 6.47
CA ILE CA 45 46.30 -12.13 7.05
C ILE CA 45 45.12 -12.23 6.11
N ARG CA 46 43.96 -12.56 6.67
CA ARG CA 46 42.70 -12.53 5.94
C ARG CA 46 42.49 -11.12 5.39
N ARG CA 47 42.47 -10.97 4.08
CA ARG CA 47 42.14 -9.70 3.46
C ARG CA 47 41.43 -9.96 2.15
N TYR CA 48 40.47 -9.10 1.83
CA TYR CA 48 39.61 -9.34 0.68
C TYR CA 48 39.61 -8.13 -0.24
N SER CA 49 39.15 -8.39 -1.47
CA SER CA 49 38.97 -7.34 -2.46
C SER CA 49 37.81 -6.42 -2.11
N TRP CA 50 37.01 -6.77 -1.13
CA TRP CA 50 35.78 -6.06 -0.81
C TRP CA 50 35.63 -5.88 0.70
N GLN CA 51 36.65 -5.27 1.32
CA GLN CA 51 36.54 -4.88 2.72
C GLN CA 51 35.42 -3.88 2.95
N ASN CA 52 34.95 -3.22 1.91
CA ASN CA 52 33.97 -2.16 2.02
C ASN CA 52 33.10 -2.22 0.78
N LYS CA 53 32.40 -1.13 0.48
CA LYS CA 53 31.99 -0.86 -0.89
C LYS CA 53 33.12 -0.16 -1.61
N LYS CA 54 33.35 -0.52 -2.86
CA LYS CA 54 34.40 0.10 -3.65
C LYS CA 54 34.05 1.57 -3.90
N LYS DA 1 34.74 -15.96 40.84
CA LYS DA 1 34.36 -16.16 39.44
C LYS DA 1 35.46 -16.87 38.67
N HIS DA 2 35.14 -18.03 38.11
CA HIS DA 2 36.12 -18.73 37.29
C HIS DA 2 36.28 -18.08 35.94
N LYS DA 3 36.67 -16.82 35.91
CA LYS DA 3 37.15 -16.21 34.69
C LYS DA 3 38.56 -16.69 34.44
N SER DA 4 38.83 -17.19 33.24
CA SER DA 4 40.08 -17.90 32.99
C SER DA 4 41.21 -16.97 32.61
N LEU DA 5 41.38 -15.90 33.38
CA LEU DA 5 42.47 -14.95 33.26
C LEU DA 5 42.84 -14.68 31.81
N GLY DA 6 41.85 -14.35 31.00
CA GLY DA 6 42.13 -13.90 29.67
C GLY DA 6 41.54 -12.52 29.54
N LYS DA 7 40.57 -12.24 30.41
CA LYS DA 7 39.87 -10.97 30.46
C LYS DA 7 40.13 -10.21 31.75
N LYS DA 8 40.18 -10.90 32.89
CA LYS DA 8 40.61 -10.26 34.11
C LYS DA 8 42.12 -10.24 34.24
N LEU DA 9 42.81 -11.23 33.70
CA LEU DA 9 44.27 -11.15 33.67
C LEU DA 9 44.71 -9.92 32.91
N ARG DA 10 43.98 -9.58 31.85
CA ARG DA 10 44.21 -8.31 31.19
C ARG DA 10 43.41 -7.25 31.92
N LEU DA 11 44.05 -6.12 32.20
CA LEU DA 11 43.44 -5.07 32.99
C LEU DA 11 43.75 -3.73 32.36
N GLY DA 12 42.74 -2.88 32.24
CA GLY DA 12 42.97 -1.55 31.70
C GLY DA 12 41.93 -1.20 30.67
N LYS DA 13 42.39 -0.94 29.45
CA LYS DA 13 41.52 -0.82 28.29
C LYS DA 13 40.63 -2.03 28.13
N ALA DA 14 40.99 -3.15 28.76
CA ALA DA 14 40.11 -4.30 28.96
C ALA DA 14 39.95 -4.52 30.44
N LEU DA 15 38.71 -4.54 30.90
CA LEU DA 15 38.39 -4.76 32.30
C LEU DA 15 39.11 -3.75 33.17
N LYS DA 16 38.79 -2.47 32.93
CA LYS DA 16 39.13 -1.38 33.83
C LYS DA 16 38.59 -0.07 33.29
N ARG DA 17 38.38 0.87 34.21
CA ARG DA 17 38.37 2.30 33.93
C ARG DA 17 37.24 2.70 32.98
N ASN DA 18 36.01 2.67 33.48
CA ASN DA 18 35.00 3.61 33.01
C ASN DA 18 35.09 4.72 34.05
N SER DA 19 36.14 5.51 33.95
CA SER DA 19 36.55 6.31 35.08
C SER DA 19 36.00 7.73 34.99
N PRO DA 20 35.81 8.37 36.13
CA PRO DA 20 35.43 9.79 36.11
C PRO DA 20 36.62 10.67 35.79
N ILE DA 21 36.31 11.87 35.29
CA ILE DA 21 37.36 12.80 34.91
C ILE DA 21 38.15 13.21 36.14
N PRO DA 22 39.47 13.36 36.03
CA PRO DA 22 40.24 13.88 37.16
C PRO DA 22 39.77 15.25 37.56
N ALA DA 23 39.81 15.51 38.87
CA ALA DA 23 39.25 16.75 39.40
C ALA DA 23 40.11 17.95 39.02
N TRP DA 24 41.36 17.97 39.49
CA TRP DA 24 42.19 19.16 39.31
C TRP DA 24 42.36 19.50 37.85
N VAL DA 25 42.31 18.50 36.97
CA VAL DA 25 42.38 18.77 35.54
C VAL DA 25 41.23 19.67 35.12
N ILE DA 26 40.05 19.45 35.68
CA ILE DA 26 38.92 20.29 35.35
C ILE DA 26 39.20 21.74 35.71
N ILE DA 27 39.85 21.97 36.84
CA ILE DA 27 40.21 23.33 37.22
C ILE DA 27 41.11 23.94 36.16
N LYS DA 28 42.07 23.17 35.66
CA LYS DA 28 42.99 23.67 34.66
C LYS DA 28 42.24 24.07 33.39
N THR DA 29 41.43 23.16 32.84
CA THR DA 29 40.74 23.47 31.60
C THR DA 29 39.74 24.60 31.75
N GLN DA 30 39.28 24.86 32.96
CA GLN DA 30 38.21 25.82 33.21
C GLN DA 30 36.97 25.49 32.39
N ALA DA 31 36.88 24.27 31.85
CA ALA DA 31 35.77 23.93 30.98
C ALA DA 31 34.47 23.99 31.77
N GLU DA 32 33.37 24.17 31.04
CA GLU DA 32 32.05 24.31 31.68
C GLU DA 32 31.74 23.10 32.55
N ILE DA 33 31.60 21.93 31.95
CA ILE DA 33 31.40 20.70 32.68
C ILE DA 33 32.10 19.55 31.97
N ARG DA 34 33.20 19.10 32.55
CA ARG DA 34 34.12 18.20 31.86
C ARG DA 34 33.63 16.76 31.98
N PHE DA 35 33.71 16.03 30.88
CA PHE DA 35 33.27 14.66 30.84
C PHE DA 35 34.27 13.81 30.07
N ASN DA 36 34.24 12.52 30.37
CA ASN DA 36 34.72 11.55 29.40
C ASN DA 36 33.51 11.03 28.66
N PRO DA 37 33.37 11.32 27.38
CA PRO DA 37 32.28 10.74 26.60
C PRO DA 37 32.34 9.24 26.55
N LEU DA 38 33.48 8.63 26.84
CA LEU DA 38 33.56 7.19 26.73
C LEU DA 38 32.80 6.48 27.86
N ARG DA 39 32.10 7.28 28.68
CA ARG DA 39 31.38 6.77 29.83
C ARG DA 39 30.44 5.63 29.43
N ARG DA 40 30.46 4.56 30.22
CA ARG DA 40 29.61 3.42 29.98
C ARG DA 40 29.06 2.94 31.32
N ASN DA 41 28.19 1.94 31.27
CA ASN DA 41 27.64 1.37 32.49
C ASN DA 41 27.23 -0.07 32.27
N TRP DA 42 27.42 -0.87 33.31
CA TRP DA 42 27.16 -2.30 33.23
C TRP DA 42 25.71 -2.60 32.90
N ARG DA 43 24.77 -1.83 33.44
CA ARG DA 43 23.37 -2.17 33.31
C ARG DA 43 22.84 -1.83 31.94
N ARG DA 44 23.35 -0.77 31.32
CA ARG DA 44 22.86 -0.33 30.03
C ARG DA 44 23.75 -0.73 28.88
N ASN DA 45 24.87 -1.40 29.13
CA ASN DA 45 25.81 -1.68 28.06
C ASN DA 45 26.21 -3.15 28.03
N ASN DA 46 27.04 -3.47 27.04
CA ASN DA 46 27.54 -4.80 26.77
C ASN DA 46 28.97 -4.60 26.29
N LEU DA 47 29.91 -4.62 27.22
CA LEU DA 47 31.29 -4.37 26.84
C LEU DA 47 31.73 -5.43 25.85
N LYS DA 48 32.34 -5.00 24.74
CA LYS DA 48 32.71 -5.91 23.67
C LYS DA 48 33.98 -6.69 24.03
N VAL DA 49 33.92 -7.31 25.20
CA VAL DA 49 34.95 -8.19 25.70
C VAL DA 49 36.31 -7.49 25.79
N MET EA 1 -82.42 -1.76 -0.04
CA MET EA 1 -81.51 -0.98 0.78
C MET EA 1 -82.25 -0.24 1.87
N PRO EA 2 -81.54 0.08 2.96
CA PRO EA 2 -82.13 0.92 4.02
C PRO EA 2 -82.07 2.40 3.67
N LEU EA 3 -81.81 2.70 2.40
CA LEU EA 3 -81.67 4.08 1.92
C LEU EA 3 -82.89 4.46 1.11
N THR EA 4 -83.58 5.52 1.54
CA THR EA 4 -84.77 6.00 0.87
C THR EA 4 -84.50 7.36 0.23
N ASP EA 5 -85.56 7.93 -0.33
CA ASP EA 5 -85.50 9.16 -1.10
C ASP EA 5 -86.75 9.96 -0.82
N PRO EA 6 -86.74 11.30 -1.10
CA PRO EA 6 -87.89 12.13 -0.73
C PRO EA 6 -89.21 11.68 -1.33
N VAL EA 7 -89.34 11.67 -2.66
CA VAL EA 7 -90.45 11.00 -3.32
C VAL EA 7 -89.92 10.38 -4.62
N LYS EA 8 -89.67 9.07 -4.60
CA LYS EA 8 -89.21 8.33 -5.77
C LYS EA 8 -89.75 6.91 -5.65
N LEU EA 9 -89.14 5.98 -6.40
CA LEU EA 9 -89.58 4.59 -6.48
C LEU EA 9 -88.88 3.70 -5.45
N GLN EA 10 -88.59 4.24 -4.27
CA GLN EA 10 -87.86 3.52 -3.24
C GLN EA 10 -88.51 2.19 -2.90
N ILE EA 11 -87.70 1.23 -2.43
CA ILE EA 11 -88.16 -0.14 -2.33
C ILE EA 11 -89.06 -0.36 -1.12
N VAL EA 12 -88.62 0.10 0.06
CA VAL EA 12 -89.17 -0.39 1.32
C VAL EA 12 -90.69 -0.29 1.35
N GLN EA 13 -91.25 0.69 0.65
CA GLN EA 13 -92.69 0.81 0.63
C GLN EA 13 -93.29 -0.29 -0.24
N GLN EA 14 -93.23 -1.53 0.26
CA GLN EA 14 -93.87 -2.69 -0.35
C GLN EA 14 -93.27 -3.06 -1.71
N ARG EA 15 -91.94 -3.00 -1.86
CA ARG EA 15 -91.30 -3.45 -3.08
C ARG EA 15 -89.79 -3.57 -2.86
N VAL EA 16 -89.10 -4.09 -3.88
CA VAL EA 16 -87.68 -4.39 -3.74
C VAL EA 16 -86.85 -3.95 -4.95
N PHE EA 17 -87.39 -3.06 -5.78
CA PHE EA 17 -86.69 -2.63 -7.00
C PHE EA 17 -85.53 -1.72 -6.62
N LEU EA 18 -84.41 -2.35 -6.26
CA LEU EA 18 -83.27 -1.64 -5.70
C LEU EA 18 -82.63 -0.73 -6.75
N LYS EA 19 -81.59 -0.01 -6.32
CA LYS EA 19 -80.93 0.99 -7.15
C LYS EA 19 -79.93 0.33 -8.09
N LYS EA 20 -79.09 1.14 -8.72
CA LYS EA 20 -78.05 0.68 -9.63
C LYS EA 20 -76.68 0.94 -9.02
N ILE EA 21 -75.75 0.03 -9.30
CA ILE EA 21 -74.41 0.06 -8.71
C ILE EA 21 -73.37 0.05 -9.82
N CYS EA 22 -72.19 0.58 -9.50
CA CYS EA 22 -71.11 0.69 -10.46
C CYS EA 22 -70.20 -0.53 -10.40
N ARG EA 23 -69.96 -1.14 -11.56
CA ARG EA 23 -69.05 -2.27 -11.62
C ARG EA 23 -67.60 -1.87 -11.41
N ASP EA 24 -67.29 -0.58 -11.49
CA ASP EA 24 -65.89 -0.14 -11.40
C ASP EA 24 -65.55 0.44 -10.03
N CYS EA 25 -66.24 1.50 -9.61
CA CYS EA 25 -65.90 2.12 -8.33
C CYS EA 25 -66.59 1.46 -7.15
N GLY EA 26 -67.49 0.53 -7.40
CA GLY EA 26 -68.15 -0.17 -6.30
C GLY EA 26 -69.11 0.66 -5.49
N ALA EA 27 -69.72 1.68 -6.10
CA ALA EA 27 -70.71 2.50 -5.42
C ALA EA 27 -72.06 2.36 -6.12
N LEU EA 28 -73.06 3.07 -5.59
CA LEU EA 28 -74.41 3.02 -6.10
C LEU EA 28 -74.74 4.28 -6.89
N ASN EA 29 -75.73 4.17 -7.76
CA ASN EA 29 -76.16 5.28 -8.60
C ASN EA 29 -77.66 5.24 -8.77
N SER EA 30 -78.18 6.26 -9.45
CA SER EA 30 -79.60 6.35 -9.70
C SER EA 30 -80.08 5.19 -10.57
N ILE EA 31 -81.39 5.02 -10.61
CA ILE EA 31 -81.97 3.88 -11.32
C ILE EA 31 -81.77 4.04 -12.82
N ARG EA 32 -82.12 5.20 -13.37
CA ARG EA 32 -82.09 5.40 -14.81
C ARG EA 32 -80.84 6.13 -15.28
N ALA EA 33 -79.88 6.39 -14.40
CA ALA EA 33 -78.65 7.04 -14.83
C ALA EA 33 -77.84 6.08 -15.71
N THR EA 34 -77.28 6.63 -16.78
CA THR EA 34 -76.59 5.80 -17.76
C THR EA 34 -75.12 5.60 -17.44
N LYS EA 35 -74.59 6.27 -16.43
CA LYS EA 35 -73.18 6.11 -16.10
C LYS EA 35 -72.99 6.32 -14.61
N CYS EA 36 -71.82 5.90 -14.13
CA CYS EA 36 -71.49 6.03 -12.72
C CYS EA 36 -71.40 7.49 -12.30
N ARG EA 37 -71.72 7.73 -11.04
CA ARG EA 37 -71.58 9.06 -10.46
C ARG EA 37 -70.13 9.39 -10.19
N ARG EA 38 -69.25 8.39 -10.11
CA ARG EA 38 -67.86 8.59 -9.75
C ARG EA 38 -66.91 8.39 -10.92
N CYS EA 39 -66.93 7.23 -11.55
CA CYS EA 39 -66.04 6.93 -12.66
C CYS EA 39 -66.74 6.94 -14.00
N HIS EA 40 -68.07 7.06 -14.03
CA HIS EA 40 -68.84 7.24 -15.25
C HIS EA 40 -68.70 6.05 -16.19
N SER EA 41 -68.40 4.88 -15.64
CA SER EA 41 -68.03 3.73 -16.46
C SER EA 41 -69.19 3.26 -17.34
N SER EA 42 -70.42 3.52 -16.93
CA SER EA 42 -71.61 3.20 -17.71
C SER EA 42 -71.82 1.70 -17.84
N ASN EA 43 -70.88 0.90 -17.36
CA ASN EA 43 -71.09 -0.55 -17.27
C ASN EA 43 -71.62 -0.87 -15.88
N LEU EA 44 -72.81 -0.35 -15.62
CA LEU EA 44 -73.47 -0.50 -14.33
C LEU EA 44 -74.48 -1.63 -14.41
N ARG EA 45 -74.51 -2.47 -13.37
CA ARG EA 45 -75.41 -3.60 -13.32
C ARG EA 45 -76.37 -3.44 -12.16
N ALA EA 46 -77.61 -3.88 -12.35
CA ALA EA 46 -78.64 -3.73 -11.34
C ALA EA 46 -78.39 -4.65 -10.16
N LYS EA 47 -78.69 -4.17 -8.96
CA LYS EA 47 -78.56 -4.99 -7.77
C LYS EA 47 -79.62 -6.09 -7.78
N LYS EA 48 -79.20 -7.30 -7.43
CA LYS EA 48 -80.13 -8.42 -7.40
C LYS EA 48 -81.12 -8.23 -6.26
N LYS EA 49 -82.39 -8.59 -6.51
CA LYS EA 49 -83.42 -8.37 -5.50
C LYS EA 49 -83.61 -9.60 -4.62
N GLU EA 50 -84.08 -10.71 -5.21
CA GLU EA 50 -84.18 -12.00 -4.56
C GLU EA 50 -84.76 -12.98 -5.57
N LEU EA 51 -84.57 -14.27 -5.30
CA LEU EA 51 -85.26 -15.35 -6.01
C LEU EA 51 -86.65 -15.50 -5.40
N PRO EA 52 -87.70 -14.94 -6.03
CA PRO EA 52 -89.02 -14.90 -5.39
C PRO EA 52 -89.61 -16.26 -5.10
N ALA EA 53 -89.87 -17.05 -6.15
CA ALA EA 53 -90.45 -18.38 -5.98
C ALA EA 53 -89.59 -19.49 -6.58
N LYS EA 54 -89.28 -19.41 -7.87
CA LYS EA 54 -88.63 -20.50 -8.59
C LYS EA 54 -88.18 -19.98 -9.95
N LYS EA 55 -87.76 -20.88 -10.83
CA LYS EA 55 -87.37 -20.55 -12.19
C LYS EA 55 -88.51 -19.89 -12.97
N MET FA 1 -1.78 -32.32 -62.96
CA MET FA 1 -1.71 -31.90 -64.36
C MET FA 1 -0.97 -32.89 -65.25
N LYS FA 2 -0.97 -32.59 -66.54
CA LYS FA 2 -0.31 -33.41 -67.55
C LYS FA 2 0.40 -32.49 -68.53
N VAL FA 3 1.64 -32.81 -68.84
CA VAL FA 3 2.47 -31.98 -69.71
C VAL FA 3 3.25 -32.87 -70.68
N PRO FA 4 3.22 -32.58 -71.97
CA PRO FA 4 4.00 -33.38 -72.93
C PRO FA 4 5.49 -33.26 -72.66
N LYS FA 5 6.21 -34.33 -73.02
CA LYS FA 5 7.65 -34.37 -72.76
C LYS FA 5 8.39 -33.29 -73.53
N VAL FA 6 8.01 -33.03 -74.77
CA VAL FA 6 8.71 -32.09 -75.64
C VAL FA 6 7.78 -30.92 -75.92
N ILE FA 7 8.30 -29.70 -75.74
CA ILE FA 7 7.55 -28.49 -76.01
C ILE FA 7 8.39 -27.57 -76.87
N LYS FA 8 7.81 -27.06 -77.95
CA LYS FA 8 8.49 -26.11 -78.83
C LYS FA 8 8.39 -24.72 -78.22
N THR FA 9 9.51 -24.24 -77.67
CA THR FA 9 9.56 -22.90 -77.09
C THR FA 9 10.83 -22.20 -77.55
N TYR FA 10 10.98 -20.97 -77.11
CA TYR FA 10 12.11 -20.15 -77.51
C TYR FA 10 13.37 -20.56 -76.76
N CYS FA 11 14.49 -20.56 -77.48
CA CYS FA 11 15.81 -20.87 -76.93
C CYS FA 11 16.69 -19.63 -77.01
N PRO FA 12 17.18 -19.11 -75.88
CA PRO FA 12 17.97 -17.87 -75.95
C PRO FA 12 19.20 -17.96 -76.82
N LYS FA 13 19.91 -19.09 -76.77
CA LYS FA 13 21.09 -19.23 -77.61
C LYS FA 13 20.72 -19.51 -79.05
N CYS FA 14 19.65 -20.28 -79.27
CA CYS FA 14 19.18 -20.51 -80.63
C CYS FA 14 18.42 -19.32 -81.19
N LYS FA 15 18.00 -18.39 -80.33
CA LYS FA 15 17.36 -17.14 -80.77
C LYS FA 15 16.13 -17.40 -81.63
N THR FA 16 15.39 -18.45 -81.31
CA THR FA 16 14.12 -18.74 -81.97
C THR FA 16 13.41 -19.82 -81.16
N HIS FA 17 12.24 -20.22 -81.64
CA HIS FA 17 11.47 -21.28 -81.00
C HIS FA 17 11.99 -22.63 -81.47
N THR FA 18 12.34 -23.49 -80.52
CA THR FA 18 12.93 -24.79 -80.84
C THR FA 18 12.35 -25.85 -79.91
N GLU FA 19 12.59 -27.11 -80.28
CA GLU FA 19 12.20 -28.23 -79.44
C GLU FA 19 13.04 -28.27 -78.18
N HIS FA 20 12.48 -28.85 -77.12
CA HIS FA 20 13.16 -28.87 -75.83
C HIS FA 20 12.81 -30.15 -75.09
N SER FA 21 13.65 -30.50 -74.13
CA SER FA 21 13.39 -31.59 -73.21
C SER FA 21 12.91 -31.01 -71.88
N VAL FA 22 11.83 -31.55 -71.36
CA VAL FA 22 11.15 -31.01 -70.19
C VAL FA 22 11.18 -32.04 -69.07
N SER FA 23 11.59 -31.62 -67.88
CA SER FA 23 11.63 -32.52 -66.73
C SER FA 23 11.46 -31.71 -65.46
N LEU FA 24 11.16 -32.42 -64.38
CA LEU FA 24 10.97 -31.79 -63.08
C LEU FA 24 12.30 -31.25 -62.56
N TYR FA 25 12.21 -30.32 -61.61
CA TYR FA 25 13.40 -29.76 -60.98
C TYR FA 25 13.79 -30.61 -59.77
N LYS FA 26 15.08 -30.89 -59.66
CA LYS FA 26 15.61 -31.66 -58.55
C LYS FA 26 16.74 -30.89 -57.91
N GLY FA 27 16.70 -30.77 -56.59
CA GLY FA 27 17.78 -30.13 -55.88
C GLY FA 27 19.05 -30.96 -55.93
N GLY FA 28 20.18 -30.27 -55.97
CA GLY FA 28 21.45 -30.95 -55.98
C GLY FA 28 21.85 -31.44 -54.61
N LYS FA 29 22.96 -32.18 -54.57
CA LYS FA 29 23.49 -32.64 -53.30
C LYS FA 29 23.93 -31.45 -52.45
N ARG FA 30 23.92 -31.63 -51.14
CA ARG FA 30 24.16 -30.51 -50.25
C ARG FA 30 25.53 -29.87 -50.46
N ARG FA 31 26.48 -30.61 -51.03
CA ARG FA 31 27.79 -30.07 -51.40
C ARG FA 31 28.47 -29.47 -50.16
N SER FA 32 28.82 -30.35 -49.25
CA SER FA 32 29.50 -29.96 -48.01
C SER FA 32 30.75 -29.16 -48.31
N LEU FA 33 31.27 -28.48 -47.28
CA LEU FA 33 32.40 -27.57 -47.34
C LEU FA 33 32.04 -26.22 -47.97
N ALA FA 34 30.76 -25.90 -48.04
CA ALA FA 34 30.35 -24.57 -48.48
C ALA FA 34 30.58 -23.56 -47.36
N GLU FA 35 30.78 -22.30 -47.75
CA GLU FA 35 31.04 -21.26 -46.77
C GLU FA 35 29.88 -21.14 -45.79
N GLY FA 36 28.65 -21.17 -46.30
CA GLY FA 36 27.50 -21.22 -45.43
C GLY FA 36 27.40 -22.51 -44.65
N GLN FA 37 28.02 -23.58 -45.14
CA GLN FA 37 28.04 -24.84 -44.40
C GLN FA 37 29.25 -24.93 -43.48
N ARG FA 38 30.41 -24.42 -43.92
CA ARG FA 38 31.62 -24.52 -43.11
C ARG FA 38 31.44 -23.83 -41.76
N ARG FA 39 30.85 -22.64 -41.76
CA ARG FA 39 30.67 -21.92 -40.51
C ARG FA 39 29.70 -22.62 -39.58
N TYR FA 40 28.86 -23.52 -40.11
CA TYR FA 40 27.90 -24.20 -39.26
C TYR FA 40 28.60 -25.01 -38.18
N GLU FA 41 29.56 -25.86 -38.56
CA GLU FA 41 30.31 -26.59 -37.55
C GLU FA 41 31.18 -25.66 -36.73
N ARG FA 42 31.80 -24.67 -37.38
CA ARG FA 42 32.57 -23.68 -36.63
C ARG FA 42 31.68 -22.89 -35.69
N LYS FA 43 30.38 -22.84 -35.95
CA LYS FA 43 29.44 -22.28 -34.99
C LYS FA 43 28.86 -23.32 -34.05
N ASN FA 44 28.87 -24.59 -34.45
CA ASN FA 44 28.38 -25.66 -33.59
C ASN FA 44 29.43 -26.20 -32.63
N VAL FA 45 30.70 -25.85 -32.83
CA VAL FA 45 31.75 -26.29 -31.92
C VAL FA 45 31.60 -25.54 -30.61
N GLY FA 46 32.05 -26.16 -29.52
CA GLY FA 46 31.89 -25.60 -28.20
C GLY FA 46 30.60 -26.06 -27.55
N TYR FA 47 30.30 -25.45 -26.41
CA TYR FA 47 29.16 -25.87 -25.60
C TYR FA 47 28.13 -24.75 -25.54
N GLY FA 48 26.88 -25.12 -25.74
CA GLY FA 48 25.79 -24.17 -25.75
C GLY FA 48 24.56 -24.80 -26.38
N SER FA 49 23.46 -24.05 -26.33
CA SER FA 49 22.21 -24.56 -26.86
C SER FA 49 22.29 -24.71 -28.38
N LYS FA 50 21.22 -25.23 -28.97
CA LYS FA 50 21.15 -25.39 -30.41
C LYS FA 50 21.32 -24.02 -31.06
N ARG FA 51 22.48 -23.80 -31.67
CA ARG FA 51 22.88 -22.45 -32.04
C ARG FA 51 21.93 -21.83 -33.06
N LYS FA 52 21.45 -22.62 -34.01
CA LYS FA 52 20.58 -22.10 -35.04
C LYS FA 52 19.17 -22.61 -34.83
N PRO FA 53 18.17 -21.73 -34.78
CA PRO FA 53 16.78 -22.21 -34.75
C PRO FA 53 16.46 -23.04 -35.97
N GLU FA 54 15.67 -24.08 -35.77
CA GLU FA 54 15.29 -24.99 -36.84
C GLU FA 54 13.77 -25.09 -36.88
N GLN FA 55 13.22 -25.08 -38.09
CA GLN FA 55 11.79 -25.18 -38.25
C GLN FA 55 11.28 -26.52 -37.74
N LYS FA 56 10.13 -26.49 -37.05
CA LYS FA 56 9.51 -27.71 -36.56
C LYS FA 56 8.05 -27.80 -36.99
N ARG FA 57 7.43 -26.65 -37.24
CA ARG FA 57 6.04 -26.58 -37.66
C ARG FA 57 5.97 -26.40 -39.16
N PHE FA 58 4.98 -27.04 -39.78
CA PHE FA 58 4.81 -26.96 -41.23
C PHE FA 58 3.36 -26.69 -41.55
N ALA FA 59 3.12 -25.70 -42.41
CA ALA FA 59 1.77 -25.25 -42.75
C ALA FA 59 1.34 -25.66 -44.15
N LYS FA 60 2.14 -25.34 -45.15
CA LYS FA 60 1.77 -25.66 -46.52
C LYS FA 60 1.71 -27.16 -46.71
N THR FA 61 0.65 -27.62 -47.37
CA THR FA 61 0.48 -29.05 -47.60
C THR FA 61 1.46 -29.57 -48.64
N THR FA 62 1.73 -28.79 -49.68
CA THR FA 62 2.58 -29.20 -50.78
C THR FA 62 3.75 -28.23 -50.92
N LYS FA 63 4.51 -28.40 -51.99
CA LYS FA 63 5.60 -27.51 -52.32
C LYS FA 63 5.47 -27.10 -53.77
N LYS FA 64 6.10 -25.98 -54.11
CA LYS FA 64 6.01 -25.45 -55.47
C LYS FA 64 6.61 -26.42 -56.46
N GLN FA 65 5.92 -26.61 -57.59
CA GLN FA 65 6.41 -27.41 -58.69
C GLN FA 65 7.05 -26.50 -59.72
N THR FA 66 8.20 -26.91 -60.25
CA THR FA 66 8.95 -26.12 -61.21
C THR FA 66 9.25 -26.97 -62.44
N LEU FA 67 9.27 -26.33 -63.60
CA LEU FA 67 9.57 -26.98 -64.87
C LEU FA 67 10.98 -26.62 -65.31
N VAL FA 68 11.71 -27.61 -65.83
CA VAL FA 68 13.05 -27.41 -66.34
C VAL FA 68 13.06 -27.83 -67.81
N LEU FA 69 13.54 -26.93 -68.66
CA LEU FA 69 13.60 -27.18 -70.09
C LEU FA 69 15.05 -27.06 -70.56
N LYS FA 70 15.47 -28.02 -71.38
CA LYS FA 70 16.81 -28.04 -71.94
C LYS FA 70 16.74 -27.91 -73.46
N CYS FA 71 17.58 -27.05 -74.01
CA CYS FA 71 17.53 -26.71 -75.43
C CYS FA 71 18.39 -27.71 -76.20
N GLN FA 72 17.74 -28.61 -76.93
CA GLN FA 72 18.46 -29.71 -77.56
C GLN FA 72 19.48 -29.20 -78.58
N LYS FA 73 19.14 -28.17 -79.35
CA LYS FA 73 20.01 -27.72 -80.41
C LYS FA 73 21.28 -27.06 -79.92
N CYS FA 74 21.32 -26.58 -78.68
CA CYS FA 74 22.54 -25.97 -78.17
C CYS FA 74 22.83 -26.34 -76.72
N SER FA 75 22.23 -27.41 -76.22
CA SER FA 75 22.48 -27.92 -74.87
C SER FA 75 22.19 -26.90 -73.78
N TYR FA 76 21.48 -25.83 -74.11
CA TYR FA 76 21.14 -24.84 -73.10
C TYR FA 76 20.05 -25.37 -72.18
N THR FA 77 20.09 -24.95 -70.92
CA THR FA 77 19.09 -25.30 -69.93
C THR FA 77 18.50 -24.02 -69.35
N ILE FA 78 17.18 -23.95 -69.31
CA ILE FA 78 16.48 -22.77 -68.82
C ILE FA 78 15.73 -23.12 -67.55
N VAL FA 79 15.60 -22.14 -66.66
CA VAL FA 79 14.92 -22.31 -65.38
C VAL FA 79 13.63 -21.52 -65.43
N LYS FA 80 12.52 -22.18 -65.15
CA LYS FA 80 11.20 -21.58 -65.21
C LYS FA 80 10.74 -21.17 -63.82
N GLU FA 81 9.66 -20.39 -63.79
CA GLU FA 81 9.03 -20.04 -62.53
C GLU FA 81 8.30 -21.24 -61.94
N GLY FA 82 8.23 -21.28 -60.61
CA GLY FA 82 7.55 -22.36 -59.93
C GLY FA 82 6.05 -22.17 -59.91
N MET FA 83 5.36 -23.19 -59.39
CA MET FA 83 3.93 -23.14 -59.23
C MET FA 83 3.49 -24.25 -58.29
N ARG FA 84 2.43 -23.98 -57.53
CA ARG FA 84 1.92 -24.95 -56.56
C ARG FA 84 0.99 -25.93 -57.26
N LEU FA 85 1.31 -27.21 -57.17
CA LEU FA 85 0.49 -28.26 -57.77
C LEU FA 85 0.56 -29.51 -56.91
N LYS FA 86 -0.40 -30.40 -57.14
CA LYS FA 86 -0.42 -31.67 -56.41
C LYS FA 86 0.80 -32.52 -56.74
N LYS FA 87 0.97 -32.86 -58.02
CA LYS FA 87 2.09 -33.65 -58.49
C LYS FA 87 2.21 -33.53 -60.00
N LEU FA 88 3.33 -32.98 -60.47
CA LEU FA 88 3.49 -32.69 -61.89
C LEU FA 88 3.80 -33.97 -62.64
N GLU FA 89 2.82 -34.48 -63.38
CA GLU FA 89 3.00 -35.69 -64.17
C GLU FA 89 3.67 -35.34 -65.49
N LEU FA 90 4.74 -36.07 -65.83
CA LEU FA 90 5.57 -35.75 -66.97
C LEU FA 90 5.19 -36.51 -68.23
N VAL FA 91 4.14 -37.35 -68.17
CA VAL FA 91 3.77 -38.16 -69.32
C VAL FA 91 3.33 -37.27 -70.48
N GLU FA 92 3.74 -37.64 -71.69
CA GLU FA 92 3.29 -36.92 -72.87
C GLU FA 92 1.91 -37.39 -73.29
N PRO GA 1 73.98 -55.03 -16.54
CA PRO GA 1 73.74 -53.90 -17.45
C PRO GA 1 73.45 -54.36 -18.87
N SER GA 2 73.07 -53.42 -19.74
CA SER GA 2 72.72 -53.73 -21.12
C SER GA 2 73.69 -53.18 -22.14
N TYR GA 3 74.43 -52.13 -21.80
CA TYR GA 3 75.38 -51.56 -22.75
C TYR GA 3 76.63 -52.39 -22.90
N VAL GA 4 76.82 -53.40 -22.07
CA VAL GA 4 77.96 -54.31 -22.18
C VAL GA 4 77.45 -55.63 -22.74
N LYS GA 5 78.18 -56.17 -23.71
CA LYS GA 5 77.78 -57.39 -24.40
C LYS GA 5 78.49 -58.64 -23.87
N PHE GA 6 79.81 -58.59 -23.76
CA PHE GA 6 80.59 -59.74 -23.35
C PHE GA 6 81.23 -59.47 -21.99
N GLU GA 7 81.27 -60.51 -21.15
CA GLU GA 7 81.88 -60.41 -19.84
C GLU GA 7 83.41 -60.41 -19.97
N VAL GA 8 84.06 -59.65 -19.09
CA VAL GA 8 85.52 -59.55 -19.05
C VAL GA 8 85.98 -60.02 -17.68
N PRO GA 9 86.88 -60.99 -17.59
CA PRO GA 9 87.33 -61.47 -16.28
C PRO GA 9 88.15 -60.41 -15.55
N GLN GA 10 88.14 -60.51 -14.23
CA GLN GA 10 88.86 -59.56 -13.39
C GLN GA 10 90.35 -59.57 -13.72
N GLU GA 11 90.95 -60.75 -13.83
CA GLU GA 11 92.37 -60.84 -14.13
C GLU GA 11 92.68 -60.10 -15.42
N LEU GA 12 91.80 -60.20 -16.42
CA LEU GA 12 91.96 -59.40 -17.61
C LEU GA 12 91.82 -57.92 -17.29
N ALA GA 13 90.84 -57.57 -16.46
CA ALA GA 13 90.68 -56.19 -16.06
C ALA GA 13 91.89 -55.71 -15.26
N ASP GA 14 92.40 -56.54 -14.36
CA ASP GA 14 93.52 -56.12 -13.52
C ASP GA 14 94.71 -55.71 -14.38
N LYS GA 15 95.01 -56.50 -15.41
CA LYS GA 15 96.13 -56.16 -16.29
C LYS GA 15 95.94 -54.81 -16.93
N VAL GA 16 94.71 -54.50 -17.34
CA VAL GA 16 94.43 -53.20 -17.97
C VAL GA 16 94.77 -52.07 -17.01
N LEU GA 17 94.37 -52.21 -15.75
CA LEU GA 17 94.68 -51.17 -14.77
C LEU GA 17 96.18 -50.97 -14.64
N GLU GA 18 96.93 -52.07 -14.58
CA GLU GA 18 98.38 -51.95 -14.60
C GLU GA 18 98.86 -51.39 -15.92
N ALA GA 19 98.21 -51.77 -17.02
CA ALA GA 19 98.62 -51.27 -18.32
C ALA GA 19 98.46 -49.76 -18.41
N VAL GA 20 97.31 -49.25 -17.98
CA VAL GA 20 97.04 -47.83 -18.16
C VAL GA 20 97.92 -47.00 -17.24
N LYS GA 21 98.11 -47.43 -15.99
CA LYS GA 21 98.87 -46.63 -15.06
C LYS GA 21 100.30 -46.45 -15.51
N LYS GA 22 100.85 -47.44 -16.22
CA LYS GA 22 102.17 -47.26 -16.80
C LYS GA 22 102.19 -46.11 -17.78
N ALA GA 23 101.12 -45.95 -18.55
CA ALA GA 23 101.05 -44.91 -19.57
C ALA GA 23 100.94 -43.51 -18.98
N LYS GA 24 101.11 -43.37 -17.67
CA LYS GA 24 101.02 -42.05 -17.04
C LYS GA 24 102.09 -41.10 -17.54
N ASP GA 25 103.20 -41.61 -18.08
CA ASP GA 25 104.32 -40.76 -18.45
C ASP GA 25 104.81 -40.96 -19.87
N SER GA 26 104.76 -42.19 -20.40
CA SER GA 26 105.31 -42.48 -21.72
C SER GA 26 104.27 -42.33 -22.82
N GLY GA 27 103.17 -43.07 -22.73
CA GLY GA 27 102.14 -42.99 -23.75
C GLY GA 27 101.30 -41.73 -23.64
N LYS GA 28 100.45 -41.53 -24.65
CA LYS GA 28 99.52 -40.42 -24.67
C LYS GA 28 98.12 -40.97 -24.48
N ILE GA 29 97.45 -40.54 -23.42
CA ILE GA 29 96.19 -41.12 -22.97
C ILE GA 29 95.17 -40.02 -22.82
N LYS GA 30 93.95 -40.28 -23.30
CA LYS GA 30 92.87 -39.32 -23.17
C LYS GA 30 92.08 -39.58 -21.90
N LYS GA 31 91.76 -38.50 -21.21
CA LYS GA 31 90.95 -38.52 -19.99
C LYS GA 31 89.72 -37.65 -20.19
N GLY GA 32 88.59 -38.11 -19.66
CA GLY GA 32 87.33 -37.44 -19.89
C GLY GA 32 86.72 -37.84 -21.22
N THR GA 33 85.41 -38.06 -21.24
CA THR GA 33 84.79 -38.70 -22.40
C THR GA 33 84.86 -37.84 -23.65
N ASN GA 34 84.75 -36.52 -23.51
CA ASN GA 34 84.81 -35.66 -24.68
C ASN GA 34 86.15 -35.78 -25.39
N GLU GA 35 87.23 -35.82 -24.62
CA GLU GA 35 88.55 -36.00 -25.22
C GLU GA 35 88.71 -37.38 -25.83
N THR GA 36 87.78 -38.30 -25.57
CA THR GA 36 87.81 -39.64 -26.15
C THR GA 36 86.95 -39.74 -27.40
N THR GA 37 85.66 -39.42 -27.28
CA THR GA 37 84.72 -39.74 -28.34
C THR GA 37 85.14 -39.14 -29.67
N LYS GA 38 85.49 -37.86 -29.67
CA LYS GA 38 85.96 -37.23 -30.90
C LYS GA 38 87.22 -37.91 -31.40
N ALA GA 39 88.15 -38.23 -30.50
CA ALA GA 39 89.32 -38.99 -30.90
C ALA GA 39 88.92 -40.35 -31.45
N VAL GA 40 87.94 -41.00 -30.81
CA VAL GA 40 87.38 -42.22 -31.37
C VAL GA 40 86.72 -41.91 -32.71
N GLU GA 41 85.99 -40.80 -32.78
CA GLU GA 41 85.46 -40.36 -34.07
C GLU GA 41 86.59 -40.02 -35.03
N ARG GA 42 87.71 -39.55 -34.50
CA ARG GA 42 88.89 -39.29 -35.32
C ARG GA 42 89.60 -40.56 -35.73
N SER GA 43 89.11 -41.74 -35.31
CA SER GA 43 89.71 -43.02 -35.63
C SER GA 43 91.15 -43.13 -35.15
N GLN GA 44 91.56 -42.27 -34.24
CA GLN GA 44 92.91 -42.27 -33.69
C GLN GA 44 93.03 -43.12 -32.45
N ALA GA 45 91.98 -43.83 -32.06
CA ALA GA 45 91.99 -44.62 -30.84
C ALA GA 45 92.63 -45.98 -31.07
N LYS GA 46 93.57 -46.34 -30.21
CA LYS GA 46 94.10 -47.70 -30.20
C LYS GA 46 93.27 -48.61 -29.29
N LEU GA 47 92.93 -48.11 -28.10
CA LEU GA 47 92.11 -48.88 -27.16
C LEU GA 47 91.42 -47.90 -26.22
N VAL GA 48 90.19 -48.25 -25.83
CA VAL GA 48 89.36 -47.39 -25.01
C VAL GA 48 88.78 -48.20 -23.86
N VAL GA 49 88.33 -47.47 -22.84
CA VAL GA 49 87.86 -48.04 -21.59
C VAL GA 49 86.43 -47.59 -21.35
N ILE GA 50 85.55 -48.55 -21.02
CA ILE GA 50 84.16 -48.27 -20.71
C ILE GA 50 83.85 -48.81 -19.32
N ALA GA 51 83.33 -47.94 -18.46
CA ALA GA 51 83.04 -48.33 -17.09
C ALA GA 51 81.79 -49.20 -17.02
N GLU GA 52 81.82 -50.15 -16.09
CA GLU GA 52 80.70 -51.05 -15.86
C GLU GA 52 79.72 -50.51 -14.83
N ASP GA 53 80.03 -49.35 -14.23
CA ASP GA 53 79.25 -48.78 -13.14
C ASP GA 53 78.83 -47.36 -13.50
N VAL GA 54 78.28 -47.19 -14.69
CA VAL GA 54 77.87 -45.88 -15.15
C VAL GA 54 76.43 -45.64 -14.75
N GLN GA 55 76.08 -44.38 -14.59
CA GLN GA 55 74.73 -44.04 -14.16
C GLN GA 55 74.37 -42.64 -14.63
N PRO GA 56 73.35 -42.50 -15.49
CA PRO GA 56 72.62 -43.61 -16.11
C PRO GA 56 73.43 -44.38 -17.15
N GLU GA 57 72.91 -45.53 -17.57
CA GLU GA 57 73.64 -46.38 -18.50
C GLU GA 57 73.90 -45.69 -19.83
N GLU GA 58 73.09 -44.70 -20.20
CA GLU GA 58 73.21 -44.09 -21.51
C GLU GA 58 74.39 -43.14 -21.61
N ILE GA 59 75.04 -42.81 -20.49
CA ILE GA 59 76.06 -41.78 -20.51
C ILE GA 59 77.21 -42.16 -21.43
N VAL GA 60 77.52 -43.45 -21.51
CA VAL GA 60 78.58 -43.89 -22.39
C VAL GA 60 78.08 -44.99 -23.31
N ALA GA 61 76.76 -45.16 -23.37
CA ALA GA 61 76.20 -46.31 -24.07
C ALA GA 61 76.53 -46.31 -25.55
N HIS GA 62 76.81 -45.16 -26.13
CA HIS GA 62 77.09 -45.09 -27.55
C HIS GA 62 78.44 -45.70 -27.88
N LEU GA 63 79.40 -45.60 -26.97
CA LEU GA 63 80.80 -45.88 -27.29
C LEU GA 63 81.05 -47.25 -27.93
N PRO GA 64 80.47 -48.37 -27.44
CA PRO GA 64 80.75 -49.65 -28.11
C PRO GA 64 80.29 -49.69 -29.55
N LEU GA 65 79.08 -49.18 -29.81
CA LEU GA 65 78.53 -49.29 -31.16
C LEU GA 65 79.35 -48.49 -32.15
N LEU GA 66 79.80 -47.29 -31.78
CA LEU GA 66 80.60 -46.50 -32.69
C LEU GA 66 81.92 -47.19 -32.99
N CYS GA 67 82.56 -47.77 -31.98
CA CYS GA 67 83.84 -48.43 -32.19
C CYS GA 67 83.72 -49.67 -33.06
N GLU GA 68 82.51 -50.18 -33.28
CA GLU GA 68 82.30 -51.34 -34.13
C GLU GA 68 82.77 -51.06 -35.56
N GLU GA 69 82.06 -50.16 -36.25
CA GLU GA 69 82.45 -49.83 -37.62
C GLU GA 69 83.81 -49.15 -37.66
N LYS GA 70 84.16 -48.40 -36.62
CA LYS GA 70 85.50 -47.85 -36.53
C LYS GA 70 86.55 -48.91 -36.29
N LYS GA 71 86.14 -50.13 -35.97
CA LYS GA 71 87.05 -51.27 -35.84
C LYS GA 71 88.16 -50.99 -34.83
N ILE GA 72 87.80 -50.37 -33.72
CA ILE GA 72 88.75 -50.02 -32.66
C ILE GA 72 88.37 -50.81 -31.42
N PRO GA 73 89.30 -51.52 -30.79
CA PRO GA 73 88.95 -52.34 -29.63
C PRO GA 73 88.64 -51.50 -28.40
N TYR GA 74 87.89 -52.12 -27.49
CA TYR GA 74 87.47 -51.47 -26.26
C TYR GA 74 87.51 -52.47 -25.12
N VAL GA 75 87.66 -51.95 -23.89
CA VAL GA 75 87.76 -52.79 -22.71
C VAL GA 75 86.82 -52.23 -21.64
N TYR GA 76 86.44 -53.11 -20.71
CA TYR GA 76 85.58 -52.76 -19.60
C TYR GA 76 86.33 -52.86 -18.28
N VAL GA 77 85.98 -52.00 -17.33
CA VAL GA 77 86.51 -52.07 -15.97
C VAL GA 77 85.36 -51.82 -15.01
N PRO GA 78 85.19 -52.64 -13.98
CA PRO GA 78 84.05 -52.46 -13.08
C PRO GA 78 84.12 -51.18 -12.26
N SER GA 79 85.26 -50.93 -11.62
CA SER GA 79 85.40 -49.82 -10.67
C SER GA 79 85.84 -48.57 -11.42
N LYS GA 80 84.89 -47.72 -11.77
CA LYS GA 80 85.25 -46.48 -12.45
C LYS GA 80 85.99 -45.54 -11.51
N LYS GA 81 85.71 -45.62 -10.21
CA LYS GA 81 86.43 -44.78 -9.27
C LYS GA 81 87.92 -45.08 -9.30
N SER GA 82 88.27 -46.36 -9.38
CA SER GA 82 89.68 -46.72 -9.49
C SER GA 82 90.31 -46.10 -10.73
N LEU GA 83 89.59 -46.15 -11.85
CA LEU GA 83 90.13 -45.61 -13.09
C LEU GA 83 90.48 -44.15 -12.94
N GLY GA 84 89.61 -43.37 -12.30
CA GLY GA 84 89.96 -42.00 -11.99
C GLY GA 84 91.23 -41.91 -11.17
N GLU GA 85 91.32 -42.72 -10.12
CA GLU GA 85 92.59 -42.85 -9.42
C GLU GA 85 93.64 -43.40 -10.36
N ALA GA 86 93.28 -44.36 -11.21
CA ALA GA 86 94.24 -44.95 -12.12
C ALA GA 86 94.80 -43.92 -13.08
N CYS GA 87 93.94 -43.04 -13.60
CA CYS GA 87 94.42 -42.00 -14.49
C CYS GA 87 94.97 -40.81 -13.73
N GLY GA 88 95.33 -40.99 -12.47
CA GLY GA 88 95.90 -39.90 -11.69
C GLY GA 88 94.95 -38.74 -11.53
N LEU GA 89 93.65 -39.02 -11.42
CA LEU GA 89 92.63 -38.00 -11.27
C LEU GA 89 92.02 -38.09 -9.89
N GLN GA 90 91.84 -36.94 -9.24
CA GLN GA 90 91.35 -36.92 -7.88
C GLN GA 90 89.91 -37.38 -7.75
N VAL GA 91 89.19 -37.54 -8.86
CA VAL GA 91 87.81 -37.99 -8.80
C VAL GA 91 87.62 -39.15 -9.76
N ALA GA 92 86.38 -39.62 -9.90
CA ALA GA 92 86.11 -40.78 -10.74
C ALA GA 92 86.31 -40.45 -12.21
N ALA GA 93 86.56 -41.49 -12.99
CA ALA GA 93 86.68 -41.39 -14.44
C ALA GA 93 85.85 -42.49 -15.08
N ALA GA 94 85.08 -42.13 -16.10
CA ALA GA 94 84.21 -43.08 -16.77
C ALA GA 94 84.69 -43.45 -18.17
N SER GA 95 85.54 -42.63 -18.78
CA SER GA 95 85.96 -42.89 -20.15
C SER GA 95 87.38 -42.39 -20.36
N VAL GA 96 88.29 -43.31 -20.68
CA VAL GA 96 89.66 -42.97 -21.06
C VAL GA 96 90.05 -43.78 -22.28
N ALA GA 97 91.02 -43.25 -23.04
CA ALA GA 97 91.40 -43.80 -24.33
C ALA GA 97 92.91 -43.86 -24.45
N LEU GA 98 93.37 -44.77 -25.30
CA LEU GA 98 94.80 -45.02 -25.50
C LEU GA 98 95.18 -44.62 -26.91
N MET GA 99 95.73 -43.42 -27.08
CA MET GA 99 96.31 -43.07 -28.38
C MET GA 99 97.50 -43.97 -28.70
N ASP GA 100 98.45 -44.07 -27.79
CA ASP GA 100 99.57 -44.97 -27.97
C ASP GA 100 99.75 -45.75 -26.69
N PRO GA 101 100.06 -47.05 -26.79
CA PRO GA 101 100.22 -47.86 -25.58
C PRO GA 101 101.49 -47.58 -24.80
N GLY GA 102 102.34 -46.67 -25.28
CA GLY GA 102 103.49 -46.24 -24.50
C GLY GA 102 104.47 -47.36 -24.18
N GLU GA 103 104.45 -47.80 -22.92
CA GLU GA 103 105.37 -48.83 -22.47
C GLU GA 103 104.74 -50.22 -22.43
N ALA GA 104 103.44 -50.30 -22.15
CA ALA GA 104 102.74 -51.57 -22.07
C ALA GA 104 102.15 -51.98 -23.41
N LYS GA 105 102.80 -51.59 -24.49
CA LYS GA 105 102.34 -51.94 -25.83
C LYS GA 105 102.14 -53.44 -25.96
N ASP GA 106 103.16 -54.21 -25.61
CA ASP GA 106 103.03 -55.66 -25.63
C ASP GA 106 101.91 -56.11 -24.70
N LEU GA 107 101.87 -55.54 -23.49
CA LEU GA 107 100.76 -55.85 -22.59
C LEU GA 107 99.44 -55.49 -23.23
N VAL GA 108 99.39 -54.36 -23.93
CA VAL GA 108 98.16 -53.96 -24.61
C VAL GA 108 97.78 -54.99 -25.66
N ASP GA 109 98.73 -55.36 -26.51
CA ASP GA 109 98.43 -56.25 -27.63
C ASP GA 109 97.91 -57.59 -27.14
N GLU GA 110 98.53 -58.12 -26.08
CA GLU GA 110 98.03 -59.34 -25.46
C GLU GA 110 96.59 -59.14 -25.01
N ILE GA 111 96.30 -57.99 -24.42
CA ILE GA 111 94.93 -57.70 -24.01
C ILE GA 111 94.02 -57.67 -25.23
N VAL GA 112 94.46 -57.03 -26.31
CA VAL GA 112 93.70 -57.07 -27.55
C VAL GA 112 93.50 -58.52 -27.99
N LYS GA 113 94.58 -59.30 -27.96
CA LYS GA 113 94.44 -60.73 -28.24
C LYS GA 113 93.50 -61.39 -27.24
N ARG GA 114 93.62 -61.01 -25.96
CA ARG GA 114 92.76 -61.59 -24.94
C ARG GA 114 91.29 -61.29 -25.23
N VAL GA 115 90.96 -60.04 -25.51
CA VAL GA 115 89.56 -59.70 -25.72
C VAL GA 115 89.06 -60.29 -27.04
N ASN GA 116 89.88 -60.19 -28.09
CA ASN GA 116 89.42 -60.62 -29.41
C ASN GA 116 89.17 -62.12 -29.42
N GLU GA 117 90.04 -62.90 -28.79
CA GLU GA 117 89.80 -64.33 -28.72
C GLU GA 117 88.54 -64.63 -27.90
N ILE GA 118 88.26 -63.82 -26.88
CA ILE GA 118 87.00 -63.97 -26.17
C ILE GA 118 85.84 -63.58 -27.08
N LYS GA 119 86.02 -62.50 -27.85
CA LYS GA 119 84.99 -62.09 -28.79
C LYS GA 119 84.63 -63.22 -29.75
N GLY GA 120 85.65 -63.93 -30.24
CA GLY GA 120 85.38 -65.09 -31.06
C GLY GA 120 84.55 -66.13 -30.33
N LYS GA 121 84.90 -66.40 -29.07
CA LYS GA 121 84.06 -67.25 -28.23
C LYS GA 121 82.79 -66.52 -27.78
N SER GA 122 82.80 -65.20 -27.77
CA SER GA 122 81.60 -64.42 -27.48
C SER GA 122 80.65 -64.36 -28.66
N SER GA 123 81.06 -64.85 -29.83
CA SER GA 123 80.24 -64.86 -31.04
C SER GA 123 79.81 -63.45 -31.42
N PRO HA 1 19.20 87.55 -5.71
CA PRO HA 1 18.28 88.37 -4.92
C PRO HA 1 17.55 89.40 -5.78
N SER HA 2 16.68 88.92 -6.68
CA SER HA 2 16.05 89.80 -7.65
C SER HA 2 15.06 90.74 -6.97
N TYR HA 3 13.99 90.19 -6.39
CA TYR HA 3 13.01 91.03 -5.71
C TYR HA 3 13.58 91.66 -4.46
N VAL HA 4 14.70 91.15 -3.95
CA VAL HA 4 15.31 91.71 -2.77
C VAL HA 4 15.82 93.11 -3.08
N LYS HA 5 15.50 94.06 -2.23
CA LYS HA 5 15.87 95.45 -2.46
C LYS HA 5 16.97 95.95 -1.55
N PHE HA 6 16.94 95.61 -0.26
CA PHE HA 6 17.99 96.00 0.65
C PHE HA 6 18.44 94.81 1.48
N GLU HA 7 19.71 94.80 1.83
CA GLU HA 7 20.29 93.73 2.63
C GLU HA 7 19.94 93.92 4.10
N VAL HA 8 19.63 92.81 4.77
CA VAL HA 8 19.43 92.79 6.21
C VAL HA 8 20.49 91.88 6.80
N PRO HA 9 21.20 92.29 7.84
CA PRO HA 9 22.20 91.42 8.45
C PRO HA 9 21.55 90.20 9.09
N GLN HA 10 22.33 89.12 9.18
CA GLN HA 10 21.84 87.89 9.77
C GLN HA 10 21.39 88.13 11.21
N GLU HA 11 22.18 88.90 11.96
CA GLU HA 11 21.87 89.17 13.36
C GLU HA 11 20.52 89.84 13.53
N LEU HA 12 19.98 90.44 12.47
CA LEU HA 12 18.65 91.04 12.51
C LEU HA 12 17.57 90.12 11.99
N ALA HA 13 17.79 89.48 10.84
CA ALA HA 13 16.75 88.63 10.25
C ALA HA 13 16.41 87.47 11.17
N ASP HA 14 17.43 86.86 11.79
CA ASP HA 14 17.19 85.75 12.71
C ASP HA 14 16.28 86.18 13.85
N LYS HA 15 16.44 87.42 14.33
CA LYS HA 15 15.64 87.89 15.45
C LYS HA 15 14.16 87.93 15.12
N VAL HA 16 13.81 87.87 13.84
CA VAL HA 16 12.40 87.79 13.47
C VAL HA 16 11.84 86.42 13.83
N LEU HA 17 12.64 85.37 13.65
CA LEU HA 17 12.11 84.01 13.65
C LEU HA 17 11.48 83.66 15.00
N GLU HA 18 12.16 83.98 16.09
CA GLU HA 18 11.61 83.66 17.40
C GLU HA 18 10.33 84.42 17.66
N ALA HA 19 10.23 85.65 17.14
CA ALA HA 19 8.95 86.35 17.16
C ALA HA 19 7.93 85.59 16.33
N VAL HA 20 8.33 85.12 15.15
CA VAL HA 20 7.46 84.26 14.37
C VAL HA 20 7.12 83.01 15.18
N LYS HA 21 8.12 82.42 15.84
CA LYS HA 21 7.85 81.33 16.75
C LYS HA 21 6.93 81.77 17.87
N LYS HA 22 7.18 82.96 18.43
CA LYS HA 22 6.29 83.51 19.44
C LYS HA 22 4.96 83.95 18.85
N ALA HA 23 4.83 83.93 17.52
CA ALA HA 23 3.55 84.29 16.92
C ALA HA 23 2.63 83.08 16.80
N LYS HA 24 3.16 81.94 16.34
CA LYS HA 24 2.31 80.81 15.99
C LYS HA 24 1.56 80.29 17.21
N ASP HA 25 2.19 80.32 18.38
CA ASP HA 25 1.63 79.65 19.55
C ASP HA 25 0.34 80.29 20.01
N SER HA 26 0.34 81.61 20.19
CA SER HA 26 -0.82 82.32 20.72
C SER HA 26 -1.16 83.52 19.84
N GLY HA 27 -1.24 83.26 18.54
CA GLY HA 27 -1.65 84.26 17.57
C GLY HA 27 -2.09 83.56 16.31
N LYS HA 28 -2.50 84.35 15.32
CA LYS HA 28 -2.94 83.84 14.05
C LYS HA 28 -1.88 84.08 12.98
N ILE HA 29 -1.55 83.04 12.23
CA ILE HA 29 -0.58 83.11 11.16
C ILE HA 29 -1.15 82.42 9.94
N LYS HA 30 -0.92 83.00 8.77
CA LYS HA 30 -1.37 82.41 7.52
C LYS HA 30 -0.19 81.74 6.82
N LYS HA 31 -0.41 80.51 6.37
CA LYS HA 31 0.57 79.77 5.58
C LYS HA 31 -0.04 79.46 4.23
N GLY HA 32 0.69 79.78 3.17
CA GLY HA 32 0.16 79.67 1.83
C GLY HA 32 0.16 81.02 1.12
N THR HA 33 0.87 81.09 0.00
CA THR HA 33 1.02 82.36 -0.70
C THR HA 33 -0.33 82.92 -1.13
N ASN HA 34 -1.20 82.06 -1.67
CA ASN HA 34 -2.54 82.51 -2.03
C ASN HA 34 -3.30 83.00 -0.81
N GLU HA 35 -2.96 82.52 0.38
CA GLU HA 35 -3.58 83.05 1.58
C GLU HA 35 -2.83 84.29 2.07
N THR HA 36 -1.50 84.21 2.14
CA THR HA 36 -0.72 85.29 2.72
C THR HA 36 -0.81 86.56 1.87
N THR HA 37 -0.81 86.42 0.56
CA THR HA 37 -0.97 87.59 -0.30
C THR HA 37 -2.32 88.25 -0.06
N LYS HA 38 -3.37 87.44 0.08
CA LYS HA 38 -4.71 87.99 0.32
C LYS HA 38 -4.75 88.85 1.57
N ALA HA 39 -3.85 88.61 2.52
CA ALA HA 39 -3.82 89.41 3.74
C ALA HA 39 -3.55 90.87 3.41
N VAL HA 40 -2.63 91.12 2.49
CA VAL HA 40 -2.34 92.49 2.09
C VAL HA 40 -3.57 93.13 1.47
N GLU HA 41 -4.19 92.43 0.53
CA GLU HA 41 -5.38 92.99 -0.12
C GLU HA 41 -6.51 93.17 0.87
N ARG HA 42 -6.69 92.22 1.78
CA ARG HA 42 -7.65 92.39 2.85
C ARG HA 42 -7.15 93.37 3.91
N SER HA 43 -5.91 93.85 3.78
CA SER HA 43 -5.31 94.80 4.71
C SER HA 43 -5.24 94.25 6.13
N GLN HA 44 -5.36 92.94 6.27
CA GLN HA 44 -5.38 92.30 7.58
C GLN HA 44 -3.98 92.00 8.09
N ALA HA 45 -2.96 92.22 7.29
CA ALA HA 45 -1.60 91.89 7.67
C ALA HA 45 -0.97 93.02 8.48
N LYS HA 46 0.04 92.68 9.25
CA LYS HA 46 0.81 93.69 9.96
C LYS HA 46 2.31 93.55 9.74
N LEU HA 47 2.83 92.33 9.70
CA LEU HA 47 4.25 92.08 9.45
C LEU HA 47 4.39 90.95 8.46
N VAL HA 48 5.35 91.08 7.55
CA VAL HA 48 5.54 90.14 6.45
C VAL HA 48 6.99 89.70 6.42
N VAL HA 49 7.20 88.39 6.24
CA VAL HA 49 8.52 87.81 6.14
C VAL HA 49 8.66 87.18 4.76
N ILE HA 50 9.77 87.47 4.09
CA ILE HA 50 10.01 87.02 2.73
C ILE HA 50 11.33 86.29 2.67
N ALA HA 51 11.35 85.13 2.03
CA ALA HA 51 12.55 84.33 1.88
C ALA HA 51 13.25 84.69 0.57
N GLU HA 52 14.54 84.98 0.65
CA GLU HA 52 15.31 85.45 -0.50
C GLU HA 52 16.00 84.32 -1.24
N ASP HA 53 15.42 83.12 -1.27
CA ASP HA 53 16.06 82.00 -1.92
C ASP HA 53 15.10 81.18 -2.77
N VAL HA 54 13.92 81.74 -3.09
CA VAL HA 54 12.95 80.94 -3.82
C VAL HA 54 13.40 80.74 -5.26
N GLN HA 55 12.79 79.76 -5.90
CA GLN HA 55 13.09 79.46 -7.29
C GLN HA 55 11.91 78.77 -7.94
N PRO HA 56 11.27 79.38 -8.94
CA PRO HA 56 11.59 80.73 -9.41
C PRO HA 56 11.10 81.80 -8.46
N GLU HA 57 11.28 83.07 -8.84
CA GLU HA 57 11.08 84.19 -7.92
C GLU HA 57 9.81 84.97 -8.18
N GLU HA 58 9.26 84.91 -9.39
CA GLU HA 58 8.14 85.77 -9.74
C GLU HA 58 6.91 85.49 -8.89
N ILE HA 59 6.79 84.30 -8.30
CA ILE HA 59 5.65 84.02 -7.45
C ILE HA 59 5.68 84.87 -6.20
N VAL HA 60 6.86 85.20 -5.70
CA VAL HA 60 6.99 86.11 -4.56
C VAL HA 60 7.42 87.50 -4.99
N ALA HA 61 8.01 87.67 -6.17
CA ALA HA 61 8.61 88.95 -6.53
C ALA HA 61 7.59 90.07 -6.60
N HIS HA 62 6.31 89.75 -6.83
CA HIS HA 62 5.32 90.81 -6.95
C HIS HA 62 4.81 91.28 -5.59
N LEU HA 63 5.05 90.53 -4.53
CA LEU HA 63 4.59 90.97 -3.20
C LEU HA 63 5.24 92.27 -2.74
N PRO HA 64 6.56 92.46 -2.83
CA PRO HA 64 7.17 93.65 -2.21
C PRO HA 64 6.57 94.97 -2.66
N LEU HA 65 6.24 95.10 -3.94
CA LEU HA 65 5.64 96.36 -4.39
C LEU HA 65 4.19 96.47 -3.95
N LEU HA 66 3.44 95.37 -4.01
CA LEU HA 66 2.02 95.44 -3.66
C LEU HA 66 1.84 95.63 -2.16
N CYS HA 67 2.73 95.07 -1.35
CA CYS HA 67 2.65 95.33 0.08
C CYS HA 67 3.10 96.75 0.41
N GLU HA 68 4.08 97.26 -0.33
CA GLU HA 68 4.59 98.60 -0.05
C GLU HA 68 3.51 99.66 -0.29
N GLU HA 69 2.73 99.51 -1.36
CA GLU HA 69 1.77 100.55 -1.70
C GLU HA 69 0.71 100.74 -0.62
N LYS HA 70 0.47 99.73 0.20
CA LYS HA 70 -0.40 99.88 1.35
C LYS HA 70 0.37 100.24 2.60
N LYS HA 71 1.69 100.47 2.48
CA LYS HA 71 2.53 100.92 3.57
C LYS HA 71 2.46 99.95 4.76
N ILE HA 72 2.91 98.73 4.52
CA ILE HA 72 2.96 97.69 5.53
C ILE HA 72 4.40 97.19 5.63
N PRO HA 73 4.97 97.11 6.82
CA PRO HA 73 6.38 96.70 6.93
C PRO HA 73 6.59 95.25 6.52
N TYR HA 74 7.80 94.96 6.06
CA TYR HA 74 8.16 93.61 5.66
C TYR HA 74 9.68 93.48 5.69
N VAL HA 75 10.14 92.23 5.66
CA VAL HA 75 11.55 91.91 5.86
C VAL HA 75 11.92 90.68 5.04
N TYR HA 76 13.20 90.58 4.70
CA TYR HA 76 13.74 89.44 3.99
C TYR HA 76 14.34 88.44 4.99
N VAL HA 77 14.08 87.15 4.78
CA VAL HA 77 14.58 86.13 5.70
C VAL HA 77 15.33 85.03 4.94
N PRO HA 78 16.36 84.44 5.54
CA PRO HA 78 17.30 83.60 4.77
C PRO HA 78 16.69 82.39 4.08
N SER HA 79 16.11 81.46 4.85
CA SER HA 79 15.77 80.15 4.32
C SER HA 79 14.31 79.83 4.54
N LYS HA 80 13.63 79.44 3.47
CA LYS HA 80 12.23 79.04 3.58
C LYS HA 80 12.10 77.80 4.45
N LYS HA 81 13.06 76.88 4.36
CA LYS HA 81 13.05 75.70 5.20
C LYS HA 81 13.08 76.07 6.67
N SER HA 82 13.94 77.01 7.03
CA SER HA 82 13.91 77.54 8.39
C SER HA 82 12.56 78.17 8.69
N LEU HA 83 12.03 78.93 7.73
CA LEU HA 83 10.73 79.54 7.94
C LEU HA 83 9.63 78.48 7.96
N GLY HA 84 9.72 77.49 7.07
CA GLY HA 84 8.69 76.46 7.04
C GLY HA 84 8.57 75.73 8.36
N GLU HA 85 9.70 75.32 8.94
CA GLU HA 85 9.65 74.69 10.25
C GLU HA 85 9.18 75.69 11.30
N ALA HA 86 9.56 76.95 11.16
CA ALA HA 86 9.04 77.97 12.06
C ALA HA 86 7.54 78.08 11.97
N CYS HA 87 6.96 77.72 10.83
CA CYS HA 87 5.51 77.60 10.69
C CYS HA 87 5.00 76.29 11.23
N GLY HA 88 5.81 75.58 12.02
CA GLY HA 88 5.43 74.26 12.46
C GLY HA 88 5.26 73.28 11.33
N LEU HA 89 5.80 73.58 10.16
CA LEU HA 89 5.60 72.76 8.99
C LEU HA 89 6.86 71.97 8.67
N GLN HA 90 6.67 70.71 8.32
CA GLN HA 90 7.76 69.86 7.88
C GLN HA 90 8.35 70.30 6.55
N VAL HA 91 7.68 71.19 5.83
CA VAL HA 91 8.13 71.67 4.55
C VAL HA 91 8.27 73.18 4.64
N ALA HA 92 9.10 73.73 3.76
CA ALA HA 92 9.34 75.16 3.73
C ALA HA 92 8.07 75.93 3.37
N ALA HA 93 8.04 77.17 3.82
CA ALA HA 93 6.97 78.11 3.45
C ALA HA 93 7.61 79.38 2.93
N ALA HA 94 7.12 79.86 1.80
CA ALA HA 94 7.74 81.03 1.17
C ALA HA 94 7.23 82.33 1.77
N SER HA 95 5.94 82.59 1.63
CA SER HA 95 5.33 83.84 2.07
C SER HA 95 4.52 83.59 3.32
N VAL HA 96 4.81 84.36 4.37
CA VAL HA 96 4.06 84.30 5.62
C VAL HA 96 3.88 85.71 6.14
N ALA HA 97 2.67 86.03 6.60
CA ALA HA 97 2.34 87.32 7.15
C ALA HA 97 1.89 87.19 8.59
N LEU HA 98 1.91 88.30 9.30
CA LEU HA 98 1.51 88.35 10.70
C LEU HA 98 0.09 88.89 10.80
N MET HA 99 -0.82 88.07 11.35
CA MET HA 99 -2.18 88.53 11.59
C MET HA 99 -2.28 89.26 12.92
N ASP HA 100 -1.68 88.70 13.97
CA ASP HA 100 -1.65 89.35 15.28
C ASP HA 100 -0.52 88.76 16.12
N PRO HA 101 0.38 89.60 16.64
CA PRO HA 101 1.46 89.08 17.49
C PRO HA 101 0.95 88.45 18.76
N GLY HA 102 -0.28 88.75 19.17
CA GLY HA 102 -0.80 88.21 20.41
C GLY HA 102 0.05 88.65 21.58
N GLU HA 103 0.85 87.72 22.10
CA GLU HA 103 1.78 88.01 23.18
C GLU HA 103 3.08 88.62 22.66
N ALA HA 104 3.24 88.74 21.35
CA ALA HA 104 4.47 89.26 20.77
C ALA HA 104 4.42 90.77 20.54
N LYS HA 105 3.62 91.49 21.33
CA LYS HA 105 3.49 92.93 21.16
C LYS HA 105 4.84 93.63 21.26
N ASP HA 106 5.60 93.34 22.32
CA ASP HA 106 6.72 94.17 22.68
C ASP HA 106 7.94 93.99 21.79
N LEU HA 107 8.01 92.90 21.04
CA LEU HA 107 9.17 92.66 20.19
C LEU HA 107 8.89 92.82 18.70
N VAL HA 108 7.64 92.69 18.25
CA VAL HA 108 7.38 92.94 16.84
C VAL HA 108 7.59 94.40 16.52
N ASP HA 109 7.28 95.30 17.46
CA ASP HA 109 7.25 96.73 17.16
C ASP HA 109 8.64 97.28 16.85
N GLU HA 110 9.62 97.00 17.70
CA GLU HA 110 10.94 97.58 17.49
C GLU HA 110 11.58 97.03 16.22
N ILE HA 111 11.23 95.80 15.84
CA ILE HA 111 11.72 95.24 14.59
C ILE HA 111 11.25 96.08 13.42
N VAL HA 112 9.98 96.50 13.46
CA VAL HA 112 9.43 97.32 12.38
C VAL HA 112 10.19 98.64 12.30
N LYS HA 113 10.38 99.30 13.44
CA LYS HA 113 11.00 100.62 13.41
C LYS HA 113 12.50 100.53 13.14
N ARG HA 114 13.16 99.49 13.66
CA ARG HA 114 14.60 99.40 13.50
C ARG HA 114 15.02 98.85 12.15
N VAL HA 115 14.08 98.44 11.31
CA VAL HA 115 14.42 98.09 9.93
C VAL HA 115 14.23 99.27 9.00
N ASN HA 116 13.45 100.28 9.41
CA ASN HA 116 13.20 101.42 8.54
C ASN HA 116 14.47 102.17 8.20
N GLU HA 117 15.35 102.35 9.19
CA GLU HA 117 16.57 103.10 8.93
C GLU HA 117 17.42 102.43 7.85
N ILE HA 118 17.44 101.10 7.82
CA ILE HA 118 18.09 100.40 6.71
C ILE HA 118 17.38 100.73 5.41
N LYS HA 119 16.05 100.68 5.42
CA LYS HA 119 15.29 101.09 4.23
C LYS HA 119 15.32 102.61 4.07
N GLY HA 120 15.50 103.34 5.17
CA GLY HA 120 15.62 104.79 5.08
C GLY HA 120 16.85 105.23 4.33
N LYS HA 121 17.98 104.56 4.58
CA LYS HA 121 19.18 104.81 3.80
C LYS HA 121 19.17 104.07 2.46
N SER HA 122 18.21 103.18 2.25
CA SER HA 122 18.08 102.45 1.00
C SER HA 122 17.14 103.11 0.00
N SER HA 123 16.48 104.20 0.38
CA SER HA 123 15.56 104.93 -0.49
C SER HA 123 14.45 104.03 -1.03
N MET IA 39 15.05 -4.35 -37.40
CA MET IA 39 13.88 -4.51 -36.54
C MET IA 39 12.63 -4.85 -37.35
N HIS IA 40 12.44 -6.15 -37.61
CA HIS IA 40 11.30 -6.60 -38.40
C HIS IA 40 9.95 -6.26 -37.78
N LYS IA 41 9.88 -6.08 -36.47
CA LYS IA 41 8.58 -6.13 -35.80
C LYS IA 41 7.78 -4.84 -35.95
N GLU IA 42 8.28 -3.73 -35.42
CA GLU IA 42 7.51 -2.50 -35.43
C GLU IA 42 8.17 -1.38 -36.21
N LYS IA 43 9.50 -1.33 -36.24
CA LYS IA 43 10.24 -0.34 -37.00
C LYS IA 43 10.57 -0.84 -38.40
N TRP IA 44 9.86 -1.86 -38.87
CA TRP IA 44 10.15 -2.42 -40.18
C TRP IA 44 9.85 -1.44 -41.30
N SER IA 45 9.08 -0.39 -41.02
CA SER IA 45 8.87 0.66 -42.00
C SER IA 45 10.17 1.38 -42.31
N TRP IA 46 11.01 1.61 -41.30
CA TRP IA 46 12.31 2.22 -41.52
C TRP IA 46 13.15 1.41 -42.51
N THR IA 47 12.88 0.11 -42.61
CA THR IA 47 13.61 -0.73 -43.55
C THR IA 47 13.28 -0.36 -44.99
N VAL IA 48 12.00 -0.16 -45.30
CA VAL IA 48 11.60 -0.03 -46.70
C VAL IA 48 11.82 1.37 -47.26
N LYS IA 49 11.87 2.40 -46.42
CA LYS IA 49 12.17 3.75 -46.88
C LYS IA 49 13.63 4.14 -46.68
N PHE IA 50 14.10 4.06 -45.43
CA PHE IA 50 15.41 4.58 -45.08
C PHE IA 50 16.44 3.48 -44.86
N GLY IA 51 16.04 2.22 -44.91
CA GLY IA 51 16.95 1.15 -44.56
C GLY IA 51 17.13 0.09 -45.61
N GLU IA 52 17.22 0.49 -46.88
CA GLU IA 52 17.50 -0.48 -47.92
C GLU IA 52 18.89 -1.07 -47.70
N GLY IA 53 18.99 -2.39 -47.87
CA GLY IA 53 20.25 -3.07 -47.66
C GLY IA 53 20.70 -3.15 -46.21
N TRP IA 54 19.89 -2.67 -45.28
CA TRP IA 54 20.24 -2.76 -43.86
C TRP IA 54 20.32 -4.20 -43.40
N TYR IA 55 19.74 -5.13 -44.15
CA TYR IA 55 19.79 -6.55 -43.83
C TYR IA 55 20.60 -7.28 -44.89
N GLY IA 56 21.33 -8.29 -44.47
CA GLY IA 56 22.01 -9.18 -45.40
C GLY IA 56 23.25 -8.58 -46.03
N LYS IA 57 23.82 -9.35 -46.95
CA LYS IA 57 25.06 -9.00 -47.61
C LYS IA 57 24.81 -8.76 -49.09
N HIS IA 58 25.81 -8.19 -49.75
CA HIS IA 58 25.69 -7.82 -51.16
C HIS IA 58 27.05 -8.03 -51.82
N GLY IA 59 27.25 -9.22 -52.39
CA GLY IA 59 28.51 -9.47 -53.05
C GLY IA 59 29.70 -9.45 -52.10
N PHE IA 60 30.88 -9.66 -52.69
CA PHE IA 60 32.13 -9.63 -51.98
C PHE IA 60 32.89 -8.39 -52.41
N ARG IA 61 34.07 -8.20 -51.85
CA ARG IA 61 34.98 -7.19 -52.37
C ARG IA 61 36.28 -7.83 -52.84
N ASN IA 62 36.93 -7.17 -53.77
CA ASN IA 62 38.30 -7.49 -54.15
C ASN IA 62 39.26 -6.91 -53.12
N PRO IA 63 40.13 -7.72 -52.50
CA PRO IA 63 41.08 -7.17 -51.54
C PRO IA 63 42.33 -6.59 -52.18
N THR IA 64 42.57 -6.84 -53.47
CA THR IA 64 43.79 -6.38 -54.11
C THR IA 64 43.54 -5.39 -55.24
N SER IA 65 42.37 -4.76 -55.26
CA SER IA 65 42.11 -3.74 -56.27
C SER IA 65 43.14 -2.63 -56.15
N LYS IA 66 43.93 -2.46 -57.20
CA LYS IA 66 45.06 -1.54 -57.16
C LYS IA 66 44.57 -0.13 -56.89
N LEU IA 67 45.26 0.55 -55.98
CA LEU IA 67 44.91 1.94 -55.69
C LEU IA 67 45.16 2.80 -56.91
N VAL IA 68 44.24 3.73 -57.15
CA VAL IA 68 44.30 4.59 -58.33
C VAL IA 68 44.37 6.03 -57.85
N ASN IA 69 45.41 6.74 -58.26
CA ASN IA 69 45.54 8.16 -57.93
C ASN IA 69 44.97 8.94 -59.10
N ALA IA 70 43.66 9.16 -59.05
CA ALA IA 70 42.95 9.85 -60.12
C ALA IA 70 43.06 11.36 -59.91
N ILE IA 71 43.37 12.09 -60.99
CA ILE IA 71 43.62 13.51 -60.91
C ILE IA 71 42.83 14.23 -62.01
N GLY IA 72 42.28 15.38 -61.68
CA GLY IA 72 41.42 16.11 -62.59
C GLY IA 72 42.20 17.07 -63.46
N LEU IA 73 41.97 16.99 -64.78
CA LEU IA 73 42.66 17.86 -65.71
C LEU IA 73 42.39 19.32 -65.40
N ARG IA 74 41.14 19.63 -65.04
CA ARG IA 74 40.77 20.99 -64.69
C ARG IA 74 41.71 21.56 -63.65
N LYS IA 75 42.05 20.77 -62.64
CA LYS IA 75 42.93 21.21 -61.57
C LYS IA 75 44.37 21.42 -62.01
N LEU IA 76 44.73 20.95 -63.20
CA LEU IA 76 46.14 20.81 -63.53
C LEU IA 76 46.80 22.10 -63.97
N GLN IA 77 46.14 23.24 -63.91
CA GLN IA 77 46.76 24.44 -64.46
C GLN IA 77 47.76 25.04 -63.48
N GLU IA 78 48.59 24.19 -62.88
CA GLU IA 78 49.44 24.54 -61.74
C GLU IA 78 50.39 23.40 -61.47
N TYR IA 79 51.67 23.67 -61.16
CA TYR IA 79 52.48 22.64 -60.50
C TYR IA 79 53.37 23.33 -59.44
N ILE IA 80 52.83 23.53 -58.25
CA ILE IA 80 51.39 23.59 -58.04
C ILE IA 80 51.10 25.00 -57.53
N ASP IA 81 50.84 25.91 -58.47
CA ASP IA 81 50.86 27.34 -58.19
C ASP IA 81 52.16 27.76 -57.52
N LYS IA 94 58.11 22.88 -72.07
CA LYS IA 94 58.17 22.40 -70.69
C LYS IA 94 57.60 21.01 -70.58
N VAL IA 95 58.28 20.17 -69.81
CA VAL IA 95 57.93 18.75 -69.65
C VAL IA 95 57.25 18.57 -68.29
N VAL IA 96 56.12 17.87 -68.29
CA VAL IA 96 55.37 17.61 -67.07
C VAL IA 96 54.99 16.15 -67.01
N ASP IA 97 55.18 15.54 -65.84
CA ASP IA 97 54.78 14.16 -65.58
C ASP IA 97 54.14 14.08 -64.21
N LEU IA 98 53.12 13.23 -64.09
CA LEU IA 98 52.38 13.11 -62.84
C LEU IA 98 52.99 12.11 -61.88
N ALA IA 99 54.03 11.38 -62.28
CA ALA IA 99 54.67 10.46 -61.35
C ALA IA 99 55.27 11.21 -60.18
N LYS IA 100 55.94 12.33 -60.44
CA LYS IA 100 56.48 13.14 -59.35
C LYS IA 100 55.36 13.69 -58.47
N TYR IA 101 54.18 13.88 -59.03
CA TYR IA 101 53.00 14.19 -58.25
C TYR IA 101 52.17 12.95 -57.95
N GLY IA 102 52.65 11.77 -58.35
CA GLY IA 102 52.05 10.53 -57.93
C GLY IA 102 50.70 10.21 -58.50
N TYR IA 103 50.31 10.86 -59.59
CA TYR IA 103 49.00 10.62 -60.19
C TYR IA 103 49.14 9.61 -61.33
N ASP IA 104 48.18 8.70 -61.40
CA ASP IA 104 48.28 7.56 -62.31
C ASP IA 104 47.46 7.77 -63.58
N LYS IA 105 46.14 7.89 -63.45
CA LYS IA 105 45.24 8.00 -64.58
C LYS IA 105 44.79 9.44 -64.75
N LEU IA 106 45.00 9.97 -65.95
CA LEU IA 106 44.65 11.36 -66.24
C LEU IA 106 43.17 11.40 -66.55
N LEU IA 107 42.37 11.90 -65.60
CA LEU IA 107 40.95 11.99 -65.83
C LEU IA 107 40.65 13.09 -66.85
N GLY IA 108 39.42 13.07 -67.36
CA GLY IA 108 39.03 14.04 -68.36
C GLY IA 108 39.21 15.47 -67.88
N GLY IA 109 38.84 15.73 -66.64
CA GLY IA 109 39.00 17.06 -66.09
C GLY IA 109 38.23 18.09 -66.89
N GLY IA 110 38.73 19.30 -66.90
CA GLY IA 110 38.06 20.37 -67.61
C GLY IA 110 38.59 20.56 -69.01
N ASN IA 111 39.25 21.68 -69.24
CA ASN IA 111 39.93 21.95 -70.49
C ASN IA 111 41.18 22.76 -70.21
N LEU IA 112 42.28 22.35 -70.83
CA LEU IA 112 43.57 22.98 -70.58
C LEU IA 112 43.58 24.39 -71.18
N ARG IA 113 44.71 25.07 -71.00
CA ARG IA 113 44.94 26.35 -71.66
C ARG IA 113 46.16 26.37 -72.54
N LEU IA 114 47.20 25.60 -72.22
CA LEU IA 114 48.40 25.62 -73.03
C LEU IA 114 48.82 24.21 -73.38
N PRO IA 115 49.26 24.00 -74.62
CA PRO IA 115 49.75 22.66 -75.02
C PRO IA 115 51.10 22.40 -74.36
N LEU IA 116 51.19 21.35 -73.57
CA LEU IA 116 52.42 21.03 -72.86
C LEU IA 116 52.83 19.59 -73.14
N VAL IA 117 53.84 19.16 -72.40
CA VAL IA 117 54.39 17.82 -72.52
C VAL IA 117 53.82 16.98 -71.39
N ILE IA 118 53.03 15.98 -71.74
CA ILE IA 118 52.32 15.17 -70.76
C ILE IA 118 52.71 13.71 -70.93
N LYS IA 119 53.40 13.17 -69.94
CA LYS IA 119 53.68 11.74 -69.85
C LYS IA 119 53.17 11.26 -68.50
N VAL IA 120 52.29 10.27 -68.52
CA VAL IA 120 51.69 9.72 -67.31
C VAL IA 120 51.56 8.21 -67.50
N ALA IA 121 50.95 7.56 -66.49
CA ALA IA 121 50.67 6.14 -66.60
C ALA IA 121 49.53 5.89 -67.58
N LYS IA 122 48.33 6.39 -67.25
CA LYS IA 122 47.16 6.13 -68.06
C LYS IA 122 46.24 7.35 -68.04
N ALA IA 123 45.12 7.24 -68.72
CA ALA IA 123 44.17 8.33 -68.86
C ALA IA 123 42.88 7.75 -69.46
N THR IA 124 41.94 8.64 -69.77
CA THR IA 124 40.75 8.28 -70.52
C THR IA 124 40.92 8.67 -71.98
N GLU IA 125 40.00 8.17 -72.81
CA GLU IA 125 40.08 8.48 -74.24
C GLU IA 125 39.79 9.96 -74.51
N LYS IA 126 38.75 10.50 -73.89
CA LYS IA 126 38.33 11.86 -74.20
C LYS IA 126 39.42 12.86 -73.87
N ALA IA 127 40.17 12.62 -72.80
CA ALA IA 127 41.28 13.50 -72.48
C ALA IA 127 42.31 13.50 -73.61
N LYS IA 128 42.61 12.32 -74.15
CA LYS IA 128 43.71 12.19 -75.08
C LYS IA 128 43.51 13.07 -76.30
N GLU IA 129 42.32 13.01 -76.91
CA GLU IA 129 42.06 13.86 -78.06
C GLU IA 129 42.03 15.33 -77.67
N ARG IA 130 41.54 15.64 -76.46
CA ARG IA 130 41.56 17.01 -76.01
C ARG IA 130 42.97 17.54 -75.91
N VAL IA 131 43.87 16.73 -75.36
CA VAL IA 131 45.27 17.14 -75.25
C VAL IA 131 45.87 17.31 -76.63
N LYS IA 132 45.58 16.38 -77.54
CA LYS IA 132 46.02 16.54 -78.92
C LYS IA 132 45.37 17.75 -79.57
N GLU IA 133 44.11 18.03 -79.22
CA GLU IA 133 43.40 19.15 -79.83
C GLU IA 133 44.14 20.46 -79.59
N ILE IA 134 44.45 20.74 -78.33
CA ILE IA 134 45.12 22.00 -78.02
C ILE IA 134 46.51 22.04 -78.64
N GLY IA 135 47.18 20.90 -78.69
CA GLY IA 135 48.53 20.85 -79.21
C GLY IA 135 49.41 19.99 -78.34
N GLY IA 136 48.95 19.69 -77.14
CA GLY IA 136 49.68 18.80 -76.26
C GLY IA 136 49.62 17.37 -76.76
N GLU IA 137 50.27 16.50 -76.01
CA GLU IA 137 50.31 15.09 -76.40
C GLU IA 137 50.27 14.22 -75.17
N ILE IA 138 49.82 12.99 -75.35
CA ILE IA 138 49.67 12.02 -74.29
C ILE IA 138 50.73 10.94 -74.48
N ILE IA 139 51.57 10.75 -73.48
CA ILE IA 139 52.57 9.69 -73.50
C ILE IA 139 52.09 8.60 -72.57
N LEU IA 140 51.60 7.50 -73.14
CA LEU IA 140 51.08 6.40 -72.34
C LEU IA 140 52.22 5.44 -71.98
N THR IA 141 53.23 6.01 -71.33
CA THR IA 141 54.31 5.23 -70.79
C THR IA 141 53.79 4.45 -69.59
N SER IA 142 54.22 3.19 -69.46
CA SER IA 142 53.83 2.38 -68.32
C SER IA 142 54.80 2.51 -67.16
N SER IA 143 55.77 3.41 -67.25
CA SER IA 143 56.74 3.62 -66.18
C SER IA 143 57.31 5.03 -66.27
N GLU IA 144 57.98 5.44 -65.20
CA GLU IA 144 58.68 6.72 -65.15
C GLU IA 144 60.16 6.52 -65.44
N VAL JA 1 -16.22 -6.54 -39.10
CA VAL JA 1 -15.70 -7.39 -40.16
C VAL JA 1 -15.13 -6.54 -41.29
N ALA JA 2 -13.81 -6.55 -41.41
CA ALA JA 2 -13.16 -5.84 -42.50
C ALA JA 2 -13.53 -6.48 -43.83
N ARG JA 3 -13.73 -5.65 -44.84
CA ARG JA 3 -14.08 -6.14 -46.16
C ARG JA 3 -12.83 -6.37 -47.00
N SER JA 4 -12.87 -7.41 -47.83
CA SER JA 4 -11.76 -7.69 -48.72
C SER JA 4 -11.55 -6.53 -49.69
N LYS JA 5 -10.29 -6.21 -49.93
CA LYS JA 5 -9.96 -5.13 -50.86
C LYS JA 5 -9.85 -5.66 -52.29
N GLY JA 6 -10.87 -6.39 -52.72
CA GLY JA 6 -10.88 -6.90 -54.07
C GLY JA 6 -10.96 -5.78 -55.09
N TYR JA 7 -10.29 -5.99 -56.22
CA TYR JA 7 -10.17 -4.94 -57.22
C TYR JA 7 -11.51 -4.53 -57.78
N ARG JA 8 -12.53 -5.36 -57.65
CA ARG JA 8 -13.89 -5.00 -58.03
C ARG JA 8 -14.84 -5.03 -56.84
N SER JA 9 -14.31 -4.94 -55.64
CA SER JA 9 -15.14 -5.08 -54.44
C SER JA 9 -16.16 -3.96 -54.38
N LYS JA 10 -17.35 -4.28 -53.85
CA LYS JA 10 -18.42 -3.33 -53.63
C LYS JA 10 -18.79 -2.63 -54.94
N THR JA 11 -19.28 -3.46 -55.87
CA THR JA 11 -19.62 -2.99 -57.21
C THR JA 11 -20.88 -3.66 -57.74
N ARG JA 12 -21.80 -4.02 -56.83
CA ARG JA 12 -22.94 -4.85 -57.22
C ARG JA 12 -23.77 -4.24 -58.33
N LYS JA 13 -23.77 -2.91 -58.43
CA LYS JA 13 -24.42 -2.26 -59.55
C LYS JA 13 -23.53 -1.23 -60.23
N LEU JA 14 -22.31 -1.02 -59.74
CA LEU JA 14 -21.37 -0.14 -60.44
C LEU JA 14 -21.05 -0.68 -61.82
N LEU JA 15 -20.88 -1.99 -61.93
CA LEU JA 15 -20.65 -2.64 -63.21
C LEU JA 15 -21.91 -3.24 -63.79
N GLU JA 16 -23.08 -2.93 -63.23
CA GLU JA 16 -24.34 -3.34 -63.84
C GLU JA 16 -24.68 -2.36 -64.97
N LYS JA 17 -25.06 -2.91 -66.11
CA LYS JA 17 -25.38 -2.12 -67.28
C LYS JA 17 -26.87 -2.16 -67.55
N LYS JA 18 -27.45 -1.01 -67.87
CA LYS JA 18 -28.86 -0.96 -68.23
C LYS JA 18 -29.11 -1.88 -69.41
N VAL JA 19 -30.20 -2.66 -69.30
CA VAL JA 19 -30.42 -3.77 -70.23
C VAL JA 19 -30.52 -3.29 -71.67
N ARG JA 20 -30.79 -2.01 -71.88
CA ARG JA 20 -30.99 -1.51 -73.23
C ARG JA 20 -29.72 -1.53 -74.07
N GLU JA 21 -28.54 -1.74 -73.46
CA GLU JA 21 -27.31 -1.70 -74.22
C GLU JA 21 -26.40 -2.88 -73.90
N LYS JA 22 -26.98 -4.06 -73.69
CA LYS JA 22 -26.19 -5.24 -73.44
C LYS JA 22 -25.53 -5.74 -74.73
N GLY JA 23 -24.78 -6.83 -74.60
CA GLY JA 23 -24.10 -7.44 -75.73
C GLY JA 23 -22.70 -6.92 -75.92
N ALA JA 24 -22.15 -7.21 -77.09
CA ALA JA 24 -20.82 -6.73 -77.44
C ALA JA 24 -20.84 -5.22 -77.63
N ILE JA 25 -19.65 -4.63 -77.73
CA ILE JA 25 -19.49 -3.18 -77.77
C ILE JA 25 -20.27 -2.55 -78.92
N PRO JA 26 -21.34 -1.83 -78.61
CA PRO JA 26 -22.08 -1.11 -79.66
C PRO JA 26 -21.37 0.13 -80.18
N LYS JA 27 -20.97 1.02 -79.27
CA LYS JA 27 -20.58 2.38 -79.64
C LYS JA 27 -19.17 2.35 -80.25
N LEU JA 28 -19.13 1.98 -81.54
CA LEU JA 28 -17.88 2.07 -82.28
C LEU JA 28 -17.57 3.51 -82.64
N SER JA 29 -18.60 4.34 -82.76
CA SER JA 29 -18.41 5.73 -83.19
C SER JA 29 -17.54 6.50 -82.21
N LEU JA 30 -17.70 6.24 -80.91
CA LEU JA 30 -16.88 6.94 -79.93
C LEU JA 30 -15.41 6.55 -80.06
N LEU JA 31 -15.13 5.27 -80.25
CA LEU JA 31 -13.75 4.81 -80.28
C LEU JA 31 -12.99 5.40 -81.46
N MET JA 32 -13.61 5.43 -82.63
CA MET JA 32 -12.88 5.74 -83.84
C MET JA 32 -12.23 7.10 -83.82
N HIS JA 33 -12.86 8.09 -83.19
CA HIS JA 33 -12.23 9.39 -83.04
C HIS JA 33 -10.98 9.26 -82.17
N ASP JA 34 -9.94 10.00 -82.53
CA ASP JA 34 -8.64 9.86 -81.89
C ASP JA 34 -8.31 11.10 -81.04
N TYR JA 35 -7.59 10.88 -79.95
CA TYR JA 35 -7.20 11.93 -79.04
C TYR JA 35 -5.76 12.39 -79.29
N SER JA 36 -5.49 13.63 -78.92
CA SER JA 36 -4.16 14.21 -78.90
C SER JA 36 -3.91 14.86 -77.55
N GLN JA 37 -2.69 15.34 -77.35
CA GLN JA 37 -2.33 15.94 -76.06
C GLN JA 37 -3.20 17.15 -75.78
N GLY JA 38 -3.53 17.34 -74.50
CA GLY JA 38 -4.29 18.49 -74.06
C GLY JA 38 -5.79 18.32 -74.14
N GLU JA 39 -6.29 17.22 -74.68
CA GLU JA 39 -7.73 17.01 -74.73
C GLU JA 39 -8.26 16.62 -73.36
N TYR JA 40 -9.55 16.89 -73.15
CA TYR JA 40 -10.21 16.60 -71.89
C TYR JA 40 -11.25 15.52 -72.10
N VAL JA 41 -11.22 14.49 -71.25
CA VAL JA 41 -12.03 13.30 -71.45
C VAL JA 41 -12.73 12.94 -70.15
N VAL JA 42 -13.76 12.11 -70.29
CA VAL JA 42 -14.54 11.61 -69.17
C VAL JA 42 -14.45 10.09 -69.18
N VAL JA 43 -14.10 9.52 -68.03
CA VAL JA 43 -13.97 8.07 -67.92
C VAL JA 43 -15.31 7.48 -67.55
N LYS JA 44 -15.72 6.47 -68.30
CA LYS JA 44 -16.97 5.75 -68.05
C LYS JA 44 -16.69 4.28 -68.34
N ILE JA 45 -16.42 3.52 -67.28
CA ILE JA 45 -16.00 2.13 -67.47
C ILE JA 45 -17.09 1.34 -68.17
N ASN JA 46 -16.70 0.58 -69.18
CA ASN JA 46 -17.59 -0.40 -69.75
C ASN JA 46 -17.39 -1.71 -69.02
N PRO JA 47 -18.36 -2.18 -68.25
CA PRO JA 47 -18.20 -3.47 -67.57
C PRO JA 47 -18.00 -4.62 -68.52
N SER JA 48 -18.51 -4.53 -69.74
CA SER JA 48 -18.42 -5.68 -70.66
C SER JA 48 -16.99 -5.95 -71.07
N ILE JA 49 -16.23 -4.92 -71.41
CA ILE JA 49 -14.87 -5.10 -71.92
C ILE JA 49 -13.93 -5.39 -70.76
N HIS JA 50 -13.24 -6.52 -70.85
CA HIS JA 50 -12.35 -6.96 -69.78
C HIS JA 50 -10.93 -6.45 -69.95
N LYS JA 51 -10.64 -5.74 -71.02
CA LYS JA 51 -9.30 -5.27 -71.31
C LYS JA 51 -9.13 -3.84 -70.82
N GLY JA 52 -8.04 -3.59 -70.10
CA GLY JA 52 -7.74 -2.24 -69.66
C GLY JA 52 -8.83 -1.61 -68.83
N MET JA 53 -9.36 -2.36 -67.87
CA MET JA 53 -10.42 -1.84 -67.01
C MET JA 53 -9.80 -0.98 -65.92
N PRO JA 54 -10.08 0.32 -65.89
CA PRO JA 54 -9.56 1.16 -64.82
C PRO JA 54 -10.24 0.82 -63.50
N HIS JA 55 -9.53 1.07 -62.42
CA HIS JA 55 -10.06 0.77 -61.10
C HIS JA 55 -11.26 1.66 -60.79
N ARG JA 56 -12.17 1.14 -59.97
CA ARG JA 56 -13.39 1.85 -59.66
C ARG JA 56 -13.12 3.18 -58.98
N ARG JA 57 -11.98 3.31 -58.31
CA ARG JA 57 -11.73 4.47 -57.48
C ARG JA 57 -11.71 5.77 -58.29
N TYR JA 58 -11.57 5.68 -59.61
CA TYR JA 58 -11.49 6.89 -60.42
C TYR JA 58 -12.56 6.91 -61.51
N HIS JA 59 -13.75 6.39 -61.22
CA HIS JA 59 -14.76 6.31 -62.26
C HIS JA 59 -15.57 7.59 -62.33
N GLY JA 60 -16.05 7.90 -63.54
CA GLY JA 60 -16.93 9.03 -63.73
C GLY JA 60 -16.29 10.38 -63.45
N LYS JA 61 -15.07 10.59 -63.92
CA LYS JA 61 -14.30 11.77 -63.59
C LYS JA 61 -13.84 12.48 -64.87
N VAL JA 62 -13.05 13.53 -64.67
CA VAL JA 62 -12.51 14.36 -65.75
C VAL JA 62 -11.07 13.96 -65.99
N GLY JA 63 -10.74 13.68 -67.25
CA GLY JA 63 -9.41 13.24 -67.59
C GLY JA 63 -8.79 14.09 -68.68
N LEU JA 64 -7.46 14.07 -68.69
CA LEU JA 64 -6.67 14.85 -69.64
C LEU JA 64 -5.80 13.92 -70.45
N VAL JA 65 -5.79 14.13 -71.77
CA VAL JA 65 -4.95 13.33 -72.65
C VAL JA 65 -3.56 13.92 -72.63
N VAL JA 66 -2.61 13.19 -72.04
CA VAL JA 66 -1.23 13.66 -71.97
C VAL JA 66 -0.33 12.95 -72.96
N GLY JA 67 -0.75 11.82 -73.50
CA GLY JA 67 0.06 11.13 -74.48
C GLY JA 67 -0.61 9.86 -74.93
N LYS JA 68 0.15 9.05 -75.67
CA LYS JA 68 -0.36 7.81 -76.21
C LYS JA 68 0.73 6.75 -76.12
N ARG JA 69 0.35 5.55 -75.69
CA ARG JA 69 1.23 4.39 -75.74
C ARG JA 69 0.44 3.20 -76.26
N GLY JA 70 0.88 2.66 -77.39
CA GLY JA 70 0.22 1.51 -77.95
C GLY JA 70 -1.21 1.83 -78.34
N LYS JA 71 -2.04 0.79 -78.37
CA LYS JA 71 -3.45 0.97 -78.69
C LYS JA 71 -4.18 1.79 -77.65
N ALA JA 72 -3.59 1.99 -76.47
CA ALA JA 72 -4.24 2.64 -75.35
C ALA JA 72 -3.74 4.06 -75.17
N TYR JA 73 -4.42 4.79 -74.29
CA TYR JA 73 -4.04 6.13 -73.91
C TYR JA 73 -3.71 6.17 -72.42
N GLU JA 74 -2.97 7.19 -72.01
CA GLU JA 74 -2.73 7.47 -70.61
C GLU JA 74 -3.37 8.79 -70.24
N VAL JA 75 -3.93 8.86 -69.04
CA VAL JA 75 -4.79 9.97 -68.64
C VAL JA 75 -4.35 10.48 -67.27
N LYS JA 76 -4.28 11.81 -67.14
CA LYS JA 76 -3.98 12.45 -65.87
C LYS JA 76 -5.27 12.91 -65.21
N VAL JA 77 -5.42 12.59 -63.93
CA VAL JA 77 -6.59 12.96 -63.15
C VAL JA 77 -6.14 13.38 -61.75
N ASN JA 78 -6.72 14.46 -61.25
CA ASN JA 78 -6.55 14.85 -59.86
C ASN JA 78 -7.65 14.23 -59.02
N ILE JA 79 -7.27 13.56 -57.94
CA ILE JA 79 -8.21 12.92 -57.04
C ILE JA 79 -8.24 13.62 -55.69
N GLY JA 80 -7.08 13.79 -55.07
CA GLY JA 80 -6.98 14.58 -53.87
C GLY JA 80 -6.19 15.83 -54.13
N ASP JA 81 -5.04 15.96 -53.48
CA ASP JA 81 -4.08 17.01 -53.78
C ASP JA 81 -2.83 16.46 -54.44
N LYS JA 82 -2.93 15.30 -55.05
CA LYS JA 82 -1.83 14.64 -55.73
C LYS JA 82 -2.10 14.56 -57.23
N GLU JA 83 -1.22 13.83 -57.90
CA GLU JA 83 -1.32 13.59 -59.33
C GLU JA 83 -1.24 12.10 -59.61
N ARG JA 84 -1.95 11.65 -60.64
CA ARG JA 84 -1.94 10.25 -61.01
C ARG JA 84 -2.16 10.10 -62.51
N VAL JA 85 -1.65 9.01 -63.06
CA VAL JA 85 -1.73 8.70 -64.48
C VAL JA 85 -2.43 7.37 -64.64
N LEU JA 86 -3.41 7.32 -65.53
CA LEU JA 86 -4.19 6.11 -65.78
C LEU JA 86 -4.04 5.70 -67.24
N ILE JA 87 -3.30 4.63 -67.48
CA ILE JA 87 -3.09 4.10 -68.82
C ILE JA 87 -4.27 3.18 -69.13
N VAL JA 88 -5.06 3.56 -70.14
CA VAL JA 88 -6.31 2.86 -70.42
C VAL JA 88 -6.53 2.78 -71.93
N ARG JA 89 -7.14 1.68 -72.36
CA ARG JA 89 -7.67 1.59 -73.70
C ARG JA 89 -8.84 2.58 -73.86
N PRO JA 90 -9.05 3.07 -75.08
CA PRO JA 90 -9.99 4.20 -75.24
C PRO JA 90 -11.44 3.85 -75.00
N GLU JA 91 -11.81 2.58 -74.89
CA GLU JA 91 -13.22 2.21 -74.90
C GLU JA 91 -13.91 2.42 -73.57
N HIS JA 92 -13.35 3.29 -72.72
CA HIS JA 92 -14.09 3.83 -71.60
C HIS JA 92 -13.95 5.34 -71.51
N LEU JA 93 -13.72 6.00 -72.63
CA LEU JA 93 -13.47 7.43 -72.67
C LEU JA 93 -14.53 8.11 -73.51
N ILE JA 94 -15.09 9.19 -72.99
CA ILE JA 94 -16.06 10.01 -73.72
C ILE JA 94 -15.62 11.46 -73.61
N PRO JA 95 -15.65 12.22 -74.71
CA PRO JA 95 -15.23 13.62 -74.65
C PRO JA 95 -16.10 14.43 -73.70
N PHE JA 96 -15.47 15.42 -73.07
CA PHE JA 96 -16.10 16.23 -72.06
C PHE JA 96 -17.12 17.18 -72.70
N ASN JA 97 -17.85 17.89 -71.85
CA ASN JA 97 -18.79 18.92 -72.26
C ASN JA 97 -19.84 18.35 -73.21
N MET KA 1 34.65 -26.21 77.78
CA MET KA 1 35.22 -27.34 78.52
C MET KA 1 34.13 -28.27 78.99
N LYS KA 2 34.35 -29.57 78.79
CA LYS KA 2 33.33 -30.55 79.12
C LYS KA 2 33.05 -30.54 80.61
N VAL KA 3 31.89 -31.08 80.97
CA VAL KA 3 31.50 -31.23 82.37
C VAL KA 3 30.99 -32.64 82.55
N VAL KA 4 31.24 -33.20 83.75
CA VAL KA 4 30.91 -34.54 84.24
C VAL KA 4 31.43 -35.63 83.31
N LYS KA 5 32.01 -36.67 83.91
CA LYS KA 5 32.65 -37.72 83.15
C LYS KA 5 32.55 -39.02 83.94
N TYR KA 6 32.41 -40.12 83.23
CA TYR KA 6 32.27 -41.44 83.83
C TYR KA 6 33.54 -42.23 83.58
N VAL KA 7 34.24 -42.56 84.66
CA VAL KA 7 35.47 -43.34 84.58
C VAL KA 7 35.14 -44.79 84.91
N LEU KA 8 35.54 -45.69 84.01
CA LEU KA 8 35.34 -47.12 84.20
C LEU KA 8 36.70 -47.78 84.32
N THR KA 9 36.90 -48.51 85.41
CA THR KA 9 38.11 -49.29 85.63
C THR KA 9 37.69 -50.74 85.80
N ALA KA 10 38.00 -51.56 84.79
CA ALA KA 10 37.62 -52.97 84.79
C ALA KA 10 38.84 -53.82 85.07
N LYS KA 11 38.76 -54.64 86.11
CA LYS KA 11 39.87 -55.52 86.48
C LYS KA 11 39.68 -56.87 85.81
N ILE KA 12 40.56 -57.20 84.90
CA ILE KA 12 40.48 -58.45 84.16
C ILE KA 12 41.09 -59.56 84.99
N ASP KA 13 40.36 -60.64 85.17
CA ASP KA 13 40.77 -61.78 85.98
C ASP KA 13 40.86 -63.02 85.10
N TYR KA 14 42.05 -63.31 84.63
CA TYR KA 14 42.33 -64.59 84.01
C TYR KA 14 43.48 -65.25 84.76
N ASP KA 15 43.97 -66.35 84.22
CA ASP KA 15 44.92 -67.23 84.90
C ASP KA 15 46.07 -66.48 85.54
N GLY KA 16 46.12 -66.49 86.87
CA GLY KA 16 47.23 -65.90 87.58
C GLY KA 16 47.27 -64.39 87.48
N LYS KA 17 47.30 -63.88 86.26
CA LYS KA 17 47.52 -62.46 86.03
C LYS KA 17 46.24 -61.67 86.22
N GLU KA 18 46.40 -60.47 86.77
CA GLU KA 18 45.32 -59.51 86.91
C GLU KA 18 45.62 -58.31 86.03
N ILE KA 19 44.66 -57.94 85.20
CA ILE KA 19 44.82 -56.85 84.25
C ILE KA 19 43.73 -55.81 84.51
N GLU KA 20 44.13 -54.54 84.48
CA GLU KA 20 43.22 -53.43 84.68
C GLU KA 20 43.40 -52.42 83.55
N ILE KA 21 42.30 -51.83 83.09
CA ILE KA 21 42.33 -50.89 81.99
C ILE KA 21 41.61 -49.61 82.38
N LYS KA 22 42.01 -48.51 81.76
CA LYS KA 22 41.46 -47.19 82.03
C LYS KA 22 40.88 -46.62 80.75
N ARG KA 23 39.60 -46.26 80.79
CA ARG KA 23 38.91 -45.67 79.65
C ARG KA 23 37.55 -45.18 80.12
N SER KA 24 37.18 -43.98 79.68
CA SER KA 24 36.01 -43.28 80.21
C SER KA 24 35.01 -42.99 79.10
N PHE KA 25 33.97 -42.24 79.46
CA PHE KA 25 32.83 -42.00 78.58
C PHE KA 25 32.36 -40.55 78.70
N ARG KA 26 31.37 -40.21 77.86
CA ARG KA 26 30.98 -38.82 77.68
C ARG KA 26 29.49 -38.53 77.76
N HIS KA 27 28.60 -39.52 77.75
CA HIS KA 27 27.19 -39.19 77.72
C HIS KA 27 26.27 -40.11 78.51
N ARG KA 28 26.79 -41.12 79.21
CA ARG KA 28 25.99 -42.09 79.94
C ARG KA 28 25.16 -42.97 79.02
N LYS KA 29 25.18 -42.68 77.72
CA LYS KA 29 24.68 -43.66 76.79
C LYS KA 29 25.79 -44.57 76.29
N ASN KA 30 27.03 -44.09 76.31
CA ASN KA 30 28.13 -44.88 75.81
C ASN KA 30 28.28 -46.18 76.60
N ILE KA 31 28.00 -46.14 77.90
CA ILE KA 31 28.22 -47.31 78.74
C ILE KA 31 27.46 -48.52 78.23
N PHE KA 32 26.16 -48.36 77.98
CA PHE KA 32 25.33 -49.52 77.74
C PHE KA 32 25.70 -50.23 76.44
N GLU KA 33 25.80 -49.50 75.34
CA GLU KA 33 26.26 -50.14 74.12
C GLU KA 33 27.73 -50.52 74.19
N PHE KA 34 28.50 -49.90 75.09
CA PHE KA 34 29.85 -50.40 75.31
C PHE KA 34 29.81 -51.80 75.89
N LEU KA 35 28.87 -52.06 76.80
CA LEU KA 35 28.68 -53.39 77.34
C LEU KA 35 27.60 -54.15 76.60
N LYS KA 36 27.10 -53.61 75.48
CA LYS KA 36 26.14 -54.35 74.68
C LYS KA 36 26.68 -55.72 74.33
N ASN KA 37 27.88 -55.76 73.76
CA ASN KA 37 28.62 -57.00 73.60
C ASN KA 37 29.97 -56.93 74.28
N ALA KA 38 30.72 -55.86 74.06
CA ALA KA 38 31.95 -55.54 74.78
C ALA KA 38 33.06 -56.54 74.50
N ASP KA 39 32.74 -57.65 73.84
CA ASP KA 39 33.77 -58.61 73.50
C ASP KA 39 34.71 -58.02 72.46
N SER KA 40 34.16 -57.36 71.45
CA SER KA 40 35.00 -56.56 70.56
C SER KA 40 35.66 -55.43 71.34
N ASN KA 41 34.92 -54.80 72.24
CA ASN KA 41 35.49 -53.70 73.01
C ASN KA 41 36.61 -54.17 73.91
N LEU KA 42 36.34 -55.20 74.71
CA LEU KA 42 37.33 -55.62 75.70
C LEU KA 42 38.57 -56.19 75.03
N LYS KA 43 38.38 -57.08 74.06
CA LYS KA 43 39.53 -57.68 73.40
C LYS KA 43 40.38 -56.61 72.73
N GLY KA 44 39.73 -55.65 72.07
CA GLY KA 44 40.47 -54.51 71.55
C GLY KA 44 41.14 -53.72 72.66
N ALA KA 45 40.41 -53.50 73.77
CA ALA KA 45 41.02 -52.83 74.91
C ALA KA 45 42.24 -53.59 75.39
N LEU KA 46 42.13 -54.92 75.46
CA LEU KA 46 43.31 -55.73 75.77
C LEU KA 46 44.38 -55.55 74.70
N SER KA 47 43.98 -55.62 73.43
CA SER KA 47 44.95 -55.47 72.36
C SER KA 47 45.62 -54.12 72.42
N GLU KA 48 44.88 -53.09 72.83
CA GLU KA 48 45.50 -51.81 73.11
C GLU KA 48 46.54 -51.96 74.21
N TYR KA 49 46.18 -52.70 75.27
CA TYR KA 49 47.11 -52.85 76.38
C TYR KA 49 48.40 -53.49 75.93
N ALA KA 50 48.29 -54.53 75.10
CA ALA KA 50 49.49 -55.10 74.50
C ALA KA 50 50.17 -54.08 73.60
N LYS KA 51 49.39 -53.36 72.81
CA LYS KA 51 49.96 -52.38 71.91
C LYS KA 51 50.66 -51.25 72.66
N GLN KA 52 50.07 -50.81 73.77
CA GLN KA 52 50.56 -49.59 74.39
C GLN KA 52 51.96 -49.77 74.95
N ASN KA 53 52.25 -50.91 75.61
CA ASN KA 53 53.61 -51.13 76.09
C ASN KA 53 54.27 -52.37 75.48
N LYS KA 54 53.79 -53.57 75.78
CA LYS KA 54 54.60 -54.77 75.57
C LYS KA 54 53.70 -55.98 75.41
N VAL KA 55 54.35 -57.15 75.37
CA VAL KA 55 53.85 -58.51 75.59
C VAL KA 55 52.74 -58.92 74.64
N LYS KA 56 52.68 -60.21 74.32
CA LYS KA 56 51.61 -60.79 73.54
C LYS KA 56 51.14 -62.07 74.22
N SER KA 57 49.92 -62.49 73.87
CA SER KA 57 49.27 -63.66 74.46
C SER KA 57 49.04 -63.47 75.95
N SER KA 58 48.23 -62.46 76.26
CA SER KA 58 47.81 -62.22 77.64
C SER KA 58 46.47 -62.91 77.92
N ASP KA 59 45.40 -62.45 77.26
CA ASP KA 59 44.17 -63.22 77.25
C ASP KA 59 43.49 -63.18 75.88
N LEU KA 60 44.29 -63.00 74.83
CA LEU KA 60 43.74 -62.96 73.48
C LEU KA 60 42.93 -64.19 73.10
N PRO KA 61 43.41 -65.44 73.34
CA PRO KA 61 42.74 -66.60 72.72
C PRO KA 61 41.40 -66.91 73.36
N LEU KA 62 40.92 -65.99 74.21
CA LEU KA 62 39.61 -66.15 74.79
C LEU KA 62 38.57 -66.36 73.70
N ASN KA 63 37.75 -67.39 73.88
CA ASN KA 63 36.71 -67.74 72.93
C ASN KA 63 35.52 -66.81 73.15
N GLU KA 64 34.37 -67.16 72.57
CA GLU KA 64 33.18 -66.34 72.74
C GLU KA 64 32.93 -66.07 74.21
N PHE KA 65 33.04 -64.80 74.58
CA PHE KA 65 32.90 -64.39 75.97
C PHE KA 65 31.42 -64.20 76.28
N ILE KA 66 30.93 -64.92 77.28
CA ILE KA 66 29.52 -64.81 77.65
C ILE KA 66 29.29 -63.47 78.34
N THR KA 67 28.65 -62.56 77.61
CA THR KA 67 28.21 -61.23 78.03
C THR KA 67 28.76 -60.76 79.37
N CYS KA 68 27.88 -60.61 80.34
CA CYS KA 68 28.21 -60.04 81.63
C CYS KA 68 27.00 -60.26 82.53
N GLY KA 69 27.06 -59.70 83.73
CA GLY KA 69 25.92 -59.77 84.61
C GLY KA 69 24.89 -58.73 84.22
N GLU KA 70 24.33 -58.05 85.20
CA GLU KA 70 23.44 -56.93 84.97
C GLU KA 70 24.00 -55.73 85.70
N ILE KA 71 24.01 -54.58 85.05
CA ILE KA 71 24.63 -53.40 85.63
C ILE KA 71 23.82 -52.96 86.85
N GLU KA 72 24.53 -52.65 87.94
CA GLU KA 72 23.90 -52.31 89.20
C GLU KA 72 24.44 -50.98 89.71
N GLU KA 73 23.61 -50.27 90.46
CA GLU KA 73 23.98 -48.97 91.02
C GLU KA 73 23.31 -48.85 92.38
N GLU KA 74 24.10 -48.54 93.41
CA GLU KA 74 23.56 -48.29 94.75
C GLU KA 74 23.86 -46.86 95.22
N GLN KA 75 25.12 -46.47 95.30
CA GLN KA 75 25.45 -45.05 95.47
C GLN KA 75 25.72 -44.42 94.10
N GLY KA 76 24.76 -44.63 93.20
CA GLY KA 76 24.93 -44.21 91.84
C GLY KA 76 26.18 -44.76 91.19
N VAL KA 77 26.65 -45.92 91.66
CA VAL KA 77 27.91 -46.49 91.21
C VAL KA 77 27.57 -47.67 90.32
N MET KA 78 27.81 -47.53 89.02
CA MET KA 78 27.48 -48.58 88.08
C MET KA 78 28.41 -49.76 88.26
N ARG KA 79 27.86 -50.90 88.69
CA ARG KA 79 28.65 -52.09 88.93
C ARG KA 79 27.98 -53.29 88.31
N THR KA 80 28.79 -54.24 87.87
CA THR KA 80 28.33 -55.55 87.39
C THR KA 80 29.56 -56.43 87.23
N GLU KA 81 29.34 -57.63 86.72
CA GLU KA 81 30.41 -58.60 86.53
C GLU KA 81 30.30 -59.21 85.14
N CYS KA 82 31.45 -59.65 84.62
CA CYS KA 82 31.49 -60.37 83.35
C CYS KA 82 32.52 -61.49 83.46
N LYS KA 83 32.03 -62.73 83.46
CA LYS KA 83 32.88 -63.90 83.45
C LYS KA 83 32.75 -64.56 82.07
N GLY KA 84 33.68 -65.46 81.79
CA GLY KA 84 33.67 -66.16 80.52
C GLY KA 84 34.12 -67.59 80.64
N LYS KA 85 33.30 -68.51 80.10
CA LYS KA 85 33.56 -69.95 80.14
C LYS KA 85 34.14 -70.36 81.48
N GLU KA 86 35.44 -70.63 81.50
CA GLU KA 86 36.17 -70.95 82.71
C GLU KA 86 37.41 -70.06 82.79
N LYS KA 87 37.93 -69.93 84.00
CA LYS KA 87 39.24 -69.30 84.28
C LYS KA 87 39.37 -67.92 83.63
N VAL KA 88 38.26 -67.30 83.26
CA VAL KA 88 38.28 -65.99 82.63
C VAL KA 88 37.11 -65.18 83.15
N SER KA 89 37.40 -64.05 83.80
CA SER KA 89 36.36 -63.18 84.33
C SER KA 89 36.93 -61.78 84.43
N VAL KA 90 36.05 -60.79 84.42
CA VAL KA 90 36.46 -59.40 84.57
C VAL KA 90 35.42 -58.67 85.42
N LYS KA 91 35.91 -57.77 86.26
CA LYS KA 91 35.06 -56.96 87.11
C LYS KA 91 34.78 -55.61 86.45
N ILE KA 92 33.76 -54.93 86.98
CA ILE KA 92 33.31 -53.65 86.45
C ILE KA 92 33.12 -52.67 87.59
N GLU KA 93 33.70 -51.47 87.45
CA GLU KA 93 33.58 -50.43 88.46
C GLU KA 93 33.55 -49.08 87.76
N VAL KA 94 32.57 -48.24 88.12
CA VAL KA 94 32.31 -46.99 87.43
C VAL KA 94 32.29 -45.84 88.44
N GLN KA 95 32.98 -44.77 88.10
CA GLN KA 95 32.98 -43.54 88.89
C GLN KA 95 32.34 -42.42 88.09
N THR KA 96 31.67 -41.52 88.77
CA THR KA 96 31.08 -40.35 88.13
C THR KA 96 31.69 -39.11 88.77
N GLN KA 97 32.74 -38.58 88.14
CA GLN KA 97 33.51 -37.50 88.70
C GLN KA 97 33.14 -36.19 88.01
N LYS KA 98 32.88 -35.17 88.81
CA LYS KA 98 32.63 -33.83 88.30
C LYS KA 98 33.96 -33.16 87.99
N ILE KA 99 34.15 -32.75 86.74
CA ILE KA 99 35.44 -32.18 86.34
C ILE KA 99 35.72 -30.89 87.10
N ALA KA 100 34.72 -30.01 87.19
CA ALA KA 100 34.86 -28.72 87.86
C ALA KA 100 35.96 -27.88 87.24
N LYS KA 101 36.19 -26.69 87.79
CA LYS KA 101 37.31 -25.86 87.36
C LYS KA 101 38.62 -26.48 87.82
N MET LA 1 22.85 49.55 17.01
CA MET LA 1 23.93 50.39 16.51
C MET LA 1 24.16 51.55 17.48
N LEU LA 2 23.12 51.90 18.22
CA LEU LA 2 23.25 53.01 19.16
C LEU LA 2 24.17 52.66 20.31
N LYS LA 3 24.38 51.38 20.60
CA LYS LA 3 25.16 51.00 21.76
C LYS LA 3 26.59 51.48 21.68
N HIS LA 4 27.10 51.77 20.48
CA HIS LA 4 28.42 52.35 20.41
C HIS LA 4 28.47 53.73 21.04
N GLN LA 5 27.32 54.32 21.34
CA GLN LA 5 27.26 55.68 21.87
C GLN LA 5 27.98 56.65 20.94
N LYS LA 6 28.01 56.31 19.66
CA LYS LA 6 28.50 57.21 18.63
C LYS LA 6 27.39 58.10 18.11
N TYR LA 7 26.22 58.05 18.74
CA TYR LA 7 25.14 58.99 18.49
C TYR LA 7 24.55 59.40 19.82
N VAL LA 8 23.88 60.54 19.84
CA VAL LA 8 23.16 61.01 21.02
C VAL LA 8 21.83 61.59 20.57
N TYR LA 9 20.76 61.24 21.27
CA TYR LA 9 19.44 61.78 21.00
C TYR LA 9 19.13 62.95 21.92
N VAL LA 10 18.33 63.89 21.41
CA VAL LA 10 18.04 65.14 22.08
C VAL LA 10 16.65 65.09 22.70
N ASP LA 11 16.56 65.49 23.96
CA ASP LA 11 15.28 65.60 24.64
C ASP LA 11 14.79 67.04 24.56
N ILE LA 12 13.63 67.24 23.94
CA ILE LA 12 12.98 68.55 23.90
C ILE LA 12 11.58 68.40 24.46
N GLY LA 13 11.30 69.10 25.55
CA GLY LA 13 10.01 69.04 26.19
C GLY LA 13 9.62 67.67 26.70
N ASP LA 14 10.51 66.68 26.51
CA ASP LA 14 10.29 65.28 26.84
C ASP LA 14 8.97 64.78 26.27
N GLN LA 15 8.49 65.42 25.22
CA GLN LA 15 7.24 65.06 24.59
C GLN LA 15 7.44 63.85 23.71
N LYS LA 16 6.48 63.57 22.82
CA LYS LA 16 6.55 62.40 21.97
C LYS LA 16 7.24 62.66 20.64
N LYS LA 17 8.38 63.37 20.66
CA LYS LA 17 9.23 63.56 19.49
C LYS LA 17 10.65 63.70 20.01
N PHE LA 18 11.61 63.15 19.28
CA PHE LA 18 13.00 63.20 19.70
C PHE LA 18 13.93 63.49 18.54
N LEU LA 19 15.03 64.15 18.85
CA LEU LA 19 16.02 64.61 17.89
C LEU LA 19 17.36 63.93 18.14
N LYS LA 20 18.11 63.69 17.07
CA LYS LA 20 19.34 62.89 17.15
C LYS LA 20 20.47 63.53 16.35
N VAL LA 21 21.67 63.52 16.92
CA VAL LA 21 22.90 63.94 16.24
C VAL LA 21 24.03 63.02 16.64
N ARG LA 22 25.20 63.25 16.04
CA ARG LA 22 26.38 62.45 16.30
C ARG LA 22 27.30 63.20 17.27
N PHE LA 23 27.51 62.62 18.45
CA PHE LA 23 28.31 63.22 19.49
C PHE LA 23 29.76 62.87 19.31
N LEU LA 24 30.64 63.71 19.85
CA LEU LA 24 32.08 63.50 19.76
C LEU LA 24 32.62 63.35 21.18
N LYS LA 25 32.97 62.13 21.56
CA LYS LA 25 33.57 61.92 22.87
C LYS LA 25 34.92 62.61 23.01
N SER LA 26 35.54 62.96 21.89
CA SER LA 26 36.74 63.77 21.93
C SER LA 26 36.38 65.22 22.17
N ARG LA 27 37.32 66.13 21.91
CA ARG LA 27 37.15 67.57 22.01
C ARG LA 27 37.08 68.01 23.46
N SER LA 28 37.00 67.04 24.39
CA SER LA 28 37.39 67.20 25.78
C SER LA 28 36.65 68.28 26.55
N GLU LA 29 35.66 68.94 25.94
CA GLU LA 29 35.03 70.09 26.56
C GLU LA 29 33.53 69.91 26.66
N ASN LA 30 32.92 70.71 27.54
CA ASN LA 30 31.48 70.83 27.65
C ASN LA 30 30.91 71.96 26.81
N ASN LA 31 31.73 72.96 26.50
CA ASN LA 31 31.32 74.09 25.69
C ASN LA 31 31.72 73.95 24.23
N ASN LA 32 32.41 72.88 23.88
CA ASN LA 32 32.88 72.71 22.52
C ASN LA 32 31.71 72.53 21.57
N PRO LA 33 31.52 73.44 20.61
CA PRO LA 33 30.40 73.26 19.68
C PRO LA 33 30.70 72.21 18.63
N GLU LA 34 31.94 72.16 18.15
CA GLU LA 34 32.29 71.28 17.05
C GLU LA 34 32.10 69.81 17.39
N ALA LA 35 32.09 69.46 18.67
CA ALA LA 35 31.80 68.08 19.04
C ALA LA 35 30.36 67.69 18.77
N TYR LA 36 29.57 68.59 18.19
CA TYR LA 36 28.16 68.36 17.94
C TYR LA 36 27.83 68.84 16.53
N VAL LA 37 27.33 67.94 15.70
CA VAL LA 37 26.91 68.29 14.34
C VAL LA 37 25.41 68.09 14.25
N ILE LA 38 24.69 69.17 14.00
CA ILE LA 38 23.24 69.13 13.97
C ILE LA 38 22.76 68.42 12.71
N LEU LA 39 21.81 67.52 12.87
CA LEU LA 39 21.13 66.89 11.76
C LEU LA 39 19.65 67.24 11.82
N ASP LA 40 18.86 66.60 10.97
CA ASP LA 40 17.41 66.80 10.96
C ASP LA 40 16.69 65.45 10.89
N LYS LA 41 16.54 64.81 12.05
CA LYS LA 41 15.91 63.50 12.13
C LYS LA 41 15.10 63.46 13.43
N ILE LA 42 13.83 63.85 13.33
CA ILE LA 42 12.95 63.79 14.48
C ILE LA 42 12.41 62.37 14.60
N SER LA 43 12.44 61.83 15.81
CA SER LA 43 12.10 60.44 16.04
C SER LA 43 10.91 60.32 16.98
N ILE LA 44 10.01 59.40 16.65
CA ILE LA 44 8.75 59.28 17.39
C ILE LA 44 9.00 58.75 18.81
N LYS LA 45 9.80 57.70 18.94
CA LYS LA 45 9.92 57.01 20.21
C LYS LA 45 11.39 56.96 20.62
N LEU LA 46 11.62 56.96 21.91
CA LEU LA 46 12.99 56.94 22.40
C LEU LA 46 13.55 55.54 22.21
N PRO LA 47 14.67 55.37 21.53
CA PRO LA 47 15.19 54.03 21.28
C PRO LA 47 15.64 53.33 22.55
N ARG LA 48 15.63 52.00 22.49
CA ARG LA 48 15.85 51.18 23.68
C ARG LA 48 17.16 51.47 24.37
N ASN LA 49 18.27 51.13 23.75
CA ASN LA 49 19.55 51.35 24.40
C ASN LA 49 20.08 52.75 24.18
N ALA LA 50 19.20 53.68 23.86
CA ALA LA 50 19.66 55.02 23.53
C ALA LA 50 20.28 55.69 24.76
N LYS LA 51 21.17 56.64 24.50
CA LYS LA 51 21.70 57.53 25.52
C LYS LA 51 20.99 58.87 25.38
N VAL LA 52 20.43 59.36 26.47
CA VAL LA 52 19.58 60.53 26.46
C VAL LA 52 20.37 61.73 26.98
N ILE LA 53 20.13 62.89 26.38
CA ILE LA 53 20.68 64.15 26.86
C ILE LA 53 19.53 65.15 26.99
N LYS LA 54 19.62 66.02 27.98
CA LYS LA 54 18.60 67.04 28.19
C LYS LA 54 18.94 68.27 27.36
N TYR LA 55 17.89 68.97 26.90
CA TYR LA 55 18.12 70.15 26.08
C TYR LA 55 18.92 71.21 26.85
N GLU LA 56 18.61 71.39 28.12
CA GLU LA 56 19.36 72.33 28.93
C GLU LA 56 20.79 71.90 29.14
N ASP LA 57 21.10 70.61 28.94
CA ASP LA 57 22.48 70.18 29.07
C ASP LA 57 23.39 70.74 28.00
N LEU LA 58 22.83 71.13 26.86
CA LEU LA 58 23.63 71.59 25.74
C LEU LA 58 24.39 72.86 26.11
N PRO LA 59 25.55 73.09 25.51
CA PRO LA 59 26.20 74.40 25.65
C PRO LA 59 25.27 75.49 25.13
N ALA LA 60 25.27 76.62 25.82
CA ALA LA 60 24.33 77.69 25.48
C ALA LA 60 24.53 78.17 24.05
N GLU LA 61 25.78 78.14 23.56
CA GLU LA 61 26.06 78.57 22.21
C GLU LA 61 25.29 77.75 21.17
N VAL LA 62 25.04 76.47 21.44
CA VAL LA 62 24.42 75.63 20.44
C VAL LA 62 22.91 75.61 20.57
N LYS LA 63 22.37 76.07 21.71
CA LYS LA 63 20.92 76.16 21.85
C LYS LA 63 20.30 76.94 20.71
N ASP LA 64 21.04 77.93 20.19
CA ASP LA 64 20.51 78.81 19.16
C ASP LA 64 20.02 78.04 17.94
N LYS LA 65 20.88 77.17 17.40
CA LYS LA 65 20.48 76.45 16.19
C LYS LA 65 19.39 75.43 16.45
N LEU LA 66 19.09 75.15 17.71
CA LEU LA 66 18.20 74.06 18.05
C LEU LA 66 16.80 74.51 18.45
N LYS LA 67 16.69 75.55 19.27
CA LYS LA 67 15.39 75.93 19.81
C LYS LA 67 14.41 76.28 18.70
N LEU LA 68 14.91 76.76 17.58
CA LEU LA 68 14.04 77.06 16.45
C LEU LA 68 13.31 75.81 15.98
N LYS LA 69 14.03 74.68 15.94
CA LYS LA 69 13.40 73.42 15.59
C LYS LA 69 12.43 72.95 16.66
N LEU LA 70 12.60 73.39 17.90
CA LEU LA 70 11.70 73.00 18.98
C LEU LA 70 10.28 73.47 18.68
N MET MA 1 -21.40 14.23 78.58
CA MET MA 1 -20.97 14.04 79.96
C MET MA 1 -19.48 14.30 80.12
N LYS MA 2 -19.11 15.06 81.15
CA LYS MA 2 -17.76 15.54 81.33
C LYS MA 2 -17.07 14.84 82.49
N ILE MA 3 -15.75 14.65 82.38
CA ILE MA 3 -14.98 14.06 83.46
C ILE MA 3 -14.71 15.09 84.53
N SER MA 4 -14.93 14.70 85.79
CA SER MA 4 -14.76 15.61 86.91
C SER MA 4 -13.32 15.67 87.40
N ASN MA 5 -12.80 14.54 87.88
CA ASN MA 5 -11.48 14.53 88.50
C ASN MA 5 -10.92 13.12 88.48
N VAL MA 6 -9.61 13.04 88.68
CA VAL MA 6 -8.88 11.78 88.64
C VAL MA 6 -8.50 11.38 90.06
N GLU MA 7 -8.48 10.08 90.32
CA GLU MA 7 -8.20 9.58 91.65
C GLU MA 7 -7.11 8.51 91.62
N SER MA 8 -7.04 7.76 90.52
CA SER MA 8 -6.19 6.59 90.44
C SER MA 8 -5.20 6.73 89.30
N LYS MA 9 -3.95 6.35 89.56
CA LYS MA 9 -2.91 6.39 88.54
C LYS MA 9 -1.79 5.47 88.97
N TYR MA 10 -1.53 4.43 88.20
CA TYR MA 10 -0.45 3.52 88.56
C TYR MA 10 0.61 3.51 87.46
N SER MA 11 1.61 2.65 87.60
CA SER MA 11 2.63 2.47 86.60
C SER MA 11 2.88 0.99 86.41
N MET MA 12 2.95 0.55 85.15
CA MET MA 12 3.14 -0.85 84.83
C MET MA 12 4.10 -0.95 83.66
N LYS MA 13 4.85 -2.05 83.61
CA LYS MA 13 5.98 -2.18 82.71
C LYS MA 13 5.82 -3.48 81.93
N VAL MA 14 5.43 -3.38 80.65
CA VAL MA 14 5.00 -4.53 79.87
C VAL MA 14 5.79 -4.59 78.57
N ARG MA 15 6.29 -5.77 78.23
CA ARG MA 15 6.95 -6.03 76.96
C ARG MA 15 8.04 -5.00 76.67
N GLY MA 16 8.83 -4.68 77.69
CA GLY MA 16 9.83 -3.67 77.49
C GLY MA 16 9.28 -2.30 77.17
N GLN MA 17 8.02 -2.04 77.49
CA GLN MA 17 7.40 -0.76 77.20
C GLN MA 17 6.84 -0.15 78.47
N GLU MA 18 7.00 1.17 78.61
CA GLU MA 18 6.35 1.91 79.67
C GLU MA 18 4.84 1.87 79.47
N LEU MA 19 4.10 2.00 80.58
CA LEU MA 19 2.65 2.01 80.49
C LEU MA 19 2.08 2.71 81.72
N LEU MA 20 1.21 3.68 81.48
CA LEU MA 20 0.48 4.37 82.53
C LEU MA 20 -0.98 3.95 82.48
N ILE MA 21 -1.66 4.09 83.62
CA ILE MA 21 -3.08 3.79 83.73
C ILE MA 21 -3.75 4.92 84.49
N GLU MA 22 -4.89 5.38 84.00
CA GLU MA 22 -5.64 6.44 84.64
C GLU MA 22 -7.08 6.00 84.85
N GLU MA 23 -7.63 6.34 86.02
CA GLU MA 23 -9.02 6.07 86.33
C GLU MA 23 -9.70 7.32 86.85
N ALA MA 24 -10.93 7.53 86.40
CA ALA MA 24 -11.70 8.71 86.80
C ALA MA 24 -13.17 8.44 86.51
N ARG MA 25 -14.01 9.34 87.02
CA ARG MA 25 -15.44 9.25 86.85
C ARG MA 25 -15.96 10.54 86.23
N ASN MA 26 -16.98 10.40 85.39
CA ASN MA 26 -17.59 11.55 84.74
C ASN MA 26 -18.56 12.22 85.70
N GLU MA 27 -19.22 13.27 85.21
CA GLU MA 27 -20.25 13.92 86.02
C GLU MA 27 -21.45 13.02 86.21
N LYS MA 28 -21.73 12.15 85.24
CA LYS MA 28 -22.71 11.10 85.47
C LYS MA 28 -22.19 10.03 86.42
N GLY MA 29 -20.91 10.07 86.76
CA GLY MA 29 -20.36 9.25 87.82
C GLY MA 29 -19.97 7.84 87.44
N GLU MA 30 -20.06 7.48 86.17
CA GLU MA 30 -19.66 6.14 85.76
C GLU MA 30 -18.14 6.04 85.69
N LYS MA 31 -17.60 4.95 86.22
CA LYS MA 31 -16.16 4.73 86.27
C LYS MA 31 -15.69 4.16 84.95
N ILE MA 32 -14.83 4.90 84.24
CA ILE MA 32 -14.33 4.49 82.94
C ILE MA 32 -12.82 4.58 82.92
N ILE MA 33 -12.19 3.59 82.31
CA ILE MA 33 -10.74 3.45 82.29
C ILE MA 33 -10.13 4.38 81.25
N ILE MA 34 -8.87 4.73 81.47
CA ILE MA 34 -8.11 5.60 80.58
C ILE MA 34 -6.76 4.96 80.33
N PHE MA 35 -6.47 4.65 79.07
CA PHE MA 35 -5.18 4.08 78.67
C PHE MA 35 -4.33 5.15 78.01
N GLN MA 36 -3.08 5.25 78.43
CA GLN MA 36 -2.18 6.27 77.90
C GLN MA 36 -0.75 5.78 78.08
N SER MA 37 -0.04 5.58 76.96
CA SER MA 37 1.33 5.10 77.06
C SER MA 37 2.19 5.87 76.04
N LEU MA 38 2.60 7.07 76.44
CA LEU MA 38 3.64 7.81 75.76
C LEU MA 38 3.99 9.02 76.62
N THR MA 39 5.27 9.32 76.75
CA THR MA 39 5.72 10.42 77.59
C THR MA 39 6.09 11.65 76.77
N SER MA 40 6.46 11.47 75.51
CA SER MA 40 6.93 12.56 74.68
C SER MA 40 5.97 12.76 73.52
N ALA MA 41 5.82 14.01 73.11
CA ALA MA 41 4.94 14.37 72.01
C ALA MA 41 5.30 15.75 71.53
N LYS MA 42 5.49 15.89 70.22
CA LYS MA 42 5.95 17.16 69.68
C LYS MA 42 4.91 18.24 69.89
N LEU MA 43 5.28 19.26 70.66
CA LEU MA 43 4.45 20.46 70.76
C LEU MA 43 4.31 21.09 69.38
N LEU MA 44 3.18 21.75 69.17
CA LEU MA 44 3.01 22.52 67.95
C LEU MA 44 4.11 23.55 67.80
N ASN MA 45 4.14 24.54 68.69
CA ASN MA 45 4.82 25.78 68.38
C ASN MA 45 5.58 26.29 69.60
N ASN MA 46 6.83 25.86 69.77
CA ASN MA 46 7.38 24.67 69.11
C ASN MA 46 8.41 24.08 70.05
N GLU MA 47 7.99 23.13 70.88
CA GLU MA 47 8.87 22.57 71.89
C GLU MA 47 8.57 21.09 72.02
N GLU MA 48 9.04 20.49 73.10
CA GLU MA 48 8.70 19.13 73.46
C GLU MA 48 8.06 19.13 74.83
N TRP MA 49 6.98 18.37 74.96
CA TRP MA 49 6.25 18.26 76.22
C TRP MA 49 6.58 16.95 76.90
N LYS MA 50 6.92 17.04 78.19
CA LYS MA 50 7.28 15.88 78.98
C LYS MA 50 6.07 15.49 79.83
N GLU MA 51 5.60 14.25 79.65
CA GLU MA 51 4.48 13.78 80.45
C GLU MA 51 4.93 13.62 81.91
N ASN MA 52 4.19 14.24 82.82
CA ASN MA 52 4.53 14.15 84.23
C ASN MA 52 4.19 12.77 84.78
N THR MA 53 5.05 12.26 85.65
CA THR MA 53 4.86 10.93 86.20
C THR MA 53 5.22 10.85 87.69
N THR MA 54 5.41 11.97 88.36
CA THR MA 54 5.92 11.94 89.73
C THR MA 54 4.98 11.22 90.67
N ASP MA 55 3.68 11.52 90.60
CA ASP MA 55 2.75 11.01 91.59
C ASP MA 55 2.27 9.59 91.30
N ALA MA 56 2.55 9.04 90.12
CA ALA MA 56 2.12 7.69 89.82
C ALA MA 56 2.83 6.69 90.72
N LYS MA 57 2.12 5.65 91.12
CA LYS MA 57 2.68 4.57 91.92
C LYS MA 57 3.01 3.40 91.02
N ASN MA 58 4.02 2.63 91.39
CA ASN MA 58 4.56 1.59 90.52
C ASN MA 58 3.94 0.24 90.84
N VAL MA 59 3.36 -0.39 89.83
CA VAL MA 59 2.79 -1.72 89.94
C VAL MA 59 3.74 -2.70 89.28
N GLU MA 60 4.02 -3.80 89.98
CA GLU MA 60 4.96 -4.79 89.46
C GLU MA 60 4.38 -6.19 89.37
N LYS MA 61 3.24 -6.46 90.01
CA LYS MA 61 2.65 -7.79 89.96
C LYS MA 61 1.18 -7.64 89.59
N ARG MA 62 0.69 -8.59 88.79
CA ARG MA 62 -0.55 -8.39 88.07
C ARG MA 62 -1.74 -8.23 89.00
N GLU MA 63 -1.86 -9.09 90.00
CA GLU MA 63 -3.02 -9.00 90.89
C GLU MA 63 -2.96 -7.79 91.81
N ASP MA 64 -1.82 -7.09 91.86
CA ASP MA 64 -1.78 -5.83 92.60
C ASP MA 64 -2.70 -4.80 92.01
N LEU MA 65 -3.01 -4.91 90.72
CA LEU MA 65 -3.95 -4.03 90.07
C LEU MA 65 -5.34 -4.26 90.64
N PRO MA 66 -6.16 -3.22 90.74
CA PRO MA 66 -7.56 -3.42 91.17
C PRO MA 66 -8.27 -4.43 90.29
N GLN MA 67 -9.12 -5.24 90.93
CA GLN MA 67 -9.67 -6.43 90.28
C GLN MA 67 -10.48 -6.04 89.06
N ASP MA 68 -11.35 -5.04 89.18
CA ASP MA 68 -12.15 -4.59 88.05
C ASP MA 68 -11.26 -4.07 86.93
N VAL MA 69 -10.22 -3.32 87.28
CA VAL MA 69 -9.30 -2.83 86.27
C VAL MA 69 -8.63 -4.00 85.56
N ARG MA 70 -8.21 -5.00 86.33
CA ARG MA 70 -7.51 -6.13 85.74
C ARG MA 70 -8.42 -6.92 84.80
N LYS MA 71 -9.69 -7.11 85.18
CA LYS MA 71 -10.55 -8.01 84.42
C LYS MA 71 -11.01 -7.42 83.09
N ILE MA 72 -10.54 -6.24 82.72
CA ILE MA 72 -10.91 -5.65 81.44
C ILE MA 72 -9.66 -5.52 80.59
N THR MA 73 -8.51 -5.45 81.27
CA THR MA 73 -7.24 -5.27 80.57
C THR MA 73 -6.93 -6.41 79.62
N GLY MA 74 -7.53 -7.59 79.82
CA GLY MA 74 -7.17 -8.74 79.03
C GLY MA 74 -7.47 -8.58 77.55
N LYS MA 75 -8.59 -7.93 77.23
CA LYS MA 75 -8.97 -7.78 75.83
C LYS MA 75 -8.05 -6.84 75.09
N ILE MA 76 -7.18 -6.13 75.79
CA ILE MA 76 -6.37 -5.07 75.23
C ILE MA 76 -4.88 -5.38 75.32
N LEU MA 77 -4.43 -5.87 76.46
CA LEU MA 77 -3.01 -6.06 76.69
C LEU MA 77 -2.37 -7.01 75.69
N SER MA 78 -3.16 -7.87 75.04
CA SER MA 78 -2.61 -8.72 74.01
C SER MA 78 -1.95 -7.89 72.93
N LEU MA 79 -2.68 -6.92 72.38
CA LEU MA 79 -2.19 -6.12 71.28
C LEU MA 79 -1.62 -4.78 71.73
N ILE MA 80 -0.62 -4.79 72.59
CA ILE MA 80 0.06 -3.53 72.90
C ILE MA 80 0.95 -3.13 71.74
#